data_8ULT
#
_entry.id   8ULT
#
_cell.length_a   1.00
_cell.length_b   1.00
_cell.length_c   1.00
_cell.angle_alpha   90.00
_cell.angle_beta   90.00
_cell.angle_gamma   90.00
#
_symmetry.space_group_name_H-M   'P 1'
#
loop_
_entity.id
_entity.type
_entity.pdbx_description
1 polymer 'Envelope glycoprotein gp120'
2 polymer 'Envelope glycoprotein gp41'
3 polymer '04_A06 Fab Heavy Chain'
4 polymer '04_A06 Fab Light Chain'
5 branched beta-D-mannopyranose-(1-4)-2-acetamido-2-deoxy-beta-D-glucopyranose-(1-4)-2-acetamido-2-deoxy-beta-D-glucopyranose
6 branched 2-acetamido-2-deoxy-beta-D-glucopyranose-(1-4)-2-acetamido-2-deoxy-beta-D-glucopyranose
7 non-polymer 2-acetamido-2-deoxy-beta-D-glucopyranose
#
loop_
_entity_poly.entity_id
_entity_poly.type
_entity_poly.pdbx_seq_one_letter_code
_entity_poly.pdbx_strand_id
1 'polypeptide(L)'
;NLWVTVYYGVPVWKDAETTLFCASDAKAYETEKHNVWATHACVPTDPNPQEIHLENVTEEFNMWKNNMVEQMHTDIISLW
DQSLKPCVKLTPLCVTLQCTNVTNNITDDMRGELKNCSFNMTTELRDKKQKVYSLFYRLDVVQINENQGNRSNNSNKEYR
LINCNTSAITQACPKVSFEPIPIHYCAPAGFAILKCKDKKFNGTGPCPSVSTVQCTHGIKPVVSTQLLLNGSLAEEEVMI
RSENITNNAKNILVQFNTPVQINCTRPNNNTRKSIRIGPGQAFYATGDIIGDIRQAHCNVSKATWNETLGKVVKQLRKHF
GNNTIIRFANSSGGDLEVTTHSFNCGGEFFYCNTSGLFNSTWISNTSVQGSNSTGSNDSITLPCRIKQIINMWQRIGQAM
YAPPIQGVIRCVSNITGLILTRDGGSTNSTTETFRPGGGDMRDNWRSELYKYKVVKIEPLGVAPTRCKRRVVGRRRRRR
;
A,C,E
2 'polypeptide(L)'
;AVGIGAVFLGFLGAAGSTMGAASMTLTVQARNLLSGIVQQQSNLLRAPEAQQHLLKLTVWGIKQLQARVLAVERYLRDQQ
LLGIWGCSGKLICCTNVPWNSSWSNRNLSEIWDNMTWLQWDKEISNYTQIIYGLLEESQNQQEKNEQDLLALD
;
B,D,F
3 'polypeptide(L)'
;SVRLDQSGTAVKKPGASVRVSCRAPDSFTVYRPRLSAYFIGEFNIHWLRQAPGQGLEWLGFVNIFRGAVKYSSRFQGRIT
ITRDTSSETSYLDLGALKADDTATYYCAWDKNVDDNPWRLDSWGQGTLVIVSSASTKGPSVFPLAPSSKSTSGGTAALGC
LVKDYFPEPVTVSWNSGALTSGVHTFPAVLQSSGLYSLSSVVTVPSSSLGTQTYICNVNHKPSNTKVDKRVEPKSCDKTH
HHHHH
;
H,I,J
4 'polypeptide(L)'
;YIQVTQSPSSLSASIGDTITVACEVSQDVGWAVNWYHQRPGRPPYNLIYTAHNLAPGVASRFRGSRVGTYFTLTINNLLP
EDVGTYYCQVFDSFAPGGTRVDLRGTVAAPSVFIFPPSDEQLKSGTASVVCLLNNFYPREAKVQWKVDNALQSGNSQESV
TEQDSKDSTYSLSSTLTLSKADYEKHKVYACEVTHQGLSSPVTKSFNRGEC
;
L,M,N
#
loop_
_chem_comp.id
_chem_comp.type
_chem_comp.name
_chem_comp.formula
BMA D-saccharide, beta linking beta-D-mannopyranose 'C6 H12 O6'
NAG D-saccharide, beta linking 2-acetamido-2-deoxy-beta-D-glucopyranose 'C8 H15 N O6'
#
# COMPACT_ATOMS: atom_id res chain seq x y z
N ASN A 1 5.57 30.25 50.77
CA ASN A 1 5.86 30.53 49.37
C ASN A 1 5.12 29.59 48.45
N LEU A 2 5.66 29.37 47.25
CA LEU A 2 5.01 28.53 46.26
C LEU A 2 6.07 27.81 45.43
N TRP A 3 5.68 26.68 44.85
CA TRP A 3 6.57 25.87 44.04
C TRP A 3 5.77 25.25 42.90
N VAL A 4 6.48 24.95 41.81
CA VAL A 4 5.83 24.38 40.63
C VAL A 4 5.57 22.90 40.87
N THR A 5 4.32 22.50 40.67
CA THR A 5 3.90 21.11 40.80
C THR A 5 3.29 20.65 39.49
N VAL A 6 3.79 19.51 38.98
CA VAL A 6 3.33 18.96 37.71
C VAL A 6 2.23 17.95 37.97
N TYR A 7 1.18 18.01 37.15
CA TYR A 7 0.05 17.11 37.26
C TYR A 7 -0.12 16.35 35.95
N TYR A 8 -0.44 15.07 36.07
CA TYR A 8 -0.64 14.22 34.91
C TYR A 8 -2.13 13.88 34.78
N GLY A 9 -2.64 13.92 33.55
CA GLY A 9 -4.01 13.54 33.31
C GLY A 9 -5.04 14.60 33.57
N VAL A 10 -4.64 15.87 33.59
CA VAL A 10 -5.58 16.96 33.82
C VAL A 10 -6.55 17.04 32.65
N PRO A 11 -7.80 17.45 32.87
CA PRO A 11 -8.75 17.56 31.75
C PRO A 11 -8.58 18.85 30.96
N VAL A 12 -7.58 18.86 30.08
CA VAL A 12 -7.28 20.02 29.24
C VAL A 12 -7.25 19.55 27.79
N TRP A 13 -7.96 20.27 26.92
CA TRP A 13 -7.99 19.94 25.51
C TRP A 13 -7.81 21.18 24.67
N LYS A 14 -7.20 21.00 23.49
CA LYS A 14 -7.05 22.05 22.50
C LYS A 14 -7.63 21.57 21.18
N ASP A 15 -8.15 22.51 20.40
CA ASP A 15 -8.65 22.18 19.08
C ASP A 15 -7.50 21.68 18.21
N ALA A 16 -7.72 20.56 17.52
CA ALA A 16 -6.66 19.96 16.73
C ALA A 16 -7.27 19.11 15.63
N GLU A 17 -6.41 18.73 14.68
CA GLU A 17 -6.80 17.94 13.53
C GLU A 17 -6.06 16.60 13.58
N THR A 18 -6.78 15.52 13.28
CA THR A 18 -6.18 14.19 13.33
C THR A 18 -6.97 13.25 12.45
N THR A 19 -6.37 12.10 12.17
CA THR A 19 -7.01 11.06 11.35
C THR A 19 -8.01 10.29 12.21
N LEU A 20 -9.19 10.05 11.66
CA LEU A 20 -10.26 9.37 12.37
C LEU A 20 -10.54 8.04 11.68
N PHE A 21 -10.49 6.95 12.43
CA PHE A 21 -10.76 5.65 11.86
C PHE A 21 -12.24 5.30 11.98
N CYS A 22 -12.67 4.35 11.17
CA CYS A 22 -14.06 3.96 11.04
C CYS A 22 -14.45 2.89 12.05
N ALA A 23 -15.72 2.91 12.45
CA ALA A 23 -16.30 1.86 13.26
C ALA A 23 -17.76 1.70 12.88
N SER A 24 -18.19 0.46 12.71
CA SER A 24 -19.57 0.17 12.36
C SER A 24 -20.05 -1.03 13.18
N ASP A 25 -21.36 -1.10 13.37
CA ASP A 25 -21.95 -2.19 14.15
C ASP A 25 -22.48 -3.30 13.25
N LYS A 33 -23.38 -9.01 2.78
CA LYS A 33 -22.87 -8.65 1.47
C LYS A 33 -21.78 -7.59 1.57
N HIS A 34 -20.94 -7.50 0.55
CA HIS A 34 -19.91 -6.47 0.50
C HIS A 34 -20.52 -5.14 0.08
N ASN A 35 -20.10 -4.07 0.73
CA ASN A 35 -20.61 -2.74 0.47
C ASN A 35 -19.51 -1.83 -0.03
N VAL A 36 -19.91 -0.73 -0.66
CA VAL A 36 -18.95 0.18 -1.27
C VAL A 36 -18.09 0.86 -0.20
N TRP A 37 -18.67 1.16 0.96
CA TRP A 37 -17.93 1.87 2.00
C TRP A 37 -16.97 0.98 2.77
N ALA A 38 -16.94 -0.32 2.48
CA ALA A 38 -16.04 -1.26 3.14
C ALA A 38 -16.24 -1.21 4.66
N THR A 39 -17.50 -1.24 5.08
CA THR A 39 -17.82 -1.18 6.50
C THR A 39 -17.27 -2.36 7.27
N HIS A 40 -16.99 -3.47 6.58
CA HIS A 40 -16.36 -4.60 7.25
C HIS A 40 -14.97 -4.23 7.75
N ALA A 41 -14.24 -3.40 7.00
CA ALA A 41 -12.92 -2.96 7.43
C ALA A 41 -12.98 -2.09 8.67
N CYS A 42 -14.10 -1.44 8.94
CA CYS A 42 -14.25 -0.67 10.16
C CYS A 42 -14.21 -1.59 11.38
N VAL A 43 -13.56 -1.12 12.44
CA VAL A 43 -13.47 -1.94 13.65
C VAL A 43 -14.86 -2.08 14.27
N PRO A 44 -15.19 -3.23 14.87
CA PRO A 44 -16.52 -3.38 15.48
C PRO A 44 -16.66 -2.45 16.68
N THR A 45 -17.67 -1.59 16.64
CA THR A 45 -17.88 -0.65 17.71
C THR A 45 -18.37 -1.35 18.97
N ASP A 46 -18.18 -0.69 20.10
CA ASP A 46 -18.67 -1.23 21.36
C ASP A 46 -20.20 -1.28 21.32
N PRO A 47 -20.81 -2.36 21.80
CA PRO A 47 -22.28 -2.41 21.84
C PRO A 47 -22.89 -1.31 22.68
N ASN A 48 -22.20 -0.86 23.73
CA ASN A 48 -22.69 0.22 24.59
C ASN A 48 -21.74 1.40 24.49
N PRO A 49 -22.05 2.41 23.68
CA PRO A 49 -21.19 3.59 23.62
C PRO A 49 -21.16 4.32 24.95
N GLN A 50 -20.00 4.90 25.27
CA GLN A 50 -19.82 5.67 26.48
C GLN A 50 -19.95 7.15 26.16
N GLU A 51 -20.90 7.82 26.81
CA GLU A 51 -21.12 9.24 26.65
C GLU A 51 -21.06 9.90 28.01
N ILE A 52 -20.25 10.94 28.13
CA ILE A 52 -19.96 11.57 29.42
C ILE A 52 -20.35 13.04 29.32
N HIS A 53 -21.13 13.51 30.28
CA HIS A 53 -21.63 14.87 30.28
C HIS A 53 -20.63 15.78 30.97
N LEU A 54 -20.18 16.82 30.26
CA LEU A 54 -19.21 17.76 30.78
C LEU A 54 -19.93 19.03 31.23
N GLU A 55 -20.49 18.97 32.43
CA GLU A 55 -21.13 20.14 33.00
C GLU A 55 -20.09 21.19 33.36
N ASN A 56 -20.53 22.45 33.45
CA ASN A 56 -19.74 23.64 33.70
C ASN A 56 -18.92 24.06 32.48
N VAL A 57 -19.01 23.33 31.38
CA VAL A 57 -18.12 23.54 30.23
C VAL A 57 -18.86 24.28 29.13
N THR A 58 -18.22 25.31 28.57
CA THR A 58 -18.71 26.03 27.41
C THR A 58 -17.61 26.06 26.37
N GLU A 59 -17.76 25.30 25.30
CA GLU A 59 -16.75 25.15 24.27
C GLU A 59 -17.24 25.77 22.97
N GLU A 60 -16.36 26.52 22.32
CA GLU A 60 -16.69 27.13 21.04
C GLU A 60 -16.76 26.06 19.94
N PHE A 61 -17.76 26.18 19.07
CA PHE A 61 -17.94 25.27 17.96
C PHE A 61 -18.06 26.05 16.66
N ASN A 62 -17.59 25.43 15.57
CA ASN A 62 -17.74 26.01 14.25
C ASN A 62 -17.70 24.87 13.24
N MET A 63 -18.87 24.45 12.77
CA MET A 63 -18.92 23.35 11.81
C MET A 63 -18.39 23.74 10.45
N TRP A 64 -18.43 25.03 10.11
CA TRP A 64 -18.01 25.45 8.78
C TRP A 64 -16.49 25.35 8.61
N LYS A 65 -15.74 25.56 9.68
CA LYS A 65 -14.30 25.40 9.66
C LYS A 65 -13.87 24.06 10.26
N ASN A 66 -14.80 23.16 10.49
CA ASN A 66 -14.48 21.83 10.99
C ASN A 66 -13.70 21.04 9.96
N ASN A 67 -12.69 20.30 10.42
CA ASN A 67 -11.94 19.44 9.52
C ASN A 67 -12.73 18.18 9.19
N MET A 68 -13.58 17.74 10.11
CA MET A 68 -14.22 16.44 9.98
C MET A 68 -14.99 16.31 8.68
N VAL A 69 -15.59 17.40 8.20
CA VAL A 69 -16.30 17.34 6.92
C VAL A 69 -15.33 17.07 5.78
N GLU A 70 -14.19 17.75 5.78
CA GLU A 70 -13.20 17.52 4.72
C GLU A 70 -12.64 16.11 4.78
N GLN A 71 -12.36 15.62 5.98
CA GLN A 71 -11.84 14.27 6.13
C GLN A 71 -12.88 13.24 5.70
N MET A 72 -14.15 13.47 6.02
CA MET A 72 -15.21 12.62 5.52
C MET A 72 -15.27 12.63 4.00
N HIS A 73 -15.16 13.82 3.40
CA HIS A 73 -15.18 13.91 1.95
C HIS A 73 -14.06 13.08 1.33
N THR A 74 -12.85 13.24 1.86
CA THR A 74 -11.72 12.47 1.35
C THR A 74 -11.94 10.97 1.53
N ASP A 75 -12.41 10.57 2.70
CA ASP A 75 -12.62 9.14 2.95
C ASP A 75 -13.67 8.56 2.03
N ILE A 76 -14.78 9.27 1.83
CA ILE A 76 -15.85 8.76 0.96
C ILE A 76 -15.35 8.64 -0.47
N ILE A 77 -14.63 9.65 -0.96
CA ILE A 77 -14.18 9.57 -2.35
C ILE A 77 -13.15 8.46 -2.51
N SER A 78 -12.28 8.29 -1.52
CA SER A 78 -11.30 7.21 -1.58
C SER A 78 -11.99 5.85 -1.58
N LEU A 79 -13.00 5.67 -0.75
CA LEU A 79 -13.73 4.40 -0.74
C LEU A 79 -14.43 4.17 -2.06
N TRP A 80 -15.05 5.22 -2.61
CA TRP A 80 -15.75 5.09 -3.88
C TRP A 80 -14.80 4.71 -5.00
N ASP A 81 -13.58 5.27 -4.99
CA ASP A 81 -12.59 4.90 -5.99
C ASP A 81 -12.10 3.48 -5.79
N GLN A 82 -11.79 3.10 -4.55
CA GLN A 82 -11.22 1.79 -4.29
C GLN A 82 -12.22 0.67 -4.61
N SER A 83 -13.50 0.89 -4.33
CA SER A 83 -14.50 -0.13 -4.65
C SER A 83 -14.67 -0.31 -6.14
N LEU A 84 -14.11 0.57 -6.96
CA LEU A 84 -14.26 0.53 -8.40
C LEU A 84 -13.09 -0.14 -9.11
N LYS A 85 -11.92 -0.21 -8.46
CA LYS A 85 -10.74 -0.76 -9.11
C LYS A 85 -10.93 -2.21 -9.56
N PRO A 86 -11.40 -3.16 -8.71
CA PRO A 86 -11.55 -4.55 -9.15
C PRO A 86 -12.86 -4.80 -9.90
N CYS A 87 -13.14 -3.93 -10.88
CA CYS A 87 -14.37 -4.03 -11.66
C CYS A 87 -14.04 -3.92 -13.14
N VAL A 88 -14.92 -4.48 -13.97
CA VAL A 88 -14.68 -4.54 -15.40
C VAL A 88 -14.66 -3.13 -15.98
N LYS A 89 -13.70 -2.89 -16.88
CA LYS A 89 -13.59 -1.61 -17.56
C LYS A 89 -14.29 -1.70 -18.90
N LEU A 90 -15.26 -0.82 -19.12
CA LEU A 90 -16.04 -0.85 -20.37
C LEU A 90 -15.44 0.03 -21.44
N THR A 91 -14.14 -0.13 -21.68
CA THR A 91 -13.56 0.64 -22.78
C THR A 91 -14.02 0.15 -24.15
N PRO A 92 -14.35 -1.13 -24.37
CA PRO A 92 -14.84 -1.52 -25.70
C PRO A 92 -16.27 -1.08 -25.97
N LEU A 93 -17.01 -0.62 -24.95
CA LEU A 93 -18.36 -0.15 -25.20
C LEU A 93 -18.41 1.10 -26.06
N CYS A 94 -17.32 1.86 -26.12
CA CYS A 94 -17.28 3.10 -26.90
C CYS A 94 -17.22 2.71 -28.38
N VAL A 95 -18.34 2.17 -28.86
CA VAL A 95 -18.46 1.71 -30.24
C VAL A 95 -19.75 2.30 -30.81
N THR A 96 -19.78 2.42 -32.13
CA THR A 96 -20.93 3.05 -32.78
C THR A 96 -22.22 2.30 -32.45
N LEU A 97 -23.24 3.05 -32.07
CA LEU A 97 -24.51 2.49 -31.64
C LEU A 97 -25.58 2.77 -32.69
N GLN A 98 -26.42 1.79 -32.95
CA GLN A 98 -27.59 1.96 -33.80
C GLN A 98 -28.81 1.87 -32.91
N CYS A 99 -29.33 3.03 -32.51
CA CYS A 99 -30.42 3.10 -31.55
C CYS A 99 -31.72 3.45 -32.26
N THR A 100 -32.79 2.74 -31.89
CA THR A 100 -34.11 2.96 -32.43
C THR A 100 -35.07 3.36 -31.31
N ASN A 101 -36.10 4.10 -31.66
CA ASN A 101 -37.11 4.47 -30.69
C ASN A 101 -37.80 3.22 -30.14
N VAL A 102 -38.03 3.22 -28.84
CA VAL A 102 -38.81 2.16 -28.20
C VAL A 102 -40.23 2.68 -28.03
N THR A 103 -41.18 2.06 -28.73
CA THR A 103 -42.56 2.53 -28.80
C THR A 103 -43.53 1.37 -28.64
N ASN A 104 -43.30 0.53 -27.65
CA ASN A 104 -44.22 -0.55 -27.32
C ASN A 104 -44.64 -0.43 -25.86
N ASN A 105 -45.94 -0.25 -25.63
CA ASN A 105 -46.49 -0.14 -24.29
C ASN A 105 -45.82 0.97 -23.48
N ILE A 106 -45.60 2.11 -24.11
CA ILE A 106 -45.00 3.27 -23.47
C ILE A 106 -46.06 4.34 -23.28
N THR A 107 -45.89 5.16 -22.25
CA THR A 107 -46.84 6.21 -21.95
C THR A 107 -46.45 7.49 -22.67
N ASP A 108 -47.25 8.55 -22.45
CA ASP A 108 -46.96 9.83 -23.09
C ASP A 108 -45.64 10.41 -22.61
N ASP A 109 -45.36 10.32 -21.32
CA ASP A 109 -44.17 10.93 -20.76
C ASP A 109 -42.89 10.15 -21.06
N MET A 110 -43.02 8.92 -21.55
CA MET A 110 -41.88 8.04 -21.72
C MET A 110 -41.43 8.00 -23.18
N ARG A 111 -42.03 8.83 -24.04
CA ARG A 111 -41.73 8.83 -25.46
C ARG A 111 -40.31 9.36 -25.69
N GLY A 112 -39.40 8.47 -26.08
CA GLY A 112 -38.05 8.86 -26.44
C GLY A 112 -37.06 8.86 -25.31
N GLU A 113 -37.46 8.57 -24.08
CA GLU A 113 -36.52 8.58 -22.97
C GLU A 113 -35.64 7.34 -22.95
N LEU A 114 -36.12 6.21 -23.47
CA LEU A 114 -35.32 5.01 -23.63
C LEU A 114 -34.98 4.79 -25.10
N LYS A 115 -33.82 4.20 -25.34
CA LYS A 115 -33.35 3.91 -26.68
C LYS A 115 -33.02 2.42 -26.79
N ASN A 116 -33.35 1.83 -27.94
CA ASN A 116 -33.04 0.44 -28.21
C ASN A 116 -31.82 0.41 -29.12
N CYS A 117 -30.65 0.26 -28.53
CA CYS A 117 -29.38 0.33 -29.26
C CYS A 117 -28.84 -1.06 -29.51
N SER A 118 -28.41 -1.31 -30.73
CA SER A 118 -27.74 -2.53 -31.13
C SER A 118 -26.34 -2.20 -31.63
N PHE A 119 -25.37 -3.04 -31.31
CA PHE A 119 -23.99 -2.72 -31.62
C PHE A 119 -23.18 -4.01 -31.75
N ASN A 120 -22.13 -3.94 -32.57
CA ASN A 120 -21.14 -5.01 -32.59
C ASN A 120 -20.32 -4.95 -31.31
N MET A 121 -20.00 -6.11 -30.77
CA MET A 121 -19.27 -6.15 -29.50
C MET A 121 -18.25 -7.28 -29.57
N THR A 122 -17.13 -7.10 -28.88
CA THR A 122 -16.09 -8.11 -28.88
C THR A 122 -16.56 -9.37 -28.18
N THR A 123 -16.41 -10.51 -28.85
CA THR A 123 -16.80 -11.80 -28.29
C THR A 123 -15.63 -12.33 -27.44
N GLU A 124 -15.85 -13.48 -26.80
CA GLU A 124 -14.79 -14.08 -26.00
C GLU A 124 -13.58 -14.41 -26.87
N LEU A 125 -13.82 -14.97 -28.04
CA LEU A 125 -12.74 -15.12 -29.02
C LEU A 125 -12.45 -13.76 -29.63
N ARG A 126 -11.19 -13.34 -29.61
CA ARG A 126 -10.85 -11.99 -30.00
C ARG A 126 -11.25 -11.70 -31.45
N ASP A 127 -10.92 -12.62 -32.36
CA ASP A 127 -11.25 -12.40 -33.77
C ASP A 127 -12.76 -12.38 -33.99
N LYS A 128 -13.48 -13.27 -33.30
CA LYS A 128 -14.93 -13.36 -33.47
C LYS A 128 -15.60 -12.10 -32.93
N LYS A 129 -16.65 -11.66 -33.62
CA LYS A 129 -17.47 -10.54 -33.20
C LYS A 129 -18.94 -10.95 -33.15
N GLN A 130 -19.69 -10.28 -32.30
CA GLN A 130 -21.10 -10.60 -32.12
C GLN A 130 -21.91 -9.31 -32.15
N LYS A 131 -23.17 -9.42 -32.58
CA LYS A 131 -24.11 -8.30 -32.58
C LYS A 131 -25.10 -8.52 -31.46
N VAL A 132 -25.10 -7.62 -30.48
CA VAL A 132 -26.03 -7.67 -29.36
C VAL A 132 -26.78 -6.34 -29.30
N TYR A 133 -27.81 -6.31 -28.46
CA TYR A 133 -28.62 -5.11 -28.30
C TYR A 133 -28.84 -4.84 -26.82
N SER A 134 -29.04 -3.56 -26.50
CA SER A 134 -29.23 -3.15 -25.12
C SER A 134 -30.14 -1.92 -25.09
N LEU A 135 -30.69 -1.64 -23.91
CA LEU A 135 -31.56 -0.49 -23.70
C LEU A 135 -30.80 0.54 -22.90
N PHE A 136 -30.73 1.76 -23.43
CA PHE A 136 -30.04 2.86 -22.77
C PHE A 136 -30.96 4.06 -22.69
N TYR A 137 -30.96 4.73 -21.55
CA TYR A 137 -31.80 5.92 -21.38
C TYR A 137 -31.23 7.07 -22.21
N ARG A 138 -32.13 7.98 -22.61
CA ARG A 138 -31.74 9.05 -23.52
C ARG A 138 -30.62 9.91 -22.93
N LEU A 139 -30.59 10.06 -21.61
CA LEU A 139 -29.54 10.84 -20.97
C LEU A 139 -28.17 10.14 -21.03
N ASP A 140 -28.14 8.87 -21.41
CA ASP A 140 -26.89 8.13 -21.46
C ASP A 140 -26.24 8.13 -22.85
N VAL A 141 -27.00 8.35 -23.91
CA VAL A 141 -26.51 8.28 -25.27
C VAL A 141 -26.71 9.62 -25.95
N VAL A 142 -25.76 10.00 -26.79
CA VAL A 142 -25.82 11.26 -27.53
C VAL A 142 -25.73 10.95 -29.02
N GLN A 143 -26.51 11.69 -29.81
CA GLN A 143 -26.50 11.50 -31.25
C GLN A 143 -25.16 11.93 -31.84
N ILE A 144 -24.82 11.32 -32.97
CA ILE A 144 -23.58 11.61 -33.68
C ILE A 144 -23.93 12.27 -35.01
N ASN A 145 -23.41 13.49 -35.21
CA ASN A 145 -23.65 14.22 -36.45
C ASN A 145 -22.34 14.58 -37.13
N ASN A 156 -32.56 4.38 -38.75
CA ASN A 156 -32.10 4.75 -37.42
C ASN A 156 -30.84 5.61 -37.47
N LYS A 157 -30.53 6.24 -36.35
CA LYS A 157 -29.38 7.13 -36.25
C LYS A 157 -28.26 6.47 -35.45
N GLU A 158 -27.08 7.07 -35.53
CA GLU A 158 -25.90 6.57 -34.85
C GLU A 158 -25.69 7.32 -33.54
N TYR A 159 -25.45 6.57 -32.46
CA TYR A 159 -25.27 7.14 -31.14
C TYR A 159 -23.99 6.59 -30.53
N ARG A 160 -23.62 7.16 -29.39
CA ARG A 160 -22.49 6.69 -28.61
C ARG A 160 -22.75 7.00 -27.14
N LEU A 161 -22.05 6.29 -26.27
CA LEU A 161 -22.16 6.58 -24.84
C LEU A 161 -21.61 7.97 -24.57
N ILE A 162 -22.30 8.71 -23.70
CA ILE A 162 -22.10 10.16 -23.60
C ILE A 162 -20.67 10.47 -23.15
N ASN A 163 -20.15 9.73 -22.17
CA ASN A 163 -18.85 10.07 -21.62
C ASN A 163 -17.69 9.57 -22.47
N CYS A 164 -17.98 8.81 -23.53
CA CYS A 164 -16.90 8.23 -24.33
C CYS A 164 -16.01 9.29 -24.95
N ASN A 165 -16.50 10.52 -25.07
CA ASN A 165 -15.66 11.58 -25.62
C ASN A 165 -14.54 11.94 -24.67
N THR A 166 -14.85 12.12 -23.39
CA THR A 166 -13.85 12.62 -22.45
C THR A 166 -13.94 11.87 -21.11
N SER A 167 -14.10 10.55 -21.17
CA SER A 167 -14.07 9.73 -19.95
C SER A 167 -13.99 8.25 -20.26
N ALA A 168 -13.28 7.49 -19.43
CA ALA A 168 -13.20 6.05 -19.56
C ALA A 168 -14.22 5.41 -18.64
N ILE A 169 -14.99 4.47 -19.18
CA ILE A 169 -16.11 3.87 -18.47
C ILE A 169 -15.62 2.64 -17.72
N THR A 170 -16.02 2.54 -16.45
CA THR A 170 -15.75 1.36 -15.63
C THR A 170 -17.03 0.96 -14.93
N GLN A 171 -17.53 -0.24 -15.26
CA GLN A 171 -18.80 -0.70 -14.71
C GLN A 171 -18.65 -0.94 -13.21
N ALA A 172 -19.59 -0.42 -12.43
CA ALA A 172 -19.65 -0.76 -11.02
C ALA A 172 -19.95 -2.25 -10.87
N CYS A 173 -19.22 -2.90 -9.97
CA CYS A 173 -19.43 -4.32 -9.77
C CYS A 173 -20.84 -4.56 -9.24
N PRO A 174 -21.61 -5.45 -9.87
CA PRO A 174 -23.03 -5.56 -9.51
C PRO A 174 -23.26 -6.06 -8.09
N LYS A 175 -22.30 -6.78 -7.52
CA LYS A 175 -22.50 -7.42 -6.23
C LYS A 175 -22.25 -6.52 -5.03
N VAL A 176 -21.65 -5.35 -5.22
CA VAL A 176 -21.40 -4.43 -4.12
C VAL A 176 -22.60 -3.51 -3.94
N SER A 177 -23.08 -3.40 -2.71
CA SER A 177 -24.28 -2.62 -2.45
C SER A 177 -23.91 -1.16 -2.22
N PHE A 178 -24.69 -0.27 -2.85
CA PHE A 178 -24.55 1.16 -2.67
C PHE A 178 -25.29 1.68 -1.44
N GLU A 179 -25.94 0.79 -0.70
CA GLU A 179 -26.74 1.22 0.44
C GLU A 179 -25.84 1.89 1.48
N PRO A 180 -26.28 2.98 2.09
CA PRO A 180 -25.48 3.64 3.13
C PRO A 180 -25.61 2.89 4.45
N ILE A 181 -24.54 2.21 4.84
CA ILE A 181 -24.46 1.60 6.16
C ILE A 181 -23.90 2.65 7.12
N PRO A 182 -24.52 2.86 8.28
CA PRO A 182 -24.00 3.87 9.21
C PRO A 182 -22.57 3.58 9.62
N ILE A 183 -21.76 4.63 9.68
CA ILE A 183 -20.36 4.51 10.07
C ILE A 183 -20.09 5.53 11.18
N HIS A 184 -19.28 5.13 12.16
CA HIS A 184 -18.92 5.99 13.27
C HIS A 184 -17.45 6.37 13.12
N TYR A 185 -17.17 7.67 13.19
CA TYR A 185 -15.81 8.19 13.08
C TYR A 185 -15.20 8.26 14.48
N CYS A 186 -14.28 7.36 14.79
CA CYS A 186 -13.72 7.26 16.13
C CYS A 186 -12.28 7.76 16.14
N ALA A 187 -12.00 8.71 17.03
CA ALA A 187 -10.70 9.30 17.20
C ALA A 187 -9.76 8.36 17.95
N PRO A 188 -8.46 8.44 17.69
CA PRO A 188 -7.51 7.56 18.39
C PRO A 188 -7.39 7.94 19.86
N ALA A 189 -6.62 7.13 20.57
CA ALA A 189 -6.35 7.42 21.98
C ALA A 189 -5.61 8.73 22.12
N GLY A 190 -5.91 9.45 23.19
CA GLY A 190 -5.36 10.78 23.38
C GLY A 190 -6.16 11.88 22.72
N PHE A 191 -7.21 11.53 21.97
CA PHE A 191 -8.09 12.49 21.35
C PHE A 191 -9.51 12.23 21.80
N ALA A 192 -10.33 13.27 21.78
CA ALA A 192 -11.72 13.15 22.21
C ALA A 192 -12.61 13.87 21.21
N ILE A 193 -13.86 13.43 21.15
CA ILE A 193 -14.88 14.03 20.30
C ILE A 193 -15.90 14.70 21.20
N LEU A 194 -16.10 16.00 21.01
CA LEU A 194 -17.02 16.77 21.83
C LEU A 194 -18.33 16.94 21.08
N LYS A 195 -19.42 16.45 21.67
CA LYS A 195 -20.74 16.51 21.06
C LYS A 195 -21.54 17.66 21.66
N CYS A 196 -22.03 18.55 20.80
CA CYS A 196 -22.87 19.65 21.24
C CYS A 196 -24.30 19.16 21.43
N LYS A 197 -24.72 19.05 22.69
CA LYS A 197 -26.05 18.54 22.99
C LYS A 197 -27.09 19.65 23.10
N ASP A 198 -26.72 20.90 22.85
CA ASP A 198 -27.70 21.98 22.84
C ASP A 198 -28.68 21.80 21.69
N LYS A 199 -29.97 21.85 22.00
CA LYS A 199 -31.00 21.66 21.00
C LYS A 199 -31.30 22.92 20.20
N LYS A 200 -30.90 24.08 20.69
CA LYS A 200 -31.12 25.35 20.01
C LYS A 200 -29.80 25.93 19.49
N PHE A 201 -28.86 25.06 19.12
CA PHE A 201 -27.53 25.47 18.70
C PHE A 201 -27.50 25.66 17.18
N ASN A 202 -27.27 26.89 16.75
CA ASN A 202 -26.92 27.13 15.35
C ASN A 202 -25.44 26.86 15.16
N GLY A 203 -25.05 26.75 13.89
CA GLY A 203 -23.77 26.16 13.53
C GLY A 203 -22.55 26.78 14.18
N THR A 204 -22.62 28.06 14.53
CA THR A 204 -21.49 28.75 15.11
C THR A 204 -21.82 29.19 16.53
N GLY A 205 -20.80 29.71 17.23
CA GLY A 205 -20.98 30.22 18.56
C GLY A 205 -20.72 29.17 19.62
N PRO A 206 -20.61 29.60 20.87
CA PRO A 206 -20.40 28.63 21.96
C PRO A 206 -21.62 27.75 22.18
N CYS A 207 -21.37 26.53 22.64
CA CYS A 207 -22.40 25.53 22.90
C CYS A 207 -22.27 25.09 24.35
N PRO A 208 -23.03 25.68 25.26
CA PRO A 208 -22.85 25.38 26.68
C PRO A 208 -23.54 24.11 27.14
N SER A 209 -23.43 23.03 26.35
CA SER A 209 -23.92 21.72 26.75
C SER A 209 -22.98 20.63 26.28
N VAL A 210 -21.67 20.87 26.41
CA VAL A 210 -20.69 19.96 25.82
C VAL A 210 -20.70 18.63 26.55
N SER A 211 -20.74 17.55 25.79
CA SER A 211 -20.59 16.20 26.32
C SER A 211 -19.67 15.42 25.40
N THR A 212 -18.70 14.73 25.98
CA THR A 212 -17.73 13.98 25.20
C THR A 212 -18.23 12.57 24.96
N VAL A 213 -17.92 12.04 23.79
CA VAL A 213 -18.19 10.65 23.45
C VAL A 213 -16.94 10.11 22.79
N GLN A 214 -16.74 8.79 22.90
CA GLN A 214 -15.58 8.19 22.25
C GLN A 214 -15.65 8.39 20.74
N CYS A 215 -16.85 8.28 20.16
CA CYS A 215 -17.03 8.64 18.77
C CYS A 215 -18.51 8.79 18.44
N THR A 216 -18.75 9.31 17.24
CA THR A 216 -20.05 9.82 16.85
C THR A 216 -21.06 8.70 16.65
N HIS A 217 -22.32 9.09 16.54
CA HIS A 217 -23.41 8.16 16.29
C HIS A 217 -23.34 7.66 14.85
N GLY A 218 -24.29 6.80 14.50
CA GLY A 218 -24.36 6.25 13.16
C GLY A 218 -24.57 7.30 12.09
N ILE A 219 -23.57 7.46 11.22
CA ILE A 219 -23.63 8.43 10.13
C ILE A 219 -23.81 7.67 8.83
N LYS A 220 -24.90 7.97 8.12
CA LYS A 220 -25.15 7.36 6.82
C LYS A 220 -24.67 8.31 5.73
N PRO A 221 -23.64 7.97 4.98
CA PRO A 221 -23.13 8.88 3.93
C PRO A 221 -24.01 8.88 2.69
N VAL A 222 -25.26 9.33 2.86
CA VAL A 222 -26.19 9.40 1.74
C VAL A 222 -25.75 10.49 0.77
N VAL A 223 -25.90 10.24 -0.52
CA VAL A 223 -25.49 11.17 -1.55
C VAL A 223 -26.76 11.74 -2.17
N SER A 224 -27.11 12.97 -1.78
CA SER A 224 -28.26 13.67 -2.33
C SER A 224 -27.90 15.14 -2.52
N THR A 225 -28.67 15.83 -3.37
CA THR A 225 -28.33 17.18 -3.76
C THR A 225 -29.29 18.23 -3.22
N GLN A 226 -30.59 18.05 -3.42
CA GLN A 226 -31.56 19.06 -3.02
C GLN A 226 -32.28 18.73 -1.72
N LEU A 227 -32.61 17.47 -1.50
CA LEU A 227 -33.27 17.04 -0.28
C LEU A 227 -32.34 16.10 0.49
N LEU A 228 -32.18 16.35 1.78
CA LEU A 228 -31.31 15.55 2.63
C LEU A 228 -32.08 14.31 3.09
N LEU A 229 -31.69 13.15 2.57
CA LEU A 229 -32.39 11.91 2.86
C LEU A 229 -31.76 11.18 4.03
N ASN A 230 -32.59 10.44 4.75
CA ASN A 230 -32.14 9.48 5.77
C ASN A 230 -31.29 10.13 6.86
N GLY A 231 -31.37 11.44 7.02
CA GLY A 231 -30.52 12.16 7.94
C GLY A 231 -31.06 12.17 9.36
N SER A 232 -30.39 12.96 10.20
CA SER A 232 -30.74 13.08 11.61
C SER A 232 -31.62 14.30 11.83
N LEU A 233 -32.61 14.16 12.70
CA LEU A 233 -33.61 15.18 12.92
C LEU A 233 -33.18 16.14 14.02
N ALA A 234 -33.67 17.37 13.93
CA ALA A 234 -33.53 18.32 15.02
C ALA A 234 -34.44 17.93 16.17
N GLU A 235 -33.99 18.19 17.39
CA GLU A 235 -34.70 17.69 18.57
C GLU A 235 -35.97 18.47 18.85
N GLU A 236 -35.93 19.80 18.73
CA GLU A 236 -37.05 20.63 19.15
C GLU A 236 -37.79 21.27 17.98
N GLU A 237 -37.10 22.02 17.13
CA GLU A 237 -37.75 22.73 16.04
C GLU A 237 -36.83 22.79 14.83
N VAL A 238 -37.40 23.16 13.69
CA VAL A 238 -36.63 23.29 12.47
C VAL A 238 -35.57 24.36 12.65
N MET A 239 -34.34 24.04 12.27
CA MET A 239 -33.21 24.94 12.44
C MET A 239 -32.71 25.42 11.08
N ILE A 240 -32.28 26.68 11.04
CA ILE A 240 -31.75 27.29 9.83
C ILE A 240 -30.32 27.68 10.14
N ARG A 241 -29.37 26.87 9.67
CA ARG A 241 -27.96 27.12 9.89
C ARG A 241 -27.29 27.58 8.61
N SER A 242 -26.58 28.70 8.69
CA SER A 242 -25.85 29.24 7.56
C SER A 242 -24.64 29.99 8.07
N GLU A 243 -23.54 29.92 7.32
CA GLU A 243 -22.31 30.60 7.73
C GLU A 243 -22.52 32.10 7.79
N ASN A 244 -23.03 32.68 6.70
CA ASN A 244 -23.32 34.12 6.62
C ASN A 244 -24.70 34.22 5.98
N ILE A 245 -25.73 34.41 6.81
CA ILE A 245 -27.08 34.52 6.28
C ILE A 245 -27.20 35.75 5.38
N THR A 246 -26.36 36.76 5.61
CA THR A 246 -26.36 37.92 4.73
C THR A 246 -25.75 37.59 3.37
N ASN A 247 -24.79 36.67 3.33
CA ASN A 247 -24.15 36.29 2.08
C ASN A 247 -25.09 35.41 1.27
N ASN A 248 -25.49 35.89 0.10
CA ASN A 248 -26.46 35.17 -0.71
C ASN A 248 -25.79 34.13 -1.60
N ALA A 249 -24.59 33.71 -1.24
CA ALA A 249 -23.90 32.64 -1.94
C ALA A 249 -23.61 31.43 -1.06
N LYS A 250 -23.69 31.56 0.25
CA LYS A 250 -23.46 30.44 1.15
C LYS A 250 -24.74 29.62 1.26
N ASN A 251 -24.60 28.31 1.09
CA ASN A 251 -25.76 27.43 1.17
C ASN A 251 -26.38 27.50 2.56
N ILE A 252 -27.70 27.44 2.61
CA ILE A 252 -28.45 27.46 3.87
C ILE A 252 -28.82 26.02 4.22
N LEU A 253 -28.30 25.54 5.35
CA LEU A 253 -28.57 24.19 5.81
C LEU A 253 -29.84 24.20 6.65
N VAL A 254 -30.86 23.49 6.18
CA VAL A 254 -32.12 23.38 6.89
C VAL A 254 -32.22 21.97 7.47
N GLN A 255 -32.68 21.87 8.71
CA GLN A 255 -32.86 20.58 9.37
C GLN A 255 -34.29 20.48 9.89
N PHE A 256 -34.95 19.38 9.60
CA PHE A 256 -36.35 19.19 9.96
C PHE A 256 -36.47 18.55 11.34
N ASN A 257 -37.42 19.05 12.13
CA ASN A 257 -37.72 18.44 13.42
C ASN A 257 -38.64 17.24 13.28
N THR A 258 -39.26 17.06 12.12
CA THR A 258 -40.12 15.93 11.84
C THR A 258 -39.76 15.36 10.47
N PRO A 259 -39.92 14.05 10.27
CA PRO A 259 -39.57 13.47 8.98
C PRO A 259 -40.70 13.57 7.97
N VAL A 260 -40.32 13.80 6.72
CA VAL A 260 -41.25 13.84 5.60
C VAL A 260 -41.00 12.60 4.76
N GLN A 261 -41.97 11.68 4.75
CA GLN A 261 -41.79 10.43 4.04
C GLN A 261 -41.90 10.64 2.54
N ILE A 262 -41.23 9.76 1.77
CA ILE A 262 -41.20 9.85 0.32
C ILE A 262 -41.26 8.45 -0.28
N ASN A 263 -42.41 8.09 -0.85
CA ASN A 263 -42.44 6.92 -1.70
C ASN A 263 -41.74 7.21 -3.01
N CYS A 264 -41.09 6.20 -3.56
CA CYS A 264 -40.84 6.14 -5.01
C CYS A 264 -40.15 4.85 -5.42
N THR A 265 -40.24 4.59 -6.71
CA THR A 265 -39.96 3.29 -7.29
C THR A 265 -39.71 3.47 -8.78
N ARG A 266 -39.22 2.41 -9.42
CA ARG A 266 -39.06 2.39 -10.86
C ARG A 266 -40.03 1.37 -11.43
N PRO A 267 -41.15 1.81 -12.01
CA PRO A 267 -42.23 0.86 -12.36
C PRO A 267 -41.82 -0.18 -13.38
N ASN A 268 -40.79 0.07 -14.18
CA ASN A 268 -40.42 -0.86 -15.23
C ASN A 268 -39.89 -2.16 -14.64
N ASN A 269 -40.38 -3.28 -15.17
CA ASN A 269 -39.88 -4.61 -14.79
C ASN A 269 -38.63 -4.88 -15.61
N ASN A 270 -37.51 -4.37 -15.13
CA ASN A 270 -36.26 -4.45 -15.87
C ASN A 270 -35.62 -5.82 -15.72
N THR A 271 -34.89 -6.24 -16.75
CA THR A 271 -34.16 -7.49 -16.77
C THR A 271 -32.70 -7.23 -17.09
N ARG A 272 -31.81 -7.84 -16.32
CA ARG A 272 -30.38 -7.70 -16.52
C ARG A 272 -29.91 -8.81 -17.44
N LYS A 273 -29.40 -8.44 -18.61
CA LYS A 273 -28.88 -9.40 -19.58
C LYS A 273 -27.36 -9.32 -19.57
N SER A 274 -26.71 -10.44 -19.30
CA SER A 274 -25.26 -10.50 -19.21
C SER A 274 -24.68 -10.69 -20.61
N ILE A 275 -23.73 -9.83 -20.96
CA ILE A 275 -23.03 -9.92 -22.23
C ILE A 275 -21.54 -10.11 -21.94
N ARG A 276 -20.99 -11.24 -22.37
CA ARG A 276 -19.58 -11.53 -22.13
C ARG A 276 -18.75 -10.83 -23.19
N ILE A 277 -18.00 -9.81 -22.77
CA ILE A 277 -17.25 -8.96 -23.69
C ILE A 277 -15.78 -9.35 -23.78
N GLY A 278 -15.39 -10.41 -23.09
CA GLY A 278 -14.01 -10.83 -23.11
C GLY A 278 -13.71 -11.86 -22.03
N PRO A 279 -12.46 -12.26 -21.92
CA PRO A 279 -12.10 -13.27 -20.93
C PRO A 279 -12.45 -12.84 -19.51
N GLY A 280 -13.42 -13.50 -18.90
CA GLY A 280 -13.81 -13.21 -17.53
C GLY A 280 -14.27 -11.77 -17.32
N GLN A 281 -14.78 -11.14 -18.37
CA GLN A 281 -15.27 -9.78 -18.29
C GLN A 281 -16.71 -9.77 -18.77
N ALA A 282 -17.62 -9.29 -17.93
CA ALA A 282 -19.05 -9.31 -18.23
C ALA A 282 -19.61 -7.91 -18.14
N PHE A 283 -20.37 -7.51 -19.16
CA PHE A 283 -21.08 -6.24 -19.18
C PHE A 283 -22.57 -6.52 -19.07
N TYR A 284 -23.21 -5.95 -18.06
CA TYR A 284 -24.62 -6.22 -17.79
C TYR A 284 -25.46 -5.16 -18.50
N ALA A 285 -26.18 -5.58 -19.54
CA ALA A 285 -26.98 -4.68 -20.35
C ALA A 285 -28.40 -4.60 -19.79
N THR A 286 -29.30 -3.99 -20.56
CA THR A 286 -30.70 -3.84 -20.17
C THR A 286 -31.57 -4.53 -21.21
N GLY A 287 -32.22 -5.63 -20.81
CA GLY A 287 -33.06 -6.38 -21.71
C GLY A 287 -34.44 -5.78 -21.86
N ASP A 288 -35.30 -6.52 -22.54
CA ASP A 288 -36.66 -6.07 -22.77
C ASP A 288 -37.42 -5.95 -21.46
N ILE A 289 -38.26 -4.92 -21.38
CA ILE A 289 -39.06 -4.69 -20.18
C ILE A 289 -40.36 -5.48 -20.29
N ILE A 290 -40.67 -6.26 -19.25
CA ILE A 290 -41.92 -7.00 -19.22
C ILE A 290 -43.04 -6.06 -18.80
N GLY A 291 -44.08 -5.99 -19.62
CA GLY A 291 -45.19 -5.11 -19.34
C GLY A 291 -44.96 -3.70 -19.88
N ASP A 292 -45.86 -2.81 -19.47
CA ASP A 292 -45.79 -1.44 -19.91
C ASP A 292 -44.59 -0.74 -19.28
N ILE A 293 -44.21 0.40 -19.87
CA ILE A 293 -43.11 1.22 -19.39
C ILE A 293 -43.69 2.53 -18.88
N ARG A 294 -43.42 2.85 -17.62
CA ARG A 294 -43.93 4.04 -16.99
C ARG A 294 -42.77 4.93 -16.54
N GLN A 295 -43.12 6.05 -15.92
CA GLN A 295 -42.14 7.04 -15.52
C GLN A 295 -41.78 6.88 -14.05
N ALA A 296 -40.48 6.86 -13.77
CA ALA A 296 -40.03 6.85 -12.38
C ALA A 296 -40.39 8.16 -11.71
N HIS A 297 -41.00 8.07 -10.54
CA HIS A 297 -41.59 9.25 -9.90
C HIS A 297 -41.54 9.09 -8.39
N CYS A 298 -41.22 10.17 -7.70
CA CYS A 298 -41.14 10.16 -6.23
C CYS A 298 -42.33 10.90 -5.66
N ASN A 299 -42.99 10.27 -4.69
CA ASN A 299 -44.21 10.80 -4.08
C ASN A 299 -43.89 11.47 -2.77
N VAL A 300 -44.48 12.64 -2.54
CA VAL A 300 -44.38 13.36 -1.27
C VAL A 300 -45.79 13.77 -0.87
N SER A 301 -46.15 13.52 0.39
CA SER A 301 -47.46 13.90 0.89
C SER A 301 -47.63 15.40 0.82
N LYS A 302 -48.76 15.84 0.23
CA LYS A 302 -48.97 17.27 0.03
C LYS A 302 -49.14 18.00 1.35
N ALA A 303 -49.98 17.46 2.24
CA ALA A 303 -50.22 18.12 3.52
C ALA A 303 -48.98 18.14 4.39
N THR A 304 -48.26 17.00 4.45
CA THR A 304 -47.04 16.95 5.26
C THR A 304 -45.99 17.91 4.73
N TRP A 305 -45.82 17.96 3.41
CA TRP A 305 -44.86 18.90 2.84
C TRP A 305 -45.28 20.34 3.11
N ASN A 306 -46.57 20.62 3.02
CA ASN A 306 -47.04 21.98 3.30
C ASN A 306 -46.77 22.36 4.75
N GLU A 307 -47.03 21.45 5.68
CA GLU A 307 -46.77 21.73 7.08
C GLU A 307 -45.28 21.96 7.34
N THR A 308 -44.43 21.12 6.73
CA THR A 308 -42.99 21.28 6.92
C THR A 308 -42.52 22.60 6.33
N LEU A 309 -43.04 22.97 5.16
CA LEU A 309 -42.69 24.26 4.56
C LEU A 309 -43.17 25.40 5.44
N GLY A 310 -44.33 25.26 6.06
CA GLY A 310 -44.80 26.29 6.96
C GLY A 310 -43.89 26.46 8.16
N LYS A 311 -43.44 25.35 8.74
CA LYS A 311 -42.50 25.45 9.86
C LYS A 311 -41.19 26.08 9.40
N VAL A 312 -40.71 25.70 8.22
CA VAL A 312 -39.45 26.24 7.71
C VAL A 312 -39.56 27.75 7.49
N VAL A 313 -40.66 28.20 6.89
CA VAL A 313 -40.81 29.63 6.65
C VAL A 313 -41.03 30.38 7.96
N LYS A 314 -41.67 29.74 8.95
CA LYS A 314 -41.82 30.38 10.25
C LYS A 314 -40.46 30.59 10.90
N GLN A 315 -39.60 29.59 10.84
CA GLN A 315 -38.26 29.72 11.42
C GLN A 315 -37.32 30.54 10.55
N LEU A 316 -37.68 30.80 9.30
CA LEU A 316 -36.85 31.58 8.41
C LEU A 316 -37.15 33.07 8.48
N ARG A 317 -38.32 33.45 8.99
CA ARG A 317 -38.64 34.86 9.16
C ARG A 317 -37.77 35.53 10.20
N LYS A 318 -37.17 34.76 11.10
CA LYS A 318 -36.35 35.34 12.16
C LYS A 318 -35.12 36.05 11.59
N HIS A 319 -34.47 35.45 10.61
CA HIS A 319 -33.24 36.01 10.06
C HIS A 319 -33.49 37.09 9.03
N PHE A 320 -34.75 37.38 8.67
CA PHE A 320 -35.05 38.39 7.67
C PHE A 320 -36.11 39.38 8.09
N GLY A 321 -36.96 39.07 9.06
CA GLY A 321 -38.02 39.95 9.46
C GLY A 321 -39.39 39.32 9.27
N ASN A 322 -40.36 39.82 10.04
CA ASN A 322 -41.70 39.26 10.03
C ASN A 322 -42.47 39.62 8.78
N ASN A 323 -42.34 40.86 8.31
CA ASN A 323 -43.14 41.36 7.20
C ASN A 323 -42.60 40.96 5.84
N THR A 324 -41.46 40.29 5.78
CA THR A 324 -40.86 39.93 4.50
C THR A 324 -41.62 38.78 3.86
N ILE A 325 -41.62 38.76 2.53
CA ILE A 325 -42.28 37.73 1.75
C ILE A 325 -41.26 36.66 1.39
N ILE A 326 -41.57 35.41 1.70
CA ILE A 326 -40.68 34.29 1.41
C ILE A 326 -41.33 33.46 0.30
N ARG A 327 -40.62 33.28 -0.80
CA ARG A 327 -41.13 32.54 -1.95
C ARG A 327 -40.13 31.47 -2.35
N PHE A 328 -40.61 30.25 -2.52
CA PHE A 328 -39.77 29.13 -2.92
C PHE A 328 -39.92 28.89 -4.42
N ALA A 329 -38.82 29.02 -5.16
CA ALA A 329 -38.79 28.73 -6.58
C ALA A 329 -37.85 27.55 -6.83
N ASN A 330 -38.02 26.92 -8.00
CA ASN A 330 -37.24 25.74 -8.32
C ASN A 330 -35.80 26.14 -8.65
N SER A 331 -34.99 25.16 -9.03
CA SER A 331 -33.59 25.42 -9.34
C SER A 331 -33.47 26.32 -10.57
N SER A 332 -32.44 27.17 -10.55
CA SER A 332 -32.26 28.16 -11.61
C SER A 332 -31.54 27.61 -12.83
N GLY A 333 -30.85 26.50 -12.71
CA GLY A 333 -30.17 25.92 -13.85
C GLY A 333 -28.85 25.30 -13.43
N GLY A 334 -28.23 24.60 -14.38
CA GLY A 334 -26.98 23.91 -14.18
C GLY A 334 -27.07 22.50 -14.70
N ASP A 335 -26.11 21.67 -14.28
CA ASP A 335 -26.11 20.28 -14.68
C ASP A 335 -27.29 19.55 -14.05
N LEU A 336 -27.56 18.35 -14.56
CA LEU A 336 -28.74 17.60 -14.14
C LEU A 336 -28.71 17.30 -12.64
N GLU A 337 -27.52 17.10 -12.08
CA GLU A 337 -27.42 16.72 -10.68
C GLU A 337 -27.89 17.83 -9.74
N VAL A 338 -27.79 19.08 -10.16
CA VAL A 338 -28.20 20.20 -9.31
C VAL A 338 -29.61 20.66 -9.63
N THR A 339 -29.96 20.75 -10.92
CA THR A 339 -31.30 21.15 -11.30
C THR A 339 -32.35 20.18 -10.79
N THR A 340 -31.98 18.92 -10.56
CA THR A 340 -32.90 17.91 -10.07
C THR A 340 -32.39 17.37 -8.74
N HIS A 341 -33.26 16.61 -8.08
CA HIS A 341 -32.93 16.00 -6.78
C HIS A 341 -32.39 14.61 -7.04
N SER A 342 -31.07 14.51 -7.12
CA SER A 342 -30.41 13.25 -7.46
C SER A 342 -30.02 12.49 -6.19
N PHE A 343 -30.11 11.17 -6.28
CA PHE A 343 -29.80 10.26 -5.17
C PHE A 343 -29.83 8.85 -5.70
N ASN A 344 -29.31 7.92 -4.90
CA ASN A 344 -29.33 6.52 -5.24
C ASN A 344 -30.44 5.81 -4.47
N CYS A 345 -31.03 4.80 -5.10
CA CYS A 345 -32.14 4.06 -4.49
C CYS A 345 -32.06 2.62 -4.98
N GLY A 346 -31.53 1.74 -4.14
CA GLY A 346 -31.40 0.34 -4.51
C GLY A 346 -30.48 0.08 -5.67
N GLY A 347 -29.39 0.84 -5.79
CA GLY A 347 -28.42 0.65 -6.84
C GLY A 347 -28.65 1.49 -8.09
N GLU A 348 -29.77 2.19 -8.17
CA GLU A 348 -30.07 3.05 -9.31
C GLU A 348 -30.01 4.51 -8.88
N PHE A 349 -29.54 5.36 -9.79
CA PHE A 349 -29.40 6.79 -9.53
C PHE A 349 -30.56 7.53 -10.16
N PHE A 350 -31.32 8.23 -9.33
CA PHE A 350 -32.47 8.98 -9.80
C PHE A 350 -32.10 10.44 -10.05
N TYR A 351 -32.96 11.13 -10.81
CA TYR A 351 -32.85 12.57 -11.04
C TYR A 351 -34.27 13.10 -11.07
N CYS A 352 -34.77 13.55 -9.92
CA CYS A 352 -36.17 13.92 -9.77
C CYS A 352 -36.37 15.42 -9.92
N ASN A 353 -37.43 15.80 -10.62
CA ASN A 353 -37.66 17.19 -10.99
C ASN A 353 -37.77 18.08 -9.76
N THR A 354 -38.65 17.72 -8.83
CA THR A 354 -38.91 18.50 -7.62
C THR A 354 -39.19 19.96 -7.94
N SER A 355 -39.97 20.19 -8.97
CA SER A 355 -40.46 21.54 -9.26
C SER A 355 -41.76 21.84 -8.54
N GLY A 356 -42.54 20.82 -8.20
CA GLY A 356 -43.75 21.01 -7.43
C GLY A 356 -43.54 21.21 -5.95
N LEU A 357 -42.31 21.01 -5.46
CA LEU A 357 -42.03 21.22 -4.05
C LEU A 357 -41.79 22.70 -3.76
N PHE A 358 -40.74 23.27 -4.36
CA PHE A 358 -40.40 24.68 -4.16
C PHE A 358 -41.08 25.50 -5.24
N ASN A 359 -42.39 25.66 -5.08
CA ASN A 359 -43.22 26.39 -6.03
C ASN A 359 -44.16 27.40 -5.39
N SER A 360 -44.50 27.23 -4.12
CA SER A 360 -45.47 28.09 -3.46
C SER A 360 -44.81 29.40 -3.01
N THR A 361 -45.66 30.35 -2.65
CA THR A 361 -45.24 31.62 -2.07
C THR A 361 -45.94 31.82 -0.75
N TRP A 362 -45.28 32.51 0.17
CA TRP A 362 -45.79 32.66 1.53
C TRP A 362 -45.79 34.13 1.92
N ILE A 363 -46.91 34.59 2.48
CA ILE A 363 -47.06 35.93 2.98
C ILE A 363 -47.66 35.87 4.37
N SER A 364 -47.54 36.97 5.10
CA SER A 364 -48.07 37.04 6.46
C SER A 364 -49.60 37.05 6.45
N ASN A 377 -53.88 12.99 2.24
CA ASN A 377 -54.32 12.03 1.23
C ASN A 377 -53.72 12.32 -0.14
N ASP A 378 -53.71 13.60 -0.51
CA ASP A 378 -53.12 14.00 -1.79
C ASP A 378 -51.61 13.89 -1.75
N SER A 379 -51.03 13.54 -2.89
CA SER A 379 -49.59 13.38 -3.03
C SER A 379 -49.08 14.21 -4.18
N ILE A 380 -47.86 14.68 -4.06
CA ILE A 380 -47.20 15.46 -5.10
C ILE A 380 -46.28 14.52 -5.87
N THR A 381 -46.59 14.28 -7.14
CA THR A 381 -45.82 13.38 -7.97
C THR A 381 -44.66 14.15 -8.59
N LEU A 382 -43.44 13.67 -8.34
CA LEU A 382 -42.25 14.31 -8.90
C LEU A 382 -41.69 13.44 -10.02
N PRO A 383 -41.79 13.86 -11.28
CA PRO A 383 -41.26 13.04 -12.37
C PRO A 383 -39.74 12.94 -12.34
N CYS A 384 -39.22 11.74 -12.14
CA CYS A 384 -37.79 11.50 -12.08
C CYS A 384 -37.29 10.91 -13.39
N ARG A 385 -35.98 10.99 -13.58
CA ARG A 385 -35.32 10.42 -14.74
C ARG A 385 -34.12 9.61 -14.30
N ILE A 386 -33.77 8.61 -15.11
CA ILE A 386 -32.76 7.63 -14.74
C ILE A 386 -31.52 7.88 -15.58
N LYS A 387 -30.35 7.67 -14.96
CA LYS A 387 -29.08 7.66 -15.67
C LYS A 387 -28.28 6.45 -15.25
N GLN A 388 -27.47 5.93 -16.18
CA GLN A 388 -26.58 4.82 -15.89
C GLN A 388 -25.11 5.24 -15.85
N ILE A 389 -24.70 6.16 -16.72
CA ILE A 389 -23.36 6.74 -16.65
C ILE A 389 -23.40 7.83 -15.58
N ILE A 390 -22.74 7.59 -14.46
CA ILE A 390 -22.70 8.51 -13.33
C ILE A 390 -21.25 8.94 -13.14
N ASN A 391 -21.05 10.24 -12.94
CA ASN A 391 -19.73 10.82 -12.79
C ASN A 391 -19.68 11.59 -11.47
N MET A 392 -20.13 10.94 -10.39
CA MET A 392 -20.04 11.53 -9.08
C MET A 392 -18.61 11.97 -8.79
N TRP A 393 -18.48 13.01 -7.96
CA TRP A 393 -17.21 13.60 -7.56
C TRP A 393 -16.52 14.35 -8.69
N GLN A 394 -17.11 14.35 -9.89
CA GLN A 394 -16.56 15.05 -11.05
C GLN A 394 -15.09 14.77 -11.27
N ARG A 395 -14.73 13.49 -11.41
CA ARG A 395 -13.34 13.13 -11.61
C ARG A 395 -13.01 13.11 -13.10
N ILE A 396 -11.90 13.72 -13.46
CA ILE A 396 -11.50 13.86 -14.86
C ILE A 396 -10.86 12.55 -15.30
N GLY A 397 -11.52 11.85 -16.22
CA GLY A 397 -10.98 10.66 -16.84
C GLY A 397 -11.67 9.37 -16.47
N GLN A 398 -12.48 9.36 -15.42
CA GLN A 398 -13.14 8.15 -14.96
C GLN A 398 -14.61 8.41 -14.75
N ALA A 399 -15.44 7.44 -15.12
CA ALA A 399 -16.88 7.52 -14.89
C ALA A 399 -17.41 6.11 -14.61
N MET A 400 -18.55 6.05 -13.94
CA MET A 400 -19.12 4.81 -13.48
C MET A 400 -20.39 4.46 -14.27
N TYR A 401 -20.51 3.19 -14.64
CA TYR A 401 -21.71 2.66 -15.27
C TYR A 401 -22.46 1.81 -14.24
N ALA A 402 -23.63 2.28 -13.83
CA ALA A 402 -24.40 1.56 -12.84
C ALA A 402 -25.13 0.41 -13.51
N PRO A 403 -24.89 -0.84 -13.11
CA PRO A 403 -25.61 -1.94 -13.73
C PRO A 403 -27.09 -1.86 -13.40
N PRO A 404 -27.94 -2.28 -14.33
CA PRO A 404 -29.38 -2.24 -14.07
C PRO A 404 -29.77 -3.21 -12.96
N ILE A 405 -30.83 -2.85 -12.24
CA ILE A 405 -31.32 -3.65 -11.13
C ILE A 405 -32.51 -4.47 -11.61
N GLN A 406 -32.44 -5.78 -11.43
CA GLN A 406 -33.54 -6.65 -11.84
C GLN A 406 -34.75 -6.40 -10.96
N GLY A 407 -35.93 -6.52 -11.57
CA GLY A 407 -37.17 -6.31 -10.86
C GLY A 407 -37.50 -4.84 -10.69
N VAL A 408 -38.55 -4.59 -9.92
CA VAL A 408 -39.03 -3.24 -9.66
C VAL A 408 -38.45 -2.78 -8.35
N ILE A 409 -37.58 -1.77 -8.40
CA ILE A 409 -36.98 -1.21 -7.21
C ILE A 409 -37.94 -0.23 -6.56
N ARG A 410 -37.91 -0.15 -5.23
CA ARG A 410 -38.80 0.73 -4.50
C ARG A 410 -38.19 1.01 -3.13
N CYS A 411 -38.04 2.29 -2.80
CA CYS A 411 -37.44 2.68 -1.54
C CYS A 411 -38.27 3.77 -0.87
N VAL A 412 -38.27 3.75 0.46
CA VAL A 412 -38.99 4.72 1.27
C VAL A 412 -37.96 5.41 2.17
N SER A 413 -37.92 6.75 2.11
CA SER A 413 -36.93 7.52 2.85
C SER A 413 -37.59 8.69 3.54
N ASN A 414 -36.80 9.42 4.31
CA ASN A 414 -37.24 10.64 4.98
C ASN A 414 -36.47 11.83 4.43
N ILE A 415 -37.17 12.89 4.06
CA ILE A 415 -36.53 14.18 3.81
C ILE A 415 -36.30 14.84 5.15
N THR A 416 -35.05 14.88 5.59
CA THR A 416 -34.70 15.46 6.88
C THR A 416 -33.98 16.79 6.75
N GLY A 417 -33.90 17.35 5.55
CA GLY A 417 -33.17 18.59 5.39
C GLY A 417 -33.37 19.20 4.03
N LEU A 418 -32.87 20.42 3.88
CA LEU A 418 -32.96 21.16 2.63
C LEU A 418 -31.63 21.86 2.39
N ILE A 419 -31.36 22.14 1.12
CA ILE A 419 -30.18 22.90 0.72
C ILE A 419 -30.70 24.10 -0.06
N LEU A 420 -30.93 25.20 0.64
CA LEU A 420 -31.54 26.39 0.05
C LEU A 420 -30.47 27.44 -0.22
N THR A 421 -30.59 28.10 -1.37
CA THR A 421 -29.66 29.17 -1.77
C THR A 421 -30.49 30.41 -2.06
N ARG A 422 -30.36 31.42 -1.20
CA ARG A 422 -31.11 32.65 -1.39
C ARG A 422 -30.55 33.44 -2.56
N ASP A 423 -31.44 34.04 -3.34
CA ASP A 423 -31.05 34.92 -4.43
C ASP A 423 -30.79 36.33 -3.90
N GLY A 424 -30.36 37.22 -4.79
CA GLY A 424 -30.13 38.60 -4.41
C GLY A 424 -31.43 39.37 -4.35
N GLY A 425 -31.43 40.58 -4.89
CA GLY A 425 -32.66 41.35 -4.98
C GLY A 425 -32.38 42.83 -4.88
N SER A 426 -33.38 43.60 -5.28
CA SER A 426 -33.31 45.04 -5.17
C SER A 426 -33.64 45.48 -3.75
N THR A 427 -33.28 46.71 -3.43
CA THR A 427 -33.55 47.27 -2.11
C THR A 427 -35.01 47.68 -1.93
N ASN A 428 -35.81 47.63 -2.99
CA ASN A 428 -37.22 48.02 -2.92
C ASN A 428 -38.15 46.82 -2.75
N SER A 429 -37.60 45.63 -2.51
CA SER A 429 -38.41 44.43 -2.42
C SER A 429 -38.10 43.68 -1.14
N THR A 430 -39.15 43.17 -0.50
CA THR A 430 -39.03 42.30 0.67
C THR A 430 -39.25 40.83 0.30
N THR A 431 -39.29 40.51 -0.97
CA THR A 431 -39.52 39.15 -1.43
C THR A 431 -38.17 38.43 -1.53
N GLU A 432 -37.91 37.53 -0.60
CA GLU A 432 -36.67 36.76 -0.58
C GLU A 432 -36.94 35.40 -1.21
N THR A 433 -36.41 35.18 -2.40
CA THR A 433 -36.62 33.93 -3.13
C THR A 433 -35.55 32.92 -2.74
N PHE A 434 -35.98 31.74 -2.32
CA PHE A 434 -35.09 30.67 -1.93
C PHE A 434 -35.26 29.51 -2.90
N ARG A 435 -34.15 28.97 -3.38
CA ARG A 435 -34.18 27.87 -4.33
C ARG A 435 -33.33 26.72 -3.83
N PRO A 436 -33.68 25.48 -4.17
CA PRO A 436 -32.84 24.34 -3.78
C PRO A 436 -31.47 24.43 -4.43
N GLY A 437 -30.45 24.05 -3.67
CA GLY A 437 -29.08 24.04 -4.17
C GLY A 437 -28.45 22.68 -4.00
N GLY A 438 -27.15 22.64 -3.76
CA GLY A 438 -26.48 21.37 -3.53
C GLY A 438 -25.23 21.21 -4.36
N GLY A 439 -24.98 19.98 -4.81
CA GLY A 439 -23.78 19.71 -5.59
C GLY A 439 -22.59 19.43 -4.70
N ASP A 440 -22.31 20.34 -3.78
CA ASP A 440 -21.22 20.17 -2.83
C ASP A 440 -21.65 19.17 -1.78
N MET A 441 -21.15 17.94 -1.87
CA MET A 441 -21.51 16.91 -0.91
C MET A 441 -21.07 17.26 0.50
N ARG A 442 -20.05 18.10 0.63
CA ARG A 442 -19.63 18.58 1.95
C ARG A 442 -20.79 19.25 2.67
N ASP A 443 -21.60 20.00 1.93
CA ASP A 443 -22.78 20.61 2.54
C ASP A 443 -23.76 19.56 3.03
N ASN A 444 -23.88 18.44 2.30
CA ASN A 444 -24.73 17.36 2.77
C ASN A 444 -24.19 16.77 4.08
N TRP A 445 -22.88 16.61 4.18
CA TRP A 445 -22.31 15.99 5.37
C TRP A 445 -22.08 16.96 6.52
N ARG A 446 -22.24 18.26 6.31
CA ARG A 446 -22.20 19.18 7.44
C ARG A 446 -23.43 19.01 8.32
N SER A 447 -24.57 18.64 7.73
CA SER A 447 -25.79 18.46 8.48
C SER A 447 -25.77 17.24 9.38
N GLU A 448 -24.75 16.39 9.26
CA GLU A 448 -24.60 15.24 10.15
C GLU A 448 -23.44 15.37 11.11
N LEU A 449 -22.44 16.18 10.79
CA LEU A 449 -21.31 16.43 11.68
C LEU A 449 -21.35 17.83 12.29
N TYR A 450 -22.54 18.41 12.40
CA TYR A 450 -22.62 19.79 12.89
C TYR A 450 -22.35 19.87 14.39
N LYS A 451 -22.76 18.85 15.14
CA LYS A 451 -22.73 18.89 16.58
C LYS A 451 -21.45 18.31 17.18
N TYR A 452 -20.47 17.95 16.34
CA TYR A 452 -19.27 17.29 16.81
C TYR A 452 -18.04 18.13 16.48
N LYS A 453 -16.98 17.90 17.25
CA LYS A 453 -15.68 18.52 16.98
C LYS A 453 -14.59 17.66 17.57
N VAL A 454 -13.36 17.88 17.10
CA VAL A 454 -12.21 17.08 17.47
C VAL A 454 -11.28 17.90 18.34
N VAL A 455 -10.91 17.36 19.50
CA VAL A 455 -10.01 18.04 20.43
C VAL A 455 -8.86 17.11 20.78
N LYS A 456 -7.74 17.71 21.17
CA LYS A 456 -6.53 16.99 21.52
C LYS A 456 -6.31 17.09 23.02
N ILE A 457 -6.30 15.94 23.70
CA ILE A 457 -6.10 15.93 25.14
C ILE A 457 -4.66 16.32 25.45
N GLU A 458 -4.49 17.29 26.35
CA GLU A 458 -3.17 17.70 26.82
C GLU A 458 -3.10 17.43 28.32
N PRO A 459 -2.58 16.28 28.74
CA PRO A 459 -2.69 15.88 30.15
C PRO A 459 -1.66 16.49 31.08
N LEU A 460 -0.68 17.22 30.57
CA LEU A 460 0.33 17.84 31.43
C LEU A 460 -0.16 19.21 31.89
N GLY A 461 -0.12 19.42 33.20
CA GLY A 461 -0.47 20.72 33.75
C GLY A 461 0.50 21.08 34.86
N VAL A 462 0.74 22.38 34.99
CA VAL A 462 1.63 22.92 36.02
C VAL A 462 0.86 23.96 36.80
N ALA A 463 0.98 23.89 38.13
CA ALA A 463 0.26 24.79 39.00
C ALA A 463 1.05 24.97 40.29
N PRO A 464 1.19 26.21 40.79
CA PRO A 464 1.91 26.41 42.05
C PRO A 464 1.19 25.73 43.21
N THR A 465 1.99 25.15 44.12
CA THR A 465 1.47 24.48 45.29
C THR A 465 2.51 24.59 46.39
N ARG A 466 2.06 24.40 47.64
CA ARG A 466 2.92 24.55 48.80
C ARG A 466 3.84 23.36 49.03
N CYS A 467 3.84 22.38 48.12
CA CYS A 467 4.68 21.20 48.29
C CYS A 467 6.01 21.39 47.57
N LYS A 468 7.08 20.89 48.16
CA LYS A 468 8.42 21.00 47.62
C LYS A 468 9.11 19.65 47.74
N ARG A 469 9.72 19.20 46.64
CA ARG A 469 10.34 17.87 46.61
C ARG A 469 11.45 17.77 47.65
N ARG A 470 11.53 16.63 48.31
CA ARG A 470 12.56 16.37 49.30
C ARG A 470 13.91 16.11 48.63
N PHE B 8 -17.25 8.98 40.97
CA PHE B 8 -16.81 8.68 39.62
C PHE B 8 -17.68 9.37 38.58
N LEU B 9 -17.04 10.01 37.60
CA LEU B 9 -17.74 10.65 36.50
C LEU B 9 -17.33 10.11 35.13
N GLY B 10 -16.06 9.79 34.93
CA GLY B 10 -15.60 9.23 33.68
C GLY B 10 -14.54 10.11 33.04
N PHE B 11 -14.14 9.72 31.83
CA PHE B 11 -13.15 10.46 31.05
C PHE B 11 -13.58 11.91 30.90
N LEU B 12 -12.71 12.82 31.33
CA LEU B 12 -12.99 14.26 31.32
C LEU B 12 -14.25 14.59 32.11
N GLY B 13 -14.55 13.78 33.13
CA GLY B 13 -15.76 14.02 33.91
C GLY B 13 -15.72 15.33 34.67
N ALA B 14 -14.57 15.64 35.27
CA ALA B 14 -14.41 16.86 36.05
C ALA B 14 -13.73 17.97 35.25
N ALA B 15 -14.00 18.02 33.94
CA ALA B 15 -13.36 19.05 33.11
C ALA B 15 -13.78 20.44 33.54
N GLY B 16 -15.05 20.63 33.84
CA GLY B 16 -15.54 21.89 34.34
C GLY B 16 -15.52 22.04 35.84
N SER B 17 -15.07 21.01 36.56
CA SER B 17 -15.03 21.10 38.01
C SER B 17 -13.88 22.00 38.46
N THR B 18 -13.81 22.23 39.76
CA THR B 18 -12.78 23.07 40.33
C THR B 18 -11.43 22.35 40.29
N MET B 19 -10.39 23.06 40.76
CA MET B 19 -9.04 22.51 40.69
C MET B 19 -8.90 21.27 41.56
N GLY B 20 -9.38 21.34 42.80
CA GLY B 20 -9.22 20.22 43.71
C GLY B 20 -10.00 18.99 43.28
N ALA B 21 -11.25 19.18 42.87
CA ALA B 21 -12.03 18.05 42.40
C ALA B 21 -11.42 17.41 41.17
N ALA B 22 -10.90 18.23 40.25
CA ALA B 22 -10.23 17.68 39.08
C ALA B 22 -8.98 16.90 39.47
N SER B 23 -8.19 17.45 40.41
CA SER B 23 -6.99 16.76 40.86
C SER B 23 -7.30 15.47 41.59
N MET B 24 -8.49 15.37 42.20
CA MET B 24 -8.84 14.13 42.90
C MET B 24 -8.96 12.95 41.96
N THR B 25 -9.27 13.18 40.68
CA THR B 25 -9.58 12.11 39.74
C THR B 25 -8.74 12.22 38.48
N LEU B 26 -7.43 12.40 38.62
CA LEU B 26 -6.57 12.41 37.43
C LEU B 26 -6.50 11.05 36.75
N THR B 27 -6.70 9.98 37.51
CA THR B 27 -6.42 8.65 36.98
C THR B 27 -7.35 8.31 35.83
N VAL B 28 -8.60 8.75 35.90
CA VAL B 28 -9.57 8.34 34.89
C VAL B 28 -9.25 8.96 33.52
N GLN B 29 -8.69 10.18 33.49
CA GLN B 29 -8.17 10.67 32.21
C GLN B 29 -6.80 10.11 31.91
N ALA B 30 -6.07 9.64 32.92
CA ALA B 30 -4.74 9.10 32.68
C ALA B 30 -4.77 7.78 31.91
N ARG B 31 -5.78 6.95 32.17
CA ARG B 31 -5.80 5.63 31.55
C ARG B 31 -6.22 5.67 30.09
N ASN B 32 -7.06 6.63 29.70
CA ASN B 32 -7.55 6.70 28.33
C ASN B 32 -6.60 7.41 27.38
N LEU B 33 -5.34 7.61 27.79
CA LEU B 33 -4.37 8.23 26.91
C LEU B 33 -3.67 7.23 26.00
N LEU B 34 -3.95 5.94 26.14
CA LEU B 34 -3.29 4.95 25.30
C LEU B 34 -4.32 3.99 24.72
N SER B 35 -5.46 3.85 25.37
CA SER B 35 -6.54 3.03 24.84
C SER B 35 -7.88 3.44 25.46
N LEU B 55 -5.09 -7.04 9.33
CA LEU B 55 -5.73 -6.04 8.48
C LEU B 55 -4.86 -5.74 7.26
N LYS B 56 -5.50 -5.27 6.19
CA LYS B 56 -4.85 -5.04 4.91
C LYS B 56 -4.54 -3.56 4.74
N LEU B 57 -4.00 -3.21 3.57
CA LEU B 57 -3.64 -1.84 3.24
C LEU B 57 -4.82 -1.09 2.61
N THR B 58 -5.95 -1.13 3.30
CA THR B 58 -7.16 -0.43 2.87
C THR B 58 -7.18 0.95 3.53
N VAL B 59 -7.98 1.86 2.95
CA VAL B 59 -8.04 3.22 3.45
C VAL B 59 -8.37 3.22 4.95
N TRP B 60 -9.40 2.47 5.33
CA TRP B 60 -9.72 2.36 6.75
C TRP B 60 -8.57 1.71 7.52
N GLY B 61 -7.93 0.71 6.94
CA GLY B 61 -6.82 0.07 7.62
C GLY B 61 -5.65 1.00 7.85
N ILE B 62 -5.28 1.76 6.83
CA ILE B 62 -4.14 2.67 6.97
C ILE B 62 -4.48 3.80 7.93
N LYS B 63 -5.73 4.28 7.91
CA LYS B 63 -6.13 5.29 8.87
C LYS B 63 -6.06 4.75 10.29
N GLN B 64 -6.52 3.52 10.49
CA GLN B 64 -6.44 2.91 11.82
C GLN B 64 -4.99 2.78 12.28
N LEU B 65 -4.10 2.35 11.39
CA LEU B 65 -2.70 2.17 11.77
C LEU B 65 -2.06 3.51 12.12
N GLN B 66 -2.31 4.53 11.30
CA GLN B 66 -1.73 5.84 11.59
C GLN B 66 -2.28 6.40 12.90
N ALA B 67 -3.57 6.20 13.17
CA ALA B 67 -4.14 6.65 14.43
C ALA B 67 -3.49 5.93 15.61
N ARG B 68 -3.27 4.62 15.48
CA ARG B 68 -2.64 3.87 16.54
C ARG B 68 -1.23 4.39 16.83
N VAL B 69 -0.43 4.58 15.78
CA VAL B 69 0.93 5.07 15.98
C VAL B 69 0.93 6.48 16.56
N LEU B 70 0.00 7.32 16.11
CA LEU B 70 -0.10 8.67 16.64
C LEU B 70 -0.42 8.65 18.12
N ALA B 71 -1.34 7.79 18.53
CA ALA B 71 -1.66 7.67 19.96
C ALA B 71 -0.45 7.22 20.76
N VAL B 72 0.28 6.23 20.23
CA VAL B 72 1.47 5.73 20.92
C VAL B 72 2.48 6.85 21.13
N GLU B 73 2.77 7.61 20.07
CA GLU B 73 3.77 8.66 20.21
C GLU B 73 3.28 9.81 21.08
N ARG B 74 1.98 10.13 21.02
CA ARG B 74 1.46 11.19 21.87
C ARG B 74 1.59 10.82 23.34
N TYR B 75 1.31 9.55 23.67
CA TYR B 75 1.54 9.09 25.03
C TYR B 75 3.02 9.14 25.41
N LEU B 76 3.89 8.71 24.51
CA LEU B 76 5.29 8.59 24.88
C LEU B 76 5.96 9.94 25.03
N ARG B 77 5.53 10.95 24.27
CA ARG B 77 6.09 12.28 24.47
C ARG B 77 5.81 12.78 25.88
N ASP B 78 4.58 12.59 26.35
CA ASP B 78 4.21 13.00 27.70
C ASP B 78 4.98 12.19 28.74
N GLN B 79 5.12 10.89 28.52
CA GLN B 79 5.88 10.06 29.47
C GLN B 79 7.32 10.51 29.54
N GLN B 80 7.94 10.83 28.39
CA GLN B 80 9.30 11.32 28.38
C GLN B 80 9.42 12.64 29.13
N LEU B 81 8.48 13.56 28.89
CA LEU B 81 8.53 14.84 29.59
C LEU B 81 8.42 14.66 31.09
N LEU B 82 7.56 13.74 31.54
CA LEU B 82 7.49 13.45 32.96
C LEU B 82 8.78 12.83 33.46
N GLY B 83 9.39 11.96 32.66
CA GLY B 83 10.61 11.30 33.09
C GLY B 83 11.78 12.25 33.26
N ILE B 84 11.90 13.23 32.37
CA ILE B 84 13.01 14.16 32.45
C ILE B 84 12.95 14.95 33.75
N TRP B 85 11.76 15.33 34.19
CA TRP B 85 11.61 16.09 35.41
C TRP B 85 11.70 15.23 36.67
N GLY B 86 12.07 13.97 36.54
CA GLY B 86 12.13 13.09 37.70
C GLY B 86 10.77 12.85 38.32
N CYS B 87 9.74 12.70 37.50
CA CYS B 87 8.38 12.52 38.00
C CYS B 87 7.66 11.38 37.30
N SER B 88 8.39 10.45 36.70
CA SER B 88 7.76 9.32 36.05
C SER B 88 7.08 8.41 37.07
N GLY B 89 5.88 7.95 36.73
CA GLY B 89 5.12 7.09 37.60
C GLY B 89 4.33 7.78 38.68
N LYS B 90 4.41 9.11 38.77
CA LYS B 90 3.67 9.87 39.77
C LYS B 90 2.69 10.79 39.06
N LEU B 91 1.41 10.68 39.43
CA LEU B 91 0.40 11.56 38.86
C LEU B 91 0.60 13.01 39.32
N ILE B 92 0.96 13.19 40.59
CA ILE B 92 1.26 14.49 41.16
C ILE B 92 2.71 14.48 41.63
N CYS B 93 3.49 15.43 41.14
CA CYS B 93 4.91 15.50 41.47
C CYS B 93 5.30 16.93 41.79
N CYS B 94 5.96 17.12 42.93
CA CYS B 94 6.44 18.43 43.33
C CYS B 94 7.90 18.59 42.93
N THR B 95 8.30 19.84 42.69
CA THR B 95 9.64 20.12 42.21
C THR B 95 10.32 21.18 43.06
N ASN B 96 11.46 21.69 42.60
CA ASN B 96 12.22 22.71 43.32
C ASN B 96 12.38 23.97 42.48
N VAL B 97 11.38 24.28 41.67
CA VAL B 97 11.39 25.46 40.81
C VAL B 97 10.49 26.51 41.47
N PRO B 98 11.05 27.62 41.93
CA PRO B 98 10.22 28.67 42.55
C PRO B 98 9.26 29.27 41.53
N TRP B 99 8.12 29.73 42.04
CA TRP B 99 7.12 30.37 41.20
C TRP B 99 7.51 31.83 40.99
N ASN B 100 7.75 32.21 39.73
CA ASN B 100 8.25 33.55 39.43
C ASN B 100 7.25 34.66 39.75
N SER B 101 5.98 34.32 39.94
CA SER B 101 4.89 35.25 40.25
C SER B 101 4.57 36.20 39.10
N SER B 102 5.33 36.16 38.01
CA SER B 102 5.00 36.93 36.82
C SER B 102 4.08 36.15 35.89
N TRP B 103 4.16 34.82 35.92
CA TRP B 103 3.23 34.00 35.16
C TRP B 103 1.81 34.16 35.68
N SER B 104 1.65 34.13 37.00
CA SER B 104 0.35 34.36 37.62
C SER B 104 0.52 34.66 39.10
N ASN B 105 -0.03 35.79 39.56
CA ASN B 105 0.05 36.19 40.95
C ASN B 105 -1.24 35.92 41.71
N ARG B 106 -2.14 35.12 41.14
CA ARG B 106 -3.44 34.89 41.75
C ARG B 106 -3.30 34.13 43.06
N ASN B 107 -4.25 34.37 43.97
CA ASN B 107 -4.24 33.73 45.28
C ASN B 107 -4.52 32.23 45.15
N LEU B 108 -3.96 31.46 46.08
CA LEU B 108 -4.11 30.01 46.05
C LEU B 108 -5.56 29.60 46.21
N SER B 109 -6.28 30.23 47.15
CA SER B 109 -7.67 29.86 47.38
C SER B 109 -8.52 30.12 46.15
N GLU B 110 -8.28 31.24 45.47
CA GLU B 110 -9.02 31.54 44.26
C GLU B 110 -8.70 30.52 43.16
N ILE B 111 -7.44 30.13 43.03
CA ILE B 111 -7.04 29.22 41.97
C ILE B 111 -7.63 27.83 42.20
N TRP B 112 -7.51 27.32 43.42
CA TRP B 112 -7.81 25.92 43.69
C TRP B 112 -9.25 25.67 44.12
N ASP B 113 -10.10 26.70 44.10
CA ASP B 113 -11.49 26.52 44.47
C ASP B 113 -12.43 27.26 43.54
N ASN B 114 -11.93 28.18 42.72
CA ASN B 114 -12.78 28.96 41.83
C ASN B 114 -12.13 29.09 40.45
N MET B 115 -11.60 27.98 39.92
CA MET B 115 -11.03 27.99 38.58
C MET B 115 -10.97 26.57 38.05
N THR B 116 -11.04 26.45 36.73
CA THR B 116 -10.95 25.17 36.04
C THR B 116 -9.61 25.08 35.32
N TRP B 117 -9.18 23.84 35.06
CA TRP B 117 -7.88 23.62 34.43
C TRP B 117 -7.80 24.29 33.06
N LEU B 118 -8.93 24.40 32.36
CA LEU B 118 -8.91 24.98 31.02
C LEU B 118 -8.42 26.42 31.04
N GLN B 119 -8.99 27.24 31.94
CA GLN B 119 -8.55 28.62 32.02
C GLN B 119 -7.10 28.71 32.51
N TRP B 120 -6.71 27.82 33.42
CA TRP B 120 -5.34 27.82 33.92
C TRP B 120 -4.36 27.60 32.79
N ASP B 121 -4.65 26.63 31.92
CA ASP B 121 -3.82 26.44 30.73
C ASP B 121 -3.95 27.59 29.75
N LYS B 122 -5.12 28.23 29.72
CA LYS B 122 -5.32 29.36 28.82
C LYS B 122 -4.37 30.50 29.14
N GLU B 123 -4.20 30.82 30.42
CA GLU B 123 -3.43 31.99 30.81
C GLU B 123 -1.96 31.69 31.11
N ILE B 124 -1.48 30.48 30.87
CA ILE B 124 -0.06 30.18 30.94
C ILE B 124 0.43 29.53 29.64
N SER B 125 -0.26 29.79 28.53
CA SER B 125 0.11 29.16 27.27
C SER B 125 1.49 29.58 26.79
N ASN B 126 1.97 30.76 27.21
CA ASN B 126 3.24 31.27 26.72
C ASN B 126 4.42 30.97 27.63
N TYR B 127 4.20 30.85 28.93
CA TYR B 127 5.27 30.61 29.87
C TYR B 127 5.59 29.13 30.05
N THR B 128 4.93 28.25 29.29
CA THR B 128 5.09 26.82 29.52
C THR B 128 6.52 26.36 29.26
N GLN B 129 7.13 26.84 28.17
CA GLN B 129 8.43 26.33 27.77
C GLN B 129 9.52 26.65 28.79
N ILE B 130 9.51 27.87 29.32
CA ILE B 130 10.54 28.24 30.30
C ILE B 130 10.35 27.44 31.58
N ILE B 131 9.10 27.18 31.97
CA ILE B 131 8.86 26.34 33.14
C ILE B 131 9.39 24.94 32.91
N TYR B 132 9.15 24.38 31.71
CA TYR B 132 9.66 23.05 31.41
C TYR B 132 11.18 23.03 31.46
N GLY B 133 11.83 24.05 30.91
CA GLY B 133 13.29 24.10 30.95
C GLY B 133 13.82 24.21 32.37
N LEU B 134 13.17 25.03 33.19
CA LEU B 134 13.57 25.13 34.60
C LEU B 134 13.42 23.79 35.31
N LEU B 135 12.31 23.09 35.05
CA LEU B 135 12.12 21.76 35.65
C LEU B 135 13.22 20.81 35.23
N GLU B 136 13.55 20.80 33.93
CA GLU B 136 14.59 19.92 33.43
C GLU B 136 15.93 20.19 34.10
N GLU B 137 16.35 21.46 34.10
CA GLU B 137 17.65 21.80 34.67
C GLU B 137 17.67 21.52 36.17
N SER B 138 16.57 21.83 36.87
CA SER B 138 16.50 21.58 38.30
C SER B 138 16.58 20.09 38.61
N GLN B 139 15.91 19.26 37.82
CA GLN B 139 15.99 17.82 38.05
C GLN B 139 17.41 17.33 37.83
N ASN B 140 18.04 17.78 36.74
CA ASN B 140 19.41 17.31 36.40
C ASN B 140 20.34 17.63 37.57
N GLN B 141 20.39 18.91 37.97
CA GLN B 141 21.32 19.32 39.05
C GLN B 141 20.98 18.51 40.31
N GLN B 142 19.70 18.35 40.60
CA GLN B 142 19.29 17.61 41.84
C GLN B 142 19.90 16.21 41.80
N GLU B 143 19.78 15.53 40.66
CA GLU B 143 20.27 14.12 40.59
C GLU B 143 21.79 14.10 40.80
N LYS B 144 22.52 14.98 40.12
CA LYS B 144 24.00 14.99 40.25
C LYS B 144 24.37 15.29 41.70
N ASN B 145 23.62 16.20 42.35
CA ASN B 145 23.87 16.50 43.78
C ASN B 145 23.74 15.19 44.56
N GLU B 146 22.69 14.42 44.27
CA GLU B 146 22.49 13.13 44.97
C GLU B 146 23.70 12.24 44.73
N GLN B 147 24.22 12.25 43.49
CA GLN B 147 25.38 11.39 43.15
C GLN B 147 26.51 11.69 44.14
N ASP B 148 26.81 12.97 44.35
CA ASP B 148 27.94 13.34 45.23
C ASP B 148 27.71 12.73 46.61
N LEU B 149 26.51 12.91 47.17
CA LEU B 149 26.23 12.43 48.55
C LEU B 149 26.33 10.89 48.60
N LEU B 150 25.75 10.21 47.59
CA LEU B 150 25.75 8.73 47.57
C LEU B 150 27.19 8.23 47.40
N ALA B 151 28.08 9.08 46.90
CA ALA B 151 29.49 8.68 46.67
C ALA B 151 30.34 9.04 47.89
N LEU B 152 30.69 10.32 48.03
CA LEU B 152 31.54 10.77 49.17
C LEU B 152 32.53 9.64 49.51
N ASN C 1 37.60 1.88 46.28
CA ASN C 1 36.62 0.95 45.74
C ASN C 1 35.78 1.64 44.67
N LEU C 2 35.32 0.88 43.68
CA LEU C 2 34.60 1.43 42.54
C LEU C 2 33.32 0.64 42.28
N TRP C 3 32.39 1.29 41.59
CA TRP C 3 31.13 0.67 41.18
C TRP C 3 30.74 1.25 39.82
N VAL C 4 29.84 0.53 39.15
CA VAL C 4 29.37 1.00 37.80
C VAL C 4 28.19 1.96 38.01
N THR C 5 28.11 2.99 37.18
CA THR C 5 27.00 3.96 37.27
C THR C 5 26.41 4.12 35.90
N VAL C 6 25.14 3.75 35.72
CA VAL C 6 24.51 3.82 34.37
C VAL C 6 24.31 5.29 34.00
N TYR C 7 24.36 5.60 32.71
CA TYR C 7 24.17 7.01 32.25
C TYR C 7 23.23 7.03 31.07
N TYR C 8 22.27 7.96 31.05
CA TYR C 8 21.32 8.09 29.97
C TYR C 8 21.61 9.37 29.20
N GLY C 9 21.59 9.28 27.88
CA GLY C 9 21.76 10.45 27.05
C GLY C 9 23.19 10.84 26.78
N VAL C 10 24.13 9.92 26.91
CA VAL C 10 25.52 10.21 26.62
C VAL C 10 25.66 10.47 25.13
N PRO C 11 26.59 11.32 24.70
CA PRO C 11 26.78 11.57 23.26
C PRO C 11 27.66 10.50 22.62
N VAL C 12 27.07 9.34 22.35
CA VAL C 12 27.75 8.22 21.73
C VAL C 12 26.99 7.80 20.49
N TRP C 13 27.69 7.64 19.38
CA TRP C 13 27.05 7.25 18.13
C TRP C 13 27.86 6.15 17.46
N LYS C 14 27.15 5.31 16.69
CA LYS C 14 27.75 4.28 15.88
C LYS C 14 27.25 4.41 14.45
N ASP C 15 28.09 4.01 13.49
CA ASP C 15 27.67 4.03 12.11
C ASP C 15 26.56 3.01 11.88
N ALA C 16 25.50 3.42 11.20
CA ALA C 16 24.36 2.54 11.01
C ALA C 16 23.56 2.98 9.78
N GLU C 17 22.67 2.10 9.36
CA GLU C 17 21.85 2.32 8.18
C GLU C 17 20.39 2.41 8.60
N THR C 18 19.66 3.36 8.03
CA THR C 18 18.27 3.57 8.40
C THR C 18 17.55 4.28 7.26
N THR C 19 16.22 4.27 7.35
CA THR C 19 15.36 4.91 6.35
C THR C 19 15.30 6.41 6.65
N LEU C 20 15.49 7.21 5.61
CA LEU C 20 15.50 8.66 5.72
C LEU C 20 14.26 9.22 5.03
N PHE C 21 13.45 9.99 5.75
CA PHE C 21 12.27 10.58 5.15
C PHE C 21 12.60 11.94 4.56
N CYS C 22 11.71 12.40 3.69
CA CYS C 22 11.91 13.63 2.91
C CYS C 22 11.38 14.84 3.64
N ALA C 23 11.98 15.99 3.35
CA ALA C 23 11.51 17.28 3.81
C ALA C 23 11.86 18.35 2.79
N SER C 24 10.89 19.20 2.46
CA SER C 24 11.10 20.27 1.51
C SER C 24 10.45 21.54 2.03
N ASP C 25 10.95 22.68 1.56
CA ASP C 25 10.43 23.97 1.99
C ASP C 25 9.43 24.54 0.99
N LYS C 33 1.88 23.60 -8.63
CA LYS C 33 1.82 22.51 -9.59
C LYS C 33 2.39 21.23 -8.99
N HIS C 34 1.79 20.10 -9.36
CA HIS C 34 2.31 18.82 -8.93
C HIS C 34 3.65 18.54 -9.61
N ASN C 35 4.53 17.87 -8.87
CA ASN C 35 5.87 17.58 -9.35
C ASN C 35 6.14 16.07 -9.28
N VAL C 36 7.19 15.66 -10.01
CA VAL C 36 7.46 14.24 -10.14
C VAL C 36 7.92 13.63 -8.81
N TRP C 37 8.67 14.39 -8.02
CA TRP C 37 9.22 13.84 -6.79
C TRP C 37 8.25 13.92 -5.62
N ALA C 38 7.04 14.42 -5.83
CA ALA C 38 6.01 14.50 -4.79
C ALA C 38 6.54 15.19 -3.54
N THR C 39 7.24 16.30 -3.76
CA THR C 39 7.78 17.07 -2.64
C THR C 39 6.69 17.59 -1.72
N HIS C 40 5.45 17.68 -2.21
CA HIS C 40 4.34 18.00 -1.33
C HIS C 40 4.15 16.94 -0.26
N ALA C 41 4.49 15.68 -0.57
CA ALA C 41 4.39 14.62 0.42
C ALA C 41 5.50 14.71 1.46
N CYS C 42 6.60 15.37 1.15
CA CYS C 42 7.64 15.59 2.14
C CYS C 42 7.12 16.48 3.26
N VAL C 43 7.55 16.19 4.48
CA VAL C 43 7.12 17.01 5.63
C VAL C 43 7.69 18.41 5.49
N PRO C 44 6.96 19.45 5.91
CA PRO C 44 7.50 20.81 5.82
C PRO C 44 8.67 21.00 6.77
N THR C 45 9.83 21.32 6.22
CA THR C 45 11.01 21.50 7.03
C THR C 45 10.90 22.74 7.90
N ASP C 46 11.66 22.76 8.99
CA ASP C 46 11.69 23.92 9.86
C ASP C 46 12.29 25.11 9.12
N PRO C 47 11.73 26.31 9.27
CA PRO C 47 12.32 27.48 8.62
C PRO C 47 13.75 27.75 9.04
N ASN C 48 14.10 27.45 10.30
CA ASN C 48 15.45 27.65 10.80
C ASN C 48 16.06 26.30 11.17
N PRO C 49 16.92 25.73 10.33
CA PRO C 49 17.54 24.44 10.68
C PRO C 49 18.42 24.58 11.92
N GLN C 50 18.44 23.52 12.72
CA GLN C 50 19.28 23.47 13.92
C GLN C 50 20.61 22.83 13.54
N GLU C 51 21.63 23.64 13.38
CA GLU C 51 22.96 23.18 13.00
C GLU C 51 23.90 23.36 14.19
N ILE C 52 24.56 22.28 14.59
CA ILE C 52 25.35 22.23 15.82
C ILE C 52 26.78 21.83 15.47
N HIS C 53 27.74 22.55 16.02
CA HIS C 53 29.15 22.32 15.75
C HIS C 53 29.73 21.40 16.82
N LEU C 54 30.30 20.28 16.39
CA LEU C 54 30.89 19.28 17.29
C LEU C 54 32.40 19.36 17.17
N GLU C 55 33.01 20.26 17.93
CA GLU C 55 34.45 20.31 17.96
C GLU C 55 34.99 19.37 19.04
N ASN C 56 36.30 19.12 18.99
CA ASN C 56 37.05 18.05 19.65
C ASN C 56 36.84 16.71 18.98
N VAL C 57 35.98 16.61 17.95
CA VAL C 57 35.54 15.33 17.41
C VAL C 57 36.20 15.09 16.06
N THR C 58 36.68 13.87 15.85
CA THR C 58 37.24 13.45 14.57
C THR C 58 36.53 12.16 14.15
N GLU C 59 35.74 12.23 13.09
CA GLU C 59 34.91 11.12 12.65
C GLU C 59 35.34 10.67 11.26
N GLU C 60 35.38 9.35 11.07
CA GLU C 60 35.71 8.76 9.78
C GLU C 60 34.55 8.93 8.80
N PHE C 61 34.88 9.26 7.55
CA PHE C 61 33.89 9.43 6.51
C PHE C 61 34.28 8.64 5.27
N ASN C 62 33.27 8.20 4.53
CA ASN C 62 33.50 7.47 3.28
C ASN C 62 32.25 7.60 2.43
N MET C 63 32.30 8.44 1.40
CA MET C 63 31.16 8.58 0.50
C MET C 63 30.93 7.32 -0.32
N TRP C 64 31.99 6.60 -0.69
CA TRP C 64 31.84 5.53 -1.66
C TRP C 64 31.05 4.36 -1.07
N LYS C 65 31.18 4.13 0.23
CA LYS C 65 30.42 3.10 0.92
C LYS C 65 29.28 3.68 1.74
N ASN C 66 28.94 4.94 1.53
CA ASN C 66 27.79 5.54 2.19
C ASN C 66 26.50 4.89 1.71
N ASN C 67 25.59 4.62 2.65
CA ASN C 67 24.29 4.07 2.26
C ASN C 67 23.46 5.12 1.54
N MET C 68 23.57 6.38 1.96
CA MET C 68 22.63 7.41 1.53
C MET C 68 22.52 7.50 0.02
N VAL C 69 23.62 7.31 -0.70
CA VAL C 69 23.56 7.36 -2.16
C VAL C 69 22.67 6.25 -2.69
N GLU C 70 22.87 5.02 -2.20
CA GLU C 70 22.05 3.90 -2.64
C GLU C 70 20.58 4.11 -2.27
N GLN C 71 20.34 4.55 -1.03
CA GLN C 71 18.97 4.72 -0.57
C GLN C 71 18.25 5.80 -1.38
N MET C 72 18.90 6.92 -1.64
CA MET C 72 18.22 7.99 -2.34
C MET C 72 18.14 7.69 -3.84
N HIS C 73 19.06 6.90 -4.38
CA HIS C 73 18.89 6.39 -5.74
C HIS C 73 17.65 5.52 -5.84
N THR C 74 17.45 4.63 -4.86
CA THR C 74 16.24 3.82 -4.82
C THR C 74 15.00 4.71 -4.69
N ASP C 75 15.08 5.73 -3.85
CA ASP C 75 13.96 6.65 -3.67
C ASP C 75 13.61 7.34 -4.98
N ILE C 76 14.63 7.82 -5.70
CA ILE C 76 14.39 8.51 -6.97
C ILE C 76 13.76 7.56 -7.97
N ILE C 77 14.25 6.33 -8.06
CA ILE C 77 13.66 5.39 -9.02
C ILE C 77 12.22 5.11 -8.66
N SER C 78 11.93 4.92 -7.37
CA SER C 78 10.55 4.66 -6.95
C SER C 78 9.65 5.85 -7.29
N LEU C 79 10.12 7.06 -7.03
CA LEU C 79 9.31 8.24 -7.34
C LEU C 79 9.07 8.37 -8.84
N TRP C 80 10.11 8.12 -9.64
CA TRP C 80 9.98 8.19 -11.08
C TRP C 80 8.95 7.19 -11.58
N ASP C 81 8.97 5.98 -11.03
CA ASP C 81 7.98 4.97 -11.41
C ASP C 81 6.58 5.37 -10.98
N GLN C 82 6.43 5.85 -9.73
CA GLN C 82 5.10 6.14 -9.21
C GLN C 82 4.45 7.31 -9.92
N SER C 83 5.24 8.32 -10.31
CA SER C 83 4.67 9.44 -11.06
C SER C 83 4.20 9.03 -12.44
N LEU C 84 4.54 7.84 -12.89
CA LEU C 84 4.19 7.37 -14.23
C LEU C 84 2.93 6.50 -14.24
N LYS C 85 2.56 5.91 -13.10
CA LYS C 85 1.43 4.98 -13.07
C LYS C 85 0.12 5.62 -13.50
N PRO C 86 -0.31 6.78 -12.95
CA PRO C 86 -1.59 7.38 -13.38
C PRO C 86 -1.45 8.23 -14.64
N CYS C 87 -0.84 7.65 -15.67
CA CYS C 87 -0.62 8.35 -16.93
C CYS C 87 -1.04 7.45 -18.08
N VAL C 88 -1.37 8.07 -19.21
CA VAL C 88 -1.89 7.35 -20.36
C VAL C 88 -0.84 6.37 -20.87
N LYS C 89 -1.29 5.17 -21.24
CA LYS C 89 -0.40 4.15 -21.79
C LYS C 89 -0.48 4.20 -23.30
N LEU C 90 0.66 4.44 -23.94
CA LEU C 90 0.68 4.65 -25.39
C LEU C 90 0.91 3.35 -26.15
N THR C 91 0.11 2.33 -25.86
CA THR C 91 0.27 1.10 -26.62
C THR C 91 -0.25 1.20 -28.06
N PRO C 92 -1.30 1.99 -28.39
CA PRO C 92 -1.72 2.04 -29.80
C PRO C 92 -0.73 2.74 -30.71
N LEU C 93 0.18 3.57 -30.17
CA LEU C 93 1.13 4.28 -31.01
C LEU C 93 2.08 3.34 -31.74
N CYS C 94 2.27 2.11 -31.24
CA CYS C 94 3.16 1.15 -31.87
C CYS C 94 2.48 0.61 -33.12
N VAL C 95 2.34 1.48 -34.11
CA VAL C 95 1.66 1.17 -35.36
C VAL C 95 2.54 1.67 -36.49
N THR C 96 2.34 1.10 -37.68
CA THR C 96 3.17 1.44 -38.82
C THR C 96 3.09 2.93 -39.11
N LEU C 97 4.25 3.55 -39.33
CA LEU C 97 4.35 4.98 -39.58
C LEU C 97 4.75 5.22 -41.02
N GLN C 98 4.21 6.28 -41.61
CA GLN C 98 4.63 6.77 -42.92
C GLN C 98 5.26 8.13 -42.70
N CYS C 99 6.58 8.19 -42.74
CA CYS C 99 7.34 9.38 -42.40
C CYS C 99 8.04 9.93 -43.63
N THR C 100 8.05 11.26 -43.73
CA THR C 100 8.72 11.97 -44.82
C THR C 100 9.66 13.01 -44.22
N ASN C 101 10.67 13.38 -45.01
CA ASN C 101 11.60 14.40 -44.57
C ASN C 101 10.88 15.72 -44.34
N VAL C 102 11.25 16.41 -43.26
CA VAL C 102 10.76 17.75 -42.98
C VAL C 102 11.81 18.71 -43.53
N THR C 103 11.61 19.18 -44.76
CA THR C 103 12.58 20.00 -45.45
C THR C 103 12.08 21.41 -45.75
N ASN C 104 11.05 21.86 -45.04
CA ASN C 104 10.52 23.20 -45.22
C ASN C 104 11.09 24.11 -44.14
N ASN C 105 11.88 25.09 -44.56
CA ASN C 105 12.52 26.06 -43.66
C ASN C 105 13.36 25.36 -42.61
N ILE C 106 14.38 24.63 -43.07
CA ILE C 106 15.32 23.96 -42.19
C ILE C 106 16.74 24.36 -42.57
N THR C 107 17.65 24.22 -41.61
CA THR C 107 19.04 24.57 -41.84
C THR C 107 19.82 23.35 -42.33
N ASP C 108 21.11 23.54 -42.56
CA ASP C 108 21.95 22.44 -43.02
C ASP C 108 22.07 21.35 -41.97
N ASP C 109 22.22 21.73 -40.70
CA ASP C 109 22.40 20.75 -39.63
C ASP C 109 21.12 20.02 -39.26
N MET C 110 19.96 20.49 -39.74
CA MET C 110 18.68 19.93 -39.36
C MET C 110 18.14 18.97 -40.40
N ARG C 111 18.96 18.64 -41.41
CA ARG C 111 18.53 17.82 -42.54
C ARG C 111 18.36 16.38 -42.07
N GLY C 112 17.12 15.91 -42.05
CA GLY C 112 16.83 14.54 -41.71
C GLY C 112 16.60 14.26 -40.25
N GLU C 113 16.76 15.26 -39.38
CA GLU C 113 16.56 15.02 -37.96
C GLU C 113 15.09 14.94 -37.60
N LEU C 114 14.23 15.69 -38.28
CA LEU C 114 12.79 15.57 -38.11
C LEU C 114 12.21 14.57 -39.10
N LYS C 115 11.12 13.93 -38.69
CA LYS C 115 10.36 13.03 -39.55
C LYS C 115 8.89 13.39 -39.44
N ASN C 116 8.25 13.62 -40.59
CA ASN C 116 6.83 13.95 -40.63
C ASN C 116 6.06 12.64 -40.82
N CYS C 117 5.66 12.05 -39.70
CA CYS C 117 5.04 10.72 -39.71
C CYS C 117 3.52 10.87 -39.63
N SER C 118 2.83 10.15 -40.51
CA SER C 118 1.38 10.06 -40.49
C SER C 118 0.98 8.60 -40.34
N PHE C 119 0.00 8.34 -39.48
CA PHE C 119 -0.34 6.96 -39.15
C PHE C 119 -1.83 6.85 -38.89
N ASN C 120 -2.34 5.62 -39.02
CA ASN C 120 -3.70 5.32 -38.62
C ASN C 120 -3.75 5.13 -37.11
N MET C 121 -4.67 5.84 -36.46
CA MET C 121 -4.81 5.78 -35.02
C MET C 121 -6.27 5.54 -34.66
N THR C 122 -6.49 4.80 -33.58
CA THR C 122 -7.84 4.59 -33.10
C THR C 122 -8.39 5.88 -32.50
N THR C 123 -9.71 6.01 -32.56
CA THR C 123 -10.41 7.20 -32.09
C THR C 123 -11.34 6.84 -30.95
N GLU C 124 -12.16 7.81 -30.53
CA GLU C 124 -13.09 7.60 -29.44
C GLU C 124 -13.96 6.38 -29.70
N LEU C 125 -14.56 6.32 -30.88
CA LEU C 125 -15.37 5.17 -31.27
C LEU C 125 -14.45 4.04 -31.68
N ARG C 126 -14.53 2.91 -30.98
CA ARG C 126 -13.53 1.86 -31.16
C ARG C 126 -13.51 1.33 -32.59
N ASP C 127 -14.69 1.09 -33.16
CA ASP C 127 -14.74 0.56 -34.53
C ASP C 127 -14.17 1.57 -35.53
N LYS C 128 -14.49 2.85 -35.35
CA LYS C 128 -13.98 3.87 -36.24
C LYS C 128 -12.48 4.05 -36.07
N LYS C 129 -11.77 4.16 -37.19
CA LYS C 129 -10.34 4.46 -37.15
C LYS C 129 -10.14 5.93 -37.46
N GLN C 130 -8.89 6.37 -37.53
CA GLN C 130 -8.58 7.78 -37.75
C GLN C 130 -7.17 7.90 -38.27
N LYS C 131 -6.96 8.88 -39.15
CA LYS C 131 -5.64 9.17 -39.71
C LYS C 131 -5.20 10.54 -39.23
N VAL C 132 -4.01 10.61 -38.64
CA VAL C 132 -3.45 11.84 -38.13
C VAL C 132 -1.94 11.81 -38.32
N TYR C 133 -1.32 12.97 -38.30
CA TYR C 133 0.11 13.11 -38.52
C TYR C 133 0.75 13.79 -37.32
N SER C 134 2.05 13.54 -37.13
CA SER C 134 2.80 14.14 -36.05
C SER C 134 4.27 14.15 -36.44
N LEU C 135 5.04 14.94 -35.69
CA LEU C 135 6.48 15.09 -35.94
C LEU C 135 7.25 14.29 -34.88
N PHE C 136 8.16 13.45 -35.34
CA PHE C 136 9.01 12.66 -34.46
C PHE C 136 10.47 12.89 -34.81
N TYR C 137 11.30 12.99 -33.78
CA TYR C 137 12.73 13.18 -34.00
C TYR C 137 13.34 11.87 -34.50
N ARG C 138 14.41 12.00 -35.29
CA ARG C 138 14.99 10.84 -35.97
C ARG C 138 15.42 9.77 -34.98
N LEU C 139 15.80 10.16 -33.77
CA LEU C 139 16.25 9.19 -32.77
C LEU C 139 15.10 8.42 -32.14
N ASP C 140 13.85 8.80 -32.39
CA ASP C 140 12.71 8.11 -31.84
C ASP C 140 12.10 7.09 -32.80
N VAL C 141 12.37 7.21 -34.10
CA VAL C 141 11.78 6.34 -35.10
C VAL C 141 12.90 5.59 -35.82
N VAL C 142 12.64 4.33 -36.12
CA VAL C 142 13.60 3.47 -36.82
C VAL C 142 12.95 2.93 -38.07
N GLN C 143 13.72 2.86 -39.15
CA GLN C 143 13.20 2.36 -40.42
C GLN C 143 12.89 0.86 -40.31
N ILE C 144 11.94 0.42 -41.12
CA ILE C 144 11.52 -0.98 -41.15
C ILE C 144 11.93 -1.57 -42.49
N ASN C 145 12.71 -2.64 -42.45
CA ASN C 145 13.15 -3.31 -43.66
C ASN C 145 12.77 -4.79 -43.65
N ASN C 156 7.47 7.36 -49.73
CA ASN C 156 7.95 7.39 -48.36
C ASN C 156 8.21 6.00 -47.80
N LYS C 157 8.95 5.94 -46.69
CA LYS C 157 9.31 4.68 -46.05
C LYS C 157 8.47 4.44 -44.81
N GLU C 158 8.50 3.20 -44.33
CA GLU C 158 7.75 2.79 -43.16
C GLU C 158 8.65 2.85 -41.93
N TYR C 159 8.11 3.40 -40.85
CA TYR C 159 8.84 3.56 -39.61
C TYR C 159 7.99 3.09 -38.43
N ARG C 160 8.64 3.00 -37.28
CA ARG C 160 7.95 2.68 -36.03
C ARG C 160 8.70 3.37 -34.90
N LEU C 161 7.99 3.59 -33.80
CA LEU C 161 8.64 4.11 -32.60
C LEU C 161 9.73 3.14 -32.16
N ILE C 162 10.86 3.69 -31.73
CA ILE C 162 12.07 2.88 -31.57
C ILE C 162 11.84 1.74 -30.58
N ASN C 163 11.25 2.05 -29.43
CA ASN C 163 10.97 1.03 -28.42
C ASN C 163 9.53 0.53 -28.50
N CYS C 164 9.13 0.00 -29.65
CA CYS C 164 7.88 -0.73 -29.79
C CYS C 164 8.10 -2.21 -30.05
N ASN C 165 9.35 -2.69 -29.98
CA ASN C 165 9.62 -4.12 -30.07
C ASN C 165 10.42 -4.61 -28.88
N THR C 166 10.70 -3.73 -27.91
CA THR C 166 11.41 -4.18 -26.71
C THR C 166 10.89 -3.54 -25.42
N SER C 167 9.85 -2.72 -25.48
CA SER C 167 9.36 -2.06 -24.28
C SER C 167 7.98 -1.48 -24.55
N ALA C 168 7.23 -1.24 -23.47
CA ALA C 168 5.94 -0.59 -23.55
C ALA C 168 6.10 0.89 -23.23
N ILE C 169 5.46 1.74 -24.03
CA ILE C 169 5.64 3.18 -23.95
C ILE C 169 4.46 3.78 -23.21
N THR C 170 4.76 4.56 -22.17
CA THR C 170 3.75 5.26 -21.38
C THR C 170 4.09 6.74 -21.37
N GLN C 171 3.14 7.56 -21.81
CA GLN C 171 3.38 9.00 -21.88
C GLN C 171 3.43 9.60 -20.48
N ALA C 172 4.45 10.41 -20.22
CA ALA C 172 4.49 11.16 -18.97
C ALA C 172 3.38 12.19 -18.97
N CYS C 173 2.68 12.30 -17.84
CA CYS C 173 1.57 13.22 -17.76
C CYS C 173 2.06 14.66 -17.96
N PRO C 174 1.46 15.42 -18.88
CA PRO C 174 2.04 16.72 -19.24
C PRO C 174 2.01 17.74 -18.12
N LYS C 175 1.17 17.56 -17.10
CA LYS C 175 1.00 18.58 -16.08
C LYS C 175 1.94 18.42 -14.90
N VAL C 176 2.77 17.37 -14.87
CA VAL C 176 3.77 17.21 -13.81
C VAL C 176 5.12 17.64 -14.37
N SER C 177 5.83 18.43 -13.60
CA SER C 177 7.08 19.04 -14.05
C SER C 177 8.27 18.26 -13.52
N PHE C 178 9.27 18.06 -14.38
CA PHE C 178 10.50 17.39 -14.01
C PHE C 178 11.51 18.33 -13.38
N GLU C 179 11.16 19.59 -13.19
CA GLU C 179 12.08 20.54 -12.60
C GLU C 179 12.49 20.07 -11.22
N PRO C 180 13.78 20.07 -10.89
CA PRO C 180 14.22 19.55 -9.59
C PRO C 180 13.91 20.54 -8.48
N ILE C 181 13.04 20.14 -7.56
CA ILE C 181 12.80 20.87 -6.32
C ILE C 181 13.74 20.34 -5.27
N PRO C 182 14.47 21.20 -4.54
CA PRO C 182 15.39 20.69 -3.51
C PRO C 182 14.65 19.89 -2.47
N ILE C 183 15.26 18.78 -2.04
CA ILE C 183 14.70 17.91 -1.03
C ILE C 183 15.75 17.70 0.05
N HIS C 184 15.32 17.67 1.31
CA HIS C 184 16.19 17.42 2.44
C HIS C 184 15.89 16.04 3.00
N TYR C 185 16.94 15.24 3.16
CA TYR C 185 16.82 13.88 3.69
C TYR C 185 17.00 13.92 5.20
N CYS C 186 15.93 13.66 5.94
CA CYS C 186 15.94 13.81 7.39
C CYS C 186 15.80 12.46 8.06
N ALA C 187 16.72 12.18 8.99
CA ALA C 187 16.77 10.96 9.76
C ALA C 187 15.73 10.99 10.89
N PRO C 188 15.23 9.83 11.30
CA PRO C 188 14.22 9.81 12.38
C PRO C 188 14.82 10.16 13.72
N ALA C 189 13.97 10.20 14.75
CA ALA C 189 14.46 10.45 16.10
C ALA C 189 15.38 9.31 16.54
N GLY C 190 16.38 9.66 17.33
CA GLY C 190 17.40 8.71 17.73
C GLY C 190 18.52 8.52 16.73
N PHE C 191 18.44 9.17 15.57
CA PHE C 191 19.50 9.15 14.58
C PHE C 191 19.95 10.58 14.31
N ALA C 192 21.21 10.71 13.90
CA ALA C 192 21.78 12.02 13.62
C ALA C 192 22.52 11.98 12.29
N ILE C 193 22.59 13.14 11.64
CA ILE C 193 23.32 13.29 10.38
C ILE C 193 24.55 14.13 10.66
N LEU C 194 25.71 13.56 10.38
CA LEU C 194 26.98 14.25 10.61
C LEU C 194 27.45 14.90 9.32
N LYS C 195 27.78 16.18 9.40
CA LYS C 195 28.16 16.99 8.25
C LYS C 195 29.63 17.38 8.39
N CYS C 196 30.44 17.00 7.41
CA CYS C 196 31.87 17.28 7.44
C CYS C 196 32.10 18.71 6.98
N LYS C 197 32.37 19.60 7.94
CA LYS C 197 32.56 21.01 7.63
C LYS C 197 33.92 21.30 6.99
N ASP C 198 34.85 20.35 7.04
CA ASP C 198 36.17 20.57 6.48
C ASP C 198 36.08 20.91 5.00
N LYS C 199 36.61 22.07 4.62
CA LYS C 199 36.61 22.50 3.24
C LYS C 199 37.66 21.78 2.41
N LYS C 200 38.56 21.03 3.03
CA LYS C 200 39.56 20.25 2.33
C LYS C 200 39.32 18.74 2.46
N PHE C 201 38.10 18.33 2.78
CA PHE C 201 37.75 16.92 2.82
C PHE C 201 38.02 16.25 1.49
N ASN C 202 39.02 15.37 1.45
CA ASN C 202 39.45 14.77 0.19
C ASN C 202 38.58 13.59 -0.23
N GLY C 203 37.44 13.39 0.41
CA GLY C 203 36.52 12.35 0.02
C GLY C 203 36.55 11.09 0.85
N THR C 204 37.49 10.97 1.78
CA THR C 204 37.56 9.81 2.65
C THR C 204 38.45 10.17 3.84
N GLY C 205 38.76 9.17 4.65
CA GLY C 205 39.60 9.37 5.81
C GLY C 205 38.87 10.15 6.89
N PRO C 206 39.59 10.50 7.95
CA PRO C 206 38.97 11.28 9.03
C PRO C 206 38.67 12.70 8.59
N CYS C 207 37.60 13.26 9.17
CA CYS C 207 37.22 14.65 8.94
C CYS C 207 37.39 15.42 10.24
N PRO C 208 38.44 16.23 10.38
CA PRO C 208 38.71 16.86 11.68
C PRO C 208 37.60 17.76 12.18
N SER C 209 36.90 18.47 11.31
CA SER C 209 35.86 19.40 11.69
C SER C 209 34.51 18.80 11.30
N VAL C 210 33.88 18.12 12.24
CA VAL C 210 32.59 17.49 12.00
C VAL C 210 31.53 18.29 12.75
N SER C 211 30.30 18.29 12.21
CA SER C 211 29.19 18.98 12.82
C SER C 211 27.91 18.21 12.51
N THR C 212 27.01 18.15 13.49
CA THR C 212 25.75 17.45 13.31
C THR C 212 24.68 18.44 12.87
N VAL C 213 23.71 17.93 12.12
CA VAL C 213 22.55 18.71 11.72
C VAL C 213 21.36 17.77 11.78
N GLN C 214 20.17 18.34 11.98
CA GLN C 214 18.98 17.50 11.98
C GLN C 214 18.82 16.80 10.64
N CYS C 215 19.07 17.51 9.55
CA CYS C 215 19.11 16.86 8.24
C CYS C 215 19.72 17.76 7.19
N THR C 216 19.79 17.23 5.98
CA THR C 216 20.62 17.75 4.90
C THR C 216 20.09 19.09 4.39
N HIS C 217 20.96 19.77 3.64
CA HIS C 217 20.57 20.99 2.95
C HIS C 217 19.79 20.63 1.68
N GLY C 218 19.44 21.66 0.92
CA GLY C 218 18.70 21.47 -0.31
C GLY C 218 19.44 20.64 -1.32
N ILE C 219 18.98 19.41 -1.56
CA ILE C 219 19.56 18.52 -2.55
C ILE C 219 18.62 18.49 -3.74
N LYS C 220 19.11 18.93 -4.90
CA LYS C 220 18.33 18.87 -6.12
C LYS C 220 18.70 17.62 -6.90
N PRO C 221 17.78 16.67 -7.06
CA PRO C 221 18.12 15.45 -7.80
C PRO C 221 18.23 15.70 -9.29
N VAL C 222 19.23 16.49 -9.68
CA VAL C 222 19.41 16.82 -11.09
C VAL C 222 19.85 15.58 -11.85
N VAL C 223 19.34 15.42 -13.07
CA VAL C 223 19.65 14.27 -13.91
C VAL C 223 20.64 14.74 -14.97
N SER C 224 21.85 14.21 -14.93
CA SER C 224 22.88 14.55 -15.90
C SER C 224 23.91 13.43 -15.94
N THR C 225 24.72 13.42 -17.00
CA THR C 225 25.68 12.33 -17.18
C THR C 225 27.12 12.80 -17.18
N GLN C 226 27.43 13.81 -17.99
CA GLN C 226 28.81 14.26 -18.16
C GLN C 226 29.14 15.47 -17.32
N LEU C 227 28.30 16.49 -17.33
CA LEU C 227 28.51 17.70 -16.54
C LEU C 227 27.44 17.80 -15.47
N LEU C 228 27.85 18.17 -14.27
CA LEU C 228 26.94 18.25 -13.13
C LEU C 228 26.27 19.61 -13.12
N LEU C 229 24.94 19.61 -13.15
CA LEU C 229 24.17 20.85 -13.27
C LEU C 229 23.56 21.22 -11.93
N ASN C 230 23.63 22.52 -11.61
CA ASN C 230 22.92 23.08 -10.46
C ASN C 230 23.37 22.44 -9.14
N GLY C 231 24.61 21.97 -9.08
CA GLY C 231 25.13 21.32 -7.90
C GLY C 231 25.66 22.31 -6.87
N SER C 232 26.29 21.74 -5.84
CA SER C 232 26.85 22.53 -4.74
C SER C 232 28.34 22.75 -4.99
N LEU C 233 28.77 24.00 -4.83
CA LEU C 233 30.14 24.39 -5.15
C LEU C 233 31.09 24.05 -4.01
N ALA C 234 32.33 23.75 -4.38
CA ALA C 234 33.39 23.65 -3.38
C ALA C 234 33.70 25.04 -2.84
N GLU C 235 33.97 25.12 -1.54
CA GLU C 235 34.07 26.41 -0.89
C GLU C 235 35.38 27.14 -1.22
N GLU C 236 36.50 26.41 -1.28
CA GLU C 236 37.80 27.03 -1.44
C GLU C 236 38.41 26.82 -2.82
N GLU C 237 38.56 25.56 -3.25
CA GLU C 237 39.24 25.28 -4.51
C GLU C 237 38.62 24.04 -5.14
N VAL C 238 38.88 23.88 -6.44
CA VAL C 238 38.41 22.71 -7.16
C VAL C 238 39.01 21.46 -6.53
N MET C 239 38.16 20.46 -6.30
CA MET C 239 38.56 19.26 -5.60
C MET C 239 38.38 18.04 -6.49
N ILE C 240 39.33 17.12 -6.40
CA ILE C 240 39.28 15.86 -7.15
C ILE C 240 39.09 14.73 -6.14
N ARG C 241 37.96 14.05 -6.23
CA ARG C 241 37.62 12.96 -5.32
C ARG C 241 37.33 11.70 -6.12
N SER C 242 38.08 10.64 -5.82
CA SER C 242 37.90 9.37 -6.52
C SER C 242 38.51 8.23 -5.73
N GLU C 243 37.68 7.26 -5.34
CA GLU C 243 38.19 6.08 -4.65
C GLU C 243 39.18 5.34 -5.53
N ASN C 244 40.35 5.02 -4.97
CA ASN C 244 41.40 4.33 -5.71
C ASN C 244 41.72 5.03 -7.01
N ILE C 245 42.24 6.25 -6.95
CA ILE C 245 42.46 7.04 -8.16
C ILE C 245 43.41 6.33 -9.11
N THR C 246 44.26 5.46 -8.57
CA THR C 246 45.13 4.65 -9.43
C THR C 246 44.33 3.69 -10.29
N ASN C 247 43.14 3.29 -9.83
CA ASN C 247 42.26 2.43 -10.63
C ASN C 247 41.66 3.26 -11.77
N ASN C 248 41.96 2.86 -13.01
CA ASN C 248 41.52 3.63 -14.16
C ASN C 248 40.12 3.25 -14.60
N ALA C 249 39.34 2.68 -13.68
CA ALA C 249 37.94 2.38 -13.93
C ALA C 249 36.97 3.09 -13.00
N LYS C 250 37.44 3.61 -11.87
CA LYS C 250 36.58 4.35 -10.96
C LYS C 250 36.41 5.77 -11.46
N ASN C 251 35.16 6.24 -11.49
CA ASN C 251 34.90 7.59 -11.97
C ASN C 251 35.54 8.61 -11.03
N ILE C 252 36.02 9.71 -11.61
CA ILE C 252 36.63 10.79 -10.85
C ILE C 252 35.60 11.90 -10.68
N LEU C 253 35.26 12.20 -9.44
CA LEU C 253 34.26 13.23 -9.13
C LEU C 253 34.97 14.57 -9.02
N VAL C 254 34.71 15.45 -9.97
CA VAL C 254 35.28 16.79 -9.97
C VAL C 254 34.23 17.76 -9.44
N GLN C 255 34.65 18.66 -8.55
CA GLN C 255 33.75 19.68 -8.01
C GLN C 255 34.37 21.04 -8.23
N PHE C 256 33.58 21.97 -8.75
CA PHE C 256 34.07 23.30 -9.09
C PHE C 256 33.91 24.26 -7.91
N ASN C 257 34.92 25.09 -7.70
CA ASN C 257 34.84 26.15 -6.71
C ASN C 257 34.12 27.38 -7.23
N THR C 258 33.92 27.48 -8.54
CA THR C 258 33.20 28.57 -9.17
C THR C 258 32.22 27.99 -10.19
N PRO C 259 31.10 28.66 -10.43
CA PRO C 259 30.13 28.13 -11.38
C PRO C 259 30.42 28.54 -12.81
N VAL C 260 30.21 27.60 -13.72
CA VAL C 260 30.34 27.86 -15.15
C VAL C 260 28.93 27.91 -15.72
N GLN C 261 28.52 29.08 -16.17
CA GLN C 261 27.16 29.27 -16.66
C GLN C 261 27.00 28.63 -18.03
N ILE C 262 25.91 27.87 -18.19
CA ILE C 262 25.61 27.20 -19.45
C ILE C 262 24.20 27.58 -19.86
N ASN C 263 24.04 28.03 -21.10
CA ASN C 263 22.75 28.44 -21.62
C ASN C 263 22.31 27.44 -22.68
N CYS C 264 21.19 26.77 -22.43
CA CYS C 264 20.67 25.74 -23.32
C CYS C 264 19.28 26.15 -23.79
N THR C 265 19.04 26.04 -25.09
CA THR C 265 17.77 26.46 -25.65
C THR C 265 17.43 25.58 -26.85
N ARG C 266 16.12 25.53 -27.16
CA ARG C 266 15.61 24.83 -28.33
C ARG C 266 14.88 25.85 -29.19
N PRO C 267 15.48 26.34 -30.26
CA PRO C 267 14.89 27.49 -30.99
C PRO C 267 13.54 27.19 -31.60
N ASN C 268 13.20 25.93 -31.85
CA ASN C 268 11.96 25.60 -32.51
C ASN C 268 10.77 26.04 -31.68
N ASN C 269 9.80 26.70 -32.32
CA ASN C 269 8.55 27.11 -31.66
C ASN C 269 7.52 26.00 -31.89
N ASN C 270 7.62 24.98 -31.07
CA ASN C 270 6.81 23.78 -31.25
C ASN C 270 5.38 23.99 -30.77
N THR C 271 4.46 23.26 -31.38
CA THR C 271 3.05 23.28 -31.01
C THR C 271 2.64 21.90 -30.53
N ARG C 272 1.94 21.85 -29.40
CA ARG C 272 1.47 20.59 -28.83
C ARG C 272 0.06 20.34 -29.34
N LYS C 273 -0.08 19.32 -30.19
CA LYS C 273 -1.38 18.94 -30.74
C LYS C 273 -1.91 17.72 -30.01
N SER C 274 -3.09 17.85 -29.42
CA SER C 274 -3.68 16.76 -28.65
C SER C 274 -4.39 15.80 -29.56
N ILE C 275 -4.02 14.53 -29.51
CA ILE C 275 -4.64 13.48 -30.32
C ILE C 275 -5.31 12.50 -29.37
N ARG C 276 -6.63 12.41 -29.45
CA ARG C 276 -7.39 11.53 -28.56
C ARG C 276 -7.36 10.11 -29.11
N ILE C 277 -6.73 9.20 -28.39
CA ILE C 277 -6.58 7.83 -28.84
C ILE C 277 -7.55 6.89 -28.14
N GLY C 278 -8.47 7.42 -27.34
CA GLY C 278 -9.43 6.59 -26.66
C GLY C 278 -10.22 7.36 -25.62
N PRO C 279 -11.01 6.64 -24.82
CA PRO C 279 -11.83 7.30 -23.80
C PRO C 279 -10.98 7.99 -22.75
N GLY C 280 -11.01 9.32 -22.73
CA GLY C 280 -10.25 10.08 -21.76
C GLY C 280 -8.75 9.97 -21.90
N GLN C 281 -8.25 9.25 -22.89
CA GLN C 281 -6.82 9.11 -23.12
C GLN C 281 -6.39 10.04 -24.24
N ALA C 282 -5.41 10.89 -23.96
CA ALA C 282 -4.93 11.87 -24.93
C ALA C 282 -3.45 11.68 -25.14
N PHE C 283 -3.04 11.54 -26.39
CA PHE C 283 -1.63 11.47 -26.77
C PHE C 283 -1.23 12.81 -27.36
N TYR C 284 -0.29 13.48 -26.70
CA TYR C 284 0.10 14.84 -27.08
C TYR C 284 1.21 14.74 -28.13
N ALA C 285 0.88 15.10 -29.37
CA ALA C 285 1.78 14.96 -30.49
C ALA C 285 2.52 16.27 -30.75
N THR C 286 3.31 16.30 -31.82
CA THR C 286 4.08 17.46 -32.21
C THR C 286 3.54 18.02 -33.52
N GLY C 287 2.98 19.22 -33.47
CA GLY C 287 2.43 19.85 -34.65
C GLY C 287 3.50 20.54 -35.48
N ASP C 288 3.03 21.31 -36.47
CA ASP C 288 3.95 22.03 -37.33
C ASP C 288 4.65 23.15 -36.56
N ILE C 289 5.91 23.38 -36.91
CA ILE C 289 6.74 24.38 -36.25
C ILE C 289 6.55 25.72 -36.96
N ILE C 290 6.30 26.77 -36.19
CA ILE C 290 6.16 28.11 -36.76
C ILE C 290 7.54 28.69 -37.00
N GLY C 291 7.80 29.09 -38.23
CA GLY C 291 9.07 29.72 -38.58
C GLY C 291 10.15 28.72 -38.90
N ASP C 292 11.38 29.23 -38.94
CA ASP C 292 12.53 28.43 -39.26
C ASP C 292 12.77 27.39 -38.18
N ILE C 293 13.36 26.26 -38.58
CA ILE C 293 13.72 25.18 -37.68
C ILE C 293 15.23 25.15 -37.56
N ARG C 294 15.73 25.32 -36.35
CA ARG C 294 17.15 25.39 -36.08
C ARG C 294 17.56 24.23 -35.17
N GLN C 295 18.83 24.24 -34.77
CA GLN C 295 19.39 23.17 -33.96
C GLN C 295 19.46 23.58 -32.50
N ALA C 296 18.88 22.76 -31.62
CA ALA C 296 18.96 23.02 -30.20
C ALA C 296 20.41 22.91 -29.73
N HIS C 297 20.85 23.89 -28.94
CA HIS C 297 22.26 24.00 -28.61
C HIS C 297 22.43 24.54 -27.21
N CYS C 298 23.63 24.35 -26.66
CA CYS C 298 24.02 24.90 -25.38
C CYS C 298 25.22 25.81 -25.57
N ASN C 299 25.30 26.84 -24.73
CA ASN C 299 26.34 27.85 -24.82
C ASN C 299 27.17 27.87 -23.55
N VAL C 300 28.49 27.82 -23.70
CA VAL C 300 29.42 27.91 -22.58
C VAL C 300 30.48 28.94 -22.94
N SER C 301 30.75 29.87 -22.02
CA SER C 301 31.75 30.89 -22.26
C SER C 301 33.12 30.25 -22.45
N LYS C 302 33.80 30.62 -23.53
CA LYS C 302 35.10 30.01 -23.84
C LYS C 302 36.13 30.34 -22.77
N ALA C 303 36.21 31.62 -22.38
CA ALA C 303 37.20 32.02 -21.39
C ALA C 303 36.91 31.41 -20.02
N THR C 304 35.63 31.41 -19.62
CA THR C 304 35.28 30.83 -18.32
C THR C 304 35.58 29.34 -18.29
N TRP C 305 35.21 28.63 -19.36
CA TRP C 305 35.48 27.20 -19.42
C TRP C 305 36.97 26.93 -19.42
N ASN C 306 37.73 27.75 -20.15
CA ASN C 306 39.18 27.56 -20.18
C ASN C 306 39.79 27.79 -18.79
N GLU C 307 39.33 28.82 -18.09
CA GLU C 307 39.83 29.07 -16.74
C GLU C 307 39.49 27.92 -15.80
N THR C 308 38.26 27.41 -15.89
CA THR C 308 37.88 26.28 -15.03
C THR C 308 38.69 25.04 -15.36
N LEU C 309 38.95 24.79 -16.64
CA LEU C 309 39.79 23.67 -17.02
C LEU C 309 41.21 23.86 -16.50
N GLY C 310 41.72 25.10 -16.52
CA GLY C 310 43.03 25.35 -15.96
C GLY C 310 43.09 25.06 -14.48
N LYS C 311 42.07 25.49 -13.74
CA LYS C 311 42.03 25.18 -12.31
C LYS C 311 41.96 23.67 -12.09
N VAL C 312 41.15 22.97 -12.88
CA VAL C 312 41.00 21.53 -12.73
C VAL C 312 42.31 20.82 -13.00
N VAL C 313 43.01 21.22 -14.07
CA VAL C 313 44.26 20.55 -14.40
C VAL C 313 45.34 20.89 -13.37
N LYS C 314 45.31 22.10 -12.81
CA LYS C 314 46.25 22.43 -11.75
C LYS C 314 46.00 21.56 -10.53
N GLN C 315 44.74 21.38 -10.15
CA GLN C 315 44.43 20.54 -8.99
C GLN C 315 44.61 19.05 -9.29
N LEU C 316 44.66 18.68 -10.57
CA LEU C 316 44.81 17.28 -10.94
C LEU C 316 46.26 16.85 -11.06
N ARG C 317 47.18 17.79 -11.23
CA ARG C 317 48.60 17.45 -11.26
C ARG C 317 49.10 16.93 -9.92
N LYS C 318 48.40 17.22 -8.83
CA LYS C 318 48.84 16.78 -7.52
C LYS C 318 48.85 15.26 -7.42
N HIS C 319 47.81 14.60 -7.94
CA HIS C 319 47.70 13.16 -7.82
C HIS C 319 48.52 12.40 -8.85
N PHE C 320 49.19 13.08 -9.77
CA PHE C 320 49.93 12.40 -10.82
C PHE C 320 51.32 12.94 -11.05
N GLY C 321 51.65 14.12 -10.52
CA GLY C 321 52.96 14.71 -10.75
C GLY C 321 52.87 15.97 -11.59
N ASN C 322 53.90 16.81 -11.44
CA ASN C 322 53.90 18.11 -12.10
C ASN C 322 54.24 18.00 -13.58
N ASN C 323 55.15 17.11 -13.95
CA ASN C 323 55.66 17.05 -15.31
C ASN C 323 54.76 16.27 -16.26
N THR C 324 53.69 15.65 -15.77
CA THR C 324 52.85 14.83 -16.61
C THR C 324 51.97 15.70 -17.51
N ILE C 325 51.62 15.14 -18.67
CA ILE C 325 50.78 15.82 -19.65
C ILE C 325 49.34 15.38 -19.41
N ILE C 326 48.44 16.34 -19.28
CA ILE C 326 47.02 16.07 -19.08
C ILE C 326 46.27 16.52 -20.33
N ARG C 327 45.53 15.60 -20.93
CA ARG C 327 44.82 15.86 -22.17
C ARG C 327 43.37 15.42 -22.04
N PHE C 328 42.46 16.30 -22.46
CA PHE C 328 41.02 16.04 -22.39
C PHE C 328 40.51 15.73 -23.80
N ALA C 329 40.15 14.49 -24.03
CA ALA C 329 39.46 14.08 -25.25
C ALA C 329 37.99 13.84 -24.96
N ASN C 330 37.18 13.78 -26.02
CA ASN C 330 35.76 13.60 -25.81
C ASN C 330 35.47 12.16 -25.39
N SER C 331 34.24 11.91 -24.96
CA SER C 331 33.86 10.60 -24.47
C SER C 331 33.91 9.57 -25.59
N SER C 332 34.37 8.37 -25.25
CA SER C 332 34.50 7.31 -26.23
C SER C 332 33.11 6.75 -26.56
N GLY C 333 33.09 5.65 -27.31
CA GLY C 333 31.81 5.11 -27.77
C GLY C 333 30.92 4.65 -26.64
N GLY C 334 29.67 4.44 -26.99
CA GLY C 334 28.67 4.02 -26.02
C GLY C 334 27.29 4.48 -26.47
N ASP C 335 26.34 4.29 -25.57
CA ASP C 335 24.98 4.74 -25.85
C ASP C 335 24.92 6.27 -25.88
N LEU C 336 23.78 6.78 -26.34
CA LEU C 336 23.65 8.22 -26.53
C LEU C 336 23.75 8.97 -25.22
N GLU C 337 23.19 8.42 -24.15
CA GLU C 337 23.16 9.13 -22.87
C GLU C 337 24.56 9.34 -22.31
N VAL C 338 25.50 8.49 -22.66
CA VAL C 338 26.86 8.61 -22.13
C VAL C 338 27.76 9.36 -23.09
N THR C 339 27.69 9.06 -24.38
CA THR C 339 28.54 9.73 -25.37
C THR C 339 28.22 11.21 -25.44
N THR C 340 27.06 11.60 -24.94
CA THR C 340 26.61 12.99 -24.96
C THR C 340 26.28 13.43 -23.55
N HIS C 341 26.23 14.75 -23.37
CA HIS C 341 25.84 15.36 -22.10
C HIS C 341 24.33 15.49 -22.08
N SER C 342 23.66 14.52 -21.48
CA SER C 342 22.21 14.48 -21.46
C SER C 342 21.67 14.99 -20.13
N PHE C 343 20.53 15.66 -20.20
CA PHE C 343 19.85 16.22 -19.03
C PHE C 343 18.45 16.63 -19.47
N ASN C 344 17.68 17.15 -18.53
CA ASN C 344 16.34 17.65 -18.80
C ASN C 344 16.32 19.16 -18.68
N CYS C 345 15.53 19.81 -19.53
CA CYS C 345 15.46 21.28 -19.59
C CYS C 345 14.01 21.67 -19.87
N GLY C 346 13.29 22.02 -18.81
CA GLY C 346 11.91 22.44 -18.96
C GLY C 346 11.01 21.37 -19.56
N GLY C 347 11.18 20.13 -19.14
CA GLY C 347 10.37 19.04 -19.62
C GLY C 347 10.87 18.33 -20.85
N GLU C 348 11.95 18.82 -21.46
CA GLU C 348 12.55 18.18 -22.63
C GLU C 348 13.91 17.63 -22.26
N PHE C 349 14.27 16.49 -22.86
CA PHE C 349 15.52 15.82 -22.60
C PHE C 349 16.50 16.11 -23.73
N PHE C 350 17.67 16.63 -23.37
CA PHE C 350 18.68 16.98 -24.34
C PHE C 350 19.75 15.89 -24.43
N TYR C 351 20.50 15.92 -25.52
CA TYR C 351 21.67 15.06 -25.71
C TYR C 351 22.69 15.90 -26.46
N CYS C 352 23.63 16.49 -25.72
CA CYS C 352 24.51 17.51 -26.27
C CYS C 352 25.87 16.92 -26.63
N ASN C 353 26.43 17.40 -27.75
CA ASN C 353 27.67 16.87 -28.31
C ASN C 353 28.80 16.93 -27.30
N THR C 354 29.17 18.14 -26.89
CA THR C 354 30.22 18.37 -25.88
C THR C 354 31.53 17.68 -26.26
N SER C 355 31.93 17.87 -27.52
CA SER C 355 33.30 17.54 -27.92
C SER C 355 34.20 18.76 -27.91
N GLY C 356 33.64 19.96 -28.00
CA GLY C 356 34.41 21.18 -27.90
C GLY C 356 34.83 21.55 -26.50
N LEU C 357 34.27 20.89 -25.49
CA LEU C 357 34.67 21.15 -24.12
C LEU C 357 35.95 20.39 -23.77
N PHE C 358 35.90 19.06 -23.84
CA PHE C 358 37.08 18.23 -23.61
C PHE C 358 37.78 18.04 -24.94
N ASN C 359 38.55 19.06 -25.32
CA ASN C 359 39.14 19.15 -26.65
C ASN C 359 40.62 19.47 -26.64
N SER C 360 41.15 20.10 -25.60
CA SER C 360 42.50 20.64 -25.60
C SER C 360 43.47 19.72 -24.87
N THR C 361 44.74 20.10 -24.92
CA THR C 361 45.82 19.42 -24.21
C THR C 361 46.59 20.45 -23.40
N TRP C 362 47.22 19.98 -22.33
CA TRP C 362 47.91 20.87 -21.41
C TRP C 362 49.33 20.38 -21.16
N ILE C 363 50.27 21.32 -21.11
CA ILE C 363 51.68 21.03 -20.92
C ILE C 363 52.21 21.90 -19.79
N SER C 364 53.01 21.30 -18.91
CA SER C 364 53.60 22.03 -17.79
C SER C 364 54.46 23.20 -18.28
N ASN C 377 33.87 36.82 -24.16
CA ASN C 377 32.90 37.18 -25.19
C ASN C 377 32.58 35.99 -26.09
N ASP C 378 33.62 35.24 -26.46
CA ASP C 378 33.42 34.07 -27.30
C ASP C 378 32.72 32.96 -26.52
N SER C 379 31.91 32.19 -27.23
CA SER C 379 31.16 31.09 -26.64
C SER C 379 31.39 29.83 -27.45
N ILE C 380 31.33 28.68 -26.78
CA ILE C 380 31.46 27.39 -27.41
C ILE C 380 30.06 26.82 -27.63
N THR C 381 29.68 26.68 -28.89
CA THR C 381 28.35 26.17 -29.23
C THR C 381 28.38 24.65 -29.23
N LEU C 382 27.50 24.05 -28.43
CA LEU C 382 27.42 22.59 -28.35
C LEU C 382 26.18 22.13 -29.09
N PRO C 383 26.31 21.47 -30.24
CA PRO C 383 25.11 20.99 -30.95
C PRO C 383 24.43 19.86 -30.21
N CYS C 384 23.22 20.09 -29.72
CA CYS C 384 22.48 19.10 -28.97
C CYS C 384 21.39 18.47 -29.83
N ARG C 385 21.10 17.20 -29.55
CA ARG C 385 20.02 16.48 -30.20
C ARG C 385 18.98 16.12 -29.16
N ILE C 386 17.72 16.17 -29.55
CA ILE C 386 16.61 16.01 -28.63
C ILE C 386 15.98 14.64 -28.85
N LYS C 387 15.46 14.06 -27.78
CA LYS C 387 14.76 12.78 -27.85
C LYS C 387 13.47 12.87 -27.06
N GLN C 388 12.43 12.20 -27.54
CA GLN C 388 11.17 12.12 -26.83
C GLN C 388 10.96 10.78 -26.14
N ILE C 389 11.40 9.69 -26.75
CA ILE C 389 11.35 8.38 -26.12
C ILE C 389 12.55 8.27 -25.19
N ILE C 390 12.30 8.34 -23.88
CA ILE C 390 13.35 8.38 -22.87
C ILE C 390 13.21 7.15 -21.99
N ASN C 391 14.31 6.42 -21.81
CA ASN C 391 14.35 5.26 -20.93
C ASN C 391 15.43 5.51 -19.87
N MET C 392 15.05 6.21 -18.81
CA MET C 392 15.96 6.38 -17.69
C MET C 392 15.92 5.15 -16.80
N TRP C 393 17.01 4.94 -16.06
CA TRP C 393 17.20 3.81 -15.15
C TRP C 393 17.28 2.48 -15.88
N GLN C 394 17.14 2.48 -17.22
CA GLN C 394 17.24 1.28 -18.04
C GLN C 394 16.37 0.15 -17.51
N ARG C 395 15.09 0.44 -17.25
CA ARG C 395 14.17 -0.60 -16.81
C ARG C 395 13.72 -1.44 -18.00
N ILE C 396 13.67 -2.75 -17.81
CA ILE C 396 13.31 -3.66 -18.89
C ILE C 396 11.78 -3.72 -19.01
N GLY C 397 11.27 -3.26 -20.15
CA GLY C 397 9.86 -3.37 -20.47
C GLY C 397 9.08 -2.08 -20.44
N GLN C 398 9.57 -1.05 -19.72
CA GLN C 398 8.86 0.21 -19.62
C GLN C 398 9.74 1.33 -20.14
N ALA C 399 9.13 2.21 -20.93
CA ALA C 399 9.80 3.40 -21.45
C ALA C 399 8.86 4.59 -21.34
N MET C 400 9.44 5.78 -21.36
CA MET C 400 8.69 7.02 -21.17
C MET C 400 8.73 7.86 -22.43
N TYR C 401 7.58 8.44 -22.77
CA TYR C 401 7.44 9.36 -23.89
C TYR C 401 7.22 10.76 -23.33
N ALA C 402 8.22 11.61 -23.45
CA ALA C 402 8.12 12.97 -22.92
C ALA C 402 7.24 13.81 -23.83
N PRO C 403 6.14 14.39 -23.34
CA PRO C 403 5.30 15.21 -24.20
C PRO C 403 6.04 16.45 -24.64
N PRO C 404 5.77 16.95 -25.84
CA PRO C 404 6.44 18.17 -26.31
C PRO C 404 6.03 19.38 -25.49
N ILE C 405 6.94 20.35 -25.41
CA ILE C 405 6.72 21.56 -24.64
C ILE C 405 6.41 22.69 -25.59
N GLN C 406 5.28 23.37 -25.36
CA GLN C 406 4.89 24.50 -26.19
C GLN C 406 5.84 25.66 -26.00
N GLY C 407 6.12 26.36 -27.09
CA GLY C 407 6.98 27.53 -27.04
C GLY C 407 8.45 27.16 -27.06
N VAL C 408 9.27 28.20 -27.04
CA VAL C 408 10.72 28.05 -27.05
C VAL C 408 11.21 27.91 -25.62
N ILE C 409 11.96 26.86 -25.34
CA ILE C 409 12.47 26.57 -24.01
C ILE C 409 13.91 27.05 -23.91
N ARG C 410 14.23 27.70 -22.79
CA ARG C 410 15.57 28.19 -22.54
C ARG C 410 15.95 27.91 -21.10
N CYS C 411 17.13 27.36 -20.89
CA CYS C 411 17.60 26.98 -19.56
C CYS C 411 18.93 27.67 -19.26
N VAL C 412 19.08 28.13 -18.02
CA VAL C 412 20.32 28.71 -17.53
C VAL C 412 20.75 27.89 -16.34
N SER C 413 21.79 27.07 -16.51
CA SER C 413 22.23 26.15 -15.48
C SER C 413 23.67 26.44 -15.09
N ASN C 414 24.10 25.81 -14.01
CA ASN C 414 25.44 25.98 -13.46
C ASN C 414 26.21 24.69 -13.64
N ILE C 415 27.32 24.75 -14.37
CA ILE C 415 28.22 23.60 -14.51
C ILE C 415 29.07 23.56 -13.24
N THR C 416 28.75 22.63 -12.33
CA THR C 416 29.41 22.58 -11.03
C THR C 416 30.22 21.31 -10.83
N GLY C 417 30.34 20.46 -11.85
CA GLY C 417 31.10 19.23 -11.67
C GLY C 417 31.21 18.46 -12.97
N LEU C 418 32.16 17.54 -12.97
CA LEU C 418 32.44 16.69 -14.13
C LEU C 418 32.58 15.25 -13.68
N ILE C 419 32.34 14.33 -14.62
CA ILE C 419 32.55 12.91 -14.39
C ILE C 419 33.65 12.48 -15.35
N LEU C 420 34.89 12.47 -14.88
CA LEU C 420 36.03 12.15 -15.71
C LEU C 420 36.47 10.71 -15.45
N THR C 421 36.68 9.97 -16.54
CA THR C 421 37.17 8.60 -16.49
C THR C 421 38.56 8.55 -17.11
N ARG C 422 39.55 8.19 -16.30
CA ARG C 422 40.91 8.14 -16.80
C ARG C 422 41.10 6.92 -17.70
N ASP C 423 42.12 6.99 -18.55
CA ASP C 423 42.47 5.91 -19.45
C ASP C 423 43.90 5.45 -19.17
N GLY C 424 44.10 4.14 -19.17
CA GLY C 424 45.42 3.59 -18.98
C GLY C 424 46.32 3.83 -20.17
N GLY C 425 47.62 3.60 -19.96
CA GLY C 425 48.56 3.86 -21.02
C GLY C 425 49.83 3.06 -20.83
N SER C 426 50.75 3.24 -21.77
CA SER C 426 52.04 2.57 -21.72
C SER C 426 52.91 3.19 -20.62
N THR C 427 53.91 2.41 -20.19
CA THR C 427 54.82 2.88 -19.15
C THR C 427 55.76 3.98 -19.64
N ASN C 428 55.80 4.24 -20.95
CA ASN C 428 56.68 5.25 -21.53
C ASN C 428 55.96 6.57 -21.79
N SER C 429 54.74 6.72 -21.29
CA SER C 429 53.92 7.88 -21.59
C SER C 429 53.46 8.54 -20.30
N THR C 430 53.62 9.86 -20.23
CA THR C 430 53.07 10.67 -19.14
C THR C 430 51.81 11.42 -19.58
N THR C 431 51.25 11.07 -20.73
CA THR C 431 50.07 11.75 -21.25
C THR C 431 48.82 11.07 -20.71
N GLU C 432 48.41 11.50 -19.52
CA GLU C 432 47.20 10.97 -18.91
C GLU C 432 45.98 11.58 -19.60
N THR C 433 45.18 10.73 -20.23
CA THR C 433 44.02 11.18 -20.98
C THR C 433 42.75 10.95 -20.15
N PHE C 434 41.96 12.01 -19.99
CA PHE C 434 40.74 11.96 -19.21
C PHE C 434 39.56 12.26 -20.13
N ARG C 435 38.54 11.42 -20.06
CA ARG C 435 37.34 11.60 -20.87
C ARG C 435 36.11 11.70 -19.98
N PRO C 436 35.09 12.44 -20.40
CA PRO C 436 33.85 12.48 -19.63
C PRO C 436 33.19 11.11 -19.57
N GLY C 437 32.61 10.81 -18.42
CA GLY C 437 31.93 9.56 -18.19
C GLY C 437 30.51 9.81 -17.68
N GLY C 438 30.02 8.88 -16.88
CA GLY C 438 28.71 9.02 -16.29
C GLY C 438 27.86 7.78 -16.42
N GLY C 439 26.56 7.96 -16.64
CA GLY C 439 25.66 6.84 -16.76
C GLY C 439 25.14 6.38 -15.42
N ASP C 440 26.05 5.95 -14.55
CA ASP C 440 25.65 5.54 -13.20
C ASP C 440 25.29 6.78 -12.39
N MET C 441 24.00 7.05 -12.26
CA MET C 441 23.51 8.27 -11.64
C MET C 441 23.96 8.39 -10.19
N ARG C 442 24.31 7.26 -9.58
CA ARG C 442 24.86 7.30 -8.23
C ARG C 442 26.14 8.12 -8.19
N ASP C 443 26.91 8.13 -9.28
CA ASP C 443 28.06 9.03 -9.34
C ASP C 443 27.63 10.48 -9.44
N ASN C 444 26.54 10.75 -10.16
CA ASN C 444 26.01 12.11 -10.23
C ASN C 444 25.59 12.60 -8.85
N TRP C 445 25.03 11.71 -8.03
CA TRP C 445 24.44 12.10 -6.76
C TRP C 445 25.41 12.04 -5.60
N ARG C 446 26.46 11.22 -5.70
CA ARG C 446 27.42 11.11 -4.62
C ARG C 446 28.18 12.40 -4.39
N SER C 447 28.18 13.30 -5.38
CA SER C 447 28.81 14.60 -5.21
C SER C 447 28.01 15.53 -4.32
N GLU C 448 26.75 15.20 -4.02
CA GLU C 448 25.92 16.02 -3.16
C GLU C 448 25.77 15.47 -1.75
N LEU C 449 25.84 14.14 -1.58
CA LEU C 449 25.84 13.53 -0.28
C LEU C 449 27.24 13.16 0.18
N TYR C 450 28.26 13.84 -0.36
CA TYR C 450 29.63 13.46 -0.08
C TYR C 450 30.06 13.82 1.33
N LYS C 451 29.56 14.94 1.86
CA LYS C 451 29.99 15.47 3.14
C LYS C 451 29.09 15.03 4.29
N TYR C 452 28.16 14.11 4.06
CA TYR C 452 27.16 13.74 5.05
C TYR C 452 27.35 12.28 5.46
N LYS C 453 26.81 11.93 6.62
CA LYS C 453 26.89 10.57 7.13
C LYS C 453 25.74 10.33 8.09
N VAL C 454 25.36 9.06 8.22
CA VAL C 454 24.24 8.66 9.06
C VAL C 454 24.79 7.88 10.25
N VAL C 455 24.45 8.32 11.46
CA VAL C 455 24.93 7.68 12.68
C VAL C 455 23.74 7.33 13.56
N LYS C 456 23.96 6.37 14.45
CA LYS C 456 22.93 5.86 15.35
C LYS C 456 23.30 6.24 16.77
N ILE C 457 22.42 6.98 17.44
CA ILE C 457 22.70 7.42 18.80
C ILE C 457 22.51 6.26 19.76
N GLU C 458 23.53 5.99 20.57
CA GLU C 458 23.43 5.01 21.66
C GLU C 458 23.57 5.75 22.98
N PRO C 459 22.47 6.05 23.66
CA PRO C 459 22.53 6.91 24.85
C PRO C 459 22.89 6.20 26.15
N LEU C 460 23.05 4.89 26.16
CA LEU C 460 23.37 4.16 27.37
C LEU C 460 24.87 4.02 27.51
N GLY C 461 25.39 4.43 28.66
CA GLY C 461 26.79 4.28 28.95
C GLY C 461 26.98 3.85 30.39
N VAL C 462 28.10 3.17 30.63
CA VAL C 462 28.47 2.72 31.96
C VAL C 462 29.85 3.26 32.29
N ALA C 463 29.99 3.84 33.47
CA ALA C 463 31.22 4.48 33.91
C ALA C 463 31.49 4.15 35.36
N PRO C 464 32.75 4.10 35.77
CA PRO C 464 33.06 3.81 37.17
C PRO C 464 33.03 5.05 38.04
N THR C 465 32.22 5.01 39.09
CA THR C 465 32.12 6.17 40.00
C THR C 465 32.23 5.68 41.42
N ARG C 466 32.41 6.60 42.36
CA ARG C 466 32.59 6.21 43.79
C ARG C 466 31.21 6.00 44.43
N CYS C 467 30.14 6.16 43.66
CA CYS C 467 28.77 6.05 44.24
C CYS C 467 28.31 4.59 44.23
N LYS C 468 27.61 4.17 45.29
CA LYS C 468 27.05 2.78 45.33
C LYS C 468 25.57 2.88 45.73
N ARG C 469 24.69 2.25 44.95
CA ARG C 469 23.23 2.38 45.21
C ARG C 469 22.90 2.11 46.69
N ARG C 470 22.05 2.94 47.29
CA ARG C 470 21.59 2.74 48.65
C ARG C 470 20.64 1.54 48.72
N PHE D 8 25.01 25.99 27.49
CA PHE D 8 24.22 25.24 26.53
C PHE D 8 24.92 25.15 25.18
N LEU D 9 24.98 23.94 24.64
CA LEU D 9 25.57 23.71 23.32
C LEU D 9 24.63 23.07 22.32
N GLY D 10 23.70 22.23 22.78
CA GLY D 10 22.72 21.61 21.90
C GLY D 10 22.91 20.11 21.81
N PHE D 11 22.10 19.51 20.95
CA PHE D 11 22.14 18.06 20.72
C PHE D 11 23.55 17.62 20.34
N LEU D 12 24.10 16.70 21.13
CA LEU D 12 25.47 16.22 20.94
C LEU D 12 26.48 17.36 21.03
N GLY D 13 26.13 18.44 21.74
CA GLY D 13 27.03 19.57 21.85
C GLY D 13 28.32 19.21 22.56
N ALA D 14 28.24 18.39 23.61
CA ALA D 14 29.39 17.98 24.39
C ALA D 14 29.94 16.63 23.96
N ALA D 15 29.81 16.30 22.67
CA ALA D 15 30.27 15.00 22.19
C ALA D 15 31.77 14.84 22.37
N GLY D 16 32.54 15.89 22.09
CA GLY D 16 33.97 15.86 22.29
C GLY D 16 34.43 16.34 23.64
N SER D 17 33.50 16.67 24.53
CA SER D 17 33.88 17.17 25.85
C SER D 17 34.45 16.06 26.70
N THR D 18 34.90 16.43 27.89
CA THR D 18 35.37 15.44 28.86
C THR D 18 34.17 14.68 29.43
N MET D 19 34.47 13.67 30.25
CA MET D 19 33.41 12.83 30.81
C MET D 19 32.47 13.65 31.69
N GLY D 20 33.04 14.44 32.61
CA GLY D 20 32.21 15.19 33.54
C GLY D 20 31.38 16.26 32.84
N ALA D 21 31.99 17.02 31.94
CA ALA D 21 31.25 18.05 31.23
C ALA D 21 30.13 17.45 30.40
N ALA D 22 30.40 16.31 29.76
CA ALA D 22 29.35 15.64 28.99
C ALA D 22 28.22 15.18 29.90
N SER D 23 28.56 14.61 31.06
CA SER D 23 27.52 14.16 31.98
C SER D 23 26.72 15.32 32.55
N MET D 24 27.31 16.51 32.63
CA MET D 24 26.58 17.66 33.15
C MET D 24 25.37 18.03 32.28
N THR D 25 25.41 17.68 31.00
CA THR D 25 24.35 18.09 30.07
C THR D 25 23.75 16.87 29.38
N LEU D 26 23.41 15.84 30.16
CA LEU D 26 22.79 14.66 29.57
C LEU D 26 21.40 14.95 29.03
N THR D 27 20.72 15.96 29.58
CA THR D 27 19.32 16.19 29.23
C THR D 27 19.17 16.57 27.76
N VAL D 28 20.09 17.38 27.24
CA VAL D 28 19.92 17.92 25.90
C VAL D 28 19.99 16.80 24.85
N GLN D 29 20.85 15.81 25.08
CA GLN D 29 20.82 14.63 24.23
C GLN D 29 19.68 13.69 24.61
N ALA D 30 19.22 13.76 25.86
CA ALA D 30 18.17 12.85 26.31
C ALA D 30 16.81 13.23 25.76
N ARG D 31 16.59 14.50 25.43
CA ARG D 31 15.27 14.96 25.00
C ARG D 31 15.03 14.79 23.51
N ASN D 32 16.04 14.37 22.73
CA ASN D 32 15.90 14.28 21.28
C ASN D 32 15.85 12.85 20.76
N LEU D 33 15.61 11.86 21.62
CA LEU D 33 15.46 10.50 21.13
C LEU D 33 14.04 10.20 20.65
N LEU D 34 13.07 11.08 20.90
CA LEU D 34 11.70 10.73 20.53
C LEU D 34 11.13 11.71 19.52
N SER D 35 11.66 12.92 19.51
CA SER D 35 11.27 13.92 18.51
C SER D 35 12.31 15.03 18.44
N LEU D 55 -1.91 10.85 6.13
CA LEU D 55 -1.02 10.65 5.01
C LEU D 55 -1.39 9.38 4.24
N LYS D 56 -0.96 9.32 2.98
CA LYS D 56 -1.28 8.20 2.10
C LYS D 56 -0.14 7.18 2.08
N LEU D 57 -0.33 6.12 1.31
CA LEU D 57 0.66 5.05 1.18
C LEU D 57 1.64 5.34 0.05
N THR D 58 2.22 6.54 0.08
CA THR D 58 3.21 6.97 -0.89
C THR D 58 4.60 6.61 -0.36
N VAL D 59 5.57 6.55 -1.27
CA VAL D 59 6.94 6.17 -0.90
C VAL D 59 7.44 7.05 0.24
N TRP D 60 7.27 8.37 0.11
CA TRP D 60 7.65 9.26 1.20
C TRP D 60 6.83 8.97 2.44
N GLY D 61 5.53 8.73 2.29
CA GLY D 61 4.70 8.43 3.43
C GLY D 61 5.09 7.16 4.14
N ILE D 62 5.35 6.10 3.39
CA ILE D 62 5.71 4.83 4.02
C ILE D 62 7.09 4.94 4.67
N LYS D 63 8.01 5.68 4.06
CA LYS D 63 9.31 5.88 4.70
C LYS D 63 9.17 6.67 5.99
N GLN D 64 8.30 7.69 5.98
CA GLN D 64 8.05 8.45 7.20
C GLN D 64 7.49 7.56 8.30
N LEU D 65 6.53 6.70 7.95
CA LEU D 65 5.93 5.83 8.95
C LEU D 65 6.95 4.84 9.50
N GLN D 66 7.78 4.25 8.62
CA GLN D 66 8.81 3.33 9.08
C GLN D 66 9.79 4.03 10.01
N ALA D 67 10.20 5.25 9.66
CA ALA D 67 11.11 6.00 10.52
C ALA D 67 10.49 6.28 11.88
N ARG D 68 9.21 6.67 11.89
CA ARG D 68 8.52 6.95 13.14
C ARG D 68 8.50 5.71 14.04
N VAL D 69 8.13 4.57 13.46
CA VAL D 69 8.05 3.34 14.25
C VAL D 69 9.44 2.92 14.73
N LEU D 70 10.45 3.07 13.89
CA LEU D 70 11.80 2.72 14.30
C LEU D 70 12.24 3.58 15.47
N ALA D 71 11.97 4.89 15.42
CA ALA D 71 12.36 5.77 16.50
C ALA D 71 11.67 5.40 17.80
N VAL D 72 10.35 5.16 17.73
CA VAL D 72 9.62 4.86 18.96
C VAL D 72 10.08 3.53 19.55
N GLU D 73 10.34 2.53 18.71
CA GLU D 73 10.80 1.25 19.22
C GLU D 73 12.20 1.36 19.83
N ARG D 74 13.09 2.13 19.20
CA ARG D 74 14.42 2.29 19.77
C ARG D 74 14.35 2.99 21.13
N TYR D 75 13.52 4.03 21.23
CA TYR D 75 13.37 4.71 22.51
C TYR D 75 12.85 3.75 23.57
N LEU D 76 11.84 2.95 23.24
CA LEU D 76 11.30 2.06 24.27
C LEU D 76 12.25 0.93 24.61
N ARG D 77 13.07 0.47 23.65
CA ARG D 77 14.09 -0.50 24.00
C ARG D 77 15.04 0.08 25.03
N ASP D 78 15.48 1.31 24.81
CA ASP D 78 16.39 1.93 25.77
C ASP D 78 15.72 2.15 27.12
N GLN D 79 14.46 2.60 27.11
CA GLN D 79 13.75 2.85 28.36
C GLN D 79 13.50 1.56 29.13
N GLN D 80 13.13 0.48 28.43
CA GLN D 80 12.97 -0.81 29.08
C GLN D 80 14.29 -1.30 29.66
N LEU D 81 15.38 -1.14 28.93
CA LEU D 81 16.68 -1.59 29.42
C LEU D 81 17.07 -0.83 30.68
N LEU D 82 16.77 0.47 30.72
CA LEU D 82 16.95 1.20 31.98
C LEU D 82 16.03 0.66 33.07
N GLY D 83 14.79 0.35 32.71
CA GLY D 83 13.82 -0.07 33.71
C GLY D 83 14.20 -1.37 34.39
N ILE D 84 14.84 -2.28 33.65
CA ILE D 84 15.24 -3.55 34.24
C ILE D 84 16.23 -3.33 35.37
N TRP D 85 17.17 -2.41 35.19
CA TRP D 85 18.17 -2.11 36.22
C TRP D 85 17.64 -1.21 37.31
N GLY D 86 16.34 -0.98 37.37
CA GLY D 86 15.79 -0.15 38.43
C GLY D 86 16.31 1.28 38.40
N CYS D 87 16.49 1.84 37.21
CA CYS D 87 16.98 3.20 37.06
C CYS D 87 16.08 4.04 36.17
N SER D 88 14.81 3.65 36.02
CA SER D 88 13.89 4.40 35.18
C SER D 88 13.65 5.78 35.76
N GLY D 89 13.67 6.78 34.88
CA GLY D 89 13.46 8.16 35.29
C GLY D 89 14.68 8.87 35.83
N LYS D 90 15.82 8.18 35.85
CA LYS D 90 17.06 8.78 36.41
C LYS D 90 18.12 8.88 35.32
N LEU D 91 18.57 10.10 35.01
CA LEU D 91 19.63 10.30 33.99
C LEU D 91 20.93 9.64 34.48
N ILE D 92 21.30 9.86 35.74
CA ILE D 92 22.51 9.20 36.31
C ILE D 92 22.07 8.32 37.49
N CYS D 93 22.29 7.01 37.39
CA CYS D 93 21.80 6.08 38.44
C CYS D 93 22.92 5.13 38.87
N CYS D 94 23.06 4.89 40.17
CA CYS D 94 24.16 4.03 40.69
C CYS D 94 23.65 2.60 40.89
N THR D 95 24.57 1.64 41.05
CA THR D 95 24.16 0.22 41.15
C THR D 95 24.96 -0.46 42.24
N ASN D 96 24.84 -1.79 42.35
CA ASN D 96 25.55 -2.58 43.36
C ASN D 96 26.25 -3.78 42.75
N VAL D 97 26.99 -3.57 41.67
CA VAL D 97 27.87 -4.59 41.11
C VAL D 97 29.28 -4.01 41.05
N PRO D 98 30.29 -4.70 41.56
CA PRO D 98 31.65 -4.17 41.50
C PRO D 98 32.19 -4.15 40.08
N TRP D 99 33.15 -3.27 39.84
CA TRP D 99 33.78 -3.14 38.53
C TRP D 99 35.07 -3.95 38.54
N ASN D 100 35.03 -5.11 37.87
CA ASN D 100 36.24 -5.90 37.68
C ASN D 100 37.25 -5.13 36.85
N SER D 101 38.49 -5.07 37.33
CA SER D 101 39.52 -4.29 36.66
C SER D 101 39.86 -4.84 35.28
N SER D 102 39.42 -6.06 34.96
CA SER D 102 39.67 -6.60 33.63
C SER D 102 39.03 -5.75 32.54
N TRP D 103 37.88 -5.15 32.82
CA TRP D 103 37.23 -4.28 31.83
C TRP D 103 38.07 -3.04 31.56
N SER D 104 38.47 -2.34 32.62
CA SER D 104 39.33 -1.17 32.49
C SER D 104 39.93 -0.79 33.85
N ASN D 105 41.25 -0.68 33.90
CA ASN D 105 41.95 -0.34 35.13
C ASN D 105 42.42 1.11 35.16
N ARG D 106 41.91 1.95 34.27
CA ARG D 106 42.38 3.32 34.19
C ARG D 106 41.99 4.12 35.43
N ASN D 107 42.83 5.09 35.76
CA ASN D 107 42.57 5.94 36.91
C ASN D 107 41.36 6.84 36.65
N LEU D 108 40.62 7.14 37.72
CA LEU D 108 39.40 7.92 37.59
C LEU D 108 39.69 9.33 37.08
N SER D 109 40.74 9.96 37.59
CA SER D 109 41.04 11.33 37.20
C SER D 109 41.32 11.41 35.69
N GLU D 110 42.07 10.44 35.17
CA GLU D 110 42.32 10.39 33.74
C GLU D 110 41.03 10.17 32.96
N ILE D 111 40.15 9.32 33.49
CA ILE D 111 38.92 8.97 32.77
C ILE D 111 37.99 10.18 32.69
N TRP D 112 37.77 10.84 33.81
CA TRP D 112 36.75 11.89 33.90
C TRP D 112 37.26 13.27 33.54
N ASP D 113 38.54 13.42 33.23
CA ASP D 113 39.08 14.72 32.87
C ASP D 113 39.87 14.71 31.57
N ASN D 114 40.27 13.54 31.07
CA ASN D 114 41.06 13.44 29.86
C ASN D 114 40.56 12.28 28.99
N MET D 115 39.25 12.22 28.79
CA MET D 115 38.64 11.20 27.94
C MET D 115 37.24 11.64 27.55
N THR D 116 36.83 11.27 26.34
CA THR D 116 35.48 11.52 25.85
C THR D 116 34.72 10.21 25.78
N TRP D 117 33.38 10.33 25.74
CA TRP D 117 32.52 9.15 25.80
C TRP D 117 32.76 8.22 24.61
N LEU D 118 33.22 8.76 23.48
CA LEU D 118 33.41 7.93 22.29
C LEU D 118 34.46 6.86 22.54
N GLN D 119 35.64 7.25 23.02
CA GLN D 119 36.68 6.27 23.32
C GLN D 119 36.23 5.33 24.42
N TRP D 120 35.47 5.83 25.39
CA TRP D 120 35.01 5.00 26.49
C TRP D 120 34.12 3.88 25.98
N ASP D 121 33.19 4.19 25.08
CA ASP D 121 32.39 3.13 24.48
C ASP D 121 33.24 2.26 23.57
N LYS D 122 34.27 2.84 22.95
CA LYS D 122 35.14 2.08 22.07
C LYS D 122 35.83 0.95 22.82
N GLU D 123 36.31 1.22 24.03
CA GLU D 123 37.13 0.25 24.75
C GLU D 123 36.34 -0.68 25.66
N ILE D 124 35.02 -0.56 25.73
CA ILE D 124 34.22 -1.48 26.51
C ILE D 124 33.08 -2.09 25.68
N SER D 125 33.27 -2.13 24.35
CA SER D 125 32.20 -2.65 23.50
C SER D 125 31.94 -4.13 23.76
N ASN D 126 32.97 -4.88 24.15
CA ASN D 126 32.83 -6.33 24.29
C ASN D 126 32.27 -6.76 25.63
N TYR D 127 32.58 -6.05 26.72
CA TYR D 127 32.13 -6.43 28.05
C TYR D 127 30.74 -5.91 28.37
N THR D 128 30.05 -5.30 27.41
CA THR D 128 28.77 -4.65 27.71
C THR D 128 27.73 -5.65 28.17
N GLN D 129 27.65 -6.81 27.51
CA GLN D 129 26.56 -7.75 27.79
C GLN D 129 26.66 -8.32 29.20
N ILE D 130 27.87 -8.70 29.64
CA ILE D 130 28.01 -9.26 30.98
C ILE D 130 27.72 -8.20 32.03
N ILE D 131 28.09 -6.94 31.75
CA ILE D 131 27.74 -5.85 32.65
C ILE D 131 26.23 -5.73 32.76
N TYR D 132 25.52 -5.79 31.62
CA TYR D 132 24.07 -5.67 31.65
C TYR D 132 23.45 -6.82 32.44
N GLY D 133 23.98 -8.03 32.27
CA GLY D 133 23.46 -9.16 33.03
C GLY D 133 23.68 -9.01 34.51
N LEU D 134 24.87 -8.54 34.91
CA LEU D 134 25.13 -8.29 36.33
C LEU D 134 24.18 -7.24 36.87
N LEU D 135 23.94 -6.18 36.10
CA LEU D 135 22.98 -5.15 36.49
C LEU D 135 21.60 -5.77 36.74
N GLU D 136 21.12 -6.57 35.80
CA GLU D 136 19.80 -7.17 35.94
C GLU D 136 19.72 -8.05 37.17
N GLU D 137 20.72 -8.91 37.37
CA GLU D 137 20.70 -9.81 38.52
C GLU D 137 20.74 -9.04 39.83
N SER D 138 21.59 -8.01 39.90
CA SER D 138 21.69 -7.22 41.12
C SER D 138 20.38 -6.51 41.43
N GLN D 139 19.73 -5.95 40.39
CA GLN D 139 18.45 -5.29 40.61
C GLN D 139 17.42 -6.27 41.14
N ASN D 140 17.35 -7.45 40.54
CA ASN D 140 16.36 -8.43 40.98
C ASN D 140 16.59 -8.83 42.43
N GLN D 141 17.85 -9.13 42.77
CA GLN D 141 18.15 -9.56 44.14
C GLN D 141 17.90 -8.44 45.14
N GLN D 142 18.28 -7.21 44.81
CA GLN D 142 18.05 -6.09 45.71
C GLN D 142 16.56 -5.86 45.93
N GLU D 143 15.77 -5.96 44.86
CA GLU D 143 14.34 -5.75 45.01
C GLU D 143 13.70 -6.85 45.85
N LYS D 144 14.14 -8.10 45.67
CA LYS D 144 13.64 -9.18 46.51
C LYS D 144 14.00 -8.96 47.97
N ASN D 145 15.22 -8.52 48.24
CA ASN D 145 15.60 -8.22 49.62
C ASN D 145 14.75 -7.09 50.19
N GLU D 146 14.46 -6.08 49.38
CA GLU D 146 13.62 -4.98 49.85
C GLU D 146 12.22 -5.48 50.18
N GLN D 147 11.68 -6.37 49.35
CA GLN D 147 10.37 -6.95 49.66
C GLN D 147 10.41 -7.74 50.96
N ASP D 148 11.46 -8.53 51.16
CA ASP D 148 11.58 -9.31 52.38
C ASP D 148 11.60 -8.40 53.60
N LEU D 149 12.35 -7.29 53.52
CA LEU D 149 12.39 -6.35 54.63
C LEU D 149 11.02 -5.68 54.83
N LEU D 150 10.33 -5.36 53.75
CA LEU D 150 9.02 -4.72 53.87
C LEU D 150 7.97 -5.66 54.43
N ALA D 151 8.15 -6.97 54.29
CA ALA D 151 7.13 -7.90 54.77
C ALA D 151 7.39 -8.32 56.21
N LEU D 152 8.52 -8.96 56.45
CA LEU D 152 8.92 -9.49 57.75
C LEU D 152 7.75 -9.98 58.62
N ASN E 1 -2.13 -11.22 58.65
CA ASN E 1 -2.69 -10.25 57.71
C ASN E 1 -2.14 -10.50 56.31
N LEU E 2 -2.74 -9.89 55.30
CA LEU E 2 -2.35 -10.12 53.92
C LEU E 2 -2.51 -8.85 53.10
N TRP E 3 -1.75 -8.77 52.01
CA TRP E 3 -1.85 -7.69 51.04
C TRP E 3 -1.51 -8.26 49.67
N VAL E 4 -1.94 -7.55 48.62
CA VAL E 4 -1.67 -8.00 47.26
C VAL E 4 -0.38 -7.36 46.79
N THR E 5 0.36 -8.10 45.96
CA THR E 5 1.61 -7.64 45.38
C THR E 5 1.56 -7.86 43.88
N VAL E 6 1.87 -6.82 43.11
CA VAL E 6 1.81 -6.89 41.66
C VAL E 6 3.14 -7.43 41.15
N TYR E 7 3.07 -8.33 40.17
CA TYR E 7 4.25 -8.96 39.59
C TYR E 7 4.35 -8.61 38.12
N TYR E 8 5.57 -8.39 37.64
CA TYR E 8 5.83 -8.14 36.24
C TYR E 8 6.66 -9.28 35.67
N GLY E 9 6.28 -9.75 34.49
CA GLY E 9 7.04 -10.79 33.82
C GLY E 9 6.73 -12.20 34.25
N VAL E 10 5.56 -12.45 34.82
CA VAL E 10 5.20 -13.80 35.24
C VAL E 10 5.01 -14.67 34.00
N PRO E 11 5.32 -15.95 34.07
CA PRO E 11 5.12 -16.84 32.91
C PRO E 11 3.67 -17.29 32.77
N VAL E 12 2.83 -16.39 32.26
CA VAL E 12 1.41 -16.65 32.06
C VAL E 12 1.06 -16.36 30.61
N TRP E 13 0.33 -17.27 29.98
CA TRP E 13 -0.08 -17.12 28.60
C TRP E 13 -1.55 -17.46 28.44
N LYS E 14 -2.16 -16.88 27.41
CA LYS E 14 -3.52 -17.17 27.02
C LYS E 14 -3.57 -17.42 25.52
N ASP E 15 -4.51 -18.27 25.10
CA ASP E 15 -4.68 -18.52 23.68
C ASP E 15 -5.18 -17.26 22.99
N ALA E 16 -4.53 -16.90 21.88
CA ALA E 16 -4.87 -15.66 21.19
C ALA E 16 -4.50 -15.76 19.73
N GLU E 17 -5.02 -14.83 18.95
CA GLU E 17 -4.81 -14.77 17.51
C GLU E 17 -4.03 -13.50 17.17
N THR E 18 -3.02 -13.63 16.31
CA THR E 18 -2.19 -12.50 15.97
C THR E 18 -1.54 -12.74 14.61
N THR E 19 -0.97 -11.68 14.05
CA THR E 19 -0.31 -11.74 12.75
C THR E 19 1.10 -12.27 12.92
N LEU E 20 1.49 -13.22 12.07
CA LEU E 20 2.80 -13.84 12.13
C LEU E 20 3.60 -13.44 10.90
N PHE E 21 4.80 -12.91 11.12
CA PHE E 21 5.67 -12.57 10.01
C PHE E 21 6.60 -13.73 9.69
N CYS E 22 7.12 -13.72 8.47
CA CYS E 22 7.94 -14.82 7.98
C CYS E 22 9.42 -14.57 8.22
N ALA E 23 10.16 -15.67 8.35
CA ALA E 23 11.61 -15.64 8.44
C ALA E 23 12.16 -16.82 7.65
N SER E 24 13.19 -16.58 6.85
CA SER E 24 13.80 -17.62 6.05
C SER E 24 15.31 -17.52 6.14
N ASP E 25 15.98 -18.66 6.05
CA ASP E 25 17.44 -18.71 6.15
C ASP E 25 18.09 -18.60 4.77
N LYS E 33 17.83 -15.69 -7.02
CA LYS E 33 16.65 -15.77 -7.88
C LYS E 33 15.39 -15.40 -7.11
N HIS E 34 14.47 -14.73 -7.79
CA HIS E 34 13.20 -14.37 -7.18
C HIS E 34 12.34 -15.63 -7.00
N ASN E 35 11.42 -15.54 -6.04
CA ASN E 35 10.54 -16.67 -5.71
C ASN E 35 9.11 -16.19 -5.60
N VAL E 36 8.18 -17.09 -5.93
CA VAL E 36 6.76 -16.75 -5.85
C VAL E 36 6.38 -16.41 -4.41
N TRP E 37 6.96 -17.11 -3.44
CA TRP E 37 6.90 -16.68 -2.05
C TRP E 37 8.08 -15.77 -1.77
N ALA E 38 7.79 -14.54 -1.33
CA ALA E 38 8.84 -13.54 -1.18
C ALA E 38 9.72 -13.85 0.01
N THR E 39 10.56 -14.89 -0.11
CA THR E 39 11.50 -15.21 0.96
C THR E 39 12.51 -14.11 1.16
N HIS E 40 12.84 -13.36 0.10
CA HIS E 40 13.74 -12.24 0.26
C HIS E 40 13.14 -11.15 1.13
N ALA E 41 11.81 -11.07 1.18
CA ALA E 41 11.15 -10.13 2.08
C ALA E 41 11.10 -10.61 3.52
N CYS E 42 11.35 -11.89 3.77
CA CYS E 42 11.42 -12.40 5.12
C CYS E 42 12.65 -11.86 5.83
N VAL E 43 12.51 -11.60 7.12
CA VAL E 43 13.65 -11.20 7.95
C VAL E 43 14.59 -12.39 8.06
N PRO E 44 15.91 -12.17 8.08
CA PRO E 44 16.85 -13.29 8.21
C PRO E 44 16.74 -13.91 9.59
N THR E 45 16.38 -15.19 9.64
CA THR E 45 16.26 -15.88 10.90
C THR E 45 17.62 -16.04 11.57
N ASP E 46 17.59 -16.19 12.89
CA ASP E 46 18.82 -16.41 13.63
C ASP E 46 19.44 -17.74 13.22
N PRO E 47 20.76 -17.80 13.05
CA PRO E 47 21.40 -19.08 12.70
C PRO E 47 21.16 -20.15 13.75
N ASN E 48 21.05 -19.78 15.02
CA ASN E 48 20.80 -20.73 16.10
C ASN E 48 19.45 -20.42 16.74
N PRO E 49 18.39 -21.14 16.38
CA PRO E 49 17.10 -20.92 17.02
C PRO E 49 17.15 -21.28 18.49
N GLN E 50 16.39 -20.54 19.29
CA GLN E 50 16.28 -20.79 20.72
C GLN E 50 15.03 -21.60 21.00
N GLU E 51 15.20 -22.74 21.67
CA GLU E 51 14.09 -23.60 22.05
C GLU E 51 14.21 -23.92 23.53
N ILE E 52 13.11 -23.77 24.26
CA ILE E 52 13.10 -23.89 25.71
C ILE E 52 12.07 -24.93 26.11
N HIS E 53 12.48 -25.89 26.93
CA HIS E 53 11.61 -26.96 27.38
C HIS E 53 10.85 -26.50 28.63
N LEU E 54 9.52 -26.63 28.60
CA LEU E 54 8.66 -26.18 29.69
C LEU E 54 8.20 -27.40 30.47
N GLU E 55 9.03 -27.82 31.42
CA GLU E 55 8.66 -28.93 32.29
C GLU E 55 7.51 -28.51 33.20
N ASN E 56 6.71 -29.49 33.61
CA ASN E 56 5.52 -29.38 34.46
C ASN E 56 4.33 -28.81 33.72
N VAL E 57 4.44 -28.49 32.43
CA VAL E 57 3.41 -27.77 31.69
C VAL E 57 2.57 -28.75 30.91
N THR E 58 1.25 -28.60 31.00
CA THR E 58 0.29 -29.38 30.23
C THR E 58 -0.68 -28.42 29.55
N GLU E 59 -0.57 -28.29 28.23
CA GLU E 59 -1.34 -27.33 27.46
C GLU E 59 -2.24 -28.04 26.46
N GLU E 60 -3.46 -27.54 26.31
CA GLU E 60 -4.39 -28.10 25.34
C GLU E 60 -4.05 -27.60 23.94
N PHE E 61 -4.10 -28.49 22.96
CA PHE E 61 -3.81 -28.15 21.57
C PHE E 61 -4.96 -28.57 20.68
N ASN E 62 -5.06 -27.96 19.49
CA ASN E 62 -6.11 -28.36 18.52
C ASN E 62 -5.80 -27.77 17.14
N MET E 63 -5.25 -28.60 16.23
CA MET E 63 -4.90 -28.11 14.91
C MET E 63 -6.08 -27.47 14.22
N TRP E 64 -7.26 -28.08 14.40
CA TRP E 64 -8.44 -27.61 13.63
C TRP E 64 -8.81 -26.17 14.03
N LYS E 65 -8.88 -25.88 15.33
CA LYS E 65 -9.30 -24.54 15.78
C LYS E 65 -8.10 -23.59 15.79
N ASN E 66 -6.93 -24.07 15.33
CA ASN E 66 -5.74 -23.22 15.26
C ASN E 66 -5.92 -22.16 14.19
N ASN E 67 -5.55 -20.92 14.53
CA ASN E 67 -5.61 -19.84 13.55
C ASN E 67 -4.53 -20.00 12.49
N MET E 68 -3.38 -20.54 12.88
CA MET E 68 -2.21 -20.51 12.00
C MET E 68 -2.49 -21.07 10.62
N VAL E 69 -3.33 -22.09 10.52
CA VAL E 69 -3.63 -22.68 9.21
C VAL E 69 -4.40 -21.69 8.34
N GLU E 70 -5.43 -21.06 8.90
CA GLU E 70 -6.18 -20.06 8.12
C GLU E 70 -5.30 -18.88 7.74
N GLN E 71 -4.50 -18.41 8.70
CA GLN E 71 -3.62 -17.27 8.42
C GLN E 71 -2.62 -17.61 7.33
N MET E 72 -2.05 -18.81 7.37
CA MET E 72 -1.05 -19.17 6.38
C MET E 72 -1.68 -19.45 5.03
N HIS E 73 -2.91 -19.97 5.00
CA HIS E 73 -3.63 -20.09 3.75
C HIS E 73 -3.84 -18.72 3.12
N THR E 74 -4.25 -17.75 3.93
CA THR E 74 -4.37 -16.38 3.45
C THR E 74 -3.05 -15.84 2.94
N ASP E 75 -1.97 -16.11 3.68
CA ASP E 75 -0.65 -15.61 3.29
C ASP E 75 -0.22 -16.19 1.94
N ILE E 76 -0.39 -17.50 1.77
CA ILE E 76 0.02 -18.12 0.51
C ILE E 76 -0.82 -17.61 -0.64
N ILE E 77 -2.13 -17.45 -0.43
CA ILE E 77 -2.97 -16.93 -1.51
C ILE E 77 -2.54 -15.51 -1.87
N SER E 78 -2.25 -14.69 -0.86
CA SER E 78 -1.81 -13.32 -1.15
C SER E 78 -0.51 -13.31 -1.93
N LEU E 79 0.46 -14.14 -1.53
CA LEU E 79 1.73 -14.20 -2.28
C LEU E 79 1.49 -14.67 -3.70
N TRP E 80 0.65 -15.69 -3.87
CA TRP E 80 0.37 -16.21 -5.21
C TRP E 80 -0.24 -15.13 -6.08
N ASP E 81 -1.18 -14.36 -5.54
CA ASP E 81 -1.79 -13.28 -6.31
C ASP E 81 -0.78 -12.19 -6.64
N GLN E 82 0.05 -11.83 -5.66
CA GLN E 82 0.99 -10.73 -5.86
C GLN E 82 2.04 -11.08 -6.90
N SER E 83 2.46 -12.34 -6.97
CA SER E 83 3.53 -12.71 -7.88
C SER E 83 3.13 -12.63 -9.35
N LEU E 84 1.84 -12.46 -9.65
CA LEU E 84 1.39 -12.34 -11.04
C LEU E 84 1.04 -10.92 -11.46
N LYS E 85 1.00 -9.97 -10.53
CA LYS E 85 0.67 -8.60 -10.92
C LYS E 85 1.67 -8.01 -11.92
N PRO E 86 3.00 -8.11 -11.72
CA PRO E 86 3.95 -7.63 -12.74
C PRO E 86 4.28 -8.70 -13.78
N CYS E 87 3.24 -9.32 -14.33
CA CYS E 87 3.40 -10.37 -15.33
C CYS E 87 2.47 -10.10 -16.50
N VAL E 88 2.88 -10.58 -17.68
CA VAL E 88 2.16 -10.29 -18.91
C VAL E 88 0.76 -10.91 -18.85
N LYS E 89 -0.23 -10.15 -19.32
CA LYS E 89 -1.60 -10.63 -19.40
C LYS E 89 -1.85 -11.21 -20.78
N LEU E 90 -2.25 -12.47 -20.84
CA LEU E 90 -2.44 -13.15 -22.12
C LEU E 90 -3.87 -13.00 -22.62
N THR E 91 -4.37 -11.78 -22.69
CA THR E 91 -5.71 -11.60 -23.24
C THR E 91 -5.78 -11.84 -24.76
N PRO E 92 -4.73 -11.57 -25.56
CA PRO E 92 -4.86 -11.84 -27.01
C PRO E 92 -4.87 -13.32 -27.35
N LEU E 93 -4.43 -14.20 -26.46
CA LEU E 93 -4.43 -15.62 -26.78
C LEU E 93 -5.84 -16.17 -26.97
N CYS E 94 -6.86 -15.49 -26.45
CA CYS E 94 -8.22 -15.95 -26.64
C CYS E 94 -8.67 -15.71 -28.07
N VAL E 95 -8.07 -16.42 -29.00
CA VAL E 95 -8.35 -16.29 -30.43
C VAL E 95 -8.56 -17.69 -30.98
N THR E 96 -9.33 -17.77 -32.06
CA THR E 96 -9.66 -19.06 -32.66
C THR E 96 -8.39 -19.82 -33.02
N LEU E 97 -8.35 -21.09 -32.67
CA LEU E 97 -7.19 -21.94 -32.88
C LEU E 97 -7.47 -22.94 -33.98
N GLN E 98 -6.44 -23.29 -34.72
CA GLN E 98 -6.49 -24.39 -35.69
C GLN E 98 -5.50 -25.45 -35.23
N CYS E 99 -6.02 -26.50 -34.61
CA CYS E 99 -5.21 -27.51 -33.96
C CYS E 99 -5.26 -28.81 -34.75
N THR E 100 -4.10 -29.40 -34.99
CA THR E 100 -3.96 -30.71 -35.62
C THR E 100 -3.23 -31.63 -34.67
N ASN E 101 -3.68 -32.88 -34.59
CA ASN E 101 -3.04 -33.84 -33.70
C ASN E 101 -1.58 -34.04 -34.11
N VAL E 102 -0.70 -34.03 -33.11
CA VAL E 102 0.70 -34.37 -33.33
C VAL E 102 0.82 -35.88 -33.30
N THR E 103 1.37 -36.46 -34.38
CA THR E 103 1.41 -37.91 -34.52
C THR E 103 2.75 -38.41 -35.01
N ASN E 104 3.82 -37.64 -34.84
CA ASN E 104 5.16 -38.07 -35.23
C ASN E 104 5.94 -38.47 -33.99
N ASN E 105 6.46 -39.69 -33.98
CA ASN E 105 7.28 -40.22 -32.90
C ASN E 105 6.56 -40.12 -31.55
N ILE E 106 5.30 -40.56 -31.54
CA ILE E 106 4.50 -40.61 -30.33
C ILE E 106 4.22 -42.05 -29.98
N THR E 107 4.02 -42.31 -28.69
CA THR E 107 3.78 -43.66 -28.21
C THR E 107 2.29 -43.97 -28.22
N ASP E 108 1.95 -45.14 -27.67
CA ASP E 108 0.55 -45.58 -27.64
C ASP E 108 -0.30 -44.65 -26.78
N ASP E 109 0.23 -44.22 -25.65
CA ASP E 109 -0.53 -43.37 -24.73
C ASP E 109 -0.53 -41.89 -25.12
N MET E 110 0.26 -41.48 -26.12
CA MET E 110 0.34 -40.09 -26.55
C MET E 110 -0.59 -39.75 -27.71
N ARG E 111 -1.48 -40.67 -28.10
CA ARG E 111 -2.42 -40.36 -29.17
C ARG E 111 -3.41 -39.30 -28.69
N GLY E 112 -3.24 -38.07 -29.16
CA GLY E 112 -4.19 -37.01 -28.91
C GLY E 112 -4.00 -36.22 -27.64
N GLU E 113 -2.96 -36.48 -26.85
CA GLU E 113 -2.74 -35.68 -25.65
C GLU E 113 -2.17 -34.30 -25.97
N LEU E 114 -1.39 -34.18 -27.04
CA LEU E 114 -0.86 -32.89 -27.46
C LEU E 114 -1.50 -32.46 -28.77
N LYS E 115 -1.71 -31.16 -28.89
CA LYS E 115 -2.34 -30.57 -30.08
C LYS E 115 -1.41 -29.52 -30.68
N ASN E 116 -1.26 -29.57 -32.00
CA ASN E 116 -0.43 -28.61 -32.74
C ASN E 116 -1.37 -27.50 -33.24
N CYS E 117 -1.43 -26.40 -32.50
CA CYS E 117 -2.35 -25.32 -32.79
C CYS E 117 -1.62 -24.15 -33.43
N SER E 118 -2.18 -23.63 -34.52
CA SER E 118 -1.66 -22.45 -35.18
C SER E 118 -2.74 -21.37 -35.18
N PHE E 119 -2.32 -20.13 -34.92
CA PHE E 119 -3.27 -19.05 -34.73
C PHE E 119 -2.67 -17.73 -35.18
N ASN E 120 -3.54 -16.83 -35.63
CA ASN E 120 -3.12 -15.46 -35.87
C ASN E 120 -2.91 -14.75 -34.54
N MET E 121 -1.86 -13.94 -34.47
CA MET E 121 -1.52 -13.25 -33.24
C MET E 121 -1.01 -11.86 -33.56
N THR E 122 -1.34 -10.91 -32.67
CA THR E 122 -0.86 -9.54 -32.82
C THR E 122 0.65 -9.48 -32.65
N THR E 123 1.32 -8.79 -33.56
CA THR E 123 2.75 -8.60 -33.50
C THR E 123 3.05 -7.26 -32.80
N GLU E 124 4.32 -6.85 -32.85
CA GLU E 124 4.70 -5.58 -32.24
C GLU E 124 3.91 -4.43 -32.84
N LEU E 125 3.84 -4.39 -34.16
CA LEU E 125 3.08 -3.35 -34.85
C LEU E 125 1.59 -3.68 -34.75
N ARG E 126 0.80 -2.74 -34.23
CA ARG E 126 -0.59 -3.04 -33.92
C ARG E 126 -1.38 -3.44 -35.16
N ASP E 127 -1.22 -2.69 -36.25
CA ASP E 127 -1.98 -3.01 -37.46
C ASP E 127 -1.54 -4.35 -38.05
N LYS E 128 -0.24 -4.62 -38.04
CA LYS E 128 0.27 -5.86 -38.59
C LYS E 128 -0.11 -7.05 -37.70
N LYS E 129 -0.24 -8.22 -38.32
CA LYS E 129 -0.56 -9.45 -37.64
C LYS E 129 0.43 -10.53 -38.06
N GLN E 130 0.38 -11.67 -37.38
CA GLN E 130 1.33 -12.74 -37.64
C GLN E 130 0.69 -14.09 -37.31
N LYS E 131 1.02 -15.09 -38.11
CA LYS E 131 0.57 -16.46 -37.90
C LYS E 131 1.70 -17.25 -37.26
N VAL E 132 1.45 -17.79 -36.07
CA VAL E 132 2.42 -18.61 -35.35
C VAL E 132 1.73 -19.88 -34.91
N TYR E 133 2.53 -20.82 -34.41
CA TYR E 133 2.02 -22.11 -33.97
C TYR E 133 2.60 -22.48 -32.62
N SER E 134 1.87 -23.28 -31.85
CA SER E 134 2.30 -23.68 -30.53
C SER E 134 1.72 -25.06 -30.22
N LEU E 135 2.31 -25.71 -29.23
CA LEU E 135 1.89 -27.04 -28.79
C LEU E 135 1.16 -26.89 -27.46
N PHE E 136 -0.13 -27.20 -27.45
CA PHE E 136 -0.95 -27.12 -26.26
C PHE E 136 -1.47 -28.51 -25.91
N TYR E 137 -1.40 -28.85 -24.61
CA TYR E 137 -1.89 -30.14 -24.17
C TYR E 137 -3.41 -30.18 -24.28
N ARG E 138 -3.94 -31.40 -24.46
CA ARG E 138 -5.36 -31.55 -24.74
C ARG E 138 -6.24 -30.94 -23.66
N LEU E 139 -5.76 -30.93 -22.42
CA LEU E 139 -6.57 -30.42 -21.32
C LEU E 139 -6.66 -28.90 -21.31
N ASP E 140 -5.81 -28.21 -22.05
CA ASP E 140 -5.85 -26.75 -22.10
C ASP E 140 -6.77 -26.21 -23.19
N VAL E 141 -7.00 -26.99 -24.24
CA VAL E 141 -7.78 -26.55 -25.39
C VAL E 141 -9.06 -27.37 -25.45
N VAL E 142 -10.16 -26.71 -25.81
CA VAL E 142 -11.46 -27.34 -25.94
C VAL E 142 -11.99 -27.09 -27.35
N GLN E 143 -12.61 -28.11 -27.93
CA GLN E 143 -13.16 -27.99 -29.26
C GLN E 143 -14.33 -27.02 -29.27
N ILE E 144 -14.53 -26.37 -30.41
CA ILE E 144 -15.62 -25.41 -30.61
C ILE E 144 -16.62 -26.01 -31.59
N ASN E 145 -17.87 -26.13 -31.15
CA ASN E 145 -18.92 -26.67 -32.00
C ASN E 145 -20.07 -25.67 -32.14
N ASN E 156 -8.82 -29.70 -40.33
CA ASN E 156 -8.64 -29.54 -38.89
C ASN E 156 -9.83 -28.84 -38.24
N LYS E 157 -9.91 -28.93 -36.91
CA LYS E 157 -11.00 -28.34 -36.16
C LYS E 157 -10.55 -27.05 -35.48
N GLU E 158 -11.53 -26.31 -34.97
CA GLU E 158 -11.29 -25.04 -34.31
C GLU E 158 -11.35 -25.21 -32.80
N TYR E 159 -10.31 -24.77 -32.11
CA TYR E 159 -10.22 -24.89 -30.67
C TYR E 159 -10.02 -23.50 -30.05
N ARG E 160 -10.06 -23.48 -28.71
CA ARG E 160 -9.80 -22.28 -27.95
C ARG E 160 -9.27 -22.69 -26.59
N LEU E 161 -8.60 -21.76 -25.92
CA LEU E 161 -8.16 -22.03 -24.56
C LEU E 161 -9.37 -22.20 -23.64
N ILE E 162 -9.29 -23.18 -22.75
CA ILE E 162 -10.45 -23.53 -21.93
C ILE E 162 -10.85 -22.35 -21.04
N ASN E 163 -9.89 -21.50 -20.70
CA ASN E 163 -10.15 -20.32 -19.88
C ASN E 163 -11.08 -19.32 -20.53
N CYS E 164 -11.12 -19.29 -21.87
CA CYS E 164 -11.54 -18.08 -22.58
C CYS E 164 -12.97 -17.67 -22.30
N ASN E 165 -13.81 -18.60 -21.84
CA ASN E 165 -15.19 -18.25 -21.56
C ASN E 165 -15.49 -18.15 -20.07
N THR E 166 -14.47 -18.23 -19.22
CA THR E 166 -14.73 -18.13 -17.78
C THR E 166 -13.72 -17.27 -17.03
N SER E 167 -12.57 -16.96 -17.65
CA SER E 167 -11.53 -16.26 -16.92
C SER E 167 -10.51 -15.68 -17.91
N ALA E 168 -9.68 -14.78 -17.39
CA ALA E 168 -8.58 -14.17 -18.12
C ALA E 168 -7.29 -14.56 -17.43
N ILE E 169 -6.34 -15.08 -18.19
CA ILE E 169 -5.10 -15.58 -17.62
C ILE E 169 -4.00 -14.55 -17.74
N THR E 170 -3.12 -14.54 -16.74
CA THR E 170 -1.88 -13.78 -16.77
C THR E 170 -0.74 -14.79 -16.71
N GLN E 171 0.14 -14.76 -17.70
CA GLN E 171 1.24 -15.72 -17.75
C GLN E 171 2.12 -15.56 -16.52
N ALA E 172 2.40 -16.69 -15.86
CA ALA E 172 3.35 -16.67 -14.77
C ALA E 172 4.72 -16.25 -15.31
N CYS E 173 5.35 -15.30 -14.65
CA CYS E 173 6.63 -14.80 -15.13
C CYS E 173 7.65 -15.93 -15.08
N PRO E 174 8.33 -16.22 -16.19
CA PRO E 174 9.17 -17.43 -16.23
C PRO E 174 10.33 -17.41 -15.27
N LYS E 175 10.77 -16.23 -14.84
CA LYS E 175 11.97 -16.14 -14.02
C LYS E 175 11.72 -16.41 -12.54
N VAL E 176 10.48 -16.40 -12.08
CA VAL E 176 10.19 -16.68 -10.68
C VAL E 176 10.05 -18.18 -10.49
N SER E 177 10.71 -18.71 -9.47
CA SER E 177 10.72 -20.15 -9.24
C SER E 177 9.58 -20.55 -8.32
N PHE E 178 8.84 -21.58 -8.71
CA PHE E 178 7.76 -22.11 -7.90
C PHE E 178 8.25 -23.11 -6.85
N GLU E 179 9.56 -23.37 -6.81
CA GLU E 179 10.08 -24.33 -5.86
C GLU E 179 9.80 -23.87 -4.44
N PRO E 180 9.37 -24.76 -3.55
CA PRO E 180 9.08 -24.35 -2.17
C PRO E 180 10.36 -24.11 -1.38
N ILE E 181 10.45 -22.95 -0.75
CA ILE E 181 11.54 -22.62 0.15
C ILE E 181 11.00 -22.66 1.58
N PRO E 182 11.68 -23.31 2.52
CA PRO E 182 11.19 -23.32 3.89
C PRO E 182 11.10 -21.90 4.45
N ILE E 183 10.01 -21.61 5.13
CA ILE E 183 9.79 -20.31 5.74
C ILE E 183 9.24 -20.51 7.15
N HIS E 184 9.75 -19.70 8.08
CA HIS E 184 9.38 -19.79 9.49
C HIS E 184 8.47 -18.63 9.84
N TYR E 185 7.37 -18.92 10.54
CA TYR E 185 6.40 -17.91 10.92
C TYR E 185 6.66 -17.51 12.36
N CYS E 186 7.14 -16.28 12.57
CA CYS E 186 7.59 -15.84 13.87
C CYS E 186 6.61 -14.83 14.46
N ALA E 187 6.17 -15.10 15.68
CA ALA E 187 5.25 -14.21 16.36
C ALA E 187 5.98 -12.96 16.85
N PRO E 188 5.28 -11.84 16.95
CA PRO E 188 5.92 -10.60 17.42
C PRO E 188 6.29 -10.70 18.89
N ALA E 189 6.92 -9.63 19.42
CA ALA E 189 7.26 -9.60 20.83
C ALA E 189 5.99 -9.62 21.67
N GLY E 190 6.10 -10.24 22.85
CA GLY E 190 4.94 -10.42 23.70
C GLY E 190 4.09 -11.62 23.34
N PHE E 191 4.44 -12.34 22.28
CA PHE E 191 3.75 -13.57 21.89
C PHE E 191 4.76 -14.70 21.83
N ALA E 192 4.26 -15.92 22.04
CA ALA E 192 5.11 -17.10 22.02
C ALA E 192 4.43 -18.21 21.23
N ILE E 193 5.25 -19.10 20.69
CA ILE E 193 4.78 -20.25 19.94
C ILE E 193 5.09 -21.50 20.76
N LEU E 194 4.07 -22.29 21.05
CA LEU E 194 4.22 -23.50 21.84
C LEU E 194 4.29 -24.71 20.92
N LYS E 195 5.35 -25.49 21.05
CA LYS E 195 5.61 -26.65 20.21
C LYS E 195 5.38 -27.91 21.02
N CYS E 196 4.43 -28.73 20.59
CA CYS E 196 4.12 -29.97 21.29
C CYS E 196 5.18 -31.02 20.97
N LYS E 197 5.90 -31.45 21.99
CA LYS E 197 6.98 -32.41 21.83
C LYS E 197 6.53 -33.86 21.96
N ASP E 198 5.25 -34.10 22.24
CA ASP E 198 4.77 -35.46 22.37
C ASP E 198 4.78 -36.16 21.02
N LYS E 199 5.46 -37.30 20.95
CA LYS E 199 5.56 -38.05 19.70
C LYS E 199 4.32 -38.88 19.41
N LYS E 200 3.46 -39.09 20.40
CA LYS E 200 2.20 -39.81 20.22
C LYS E 200 1.01 -38.86 20.26
N PHE E 201 1.23 -37.59 19.95
CA PHE E 201 0.18 -36.58 20.04
C PHE E 201 -0.71 -36.64 18.82
N ASN E 202 -2.00 -36.90 19.02
CA ASN E 202 -2.90 -37.10 17.89
C ASN E 202 -3.50 -35.79 17.40
N GLY E 203 -3.19 -34.68 18.04
CA GLY E 203 -3.60 -33.36 17.59
C GLY E 203 -4.71 -32.73 18.40
N THR E 204 -5.39 -33.53 19.21
CA THR E 204 -6.45 -32.97 20.07
C THR E 204 -6.15 -33.37 21.50
N GLY E 205 -6.57 -32.55 22.45
CA GLY E 205 -6.39 -32.85 23.85
C GLY E 205 -5.06 -32.35 24.37
N PRO E 206 -4.81 -32.60 25.65
CA PRO E 206 -3.59 -32.08 26.28
C PRO E 206 -2.33 -32.68 25.68
N CYS E 207 -1.26 -31.88 25.69
CA CYS E 207 0.07 -32.30 25.26
C CYS E 207 1.00 -32.22 26.46
N PRO E 208 1.31 -33.35 27.10
CA PRO E 208 2.09 -33.30 28.35
C PRO E 208 3.47 -32.66 28.21
N SER E 209 4.11 -32.75 27.04
CA SER E 209 5.45 -32.20 26.86
C SER E 209 5.35 -31.01 25.91
N VAL E 210 5.40 -29.80 26.48
CA VAL E 210 5.30 -28.57 25.72
C VAL E 210 6.62 -27.83 25.81
N SER E 211 7.16 -27.45 24.66
CA SER E 211 8.38 -26.64 24.59
C SER E 211 8.09 -25.41 23.74
N THR E 212 8.54 -24.26 24.22
CA THR E 212 8.32 -23.01 23.50
C THR E 212 9.50 -22.73 22.59
N VAL E 213 9.22 -22.09 21.46
CA VAL E 213 10.22 -21.67 20.51
C VAL E 213 9.84 -20.28 20.02
N GLN E 214 10.84 -19.51 19.60
CA GLN E 214 10.54 -18.19 19.07
C GLN E 214 9.69 -18.30 17.81
N CYS E 215 9.97 -19.28 16.96
CA CYS E 215 9.09 -19.54 15.83
C CYS E 215 9.40 -20.89 15.19
N THR E 216 8.62 -21.20 14.15
CA THR E 216 8.45 -22.52 13.60
C THR E 216 9.72 -23.00 12.89
N HIS E 217 9.77 -24.31 12.67
CA HIS E 217 10.83 -24.91 11.88
C HIS E 217 10.54 -24.67 10.40
N GLY E 218 11.39 -25.23 9.54
CA GLY E 218 11.24 -25.07 8.12
C GLY E 218 9.94 -25.63 7.58
N ILE E 219 9.04 -24.76 7.16
CA ILE E 219 7.76 -25.15 6.57
C ILE E 219 7.83 -24.88 5.08
N LYS E 220 7.72 -25.93 4.28
CA LYS E 220 7.70 -25.80 2.83
C LYS E 220 6.25 -25.81 2.36
N PRO E 221 5.72 -24.72 1.83
CA PRO E 221 4.32 -24.70 1.40
C PRO E 221 4.11 -25.49 0.11
N VAL E 222 4.31 -26.80 0.18
CA VAL E 222 4.15 -27.64 -0.99
C VAL E 222 2.68 -27.67 -1.40
N VAL E 223 2.44 -27.71 -2.70
CA VAL E 223 1.08 -27.68 -3.24
C VAL E 223 0.71 -29.04 -3.81
N SER E 224 0.04 -29.87 -2.99
CA SER E 224 -0.37 -31.20 -3.42
C SER E 224 -1.76 -31.51 -2.90
N THR E 225 -2.38 -32.55 -3.48
CA THR E 225 -3.76 -32.89 -3.16
C THR E 225 -3.89 -34.22 -2.45
N GLN E 226 -3.37 -35.31 -3.02
CA GLN E 226 -3.56 -36.65 -2.45
C GLN E 226 -2.36 -37.09 -1.63
N LEU E 227 -1.16 -36.91 -2.15
CA LEU E 227 0.07 -37.31 -1.47
C LEU E 227 0.81 -36.06 -1.04
N LEU E 228 1.15 -35.99 0.25
CA LEU E 228 1.86 -34.83 0.79
C LEU E 228 3.35 -34.99 0.53
N LEU E 229 3.91 -34.07 -0.24
CA LEU E 229 5.31 -34.15 -0.68
C LEU E 229 6.20 -33.30 0.20
N ASN E 230 7.42 -33.79 0.41
CA ASN E 230 8.46 -33.08 1.15
C ASN E 230 7.95 -32.54 2.47
N GLY E 231 7.34 -33.39 3.29
CA GLY E 231 6.80 -32.95 4.55
C GLY E 231 7.60 -33.41 5.75
N SER E 232 7.09 -33.16 6.95
CA SER E 232 7.77 -33.53 8.19
C SER E 232 7.30 -34.90 8.64
N LEU E 233 8.23 -35.75 9.02
CA LEU E 233 7.96 -37.13 9.36
C LEU E 233 7.57 -37.27 10.83
N ALA E 234 6.71 -38.25 11.11
CA ALA E 234 6.44 -38.61 12.49
C ALA E 234 7.66 -39.28 13.11
N GLU E 235 7.87 -39.04 14.40
CA GLU E 235 9.10 -39.47 15.04
C GLU E 235 9.12 -40.98 15.28
N GLU E 236 8.01 -41.55 15.72
CA GLU E 236 8.00 -42.95 16.14
C GLU E 236 7.16 -43.84 15.23
N GLU E 237 5.88 -43.53 15.03
CA GLU E 237 5.00 -44.40 14.28
C GLU E 237 4.15 -43.56 13.33
N VAL E 238 3.69 -44.20 12.26
CA VAL E 238 2.70 -43.57 11.38
C VAL E 238 1.44 -43.31 12.17
N MET E 239 0.96 -42.06 12.13
CA MET E 239 -0.20 -41.71 12.99
C MET E 239 -1.42 -41.34 12.16
N ILE E 240 -2.61 -41.44 12.74
CA ILE E 240 -3.87 -41.07 12.03
C ILE E 240 -4.49 -39.91 12.80
N ARG E 241 -4.64 -38.75 12.16
CA ARG E 241 -5.19 -37.56 12.85
C ARG E 241 -6.45 -37.07 12.11
N SER E 242 -7.58 -37.01 12.80
CA SER E 242 -8.84 -36.55 12.17
C SER E 242 -9.74 -35.92 13.26
N GLU E 243 -10.50 -34.87 12.90
CA GLU E 243 -11.29 -34.15 13.93
C GLU E 243 -12.29 -35.12 14.58
N ASN E 244 -13.17 -35.72 13.77
CA ASN E 244 -14.16 -36.70 14.27
C ASN E 244 -14.08 -37.96 13.41
N ILE E 245 -13.22 -38.90 13.76
CA ILE E 245 -13.03 -40.10 12.88
C ILE E 245 -14.41 -40.70 12.58
N THR E 246 -15.33 -40.64 13.53
CA THR E 246 -16.68 -41.20 13.33
C THR E 246 -17.31 -40.52 12.12
N ASN E 247 -17.15 -39.21 12.01
CA ASN E 247 -17.78 -38.45 10.89
C ASN E 247 -17.07 -38.80 9.60
N ASN E 248 -17.77 -39.46 8.67
CA ASN E 248 -17.14 -39.88 7.39
C ASN E 248 -17.14 -38.70 6.42
N ALA E 249 -16.49 -37.60 6.79
CA ALA E 249 -16.40 -36.42 5.91
C ALA E 249 -15.08 -35.69 6.18
N LYS E 250 -14.75 -35.52 7.47
CA LYS E 250 -13.46 -34.89 7.82
C LYS E 250 -12.32 -35.75 7.25
N ASN E 251 -11.38 -35.13 6.54
CA ASN E 251 -10.27 -35.89 5.90
C ASN E 251 -9.40 -36.50 6.99
N ILE E 252 -8.85 -37.69 6.74
CA ILE E 252 -7.96 -38.37 7.74
C ILE E 252 -6.51 -38.04 7.39
N LEU E 253 -5.87 -37.14 8.14
CA LEU E 253 -4.50 -36.75 7.87
C LEU E 253 -3.58 -37.87 8.36
N VAL E 254 -2.82 -38.46 7.44
CA VAL E 254 -1.89 -39.52 7.75
C VAL E 254 -0.48 -38.96 7.63
N GLN E 255 0.37 -39.25 8.61
CA GLN E 255 1.76 -38.83 8.61
C GLN E 255 2.67 -40.04 8.68
N PHE E 256 3.61 -40.12 7.76
CA PHE E 256 4.50 -41.28 7.65
C PHE E 256 5.71 -41.12 8.57
N ASN E 257 6.06 -42.21 9.25
CA ASN E 257 7.26 -42.23 10.07
C ASN E 257 8.52 -42.50 9.23
N THR E 258 8.36 -42.95 8.00
CA THR E 258 9.45 -43.18 7.08
C THR E 258 9.11 -42.56 5.73
N PRO E 259 10.11 -42.10 4.97
CA PRO E 259 9.80 -41.47 3.68
C PRO E 259 9.70 -42.49 2.56
N VAL E 260 8.75 -42.24 1.67
CA VAL E 260 8.55 -43.06 0.48
C VAL E 260 9.00 -42.24 -0.71
N GLN E 261 10.17 -42.57 -1.25
CA GLN E 261 10.74 -41.78 -2.34
C GLN E 261 9.91 -41.96 -3.61
N ILE E 262 9.70 -40.85 -4.32
CA ILE E 262 8.95 -40.84 -5.57
C ILE E 262 9.76 -40.08 -6.61
N ASN E 263 10.03 -40.72 -7.74
CA ASN E 263 10.71 -40.09 -8.86
C ASN E 263 9.73 -39.91 -10.00
N CYS E 264 9.85 -38.78 -10.71
CA CYS E 264 9.14 -38.63 -11.97
C CYS E 264 9.59 -37.38 -12.73
N THR E 265 9.42 -37.47 -14.04
CA THR E 265 10.01 -36.57 -15.00
C THR E 265 9.07 -36.39 -16.18
N ARG E 266 9.40 -35.44 -17.03
CA ARG E 266 8.69 -35.20 -18.28
C ARG E 266 9.63 -35.55 -19.42
N PRO E 267 9.53 -36.74 -20.01
CA PRO E 267 10.57 -37.20 -20.94
C PRO E 267 10.72 -36.35 -22.18
N ASN E 268 9.70 -35.57 -22.54
CA ASN E 268 9.77 -34.75 -23.74
C ASN E 268 10.87 -33.71 -23.62
N ASN E 269 11.66 -33.57 -24.68
CA ASN E 269 12.70 -32.54 -24.76
C ASN E 269 12.04 -31.25 -25.24
N ASN E 270 11.38 -30.58 -24.31
CA ASN E 270 10.58 -29.41 -24.66
C ASN E 270 11.48 -28.20 -24.95
N THR E 271 11.00 -27.35 -25.86
CA THR E 271 11.66 -26.11 -26.22
C THR E 271 10.71 -24.95 -26.02
N ARG E 272 11.22 -23.88 -25.43
CA ARG E 272 10.44 -22.67 -25.18
C ARG E 272 10.66 -21.69 -26.32
N LYS E 273 9.61 -21.41 -27.07
CA LYS E 273 9.67 -20.47 -28.19
C LYS E 273 9.00 -19.17 -27.75
N SER E 274 9.74 -18.07 -27.83
CA SER E 274 9.25 -16.77 -27.40
C SER E 274 8.50 -16.11 -28.55
N ILE E 275 7.26 -15.69 -28.30
CA ILE E 275 6.43 -15.01 -29.28
C ILE E 275 6.08 -13.63 -28.73
N ARG E 276 6.50 -12.59 -29.43
CA ARG E 276 6.20 -11.22 -29.02
C ARG E 276 4.78 -10.88 -29.44
N ILE E 277 3.91 -10.65 -28.46
CA ILE E 277 2.51 -10.35 -28.73
C ILE E 277 2.20 -8.86 -28.54
N GLY E 278 3.21 -8.05 -28.28
CA GLY E 278 3.01 -6.64 -28.08
C GLY E 278 4.24 -5.96 -27.53
N PRO E 279 4.14 -4.67 -27.22
CA PRO E 279 5.29 -3.94 -26.69
C PRO E 279 5.81 -4.54 -25.39
N GLY E 280 7.01 -5.11 -25.43
CA GLY E 280 7.63 -5.65 -24.25
C GLY E 280 6.91 -6.83 -23.63
N GLN E 281 5.85 -7.30 -24.29
CA GLN E 281 5.09 -8.45 -23.81
C GLN E 281 5.49 -9.68 -24.62
N ALA E 282 5.88 -10.74 -23.92
CA ALA E 282 6.32 -11.97 -24.56
C ALA E 282 5.50 -13.13 -24.04
N PHE E 283 4.97 -13.93 -24.96
CA PHE E 283 4.26 -15.16 -24.63
C PHE E 283 5.13 -16.35 -25.01
N TYR E 284 5.49 -17.16 -24.02
CA TYR E 284 6.39 -18.28 -24.22
C TYR E 284 5.56 -19.52 -24.60
N ALA E 285 5.64 -19.89 -25.88
CA ALA E 285 4.87 -21.01 -26.40
C ALA E 285 5.65 -22.31 -26.24
N THR E 286 5.16 -23.38 -26.86
CA THR E 286 5.78 -24.69 -26.81
C THR E 286 6.19 -25.09 -28.22
N GLY E 287 7.49 -25.14 -28.47
CA GLY E 287 8.00 -25.51 -29.78
C GLY E 287 7.96 -27.00 -30.02
N ASP E 288 8.56 -27.40 -31.13
CA ASP E 288 8.61 -28.81 -31.48
C ASP E 288 9.50 -29.57 -30.51
N ILE E 289 9.08 -30.80 -30.19
CA ILE E 289 9.82 -31.63 -29.24
C ILE E 289 10.90 -32.41 -29.99
N ILE E 290 12.12 -32.35 -29.49
CA ILE E 290 13.22 -33.12 -30.06
C ILE E 290 13.11 -34.57 -29.62
N GLY E 291 13.10 -35.47 -30.59
CA GLY E 291 12.99 -36.88 -30.29
C GLY E 291 11.55 -37.32 -30.07
N ASP E 292 11.42 -38.56 -29.59
CA ASP E 292 10.11 -39.13 -29.37
C ASP E 292 9.41 -38.43 -28.20
N ILE E 293 8.09 -38.60 -28.14
CA ILE E 293 7.25 -37.99 -27.11
C ILE E 293 6.66 -39.10 -26.26
N ARG E 294 6.95 -39.06 -24.96
CA ARG E 294 6.53 -40.09 -24.03
C ARG E 294 5.66 -39.48 -22.93
N GLN E 295 5.24 -40.33 -22.00
CA GLN E 295 4.31 -39.93 -20.95
C GLN E 295 5.05 -39.57 -19.68
N ALA E 296 4.69 -38.44 -19.08
CA ALA E 296 5.13 -38.14 -17.73
C ALA E 296 4.51 -39.15 -16.76
N HIS E 297 5.35 -39.71 -15.88
CA HIS E 297 4.92 -40.83 -15.07
C HIS E 297 5.73 -40.84 -13.79
N CYS E 298 5.05 -41.02 -12.66
CA CYS E 298 5.71 -40.98 -11.37
C CYS E 298 5.94 -42.38 -10.83
N ASN E 299 7.16 -42.62 -10.37
CA ASN E 299 7.61 -43.95 -9.94
C ASN E 299 7.59 -44.03 -8.43
N VAL E 300 7.03 -45.12 -7.91
CA VAL E 300 7.03 -45.41 -6.47
C VAL E 300 7.46 -46.85 -6.30
N SER E 301 8.39 -47.09 -5.37
CA SER E 301 8.85 -48.45 -5.13
C SER E 301 7.70 -49.32 -4.62
N LYS E 302 7.51 -50.47 -5.28
CA LYS E 302 6.38 -51.32 -4.92
C LYS E 302 6.50 -51.86 -3.50
N ALA E 303 7.68 -52.36 -3.15
CA ALA E 303 7.87 -52.94 -1.82
C ALA E 303 7.78 -51.86 -0.74
N THR E 304 8.40 -50.71 -0.98
CA THR E 304 8.35 -49.63 0.00
C THR E 304 6.92 -49.14 0.20
N TRP E 305 6.19 -48.97 -0.89
CA TRP E 305 4.79 -48.53 -0.79
C TRP E 305 3.96 -49.58 -0.07
N ASN E 306 4.21 -50.87 -0.34
CA ASN E 306 3.46 -51.92 0.34
C ASN E 306 3.75 -51.91 1.83
N GLU E 307 5.02 -51.74 2.21
CA GLU E 307 5.36 -51.69 3.63
C GLU E 307 4.71 -50.49 4.31
N THR E 308 4.73 -49.33 3.64
CA THR E 308 4.10 -48.14 4.22
C THR E 308 2.60 -48.33 4.37
N LEU E 309 1.95 -48.93 3.37
CA LEU E 309 0.53 -49.21 3.48
C LEU E 309 0.26 -50.21 4.61
N GLY E 310 1.14 -51.19 4.80
CA GLY E 310 0.99 -52.10 5.90
C GLY E 310 1.06 -51.40 7.25
N LYS E 311 2.03 -50.49 7.40
CA LYS E 311 2.11 -49.74 8.65
C LYS E 311 0.87 -48.88 8.85
N VAL E 312 0.39 -48.24 7.76
CA VAL E 312 -0.78 -47.37 7.87
C VAL E 312 -2.00 -48.18 8.27
N VAL E 313 -2.21 -49.35 7.66
CA VAL E 313 -3.37 -50.15 8.00
C VAL E 313 -3.25 -50.73 9.39
N LYS E 314 -2.03 -51.05 9.83
CA LYS E 314 -1.86 -51.53 11.20
C LYS E 314 -2.23 -50.45 12.21
N GLN E 315 -1.82 -49.21 11.94
CA GLN E 315 -2.11 -48.12 12.90
C GLN E 315 -3.58 -47.68 12.74
N LEU E 316 -4.18 -47.94 11.58
CA LEU E 316 -5.58 -47.51 11.34
C LEU E 316 -6.54 -48.49 12.03
N ARG E 317 -6.19 -49.77 12.05
CA ARG E 317 -7.08 -50.78 12.67
C ARG E 317 -7.40 -50.37 14.10
N LYS E 318 -6.44 -49.76 14.80
CA LYS E 318 -6.64 -49.39 16.22
C LYS E 318 -7.89 -48.51 16.36
N HIS E 319 -7.96 -47.42 15.60
CA HIS E 319 -9.11 -46.47 15.74
C HIS E 319 -10.41 -47.24 15.55
N PHE E 320 -10.42 -48.19 14.62
CA PHE E 320 -11.66 -48.98 14.35
C PHE E 320 -11.61 -50.29 15.14
N GLY E 321 -11.48 -51.41 14.45
CA GLY E 321 -11.38 -52.71 15.14
C GLY E 321 -10.31 -53.59 14.52
N ASN E 322 -9.89 -54.65 15.23
CA ASN E 322 -8.91 -55.56 14.66
C ASN E 322 -9.47 -56.40 13.53
N ASN E 323 -10.73 -56.84 13.63
CA ASN E 323 -11.32 -57.76 12.68
C ASN E 323 -11.88 -57.07 11.44
N THR E 324 -11.84 -55.74 11.38
CA THR E 324 -12.43 -55.01 10.27
C THR E 324 -11.53 -55.11 9.04
N ILE E 325 -12.17 -55.08 7.87
CA ILE E 325 -11.47 -55.12 6.59
C ILE E 325 -11.22 -53.70 6.13
N ILE E 326 -9.96 -53.39 5.81
CA ILE E 326 -9.56 -52.08 5.32
C ILE E 326 -9.20 -52.22 3.85
N ARG E 327 -9.87 -51.47 2.99
CA ARG E 327 -9.66 -51.53 1.55
C ARG E 327 -9.40 -50.14 1.01
N PHE E 328 -8.34 -50.00 0.22
CA PHE E 328 -7.97 -48.73 -0.39
C PHE E 328 -8.44 -48.72 -1.84
N ALA E 329 -9.30 -47.78 -2.18
CA ALA E 329 -9.76 -47.60 -3.55
C ALA E 329 -9.38 -46.21 -4.04
N ASN E 330 -9.38 -46.03 -5.36
CA ASN E 330 -8.96 -44.77 -5.94
C ASN E 330 -10.01 -43.69 -5.69
N SER E 331 -9.71 -42.48 -6.15
CA SER E 331 -10.63 -41.36 -5.95
C SER E 331 -11.94 -41.60 -6.69
N SER E 332 -13.05 -41.22 -6.07
CA SER E 332 -14.35 -41.48 -6.65
C SER E 332 -14.60 -40.61 -7.88
N GLY E 333 -14.31 -39.32 -7.78
CA GLY E 333 -14.54 -38.43 -8.90
C GLY E 333 -14.44 -36.99 -8.48
N GLY E 334 -14.58 -36.11 -9.46
CA GLY E 334 -14.50 -34.69 -9.26
C GLY E 334 -13.62 -34.06 -10.31
N ASP E 335 -13.16 -32.85 -10.03
CA ASP E 335 -12.25 -32.16 -10.93
C ASP E 335 -10.91 -32.88 -10.96
N LEU E 336 -10.11 -32.57 -11.98
CA LEU E 336 -8.86 -33.27 -12.23
C LEU E 336 -7.92 -33.21 -11.04
N GLU E 337 -7.92 -32.09 -10.32
CA GLU E 337 -6.99 -31.92 -9.20
C GLU E 337 -7.25 -32.94 -8.10
N VAL E 338 -8.53 -33.20 -7.79
CA VAL E 338 -8.86 -34.11 -6.71
C VAL E 338 -8.76 -35.57 -7.16
N THR E 339 -9.26 -35.86 -8.37
CA THR E 339 -9.24 -37.24 -8.86
C THR E 339 -7.83 -37.78 -8.95
N THR E 340 -6.88 -36.93 -9.32
CA THR E 340 -5.50 -37.31 -9.49
C THR E 340 -4.66 -36.75 -8.35
N HIS E 341 -3.35 -36.90 -8.48
CA HIS E 341 -2.37 -36.37 -7.52
C HIS E 341 -1.61 -35.25 -8.22
N SER E 342 -2.04 -34.01 -7.99
CA SER E 342 -1.42 -32.87 -8.64
C SER E 342 -0.40 -32.21 -7.71
N PHE E 343 0.68 -31.73 -8.30
CA PHE E 343 1.77 -31.09 -7.59
C PHE E 343 2.71 -30.46 -8.59
N ASN E 344 3.28 -29.32 -8.24
CA ASN E 344 4.22 -28.65 -9.12
C ASN E 344 5.61 -29.28 -8.99
N CYS E 345 6.23 -29.59 -10.13
CA CYS E 345 7.55 -30.19 -10.17
C CYS E 345 8.44 -29.39 -11.11
N GLY E 346 9.34 -28.60 -10.53
CA GLY E 346 10.25 -27.81 -11.35
C GLY E 346 9.56 -26.86 -12.30
N GLY E 347 8.50 -26.20 -11.83
CA GLY E 347 7.78 -25.23 -12.63
C GLY E 347 6.66 -25.80 -13.47
N GLU E 348 6.53 -27.11 -13.55
CA GLU E 348 5.42 -27.74 -14.27
C GLU E 348 4.43 -28.34 -13.29
N PHE E 349 3.16 -28.34 -13.68
CA PHE E 349 2.08 -28.85 -12.85
C PHE E 349 1.66 -30.21 -13.37
N PHE E 350 1.82 -31.24 -12.55
CA PHE E 350 1.46 -32.60 -12.91
C PHE E 350 0.05 -32.91 -12.45
N TYR E 351 -0.52 -33.97 -13.04
CA TYR E 351 -1.81 -34.53 -12.60
C TYR E 351 -1.67 -36.04 -12.77
N CYS E 352 -1.29 -36.72 -11.69
CA CYS E 352 -0.91 -38.12 -11.76
C CYS E 352 -2.05 -39.04 -11.38
N ASN E 353 -2.27 -40.06 -12.21
CA ASN E 353 -3.44 -40.94 -12.10
C ASN E 353 -3.14 -42.05 -11.10
N THR E 354 -3.15 -41.67 -9.82
CA THR E 354 -2.82 -42.59 -8.74
C THR E 354 -3.97 -43.55 -8.52
N SER E 355 -4.04 -44.56 -9.40
CA SER E 355 -4.94 -45.68 -9.22
C SER E 355 -4.22 -46.96 -8.80
N GLY E 356 -2.94 -47.08 -9.14
CA GLY E 356 -2.16 -48.25 -8.76
C GLY E 356 -1.68 -48.25 -7.33
N LEU E 357 -1.81 -47.13 -6.63
CA LEU E 357 -1.40 -47.05 -5.22
C LEU E 357 -2.50 -47.54 -4.30
N PHE E 358 -3.68 -46.93 -4.40
CA PHE E 358 -4.81 -47.26 -3.53
C PHE E 358 -5.69 -48.28 -4.23
N ASN E 359 -5.19 -49.52 -4.25
CA ASN E 359 -5.85 -50.63 -4.91
C ASN E 359 -5.93 -51.89 -4.08
N SER E 360 -5.08 -52.06 -3.08
CA SER E 360 -5.00 -53.30 -2.34
C SER E 360 -6.18 -53.45 -1.38
N THR E 361 -6.39 -54.69 -0.94
CA THR E 361 -7.38 -55.02 0.07
C THR E 361 -6.70 -55.82 1.17
N TRP E 362 -6.92 -55.43 2.41
CA TRP E 362 -6.21 -55.99 3.55
C TRP E 362 -7.17 -56.75 4.47
N ILE E 363 -6.74 -57.92 4.92
CA ILE E 363 -7.52 -58.79 5.77
C ILE E 363 -6.67 -59.15 6.99
N SER E 364 -7.31 -59.21 8.16
CA SER E 364 -6.62 -59.56 9.39
C SER E 364 -6.03 -60.98 9.31
N ASN E 377 12.83 -53.61 -5.94
CA ASN E 377 13.25 -53.56 -7.34
C ASN E 377 12.10 -53.14 -8.27
N ASP E 378 10.92 -53.72 -8.06
CA ASP E 378 9.77 -53.37 -8.88
C ASP E 378 9.24 -51.99 -8.50
N SER E 379 8.74 -51.28 -9.50
CA SER E 379 8.22 -49.94 -9.32
C SER E 379 6.81 -49.85 -9.90
N ILE E 380 6.01 -48.99 -9.29
CA ILE E 380 4.64 -48.74 -9.74
C ILE E 380 4.67 -47.47 -10.58
N THR E 381 4.30 -47.59 -11.86
CA THR E 381 4.31 -46.46 -12.77
C THR E 381 2.95 -45.78 -12.74
N LEU E 382 2.93 -44.49 -12.39
CA LEU E 382 1.69 -43.74 -12.35
C LEU E 382 1.62 -42.80 -13.53
N PRO E 383 0.75 -43.05 -14.49
CA PRO E 383 0.67 -42.19 -15.68
C PRO E 383 0.13 -40.82 -15.37
N CYS E 384 0.96 -39.79 -15.48
CA CYS E 384 0.57 -38.41 -15.20
C CYS E 384 0.23 -37.66 -16.48
N ARG E 385 -0.53 -36.58 -16.30
CA ARG E 385 -0.92 -35.72 -17.41
C ARG E 385 -0.56 -34.27 -17.06
N ILE E 386 -0.14 -33.51 -18.06
CA ILE E 386 0.35 -32.16 -17.87
C ILE E 386 -0.75 -31.17 -18.17
N LYS E 387 -0.73 -30.04 -17.47
CA LYS E 387 -1.62 -28.93 -17.74
C LYS E 387 -0.86 -27.62 -17.65
N GLN E 388 -1.13 -26.69 -18.55
CA GLN E 388 -0.53 -25.38 -18.50
C GLN E 388 -1.45 -24.30 -17.95
N ILE E 389 -2.75 -24.39 -18.25
CA ILE E 389 -3.72 -23.43 -17.73
C ILE E 389 -4.12 -23.92 -16.35
N ILE E 390 -3.47 -23.38 -15.32
CA ILE E 390 -3.67 -23.81 -13.95
C ILE E 390 -4.46 -22.74 -13.22
N ASN E 391 -5.51 -23.16 -12.52
CA ASN E 391 -6.33 -22.26 -11.71
C ASN E 391 -6.31 -22.78 -10.28
N MET E 392 -5.27 -22.38 -9.54
CA MET E 392 -5.23 -22.72 -8.13
C MET E 392 -6.10 -21.74 -7.34
N TRP E 393 -6.51 -22.18 -6.15
CA TRP E 393 -7.34 -21.39 -5.25
C TRP E 393 -8.72 -21.11 -5.81
N GLN E 394 -9.01 -21.62 -7.02
CA GLN E 394 -10.30 -21.47 -7.68
C GLN E 394 -10.79 -20.03 -7.66
N ARG E 395 -9.99 -19.11 -8.20
CA ARG E 395 -10.38 -17.71 -8.22
C ARG E 395 -11.27 -17.42 -9.41
N ILE E 396 -12.32 -16.63 -9.19
CA ILE E 396 -13.30 -16.34 -10.21
C ILE E 396 -12.79 -15.15 -11.03
N GLY E 397 -12.38 -15.43 -12.27
CA GLY E 397 -12.00 -14.40 -13.23
C GLY E 397 -10.55 -14.46 -13.66
N GLN E 398 -9.67 -14.96 -12.79
CA GLN E 398 -8.25 -14.96 -13.08
C GLN E 398 -7.71 -16.38 -12.97
N ALA E 399 -6.85 -16.75 -13.91
CA ALA E 399 -6.18 -18.04 -13.92
C ALA E 399 -4.74 -17.86 -14.39
N MET E 400 -4.00 -18.95 -14.45
CA MET E 400 -2.57 -18.92 -14.73
C MET E 400 -2.23 -19.73 -15.98
N TYR E 401 -1.21 -19.28 -16.70
CA TYR E 401 -0.57 -20.06 -17.76
C TYR E 401 0.86 -20.30 -17.35
N ALA E 402 1.18 -21.55 -16.99
CA ALA E 402 2.54 -21.88 -16.60
C ALA E 402 3.41 -21.99 -17.84
N PRO E 403 4.46 -21.20 -17.96
CA PRO E 403 5.33 -21.28 -19.13
C PRO E 403 6.02 -22.62 -19.19
N PRO E 404 6.25 -23.16 -20.38
CA PRO E 404 6.93 -24.45 -20.50
C PRO E 404 8.37 -24.36 -20.00
N ILE E 405 8.85 -25.47 -19.47
CA ILE E 405 10.20 -25.55 -18.93
C ILE E 405 11.09 -26.22 -19.96
N GLN E 406 12.16 -25.53 -20.35
CA GLN E 406 13.08 -26.08 -21.33
C GLN E 406 13.82 -27.29 -20.76
N GLY E 407 14.08 -28.27 -21.62
CA GLY E 407 14.76 -29.47 -21.20
C GLY E 407 13.81 -30.48 -20.58
N VAL E 408 14.41 -31.51 -20.00
CA VAL E 408 13.67 -32.59 -19.36
C VAL E 408 13.67 -32.35 -17.86
N ILE E 409 12.51 -32.05 -17.31
CA ILE E 409 12.37 -31.77 -15.89
C ILE E 409 12.23 -33.07 -15.13
N ARG E 410 12.84 -33.15 -13.95
CA ARG E 410 12.80 -34.35 -13.12
C ARG E 410 13.01 -33.96 -11.67
N CYS E 411 12.17 -34.47 -10.78
CA CYS E 411 12.25 -34.15 -9.36
C CYS E 411 12.11 -35.40 -8.52
N VAL E 412 12.88 -35.45 -7.44
CA VAL E 412 12.89 -36.57 -6.49
C VAL E 412 12.28 -36.05 -5.19
N SER E 413 11.08 -36.50 -4.87
CA SER E 413 10.36 -36.03 -3.69
C SER E 413 10.11 -37.17 -2.73
N ASN E 414 9.69 -36.81 -1.51
CA ASN E 414 9.38 -37.77 -0.47
C ASN E 414 7.87 -37.78 -0.26
N ILE E 415 7.26 -38.97 -0.28
CA ILE E 415 5.86 -39.13 0.06
C ILE E 415 5.79 -39.25 1.59
N THR E 416 5.40 -38.18 2.26
CA THR E 416 5.44 -38.13 3.72
C THR E 416 4.06 -38.14 4.35
N GLY E 417 3.01 -38.39 3.59
CA GLY E 417 1.68 -38.36 4.19
C GLY E 417 0.61 -38.81 3.22
N LEU E 418 -0.61 -38.89 3.75
CA LEU E 418 -1.79 -39.24 2.98
C LEU E 418 -2.93 -38.32 3.40
N ILE E 419 -3.91 -38.18 2.51
CA ILE E 419 -5.16 -37.51 2.83
C ILE E 419 -6.28 -38.45 2.40
N LEU E 420 -6.80 -39.21 3.34
CA LEU E 420 -7.77 -40.26 3.05
C LEU E 420 -9.16 -39.84 3.49
N THR E 421 -10.16 -40.11 2.65
CA THR E 421 -11.55 -39.85 2.94
C THR E 421 -12.29 -41.17 3.03
N ARG E 422 -13.01 -41.35 4.14
CA ARG E 422 -13.72 -42.63 4.37
C ARG E 422 -15.09 -42.58 3.71
N ASP E 423 -15.66 -43.73 3.40
CA ASP E 423 -16.96 -43.86 2.76
C ASP E 423 -17.91 -44.54 3.74
N GLY E 424 -19.10 -43.96 3.91
CA GLY E 424 -20.08 -44.51 4.82
C GLY E 424 -20.58 -45.89 4.44
N GLY E 425 -20.54 -46.82 5.39
CA GLY E 425 -20.91 -48.20 5.11
C GLY E 425 -22.40 -48.44 5.26
N SER E 426 -22.77 -49.69 5.10
CA SER E 426 -24.15 -50.12 5.21
C SER E 426 -24.54 -50.51 6.63
N THR E 427 -23.64 -50.32 7.60
CA THR E 427 -23.84 -50.73 8.98
C THR E 427 -24.09 -52.25 9.05
N ASN E 428 -23.58 -52.98 8.05
CA ASN E 428 -23.70 -54.42 8.00
C ASN E 428 -22.36 -55.10 7.72
N SER E 429 -21.38 -54.38 7.19
CA SER E 429 -20.09 -54.95 6.85
C SER E 429 -18.99 -54.16 7.54
N THR E 430 -17.86 -54.83 7.77
CA THR E 430 -16.68 -54.22 8.35
C THR E 430 -15.64 -53.84 7.30
N THR E 431 -16.09 -53.66 6.05
CA THR E 431 -15.19 -53.33 4.96
C THR E 431 -15.08 -51.81 4.81
N GLU E 432 -14.31 -51.22 5.74
CA GLU E 432 -14.08 -49.77 5.70
C GLU E 432 -13.27 -49.43 4.45
N THR E 433 -13.80 -48.56 3.60
CA THR E 433 -13.15 -48.19 2.36
C THR E 433 -12.63 -46.77 2.47
N PHE E 434 -11.33 -46.62 2.19
CA PHE E 434 -10.67 -45.29 2.27
C PHE E 434 -10.19 -44.89 0.89
N ARG E 435 -10.44 -43.66 0.49
CA ARG E 435 -10.06 -43.11 -0.79
C ARG E 435 -9.28 -41.82 -0.59
N PRO E 436 -8.36 -41.49 -1.49
CA PRO E 436 -7.64 -40.22 -1.39
C PRO E 436 -8.57 -39.03 -1.56
N GLY E 437 -8.27 -37.97 -0.84
CA GLY E 437 -9.01 -36.73 -0.90
C GLY E 437 -8.09 -35.56 -1.20
N GLY E 438 -8.42 -34.42 -0.61
CA GLY E 438 -7.61 -33.24 -0.79
C GLY E 438 -8.40 -32.06 -1.31
N GLY E 439 -7.81 -31.31 -2.24
CA GLY E 439 -8.47 -30.13 -2.76
C GLY E 439 -8.36 -28.96 -1.80
N ASP E 440 -8.87 -29.14 -0.59
CA ASP E 440 -8.73 -28.14 0.46
C ASP E 440 -7.27 -28.10 0.89
N MET E 441 -6.54 -27.07 0.45
CA MET E 441 -5.11 -27.01 0.73
C MET E 441 -4.83 -26.80 2.22
N ARG E 442 -5.83 -26.34 2.98
CA ARG E 442 -5.67 -26.24 4.41
C ARG E 442 -5.37 -27.60 5.03
N ASP E 443 -6.02 -28.64 4.51
CA ASP E 443 -5.72 -30.00 4.96
C ASP E 443 -4.27 -30.38 4.66
N ASN E 444 -3.79 -30.03 3.47
CA ASN E 444 -2.40 -30.31 3.12
C ASN E 444 -1.45 -29.61 4.08
N TRP E 445 -1.72 -28.34 4.38
CA TRP E 445 -0.82 -27.55 5.19
C TRP E 445 -0.89 -27.86 6.67
N ARG E 446 -2.04 -28.37 7.15
CA ARG E 446 -2.20 -28.56 8.59
C ARG E 446 -1.37 -29.72 9.11
N SER E 447 -0.86 -30.58 8.24
CA SER E 447 0.06 -31.62 8.70
C SER E 447 1.41 -31.05 9.12
N GLU E 448 1.68 -29.78 8.84
CA GLU E 448 2.93 -29.16 9.22
C GLU E 448 2.82 -28.19 10.39
N LEU E 449 1.67 -27.53 10.54
CA LEU E 449 1.43 -26.67 11.70
C LEU E 449 0.64 -27.40 12.78
N TYR E 450 0.65 -28.73 12.75
CA TYR E 450 -0.19 -29.49 13.67
C TYR E 450 0.29 -29.39 15.11
N LYS E 451 1.61 -29.33 15.32
CA LYS E 451 2.19 -29.40 16.65
C LYS E 451 2.44 -28.03 17.27
N TYR E 452 1.97 -26.96 16.65
CA TYR E 452 2.27 -25.61 17.08
C TYR E 452 1.02 -24.91 17.59
N LYS E 453 1.22 -23.86 18.37
CA LYS E 453 0.11 -23.07 18.90
C LYS E 453 0.61 -21.67 19.22
N VAL E 454 -0.28 -20.69 19.09
CA VAL E 454 0.05 -19.29 19.31
C VAL E 454 -0.58 -18.85 20.62
N VAL E 455 0.24 -18.32 21.52
CA VAL E 455 -0.21 -17.86 22.83
C VAL E 455 0.22 -16.42 23.05
N LYS E 456 -0.52 -15.73 23.91
CA LYS E 456 -0.27 -14.33 24.23
C LYS E 456 0.26 -14.23 25.66
N ILE E 457 1.45 -13.67 25.81
CA ILE E 457 2.04 -13.51 27.12
C ILE E 457 1.29 -12.45 27.91
N GLU E 458 0.92 -12.78 29.15
CA GLU E 458 0.27 -11.84 30.06
C GLU E 458 1.16 -11.71 31.30
N PRO E 459 2.09 -10.75 31.30
CA PRO E 459 3.11 -10.71 32.35
C PRO E 459 2.68 -10.01 33.63
N LEU E 460 1.48 -9.45 33.71
CA LEU E 460 1.00 -8.85 34.94
C LEU E 460 0.31 -9.91 35.78
N GLY E 461 0.75 -10.06 37.01
CA GLY E 461 0.12 -10.98 37.94
C GLY E 461 -0.01 -10.35 39.31
N VAL E 462 -1.06 -10.74 40.01
CA VAL E 462 -1.33 -10.24 41.36
C VAL E 462 -1.47 -11.44 42.28
N ALA E 463 -0.79 -11.38 43.42
CA ALA E 463 -0.80 -12.48 44.38
C ALA E 463 -0.74 -11.89 45.79
N PRO E 464 -1.33 -12.57 46.78
CA PRO E 464 -1.28 -12.05 48.15
C PRO E 464 0.05 -12.38 48.81
N THR E 465 0.64 -11.40 49.48
CA THR E 465 1.92 -11.56 50.14
C THR E 465 1.95 -10.63 51.35
N ARG E 466 2.84 -10.93 52.30
CA ARG E 466 2.96 -10.15 53.52
C ARG E 466 3.62 -8.79 53.31
N CYS E 467 3.91 -8.41 52.06
CA CYS E 467 4.48 -7.10 51.81
C CYS E 467 3.44 -6.00 52.02
N LYS E 468 3.93 -4.79 52.25
CA LYS E 468 3.06 -3.63 52.41
C LYS E 468 3.85 -2.41 51.93
N ARG E 469 3.17 -1.53 51.19
CA ARG E 469 3.83 -0.39 50.58
C ARG E 469 4.27 0.57 51.67
N ARG E 470 5.55 0.52 52.01
CA ARG E 470 6.17 1.47 52.93
C ARG E 470 5.45 1.50 54.28
N PHE F 8 19.54 -20.56 35.46
CA PHE F 8 18.96 -19.97 34.26
C PHE F 8 18.27 -21.02 33.40
N LEU F 9 17.05 -20.70 32.96
CA LEU F 9 16.29 -21.57 32.08
C LEU F 9 15.88 -20.91 30.77
N GLY F 10 15.58 -19.62 30.78
CA GLY F 10 15.21 -18.91 29.58
C GLY F 10 13.77 -18.41 29.62
N PHE F 11 13.35 -17.83 28.50
CA PHE F 11 12.00 -17.30 28.36
C PHE F 11 10.97 -18.35 28.71
N LEU F 12 10.10 -18.02 29.67
CA LEU F 12 9.07 -18.95 30.16
C LEU F 12 9.69 -20.24 30.69
N GLY F 13 10.92 -20.15 31.19
CA GLY F 13 11.61 -21.34 31.67
C GLY F 13 10.92 -21.96 32.88
N ALA F 14 10.49 -21.12 33.82
CA ALA F 14 9.85 -21.57 35.05
C ALA F 14 8.33 -21.50 34.96
N ALA F 15 7.76 -21.71 33.78
CA ALA F 15 6.31 -21.62 33.63
C ALA F 15 5.61 -22.68 34.46
N GLY F 16 6.15 -23.89 34.48
CA GLY F 16 5.60 -24.95 35.31
C GLY F 16 6.15 -25.02 36.71
N SER F 17 7.14 -24.21 37.03
CA SER F 17 7.73 -24.24 38.36
C SER F 17 6.79 -23.62 39.38
N THR F 18 7.19 -23.67 40.65
CA THR F 18 6.38 -23.11 41.71
C THR F 18 6.39 -21.58 41.65
N MET F 19 5.61 -20.98 42.54
CA MET F 19 5.47 -19.53 42.55
C MET F 19 6.78 -18.84 42.90
N GLY F 20 7.48 -19.32 43.92
CA GLY F 20 8.71 -18.67 44.35
C GLY F 20 9.80 -18.75 43.30
N ALA F 21 10.00 -19.93 42.72
CA ALA F 21 11.02 -20.07 41.69
C ALA F 21 10.71 -19.21 40.48
N ALA F 22 9.43 -19.15 40.10
CA ALA F 22 9.04 -18.30 38.97
C ALA F 22 9.31 -16.83 39.28
N SER F 23 8.98 -16.39 40.50
CA SER F 23 9.22 -15.01 40.87
C SER F 23 10.71 -14.69 40.94
N MET F 24 11.54 -15.70 41.23
CA MET F 24 12.98 -15.45 41.31
C MET F 24 13.57 -15.04 39.97
N THR F 25 12.93 -15.41 38.86
CA THR F 25 13.47 -15.17 37.53
C THR F 25 12.45 -14.44 36.66
N LEU F 26 11.88 -13.36 37.19
CA LEU F 26 10.91 -12.59 36.41
C LEU F 26 11.57 -11.85 35.26
N THR F 27 12.85 -11.53 35.38
CA THR F 27 13.51 -10.66 34.41
C THR F 27 13.55 -11.29 33.02
N VAL F 28 13.81 -12.60 32.95
CA VAL F 28 13.99 -13.24 31.66
C VAL F 28 12.71 -13.19 30.84
N GLN F 29 11.55 -13.27 31.49
CA GLN F 29 10.31 -13.03 30.76
C GLN F 29 10.04 -11.55 30.56
N ALA F 30 10.51 -10.71 31.49
CA ALA F 30 10.28 -9.27 31.35
C ALA F 30 11.06 -8.70 30.16
N ARG F 31 12.28 -9.19 29.92
CA ARG F 31 13.13 -8.61 28.91
C ARG F 31 12.77 -9.03 27.49
N ASN F 32 11.91 -10.04 27.32
CA ASN F 32 11.50 -10.50 26.00
C ASN F 32 10.13 -9.97 25.60
N LEU F 33 9.61 -8.97 26.30
CA LEU F 33 8.30 -8.43 26.00
C LEU F 33 8.34 -7.35 24.93
N LEU F 34 9.52 -6.96 24.46
CA LEU F 34 9.59 -5.90 23.46
C LEU F 34 10.49 -6.32 22.31
N SER F 35 11.39 -7.26 22.54
CA SER F 35 12.22 -7.81 21.48
C SER F 35 12.73 -9.20 21.86
N LEU F 55 12.03 -1.33 4.01
CA LEU F 55 11.05 -2.34 3.62
C LEU F 55 9.90 -1.71 2.84
N LYS F 56 9.37 -2.46 1.88
CA LYS F 56 8.29 -2.00 1.02
C LYS F 56 6.93 -2.44 1.57
N LEU F 57 5.88 -2.10 0.84
CA LEU F 57 4.50 -2.44 1.24
C LEU F 57 4.09 -3.81 0.69
N THR F 58 4.93 -4.81 0.92
CA THR F 58 4.65 -6.18 0.53
C THR F 58 3.85 -6.86 1.65
N VAL F 59 3.25 -8.01 1.33
CA VAL F 59 2.43 -8.71 2.31
C VAL F 59 3.23 -9.01 3.57
N TRP F 60 4.43 -9.58 3.41
CA TRP F 60 5.26 -9.82 4.59
C TRP F 60 5.69 -8.52 5.24
N GLY F 61 5.92 -7.47 4.45
CA GLY F 61 6.31 -6.19 5.02
C GLY F 61 5.22 -5.59 5.89
N ILE F 62 3.98 -5.59 5.40
CA ILE F 62 2.90 -5.02 6.18
C ILE F 62 2.60 -5.90 7.39
N LYS F 63 2.72 -7.22 7.24
CA LYS F 63 2.53 -8.08 8.40
C LYS F 63 3.59 -7.82 9.46
N GLN F 64 4.85 -7.63 9.04
CA GLN F 64 5.91 -7.30 9.98
C GLN F 64 5.63 -5.98 10.69
N LEU F 65 5.22 -4.96 9.95
CA LEU F 65 4.96 -3.67 10.56
C LEU F 65 3.81 -3.75 11.56
N GLN F 66 2.73 -4.46 11.19
CA GLN F 66 1.60 -4.60 12.11
C GLN F 66 1.99 -5.38 13.34
N ALA F 67 2.81 -6.42 13.19
CA ALA F 67 3.28 -7.18 14.35
C ALA F 67 4.12 -6.31 15.26
N ARG F 68 5.01 -5.50 14.68
CA ARG F 68 5.84 -4.61 15.47
C ARG F 68 5.00 -3.63 16.28
N VAL F 69 4.01 -3.02 15.62
CA VAL F 69 3.15 -2.05 16.31
C VAL F 69 2.34 -2.74 17.39
N LEU F 70 1.84 -3.95 17.12
CA LEU F 70 1.09 -4.66 18.13
C LEU F 70 1.95 -4.94 19.35
N ALA F 71 3.19 -5.37 19.14
CA ALA F 71 4.08 -5.66 20.26
C ALA F 71 4.36 -4.41 21.07
N VAL F 72 4.65 -3.30 20.39
CA VAL F 72 5.01 -2.08 21.11
C VAL F 72 3.81 -1.55 21.90
N GLU F 73 2.61 -1.64 21.32
CA GLU F 73 1.43 -1.17 22.04
C GLU F 73 1.11 -2.08 23.22
N ARG F 74 1.28 -3.39 23.07
CA ARG F 74 1.04 -4.28 24.20
C ARG F 74 1.99 -3.97 25.35
N TYR F 75 3.28 -3.78 25.03
CA TYR F 75 4.23 -3.41 26.07
C TYR F 75 3.85 -2.08 26.73
N LEU F 76 3.45 -1.10 25.92
CA LEU F 76 3.12 0.21 26.51
C LEU F 76 1.89 0.11 27.40
N ARG F 77 0.91 -0.69 27.00
CA ARG F 77 -0.27 -0.87 27.86
C ARG F 77 0.11 -1.52 29.19
N ASP F 78 0.97 -2.54 29.13
CA ASP F 78 1.39 -3.18 30.37
C ASP F 78 2.16 -2.23 31.27
N GLN F 79 3.07 -1.45 30.67
CA GLN F 79 3.84 -0.48 31.45
C GLN F 79 2.94 0.60 32.04
N GLN F 80 1.93 1.03 31.28
CA GLN F 80 0.99 2.02 31.81
C GLN F 80 0.22 1.46 33.00
N LEU F 81 -0.25 0.22 32.89
CA LEU F 81 -0.97 -0.38 34.02
C LEU F 81 -0.07 -0.47 35.23
N LEU F 82 1.21 -0.80 35.04
CA LEU F 82 2.14 -0.80 36.17
C LEU F 82 2.30 0.61 36.72
N GLY F 83 2.38 1.61 35.84
CA GLY F 83 2.63 2.97 36.30
C GLY F 83 1.51 3.56 37.11
N ILE F 84 0.26 3.23 36.76
CA ILE F 84 -0.88 3.81 37.46
C ILE F 84 -0.85 3.43 38.94
N TRP F 85 -0.45 2.20 39.24
CA TRP F 85 -0.41 1.73 40.61
C TRP F 85 0.86 2.15 41.35
N GLY F 86 1.64 3.06 40.78
CA GLY F 86 2.85 3.51 41.43
C GLY F 86 3.89 2.41 41.59
N CYS F 87 4.06 1.58 40.56
CA CYS F 87 5.04 0.51 40.60
C CYS F 87 5.88 0.46 39.33
N SER F 88 6.03 1.58 38.64
CA SER F 88 6.83 1.60 37.42
C SER F 88 8.29 1.38 37.76
N GLY F 89 8.95 0.54 36.95
CA GLY F 89 10.34 0.24 37.14
C GLY F 89 10.65 -0.81 38.18
N LYS F 90 9.64 -1.40 38.80
CA LYS F 90 9.83 -2.41 39.84
C LYS F 90 9.20 -3.71 39.38
N LEU F 91 10.00 -4.78 39.34
CA LEU F 91 9.50 -6.07 38.89
C LEU F 91 8.51 -6.66 39.90
N ILE F 92 8.85 -6.61 41.18
CA ILE F 92 7.96 -7.09 42.25
C ILE F 92 7.65 -5.89 43.13
N CYS F 93 6.38 -5.50 43.15
CA CYS F 93 5.92 -4.32 43.88
C CYS F 93 4.72 -4.70 44.73
N CYS F 94 4.70 -4.23 45.96
CA CYS F 94 3.56 -4.43 46.85
C CYS F 94 2.85 -3.10 47.10
N THR F 95 1.66 -3.21 47.69
CA THR F 95 0.77 -2.06 47.79
C THR F 95 -0.05 -2.08 49.08
N ASN F 96 -1.11 -1.29 49.15
CA ASN F 96 -1.86 -1.05 50.38
C ASN F 96 -3.35 -1.24 50.17
N VAL F 97 -3.75 -2.36 49.56
CA VAL F 97 -5.14 -2.77 49.53
C VAL F 97 -5.23 -4.18 50.12
N PRO F 98 -6.16 -4.43 51.03
CA PRO F 98 -6.22 -5.74 51.69
C PRO F 98 -6.71 -6.82 50.74
N TRP F 99 -6.43 -8.07 51.14
CA TRP F 99 -6.96 -9.24 50.46
C TRP F 99 -8.37 -9.50 50.95
N ASN F 100 -9.35 -9.40 50.04
CA ASN F 100 -10.76 -9.55 50.43
C ASN F 100 -11.06 -10.98 50.89
N SER F 101 -10.19 -11.94 50.57
CA SER F 101 -10.29 -13.32 51.03
C SER F 101 -11.46 -14.05 50.38
N SER F 102 -12.27 -13.34 49.61
CA SER F 102 -13.25 -13.99 48.75
C SER F 102 -12.68 -14.29 47.38
N TRP F 103 -11.63 -13.57 46.96
CA TRP F 103 -10.94 -13.90 45.72
C TRP F 103 -10.24 -15.25 45.84
N SER F 104 -9.61 -15.50 46.98
CA SER F 104 -9.00 -16.80 47.27
C SER F 104 -8.65 -16.83 48.75
N ASN F 105 -8.93 -17.96 49.40
CA ASN F 105 -8.65 -18.14 50.81
C ASN F 105 -7.57 -19.21 51.04
N ARG F 106 -6.82 -19.57 50.01
CA ARG F 106 -5.83 -20.62 50.14
C ARG F 106 -4.67 -20.18 51.03
N ASN F 107 -4.05 -21.15 51.68
CA ASN F 107 -2.94 -20.86 52.57
C ASN F 107 -1.72 -20.39 51.79
N LEU F 108 -0.92 -19.53 52.41
CA LEU F 108 0.23 -18.94 51.72
C LEU F 108 1.25 -20.00 51.33
N SER F 109 1.55 -20.92 52.25
CA SER F 109 2.55 -21.94 51.98
C SER F 109 2.14 -22.80 50.79
N GLU F 110 0.88 -23.21 50.77
CA GLU F 110 0.38 -24.00 49.65
C GLU F 110 0.45 -23.21 48.35
N ILE F 111 0.14 -21.91 48.41
CA ILE F 111 0.15 -21.10 47.19
C ILE F 111 1.56 -20.98 46.64
N TRP F 112 2.51 -20.59 47.48
CA TRP F 112 3.86 -20.28 47.04
C TRP F 112 4.78 -21.49 46.98
N ASP F 113 4.30 -22.68 47.34
CA ASP F 113 5.12 -23.87 47.25
C ASP F 113 4.51 -24.96 46.38
N ASN F 114 3.19 -25.04 46.28
CA ASN F 114 2.52 -26.10 45.54
C ASN F 114 1.46 -25.51 44.61
N MET F 115 1.87 -24.53 43.80
CA MET F 115 0.98 -23.90 42.84
C MET F 115 1.83 -23.14 41.83
N THR F 116 1.37 -23.10 40.59
CA THR F 116 2.04 -22.34 39.54
C THR F 116 1.20 -21.13 39.16
N TRP F 117 1.84 -20.19 38.45
CA TRP F 117 1.15 -18.97 38.05
C TRP F 117 -0.03 -19.25 37.14
N LEU F 118 0.03 -20.32 36.36
CA LEU F 118 -1.05 -20.62 35.41
C LEU F 118 -2.36 -20.84 36.14
N GLN F 119 -2.37 -21.74 37.13
CA GLN F 119 -3.60 -22.00 37.87
C GLN F 119 -4.03 -20.77 38.66
N TRP F 120 -3.07 -20.01 39.18
CA TRP F 120 -3.40 -18.81 39.94
C TRP F 120 -4.17 -17.81 39.07
N ASP F 121 -3.66 -17.51 37.88
CA ASP F 121 -4.39 -16.61 37.00
C ASP F 121 -5.69 -17.26 36.54
N LYS F 122 -5.71 -18.58 36.43
CA LYS F 122 -6.94 -19.26 36.01
C LYS F 122 -8.07 -19.05 37.01
N GLU F 123 -7.76 -19.12 38.30
CA GLU F 123 -8.77 -19.07 39.34
C GLU F 123 -8.99 -17.66 39.90
N ILE F 124 -8.35 -16.64 39.33
CA ILE F 124 -8.50 -15.27 39.78
C ILE F 124 -8.90 -14.33 38.65
N SER F 125 -9.14 -14.87 37.45
CA SER F 125 -9.32 -14.03 36.28
C SER F 125 -10.53 -13.11 36.37
N ASN F 126 -11.61 -13.56 36.98
CA ASN F 126 -12.83 -12.76 37.04
C ASN F 126 -12.71 -11.54 37.94
N TYR F 127 -11.89 -11.61 38.98
CA TYR F 127 -11.75 -10.55 39.96
C TYR F 127 -10.63 -9.57 39.64
N THR F 128 -10.05 -9.65 38.44
CA THR F 128 -8.91 -8.81 38.11
C THR F 128 -9.28 -7.34 38.09
N GLN F 129 -10.43 -6.99 37.53
CA GLN F 129 -10.78 -5.60 37.32
C GLN F 129 -10.95 -4.85 38.64
N ILE F 130 -11.62 -5.46 39.62
CA ILE F 130 -11.82 -4.79 40.89
C ILE F 130 -10.49 -4.64 41.62
N ILE F 131 -9.60 -5.62 41.50
CA ILE F 131 -8.28 -5.49 42.10
C ILE F 131 -7.52 -4.34 41.47
N TYR F 132 -7.60 -4.21 40.15
CA TYR F 132 -6.93 -3.10 39.47
C TYR F 132 -7.50 -1.76 39.93
N GLY F 133 -8.83 -1.68 40.08
CA GLY F 133 -9.44 -0.46 40.56
C GLY F 133 -9.01 -0.11 41.97
N LEU F 134 -8.92 -1.12 42.84
CA LEU F 134 -8.43 -0.88 44.20
C LEU F 134 -7.00 -0.39 44.19
N LEU F 135 -6.15 -1.00 43.37
CA LEU F 135 -4.78 -0.51 43.20
C LEU F 135 -4.76 0.96 42.78
N GLU F 136 -5.57 1.30 41.78
CA GLU F 136 -5.64 2.66 41.28
C GLU F 136 -6.02 3.64 42.38
N GLU F 137 -7.11 3.34 43.10
CA GLU F 137 -7.58 4.24 44.15
C GLU F 137 -6.55 4.37 45.26
N SER F 138 -5.95 3.24 45.67
CA SER F 138 -4.96 3.28 46.75
C SER F 138 -3.75 4.13 46.35
N GLN F 139 -3.27 3.95 45.12
CA GLN F 139 -2.11 4.73 44.69
C GLN F 139 -2.45 6.22 44.66
N ASN F 140 -3.63 6.57 44.12
CA ASN F 140 -4.01 7.97 44.05
C ASN F 140 -4.11 8.59 45.44
N GLN F 141 -4.76 7.89 46.36
CA GLN F 141 -4.93 8.43 47.71
C GLN F 141 -3.60 8.54 48.43
N GLN F 142 -2.73 7.53 48.28
CA GLN F 142 -1.41 7.58 48.91
C GLN F 142 -0.61 8.74 48.37
N GLU F 143 -0.67 8.96 47.06
CA GLU F 143 0.09 10.07 46.47
C GLU F 143 -0.44 11.42 46.94
N LYS F 144 -1.75 11.56 47.05
CA LYS F 144 -2.31 12.80 47.59
C LYS F 144 -1.90 13.01 49.04
N ASN F 145 -1.91 11.95 49.85
CA ASN F 145 -1.47 12.09 51.23
C ASN F 145 0.00 12.47 51.30
N GLU F 146 0.82 11.91 50.40
CA GLU F 146 2.23 12.26 50.37
C GLU F 146 2.40 13.74 50.02
N GLN F 147 1.61 14.25 49.07
CA GLN F 147 1.66 15.67 48.78
C GLN F 147 1.28 16.49 50.00
N ASP F 148 0.20 16.11 50.67
CA ASP F 148 -0.29 16.90 51.79
C ASP F 148 0.73 16.96 52.91
N LEU F 149 1.32 15.81 53.24
CA LEU F 149 2.34 15.79 54.29
C LEU F 149 3.62 16.48 53.83
N LEU F 150 3.89 16.49 52.53
CA LEU F 150 5.09 17.15 52.04
C LEU F 150 4.98 18.66 52.08
N ALA F 151 3.77 19.19 51.89
CA ALA F 151 3.59 20.64 51.88
C ALA F 151 3.48 21.20 53.31
N LEU F 152 2.45 20.79 54.03
CA LEU F 152 2.15 21.26 55.39
C LEU F 152 2.49 22.73 55.63
N VAL G 2 -30.87 -19.87 1.25
CA VAL G 2 -30.58 -19.79 -0.19
C VAL G 2 -31.65 -20.53 -0.98
N ARG G 3 -32.09 -19.93 -2.09
CA ARG G 3 -33.11 -20.54 -2.91
C ARG G 3 -32.52 -21.63 -3.79
N LEU G 4 -33.23 -22.75 -3.89
CA LEU G 4 -32.82 -23.88 -4.70
C LEU G 4 -33.88 -24.16 -5.75
N ASP G 5 -33.45 -24.34 -7.00
CA ASP G 5 -34.34 -24.67 -8.10
C ASP G 5 -33.97 -26.03 -8.67
N GLN G 6 -34.98 -26.83 -8.96
CA GLN G 6 -34.78 -28.20 -9.41
C GLN G 6 -35.49 -28.44 -10.73
N SER G 7 -35.03 -29.45 -11.45
CA SER G 7 -35.62 -29.82 -12.73
C SER G 7 -37.00 -30.44 -12.52
N GLY G 8 -37.74 -30.58 -13.62
CA GLY G 8 -39.09 -31.06 -13.56
C GLY G 8 -39.19 -32.57 -13.43
N THR G 9 -40.44 -33.04 -13.40
CA THR G 9 -40.70 -34.46 -13.25
C THR G 9 -40.14 -35.25 -14.42
N ALA G 10 -39.64 -36.44 -14.14
CA ALA G 10 -39.10 -37.33 -15.16
C ALA G 10 -39.68 -38.71 -14.99
N VAL G 11 -39.91 -39.40 -16.12
CA VAL G 11 -40.39 -40.77 -16.12
C VAL G 11 -39.41 -41.62 -16.92
N LYS G 12 -39.03 -42.77 -16.37
CA LYS G 12 -38.01 -43.59 -16.98
C LYS G 12 -38.42 -45.06 -16.90
N LYS G 13 -37.84 -45.86 -17.79
CA LYS G 13 -37.97 -47.31 -17.85
C LYS G 13 -36.84 -47.97 -17.07
N PRO G 14 -37.05 -49.19 -16.58
CA PRO G 14 -35.99 -49.89 -15.85
C PRO G 14 -34.73 -50.04 -16.70
N GLY G 15 -33.58 -49.88 -16.05
CA GLY G 15 -32.30 -49.99 -16.73
C GLY G 15 -31.85 -48.74 -17.46
N ALA G 16 -32.65 -47.68 -17.44
CA ALA G 16 -32.29 -46.44 -18.11
C ALA G 16 -31.39 -45.60 -17.20
N SER G 17 -31.19 -44.34 -17.56
CA SER G 17 -30.41 -43.40 -16.76
C SER G 17 -31.22 -42.12 -16.58
N VAL G 18 -30.99 -41.45 -15.45
CA VAL G 18 -31.74 -40.26 -15.07
C VAL G 18 -30.76 -39.17 -14.68
N ARG G 19 -31.08 -37.93 -15.05
CA ARG G 19 -30.31 -36.76 -14.64
C ARG G 19 -31.27 -35.70 -14.12
N VAL G 20 -31.08 -35.29 -12.88
CA VAL G 20 -31.88 -34.24 -12.27
C VAL G 20 -30.97 -33.06 -11.94
N SER G 21 -31.42 -31.87 -12.28
CA SER G 21 -30.62 -30.66 -12.12
C SER G 21 -31.03 -29.92 -10.86
N CYS G 22 -30.06 -29.32 -10.20
CA CYS G 22 -30.30 -28.51 -9.01
C CYS G 22 -29.45 -27.26 -9.10
N ARG G 23 -30.10 -26.10 -9.23
CA ARG G 23 -29.42 -24.83 -9.39
C ARG G 23 -29.57 -24.00 -8.12
N ALA G 24 -28.47 -23.41 -7.67
CA ALA G 24 -28.45 -22.56 -6.48
C ALA G 24 -27.87 -21.22 -6.89
N PRO G 25 -28.69 -20.35 -7.47
CA PRO G 25 -28.15 -19.12 -8.09
C PRO G 25 -27.44 -18.23 -7.08
N ASP G 26 -26.34 -17.64 -7.53
CA ASP G 26 -25.62 -16.60 -6.79
C ASP G 26 -25.20 -17.06 -5.40
N SER G 27 -24.92 -18.34 -5.25
CA SER G 27 -24.50 -18.88 -3.96
C SER G 27 -23.23 -19.71 -4.03
N PHE G 28 -22.64 -19.88 -5.21
CA PHE G 28 -21.41 -20.66 -5.33
C PHE G 28 -20.18 -19.87 -4.94
N THR G 29 -20.28 -18.55 -4.84
CA THR G 29 -19.12 -17.70 -4.61
C THR G 29 -19.22 -16.99 -3.26
N VAL G 30 -18.08 -16.82 -2.62
CA VAL G 30 -17.96 -16.08 -1.38
C VAL G 30 -16.86 -15.04 -1.53
N TYR G 31 -16.90 -14.01 -0.70
CA TYR G 31 -15.96 -12.90 -0.79
C TYR G 31 -15.02 -12.96 0.41
N ARG G 32 -13.84 -13.52 0.22
CA ARG G 32 -12.82 -13.44 1.25
C ARG G 32 -12.30 -12.02 1.32
N PRO G 33 -12.66 -11.22 2.32
CA PRO G 33 -12.29 -9.80 2.29
C PRO G 33 -10.79 -9.55 2.32
N ARG G 34 -10.05 -10.36 3.08
CA ARG G 34 -8.61 -10.17 3.18
C ARG G 34 -7.94 -10.37 1.82
N LEU G 35 -8.48 -11.28 1.02
CA LEU G 35 -7.94 -11.55 -0.30
C LEU G 35 -8.56 -10.69 -1.39
N SER G 36 -9.64 -9.97 -1.09
CA SER G 36 -10.22 -8.96 -1.98
C SER G 36 -10.64 -9.56 -3.32
N ALA G 37 -11.34 -10.68 -3.28
CA ALA G 37 -11.80 -11.31 -4.51
C ALA G 37 -12.94 -12.26 -4.21
N TYR G 38 -13.70 -12.59 -5.24
CA TYR G 38 -14.80 -13.55 -5.15
C TYR G 38 -14.23 -14.94 -5.42
N PHE G 39 -14.06 -15.73 -4.37
CA PHE G 39 -13.62 -17.11 -4.47
C PHE G 39 -14.81 -18.06 -4.36
N ILE G 40 -14.62 -19.26 -4.89
CA ILE G 40 -15.65 -20.28 -4.77
C ILE G 40 -15.56 -20.91 -3.39
N GLY G 41 -16.65 -20.83 -2.63
CA GLY G 41 -16.65 -21.34 -1.28
C GLY G 41 -16.68 -22.84 -1.23
N GLU G 42 -16.38 -23.38 -0.04
CA GLU G 42 -16.33 -24.82 0.17
C GLU G 42 -17.68 -25.33 0.69
N PHE G 43 -18.72 -25.10 -0.11
CA PHE G 43 -20.04 -25.59 0.23
C PHE G 43 -20.21 -27.04 -0.21
N ASN G 44 -21.21 -27.69 0.38
CA ASN G 44 -21.56 -29.05 0.00
C ASN G 44 -23.03 -29.08 -0.40
N ILE G 45 -23.32 -29.70 -1.54
CA ILE G 45 -24.68 -29.88 -2.01
C ILE G 45 -25.03 -31.35 -1.79
N HIS G 46 -25.98 -31.60 -0.89
CA HIS G 46 -26.39 -32.95 -0.57
C HIS G 46 -27.59 -33.36 -1.41
N TRP G 47 -27.67 -34.65 -1.72
CA TRP G 47 -28.73 -35.22 -2.53
C TRP G 47 -29.46 -36.27 -1.72
N LEU G 48 -30.76 -36.10 -1.54
CA LEU G 48 -31.58 -37.02 -0.76
C LEU G 48 -32.84 -37.38 -1.54
N ARG G 49 -33.38 -38.55 -1.20
CA ARG G 49 -34.60 -39.03 -1.83
C ARG G 49 -35.54 -39.54 -0.75
N GLN G 50 -36.83 -39.56 -1.09
CA GLN G 50 -37.87 -40.01 -0.16
C GLN G 50 -38.85 -40.88 -0.91
N ALA G 51 -38.86 -42.17 -0.61
CA ALA G 51 -39.82 -43.07 -1.21
C ALA G 51 -41.23 -42.71 -0.75
N PRO G 52 -42.25 -43.02 -1.56
CA PRO G 52 -43.63 -42.65 -1.20
C PRO G 52 -44.04 -43.23 0.15
N GLY G 53 -44.27 -42.34 1.11
CA GLY G 53 -44.69 -42.73 2.44
C GLY G 53 -43.58 -43.22 3.36
N GLN G 54 -42.33 -43.20 2.90
CA GLN G 54 -41.20 -43.68 3.68
C GLN G 54 -40.45 -42.52 4.31
N GLY G 55 -39.33 -42.86 4.97
CA GLY G 55 -38.46 -41.87 5.56
C GLY G 55 -37.46 -41.34 4.55
N LEU G 56 -36.54 -40.52 5.05
CA LEU G 56 -35.52 -39.91 4.22
C LEU G 56 -34.30 -40.83 4.12
N GLU G 57 -33.61 -40.75 2.98
CA GLU G 57 -32.40 -41.51 2.75
C GLU G 57 -31.35 -40.61 2.11
N TRP G 58 -30.10 -40.78 2.54
CA TRP G 58 -29.00 -39.94 2.08
C TRP G 58 -28.28 -40.62 0.93
N LEU G 59 -28.15 -39.91 -0.20
CA LEU G 59 -27.49 -40.45 -1.37
C LEU G 59 -26.01 -40.09 -1.41
N GLY G 60 -25.71 -38.80 -1.46
CA GLY G 60 -24.33 -38.36 -1.55
C GLY G 60 -24.29 -36.85 -1.63
N PHE G 61 -23.08 -36.31 -1.48
CA PHE G 61 -22.88 -34.88 -1.51
C PHE G 61 -21.59 -34.57 -2.27
N VAL G 62 -21.55 -33.38 -2.85
CA VAL G 62 -20.42 -32.93 -3.66
C VAL G 62 -19.88 -31.63 -3.07
N ASN G 63 -18.56 -31.52 -3.01
CA ASN G 63 -17.90 -30.33 -2.49
C ASN G 63 -17.66 -29.36 -3.64
N ILE G 64 -18.21 -28.16 -3.53
CA ILE G 64 -18.18 -27.21 -4.64
C ILE G 64 -16.75 -26.80 -4.98
N PHE G 65 -15.84 -26.85 -4.01
CA PHE G 65 -14.49 -26.32 -4.23
C PHE G 65 -13.82 -27.00 -5.41
N ARG G 66 -13.61 -28.32 -5.33
CA ARG G 66 -13.02 -29.01 -6.47
C ARG G 66 -13.78 -30.27 -6.87
N GLY G 67 -15.03 -30.44 -6.43
CA GLY G 67 -15.82 -31.56 -6.86
C GLY G 67 -15.64 -32.84 -6.07
N ALA G 68 -15.11 -32.77 -4.85
CA ALA G 68 -14.99 -33.96 -4.03
C ALA G 68 -16.36 -34.55 -3.75
N VAL G 69 -16.45 -35.87 -3.83
CA VAL G 69 -17.73 -36.57 -3.70
C VAL G 69 -17.58 -37.71 -2.71
N LYS G 70 -18.63 -37.93 -1.92
CA LYS G 70 -18.76 -39.11 -1.08
C LYS G 70 -20.12 -39.73 -1.37
N TYR G 71 -20.13 -41.03 -1.65
CA TYR G 71 -21.32 -41.74 -2.08
C TYR G 71 -21.70 -42.78 -1.05
N SER G 72 -22.99 -42.89 -0.77
CA SER G 72 -23.47 -43.94 0.12
C SER G 72 -23.18 -45.31 -0.48
N SER G 73 -22.75 -46.24 0.37
CA SER G 73 -22.36 -47.56 -0.11
C SER G 73 -23.52 -48.31 -0.75
N ARG G 74 -24.76 -47.95 -0.42
CA ARG G 74 -25.91 -48.58 -1.04
C ARG G 74 -26.08 -48.18 -2.50
N PHE G 75 -25.33 -47.19 -2.98
CA PHE G 75 -25.46 -46.71 -4.35
C PHE G 75 -24.13 -46.60 -5.08
N GLN G 76 -23.04 -47.07 -4.49
CA GLN G 76 -21.74 -46.96 -5.14
C GLN G 76 -21.73 -47.76 -6.44
N GLY G 77 -21.18 -47.16 -7.49
CA GLY G 77 -21.06 -47.81 -8.78
C GLY G 77 -22.14 -47.46 -9.77
N ARG G 78 -23.23 -46.81 -9.34
CA ARG G 78 -24.28 -46.44 -10.27
C ARG G 78 -24.79 -45.02 -10.03
N ILE G 79 -24.08 -44.21 -9.26
CA ILE G 79 -24.46 -42.84 -9.00
C ILE G 79 -23.26 -41.95 -9.28
N THR G 80 -23.53 -40.75 -9.81
CA THR G 80 -22.49 -39.77 -10.10
C THR G 80 -23.05 -38.39 -9.86
N ILE G 81 -22.42 -37.64 -8.96
CA ILE G 81 -22.85 -36.29 -8.61
C ILE G 81 -21.78 -35.33 -9.09
N THR G 82 -22.13 -34.45 -10.01
CA THR G 82 -21.22 -33.46 -10.54
C THR G 82 -21.83 -32.07 -10.44
N ARG G 83 -20.97 -31.06 -10.42
CA ARG G 83 -21.41 -29.68 -10.33
C ARG G 83 -20.69 -28.86 -11.40
N ASP G 84 -21.34 -27.78 -11.81
CA ASP G 84 -20.78 -26.85 -12.80
C ASP G 84 -20.69 -25.48 -12.14
N THR G 85 -19.46 -25.04 -11.85
CA THR G 85 -19.27 -23.78 -11.16
C THR G 85 -19.70 -22.59 -12.01
N SER G 86 -19.63 -22.71 -13.34
CA SER G 86 -20.03 -21.62 -14.21
C SER G 86 -21.52 -21.38 -14.14
N SER G 87 -22.31 -22.44 -14.20
CA SER G 87 -23.77 -22.33 -14.18
C SER G 87 -24.35 -22.45 -12.78
N GLU G 88 -23.52 -22.71 -11.77
CA GLU G 88 -23.96 -22.84 -10.39
C GLU G 88 -25.06 -23.90 -10.25
N THR G 89 -24.86 -25.03 -10.91
CA THR G 89 -25.82 -26.13 -10.89
C THR G 89 -25.15 -27.40 -10.44
N SER G 90 -25.95 -28.33 -9.91
CA SER G 90 -25.50 -29.65 -9.51
C SER G 90 -26.33 -30.70 -10.24
N TYR G 91 -25.67 -31.75 -10.71
CA TYR G 91 -26.32 -32.80 -11.49
C TYR G 91 -26.18 -34.13 -10.75
N LEU G 92 -27.29 -34.82 -10.57
CA LEU G 92 -27.28 -36.19 -10.06
C LEU G 92 -27.51 -37.13 -11.23
N ASP G 93 -26.56 -38.03 -11.44
CA ASP G 93 -26.64 -39.00 -12.53
C ASP G 93 -26.72 -40.39 -11.91
N LEU G 94 -27.93 -40.95 -11.89
CA LEU G 94 -28.18 -42.27 -11.33
C LEU G 94 -28.36 -43.26 -12.48
N GLY G 95 -27.66 -44.39 -12.39
CA GLY G 95 -27.72 -45.39 -13.45
C GLY G 95 -28.30 -46.70 -12.99
N ALA G 96 -28.80 -47.51 -13.92
CA ALA G 96 -29.43 -48.79 -13.64
C ALA G 96 -30.58 -48.62 -12.65
N LEU G 97 -31.57 -47.84 -13.08
CA LEU G 97 -32.70 -47.53 -12.22
C LEU G 97 -33.59 -48.77 -12.03
N LYS G 98 -34.00 -49.00 -10.80
CA LYS G 98 -34.87 -50.10 -10.43
C LYS G 98 -36.23 -49.57 -10.00
N ALA G 99 -37.23 -50.45 -10.04
CA ALA G 99 -38.61 -50.03 -9.78
C ALA G 99 -38.80 -49.43 -8.38
N ASP G 100 -37.89 -49.72 -7.45
CA ASP G 100 -37.99 -49.16 -6.11
C ASP G 100 -37.41 -47.76 -6.00
N ASP G 101 -36.86 -47.21 -7.08
CA ASP G 101 -36.26 -45.89 -7.04
C ASP G 101 -37.26 -44.76 -7.21
N THR G 102 -38.55 -45.07 -7.38
CA THR G 102 -39.57 -44.04 -7.41
C THR G 102 -39.54 -43.25 -6.11
N ALA G 103 -39.15 -41.99 -6.19
CA ALA G 103 -39.04 -41.16 -5.00
C ALA G 103 -38.93 -39.71 -5.42
N THR G 104 -39.18 -38.81 -4.46
CA THR G 104 -38.92 -37.39 -4.64
C THR G 104 -37.48 -37.12 -4.23
N TYR G 105 -36.68 -36.61 -5.16
CA TYR G 105 -35.25 -36.41 -4.93
C TYR G 105 -35.01 -34.95 -4.59
N TYR G 106 -34.42 -34.71 -3.42
CA TYR G 106 -34.16 -33.36 -2.92
C TYR G 106 -32.66 -33.08 -2.97
N CYS G 107 -32.31 -31.87 -3.37
CA CYS G 107 -30.96 -31.36 -3.25
C CYS G 107 -30.91 -30.34 -2.12
N ALA G 108 -29.89 -30.44 -1.28
CA ALA G 108 -29.82 -29.63 -0.08
C ALA G 108 -28.49 -28.89 -0.03
N TRP G 109 -28.51 -27.74 0.64
CA TRP G 109 -27.35 -26.87 0.75
C TRP G 109 -26.71 -27.04 2.11
N ASP G 110 -25.40 -27.31 2.12
CA ASP G 110 -24.64 -27.50 3.35
C ASP G 110 -23.53 -26.46 3.40
N LYS G 111 -23.56 -25.63 4.44
CA LYS G 111 -22.54 -24.60 4.60
C LYS G 111 -21.18 -25.17 4.95
N ASN G 112 -21.10 -26.43 5.36
CA ASN G 112 -19.83 -27.08 5.71
C ASN G 112 -19.09 -26.28 6.78
N VAL G 113 -19.77 -25.99 7.88
CA VAL G 113 -19.20 -25.27 9.00
C VAL G 113 -18.79 -26.28 10.06
N ASP G 114 -17.58 -26.12 10.61
CA ASP G 114 -17.06 -27.11 11.59
C ASP G 114 -17.97 -27.13 12.83
N ASP G 115 -18.35 -25.97 13.35
CA ASP G 115 -19.15 -25.91 14.60
C ASP G 115 -20.44 -26.73 14.46
N ASN G 116 -21.11 -26.62 13.32
CA ASN G 116 -22.41 -27.33 13.13
C ASN G 116 -22.27 -28.29 11.96
N PRO G 117 -21.96 -29.59 12.19
CA PRO G 117 -21.72 -30.52 11.09
C PRO G 117 -23.00 -30.95 10.37
N TRP G 118 -22.86 -31.38 9.11
CA TRP G 118 -24.04 -31.90 8.35
C TRP G 118 -25.29 -31.05 8.58
N ARG G 119 -25.21 -29.75 8.33
CA ARG G 119 -26.38 -28.88 8.39
C ARG G 119 -26.91 -28.71 6.97
N LEU G 120 -28.09 -29.25 6.71
CA LEU G 120 -28.73 -29.11 5.40
C LEU G 120 -29.70 -27.94 5.51
N ASP G 121 -29.15 -26.73 5.33
CA ASP G 121 -29.88 -25.52 5.68
C ASP G 121 -31.05 -25.26 4.76
N SER G 122 -30.87 -25.40 3.45
CA SER G 122 -31.91 -25.07 2.48
C SER G 122 -32.15 -26.27 1.58
N TRP G 123 -33.38 -26.38 1.11
CA TRP G 123 -33.83 -27.55 0.37
C TRP G 123 -34.52 -27.12 -0.92
N GLY G 124 -34.34 -27.90 -1.97
CA GLY G 124 -35.08 -27.67 -3.18
C GLY G 124 -36.52 -28.12 -3.06
N GLN G 125 -37.32 -27.73 -4.04
CA GLN G 125 -38.73 -28.09 -4.01
C GLN G 125 -38.97 -29.58 -4.19
N GLY G 126 -37.97 -30.33 -4.60
CA GLY G 126 -38.12 -31.76 -4.79
C GLY G 126 -38.51 -32.12 -6.21
N THR G 127 -37.99 -33.23 -6.71
CA THR G 127 -38.26 -33.67 -8.08
C THR G 127 -38.80 -35.10 -8.03
N LEU G 128 -39.94 -35.31 -8.67
CA LEU G 128 -40.53 -36.64 -8.74
C LEU G 128 -39.89 -37.41 -9.90
N VAL G 129 -39.34 -38.58 -9.59
CA VAL G 129 -38.78 -39.48 -10.60
C VAL G 129 -39.57 -40.77 -10.55
N ILE G 130 -40.18 -41.13 -11.67
CA ILE G 130 -41.05 -42.30 -11.77
C ILE G 130 -40.38 -43.32 -12.68
N VAL G 131 -40.21 -44.53 -12.18
CA VAL G 131 -39.67 -45.63 -12.96
C VAL G 131 -40.70 -46.76 -12.99
N SER G 132 -41.01 -47.24 -14.19
CA SER G 132 -42.01 -48.28 -14.36
C SER G 132 -41.87 -48.87 -15.74
N SER G 133 -42.58 -49.97 -15.97
CA SER G 133 -42.59 -50.61 -17.28
C SER G 133 -43.94 -50.43 -17.95
N VAL H 2 -4.70 33.97 -13.15
CA VAL H 2 -5.08 33.13 -14.28
C VAL H 2 -5.51 33.98 -15.45
N ARG H 3 -5.08 33.60 -16.66
CA ARG H 3 -5.42 34.36 -17.86
C ARG H 3 -6.84 34.04 -18.31
N LEU H 4 -7.57 35.08 -18.70
CA LEU H 4 -8.93 34.96 -19.18
C LEU H 4 -9.01 35.52 -20.59
N ASP H 5 -9.72 34.81 -21.47
CA ASP H 5 -9.91 35.22 -22.85
C ASP H 5 -11.40 35.27 -23.16
N GLN H 6 -11.86 36.36 -23.75
CA GLN H 6 -13.24 36.51 -24.14
C GLN H 6 -13.38 36.66 -25.65
N SER H 7 -14.62 36.52 -26.11
CA SER H 7 -14.91 36.64 -27.53
C SER H 7 -14.83 38.10 -27.96
N GLY H 8 -14.98 38.32 -29.26
CA GLY H 8 -14.85 39.64 -29.84
C GLY H 8 -16.10 40.47 -29.70
N THR H 9 -16.03 41.68 -30.27
CA THR H 9 -17.14 42.61 -30.23
C THR H 9 -18.36 42.04 -30.96
N ALA H 10 -19.54 42.35 -30.44
CA ALA H 10 -20.79 41.90 -31.03
C ALA H 10 -21.70 43.09 -31.29
N VAL H 11 -22.46 43.01 -32.38
CA VAL H 11 -23.45 44.02 -32.74
C VAL H 11 -24.82 43.34 -32.79
N LYS H 12 -25.79 43.92 -32.08
CA LYS H 12 -27.11 43.31 -31.99
C LYS H 12 -28.18 44.38 -32.08
N LYS H 13 -29.39 43.95 -32.45
CA LYS H 13 -30.62 44.69 -32.55
C LYS H 13 -31.49 44.43 -31.33
N PRO H 14 -32.38 45.37 -30.99
CA PRO H 14 -33.24 45.17 -29.82
C PRO H 14 -34.10 43.92 -29.97
N GLY H 15 -34.27 43.20 -28.86
CA GLY H 15 -35.05 41.99 -28.84
C GLY H 15 -34.31 40.74 -29.30
N ALA H 16 -33.05 40.86 -29.68
CA ALA H 16 -32.27 39.73 -30.13
C ALA H 16 -31.67 39.00 -28.93
N SER H 17 -30.73 38.10 -29.18
CA SER H 17 -30.02 37.38 -28.14
C SER H 17 -28.52 37.46 -28.40
N VAL H 18 -27.74 37.45 -27.32
CA VAL H 18 -26.31 37.61 -27.39
C VAL H 18 -25.63 36.48 -26.60
N ARG H 19 -24.52 35.99 -27.12
CA ARG H 19 -23.70 35.01 -26.42
C ARG H 19 -22.25 35.46 -26.47
N VAL H 20 -21.65 35.65 -25.30
CA VAL H 20 -20.25 36.03 -25.18
C VAL H 20 -19.53 34.90 -24.46
N SER H 21 -18.38 34.50 -25.00
CA SER H 21 -17.61 33.38 -24.46
C SER H 21 -16.50 33.90 -23.57
N CYS H 22 -16.14 33.09 -22.57
CA CYS H 22 -15.04 33.39 -21.67
C CYS H 22 -14.31 32.10 -21.38
N ARG H 23 -13.06 32.00 -21.83
CA ARG H 23 -12.26 30.79 -21.68
C ARG H 23 -11.13 31.04 -20.69
N ALA H 24 -10.94 30.10 -19.78
CA ALA H 24 -9.91 30.17 -18.74
C ALA H 24 -9.07 28.90 -18.85
N PRO H 25 -8.14 28.85 -19.80
CA PRO H 25 -7.45 27.59 -20.09
C PRO H 25 -6.68 27.06 -18.90
N ASP H 26 -6.72 25.73 -18.74
CA ASP H 26 -5.91 24.99 -17.78
C ASP H 26 -6.15 25.44 -16.33
N SER H 27 -7.35 25.96 -16.04
CA SER H 27 -7.66 26.41 -14.70
C SER H 27 -8.91 25.77 -14.12
N PHE H 28 -9.60 24.93 -14.88
CA PHE H 28 -10.81 24.29 -14.38
C PHE H 28 -10.52 23.11 -13.47
N THR H 29 -9.30 22.60 -13.48
CA THR H 29 -8.95 21.39 -12.76
C THR H 29 -7.95 21.66 -11.64
N VAL H 30 -8.09 20.91 -10.56
CA VAL H 30 -7.16 20.95 -9.43
C VAL H 30 -6.75 19.54 -9.07
N TYR H 31 -5.62 19.43 -8.37
CA TYR H 31 -5.07 18.13 -7.96
C TYR H 31 -5.24 18.01 -6.44
N ARG H 32 -6.25 17.27 -6.02
CA ARG H 32 -6.35 16.92 -4.62
C ARG H 32 -5.28 15.89 -4.31
N PRO H 33 -4.30 16.19 -3.46
CA PRO H 33 -3.15 15.28 -3.34
C PRO H 33 -3.48 13.94 -2.69
N ARG H 34 -4.24 13.97 -1.59
CA ARG H 34 -4.58 12.72 -0.92
C ARG H 34 -5.38 11.80 -1.83
N LEU H 35 -6.12 12.40 -2.76
CA LEU H 35 -7.01 11.62 -3.63
C LEU H 35 -6.33 11.21 -4.93
N SER H 36 -5.23 11.87 -5.29
CA SER H 36 -4.34 11.42 -6.38
C SER H 36 -5.00 11.47 -7.75
N ALA H 37 -5.68 12.58 -8.06
CA ALA H 37 -6.28 12.73 -9.37
C ALA H 37 -6.60 14.19 -9.63
N TYR H 38 -6.80 14.51 -10.90
CA TYR H 38 -7.25 15.84 -11.33
C TYR H 38 -8.76 15.91 -11.19
N PHE H 39 -9.23 16.69 -10.22
CA PHE H 39 -10.66 16.94 -10.05
C PHE H 39 -10.99 18.34 -10.52
N ILE H 40 -12.26 18.54 -10.88
CA ILE H 40 -12.73 19.86 -11.23
C ILE H 40 -12.92 20.67 -9.96
N GLY H 41 -12.20 21.78 -9.86
CA GLY H 41 -12.27 22.58 -8.66
C GLY H 41 -13.59 23.30 -8.51
N GLU H 42 -13.85 23.78 -7.29
CA GLU H 42 -15.10 24.48 -7.00
C GLU H 42 -14.88 25.99 -7.13
N PHE H 43 -14.62 26.40 -8.37
CA PHE H 43 -14.43 27.81 -8.69
C PHE H 43 -15.74 28.44 -9.14
N ASN H 44 -15.78 29.77 -9.05
CA ASN H 44 -16.89 30.55 -9.54
C ASN H 44 -16.40 31.51 -10.60
N ILE H 45 -17.14 31.61 -11.71
CA ILE H 45 -16.85 32.57 -12.76
C ILE H 45 -17.95 33.62 -12.72
N HIS H 46 -17.57 34.85 -12.37
CA HIS H 46 -18.52 35.94 -12.27
C HIS H 46 -18.58 36.72 -13.58
N TRP H 47 -19.77 37.24 -13.87
CA TRP H 47 -20.03 38.01 -15.08
C TRP H 47 -20.45 39.41 -14.69
N LEU H 48 -19.69 40.41 -15.15
CA LEU H 48 -19.95 41.79 -14.81
C LEU H 48 -19.93 42.65 -16.08
N ARG H 49 -20.66 43.76 -16.04
CA ARG H 49 -20.75 44.67 -17.15
C ARG H 49 -20.59 46.10 -16.65
N GLN H 50 -20.13 46.97 -17.54
CA GLN H 50 -19.89 48.37 -17.21
C GLN H 50 -20.45 49.24 -18.32
N ALA H 51 -21.51 49.97 -18.02
CA ALA H 51 -22.07 50.90 -18.98
C ALA H 51 -21.09 52.03 -19.26
N PRO H 52 -21.15 52.65 -20.45
CA PRO H 52 -20.19 53.70 -20.79
C PRO H 52 -20.19 54.85 -19.79
N GLY H 53 -19.07 55.02 -19.08
CA GLY H 53 -18.94 56.08 -18.11
C GLY H 53 -19.58 55.82 -16.77
N GLN H 54 -20.16 54.64 -16.55
CA GLN H 54 -20.85 54.31 -15.32
C GLN H 54 -19.98 53.42 -14.44
N GLY H 55 -20.54 53.01 -13.30
CA GLY H 55 -19.88 52.08 -12.41
C GLY H 55 -20.10 50.64 -12.83
N LEU H 56 -19.62 49.74 -11.98
CA LEU H 56 -19.73 48.32 -12.25
C LEU H 56 -21.06 47.78 -11.74
N GLU H 57 -21.56 46.75 -12.41
CA GLU H 57 -22.79 46.07 -12.03
C GLU H 57 -22.58 44.57 -12.12
N TRP H 58 -23.14 43.85 -11.16
CA TRP H 58 -22.96 42.41 -11.04
C TRP H 58 -24.15 41.71 -11.69
N LEU H 59 -23.86 40.74 -12.57
CA LEU H 59 -24.90 40.01 -13.29
C LEU H 59 -25.17 38.65 -12.64
N GLY H 60 -24.16 37.80 -12.56
CA GLY H 60 -24.35 36.47 -12.02
C GLY H 60 -23.05 35.69 -12.11
N PHE H 61 -23.02 34.57 -11.39
CA PHE H 61 -21.84 33.72 -11.37
C PHE H 61 -22.28 32.27 -11.43
N VAL H 62 -21.41 31.43 -11.97
CA VAL H 62 -21.67 30.01 -12.13
C VAL H 62 -20.60 29.22 -11.38
N ASN H 63 -21.03 28.15 -10.73
CA ASN H 63 -20.11 27.26 -10.01
C ASN H 63 -19.62 26.18 -10.96
N ILE H 64 -18.30 26.10 -11.12
CA ILE H 64 -17.73 25.18 -12.09
C ILE H 64 -18.04 23.73 -11.74
N PHE H 65 -18.23 23.44 -10.45
CA PHE H 65 -18.39 22.06 -10.01
C PHE H 65 -19.54 21.37 -10.73
N ARG H 66 -20.77 21.83 -10.49
CA ARG H 66 -21.91 21.22 -11.17
C ARG H 66 -22.81 22.24 -11.86
N GLY H 67 -22.34 23.47 -12.06
CA GLY H 67 -23.12 24.44 -12.81
C GLY H 67 -24.12 25.24 -12.00
N ALA H 68 -23.98 25.29 -10.68
CA ALA H 68 -24.87 26.11 -9.86
C ALA H 68 -24.76 27.57 -10.28
N VAL H 69 -25.91 28.23 -10.38
CA VAL H 69 -25.97 29.60 -10.87
C VAL H 69 -26.76 30.45 -9.89
N LYS H 70 -26.27 31.66 -9.62
CA LYS H 70 -27.01 32.66 -8.88
C LYS H 70 -27.09 33.92 -9.73
N TYR H 71 -28.29 34.47 -9.87
CA TYR H 71 -28.55 35.56 -10.80
C TYR H 71 -29.06 36.77 -10.06
N SER H 72 -28.63 37.95 -10.52
CA SER H 72 -29.16 39.19 -9.97
C SER H 72 -30.62 39.33 -10.34
N SER H 73 -31.44 39.78 -9.39
CA SER H 73 -32.87 39.90 -9.62
C SER H 73 -33.21 40.88 -10.72
N ARG H 74 -32.31 41.82 -11.02
CA ARG H 74 -32.57 42.77 -12.10
C ARG H 74 -32.51 42.12 -13.47
N PHE H 75 -32.07 40.88 -13.57
CA PHE H 75 -31.95 40.19 -14.85
C PHE H 75 -32.60 38.81 -14.89
N GLN H 76 -33.24 38.38 -13.80
CA GLN H 76 -33.85 37.05 -13.79
C GLN H 76 -34.92 36.94 -14.86
N GLY H 77 -34.92 35.82 -15.57
CA GLY H 77 -35.87 35.55 -16.63
C GLY H 77 -35.34 35.78 -18.02
N ARG H 78 -34.22 36.50 -18.18
CA ARG H 78 -33.63 36.71 -19.49
C ARG H 78 -32.11 36.50 -19.46
N ILE H 79 -31.58 35.88 -18.42
CA ILE H 79 -30.15 35.69 -18.25
C ILE H 79 -29.89 34.20 -18.05
N THR H 80 -28.80 33.72 -18.64
CA THR H 80 -28.42 32.31 -18.53
C THR H 80 -26.91 32.20 -18.62
N ILE H 81 -26.29 31.63 -17.59
CA ILE H 81 -24.84 31.45 -17.54
C ILE H 81 -24.57 29.96 -17.46
N THR H 82 -23.75 29.47 -18.39
CA THR H 82 -23.39 28.06 -18.43
C THR H 82 -21.90 27.93 -18.69
N ARG H 83 -21.34 26.79 -18.28
CA ARG H 83 -19.93 26.51 -18.46
C ARG H 83 -19.77 25.12 -19.07
N ASP H 84 -18.70 24.95 -19.84
CA ASP H 84 -18.36 23.67 -20.46
C ASP H 84 -17.04 23.22 -19.89
N THR H 85 -17.07 22.19 -19.04
CA THR H 85 -15.85 21.73 -18.37
C THR H 85 -14.86 21.15 -19.37
N SER H 86 -15.33 20.61 -20.48
CA SER H 86 -14.43 20.04 -21.48
C SER H 86 -13.57 21.12 -22.12
N SER H 87 -14.19 22.22 -22.55
CA SER H 87 -13.49 23.31 -23.20
C SER H 87 -13.00 24.37 -22.22
N GLU H 88 -13.34 24.25 -20.95
CA GLU H 88 -12.94 25.21 -19.93
C GLU H 88 -13.40 26.62 -20.28
N THR H 89 -14.64 26.73 -20.78
CA THR H 89 -15.20 27.99 -21.20
C THR H 89 -16.51 28.27 -20.46
N SER H 90 -16.85 29.54 -20.35
CA SER H 90 -18.10 29.97 -19.76
C SER H 90 -18.87 30.80 -20.78
N TYR H 91 -20.18 30.58 -20.84
CA TYR H 91 -21.03 31.25 -21.81
C TYR H 91 -22.07 32.10 -21.08
N LEU H 92 -22.16 33.37 -21.46
CA LEU H 92 -23.21 34.26 -21.00
C LEU H 92 -24.25 34.37 -22.10
N ASP H 93 -25.50 34.06 -21.77
CA ASP H 93 -26.61 34.11 -22.72
C ASP H 93 -27.64 35.10 -22.18
N LEU H 94 -27.63 36.31 -22.72
CA LEU H 94 -28.57 37.36 -22.33
C LEU H 94 -29.63 37.49 -23.42
N GLY H 95 -30.90 37.48 -23.00
CA GLY H 95 -32.00 37.58 -23.94
C GLY H 95 -32.82 38.84 -23.78
N ALA H 96 -33.55 39.21 -24.83
CA ALA H 96 -34.37 40.42 -24.86
C ALA H 96 -33.52 41.65 -24.53
N LEU H 97 -32.52 41.88 -25.37
CA LEU H 97 -31.59 42.98 -25.14
C LEU H 97 -32.28 44.32 -25.36
N LYS H 98 -32.03 45.25 -24.46
CA LYS H 98 -32.56 46.60 -24.53
C LYS H 98 -31.43 47.58 -24.83
N ALA H 99 -31.82 48.77 -25.29
CA ALA H 99 -30.83 49.76 -25.73
C ALA H 99 -29.88 50.19 -24.61
N ASP H 100 -30.26 49.98 -23.35
CA ASP H 100 -29.41 50.34 -22.22
C ASP H 100 -28.41 49.25 -21.87
N ASP H 101 -28.42 48.12 -22.57
CA ASP H 101 -27.49 47.04 -22.28
C ASP H 101 -26.13 47.23 -22.93
N THR H 102 -25.93 48.32 -23.68
CA THR H 102 -24.63 48.62 -24.25
C THR H 102 -23.60 48.77 -23.14
N ALA H 103 -22.65 47.84 -23.05
CA ALA H 103 -21.68 47.87 -21.98
C ALA H 103 -20.53 46.92 -22.32
N THR H 104 -19.42 47.10 -21.63
CA THR H 104 -18.31 46.17 -21.71
C THR H 104 -18.52 45.08 -20.66
N TYR H 105 -18.68 43.84 -21.13
CA TYR H 105 -19.02 42.72 -20.28
C TYR H 105 -17.74 41.98 -19.89
N TYR H 106 -17.50 41.85 -18.59
CA TYR H 106 -16.29 41.20 -18.08
C TYR H 106 -16.65 39.88 -17.43
N CYS H 107 -15.78 38.88 -17.63
CA CYS H 107 -15.86 37.63 -16.88
C CYS H 107 -14.72 37.59 -15.88
N ALA H 108 -15.05 37.23 -14.65
CA ALA H 108 -14.09 37.28 -13.56
C ALA H 108 -13.96 35.93 -12.89
N TRP H 109 -12.78 35.66 -12.35
CA TRP H 109 -12.45 34.39 -11.74
C TRP H 109 -12.53 34.51 -10.23
N ASP H 110 -13.26 33.57 -9.61
CA ASP H 110 -13.44 33.56 -8.16
C ASP H 110 -12.93 32.23 -7.62
N LYS H 111 -11.93 32.30 -6.74
CA LYS H 111 -11.41 31.09 -6.13
C LYS H 111 -12.38 30.44 -5.16
N ASN H 112 -13.42 31.16 -4.74
CA ASN H 112 -14.42 30.64 -3.81
C ASN H 112 -13.76 30.15 -2.52
N VAL H 113 -13.03 31.04 -1.88
CA VAL H 113 -12.36 30.75 -0.61
C VAL H 113 -13.21 31.27 0.52
N ASP H 114 -13.48 30.41 1.51
CA ASP H 114 -14.37 30.79 2.60
C ASP H 114 -13.85 31.98 3.38
N ASP H 115 -12.53 32.14 3.46
CA ASP H 115 -11.95 33.26 4.21
C ASP H 115 -11.97 34.57 3.43
N ASN H 116 -12.19 34.54 2.12
CA ASN H 116 -12.24 35.74 1.30
C ASN H 116 -13.48 35.67 0.42
N PRO H 117 -14.63 36.12 0.93
CA PRO H 117 -15.88 36.00 0.16
C PRO H 117 -15.86 36.87 -1.08
N TRP H 118 -16.27 36.28 -2.20
CA TRP H 118 -16.45 36.98 -3.47
C TRP H 118 -15.20 37.77 -3.86
N ARG H 119 -14.07 37.08 -3.88
CA ARG H 119 -12.84 37.65 -4.40
C ARG H 119 -12.79 37.46 -5.91
N LEU H 120 -12.62 38.56 -6.66
CA LEU H 120 -12.53 38.50 -8.11
C LEU H 120 -11.06 38.71 -8.48
N ASP H 121 -10.30 37.61 -8.45
CA ASP H 121 -8.85 37.70 -8.55
C ASP H 121 -8.38 38.10 -9.93
N SER H 122 -8.92 37.48 -10.98
CA SER H 122 -8.45 37.70 -12.33
C SER H 122 -9.61 38.12 -13.21
N TRP H 123 -9.32 38.97 -14.19
CA TRP H 123 -10.33 39.58 -15.05
C TRP H 123 -9.93 39.42 -16.50
N GLY H 124 -10.93 39.23 -17.35
CA GLY H 124 -10.69 39.19 -18.78
C GLY H 124 -10.52 40.57 -19.36
N GLN H 125 -10.14 40.60 -20.64
CA GLN H 125 -9.90 41.87 -21.32
C GLN H 125 -11.16 42.68 -21.54
N GLY H 126 -12.33 42.07 -21.39
CA GLY H 126 -13.57 42.79 -21.60
C GLY H 126 -14.09 42.64 -23.01
N THR H 127 -15.42 42.62 -23.13
CA THR H 127 -16.08 42.45 -24.41
C THR H 127 -17.09 43.56 -24.60
N LEU H 128 -16.98 44.28 -25.71
CA LEU H 128 -17.92 45.34 -26.04
C LEU H 128 -19.14 44.74 -26.73
N VAL H 129 -20.32 44.94 -26.15
CA VAL H 129 -21.57 44.52 -26.74
C VAL H 129 -22.41 45.77 -26.96
N ILE H 130 -22.73 46.07 -28.21
CA ILE H 130 -23.45 47.26 -28.60
C ILE H 130 -24.79 46.85 -29.18
N VAL H 131 -25.86 47.53 -28.76
CA VAL H 131 -27.20 47.27 -29.26
C VAL H 131 -27.80 48.59 -29.74
N SER H 132 -28.40 48.57 -30.92
CA SER H 132 -29.00 49.76 -31.49
C SER H 132 -29.93 49.34 -32.62
N SER H 133 -30.70 50.30 -33.12
CA SER H 133 -31.59 50.05 -34.24
C SER H 133 -31.07 50.73 -35.50
N VAL I 2 28.61 -17.81 -14.67
CA VAL I 2 27.74 -17.57 -15.79
C VAL I 2 28.36 -18.13 -17.08
N ARG I 3 27.54 -18.78 -17.90
CA ARG I 3 28.02 -19.36 -19.13
C ARG I 3 28.22 -18.29 -20.20
N LEU I 4 29.35 -18.37 -20.90
CA LEU I 4 29.67 -17.46 -21.99
C LEU I 4 29.80 -18.23 -23.28
N ASP I 5 29.08 -17.79 -24.32
CA ASP I 5 29.16 -18.37 -25.64
C ASP I 5 29.77 -17.36 -26.60
N GLN I 6 30.76 -17.79 -27.36
CA GLN I 6 31.54 -16.90 -28.20
C GLN I 6 31.62 -17.48 -29.62
N SER I 7 31.80 -16.58 -30.59
CA SER I 7 31.66 -16.94 -31.99
C SER I 7 32.79 -17.85 -32.45
N GLY I 8 32.61 -18.39 -33.65
CA GLY I 8 33.54 -19.36 -34.21
C GLY I 8 34.77 -18.74 -34.83
N THR I 9 35.68 -19.62 -35.25
CA THR I 9 36.97 -19.19 -35.76
C THR I 9 36.82 -18.31 -36.99
N ALA I 10 37.69 -17.31 -37.10
CA ALA I 10 37.69 -16.39 -38.22
C ALA I 10 39.10 -16.26 -38.79
N VAL I 11 39.19 -16.10 -40.11
CA VAL I 11 40.46 -15.89 -40.79
C VAL I 11 40.33 -14.60 -41.61
N LYS I 12 41.34 -13.74 -41.49
CA LYS I 12 41.29 -12.43 -42.13
C LYS I 12 42.64 -12.10 -42.75
N LYS I 13 42.61 -11.19 -43.71
CA LYS I 13 43.75 -10.62 -44.39
C LYS I 13 44.19 -9.33 -43.70
N PRO I 14 45.46 -8.94 -43.84
CA PRO I 14 45.92 -7.70 -43.21
C PRO I 14 45.14 -6.49 -43.72
N GLY I 15 44.85 -5.57 -42.80
CA GLY I 15 44.10 -4.38 -43.13
C GLY I 15 42.60 -4.54 -43.15
N ALA I 16 42.09 -5.74 -42.88
CA ALA I 16 40.66 -5.99 -42.88
C ALA I 16 40.07 -5.62 -41.51
N SER I 17 38.84 -6.06 -41.26
CA SER I 17 38.17 -5.84 -39.98
C SER I 17 37.58 -7.16 -39.50
N VAL I 18 37.51 -7.31 -38.18
CA VAL I 18 37.05 -8.54 -37.55
C VAL I 18 35.99 -8.20 -36.51
N ARG I 19 34.98 -9.05 -36.41
CA ARG I 19 33.94 -8.94 -35.38
C ARG I 19 33.75 -10.29 -34.74
N VAL I 20 33.98 -10.36 -33.43
CA VAL I 20 33.76 -11.57 -32.65
C VAL I 20 32.62 -11.32 -31.68
N SER I 21 31.72 -12.29 -31.58
CA SER I 21 30.53 -12.16 -30.75
C SER I 21 30.71 -12.90 -29.44
N CYS I 22 30.15 -12.33 -28.37
CA CYS I 22 30.19 -12.93 -27.06
C CYS I 22 28.82 -12.76 -26.41
N ARG I 23 28.12 -13.87 -26.19
CA ARG I 23 26.77 -13.85 -25.65
C ARG I 23 26.77 -14.46 -24.26
N ALA I 24 26.09 -13.80 -23.33
CA ALA I 24 25.98 -14.24 -21.94
C ALA I 24 24.50 -14.33 -21.61
N PRO I 25 23.85 -15.43 -21.98
CA PRO I 25 22.38 -15.49 -21.89
C PRO I 25 21.90 -15.34 -20.46
N ASP I 26 20.77 -14.63 -20.32
CA ASP I 26 20.04 -14.53 -19.06
C ASP I 26 20.90 -13.97 -17.92
N SER I 27 21.86 -13.12 -18.24
CA SER I 27 22.74 -12.55 -17.24
C SER I 27 22.85 -11.04 -17.32
N PHE I 28 22.19 -10.41 -18.30
CA PHE I 28 22.25 -8.95 -18.42
C PHE I 28 21.31 -8.25 -17.46
N THR I 29 20.36 -8.97 -16.86
CA THR I 29 19.32 -8.36 -16.04
C THR I 29 19.47 -8.79 -14.59
N VAL I 30 19.19 -7.87 -13.68
CA VAL I 30 19.18 -8.16 -12.25
C VAL I 30 17.85 -7.68 -11.68
N TYR I 31 17.44 -8.27 -10.56
CA TYR I 31 16.16 -7.96 -9.94
C TYR I 31 16.41 -7.15 -8.68
N ARG I 32 16.23 -5.84 -8.78
CA ARG I 32 16.26 -5.01 -7.59
C ARG I 32 14.97 -5.18 -6.81
N PRO I 33 14.96 -5.92 -5.69
CA PRO I 33 13.68 -6.25 -5.05
C PRO I 33 12.91 -5.03 -4.55
N ARG I 34 13.62 -4.02 -4.05
CA ARG I 34 12.94 -2.83 -3.55
C ARG I 34 12.16 -2.13 -4.65
N LEU I 35 12.72 -2.10 -5.86
CA LEU I 35 12.05 -1.49 -7.00
C LEU I 35 11.07 -2.43 -7.67
N SER I 36 11.10 -3.72 -7.34
CA SER I 36 10.16 -4.71 -7.84
C SER I 36 10.15 -4.78 -9.37
N ALA I 37 11.33 -4.78 -9.96
CA ALA I 37 11.43 -4.82 -11.41
C ALA I 37 12.77 -5.39 -11.82
N TYR I 38 12.83 -5.85 -13.06
CA TYR I 38 14.06 -6.37 -13.66
C TYR I 38 14.79 -5.23 -14.35
N PHE I 39 15.91 -4.80 -13.76
CA PHE I 39 16.76 -3.77 -14.34
C PHE I 39 17.98 -4.39 -14.99
N ILE I 40 18.57 -3.64 -15.91
CA ILE I 40 19.85 -4.05 -16.47
C ILE I 40 20.96 -3.69 -15.49
N GLY I 41 21.78 -4.67 -15.14
CA GLY I 41 22.80 -4.48 -14.13
C GLY I 41 23.94 -3.62 -14.63
N GLU I 42 24.93 -3.45 -13.77
CA GLU I 42 26.11 -2.65 -14.07
C GLU I 42 27.34 -3.54 -14.25
N PHE I 43 27.15 -4.68 -14.90
CA PHE I 43 28.26 -5.60 -15.13
C PHE I 43 29.19 -5.05 -16.20
N ASN I 44 30.43 -5.52 -16.15
CA ASN I 44 31.43 -5.21 -17.16
C ASN I 44 31.80 -6.48 -17.91
N ILE I 45 31.88 -6.40 -19.22
CA ILE I 45 32.35 -7.50 -20.06
C ILE I 45 33.74 -7.11 -20.56
N HIS I 46 34.75 -7.84 -20.11
CA HIS I 46 36.12 -7.57 -20.50
C HIS I 46 36.51 -8.42 -21.70
N TRP I 47 37.40 -7.88 -22.52
CA TRP I 47 37.89 -8.56 -23.71
C TRP I 47 39.40 -8.77 -23.58
N LEU I 48 39.82 -10.01 -23.73
CA LEU I 48 41.23 -10.37 -23.55
C LEU I 48 41.68 -11.23 -24.72
N ARG I 49 42.97 -11.17 -25.00
CA ARG I 49 43.57 -11.98 -26.07
C ARG I 49 44.87 -12.59 -25.56
N GLN I 50 45.25 -13.70 -26.19
CA GLN I 50 46.46 -14.42 -25.81
C GLN I 50 47.18 -14.86 -27.08
N ALA I 51 48.34 -14.26 -27.35
CA ALA I 51 49.13 -14.66 -28.49
C ALA I 51 49.65 -16.10 -28.28
N PRO I 52 49.91 -16.82 -29.36
CA PRO I 52 50.36 -18.21 -29.23
C PRO I 52 51.63 -18.33 -28.39
N GLY I 53 51.50 -18.99 -27.24
CA GLY I 53 52.62 -19.19 -26.34
C GLY I 53 52.96 -18.03 -25.44
N GLN I 54 52.21 -16.94 -25.53
CA GLN I 54 52.50 -15.74 -24.75
C GLN I 54 51.56 -15.65 -23.54
N GLY I 55 51.70 -14.55 -22.79
CA GLY I 55 50.81 -14.26 -21.69
C GLY I 55 49.55 -13.54 -22.16
N LEU I 56 48.73 -13.17 -21.20
CA LEU I 56 47.48 -12.47 -21.49
C LEU I 56 47.70 -10.98 -21.63
N GLU I 57 46.87 -10.35 -22.46
CA GLU I 57 46.89 -8.92 -22.66
C GLU I 57 45.47 -8.39 -22.58
N TRP I 58 45.30 -7.22 -21.99
CA TRP I 58 43.99 -6.64 -21.75
C TRP I 58 43.64 -5.68 -22.89
N LEU I 59 42.45 -5.86 -23.47
CA LEU I 59 42.00 -5.05 -24.59
C LEU I 59 41.09 -3.91 -24.14
N GLY I 60 39.98 -4.25 -23.51
CA GLY I 60 39.02 -3.25 -23.09
C GLY I 60 37.78 -3.91 -22.54
N PHE I 61 36.97 -3.11 -21.86
CA PHE I 61 35.76 -3.60 -21.25
C PHE I 61 34.63 -2.61 -21.48
N VAL I 62 33.41 -3.12 -21.53
CA VAL I 62 32.22 -2.32 -21.76
C VAL I 62 31.29 -2.48 -20.57
N ASN I 63 30.70 -1.37 -20.14
CA ASN I 63 29.74 -1.37 -19.04
C ASN I 63 28.34 -1.60 -19.61
N ILE I 64 27.67 -2.64 -19.14
CA ILE I 64 26.38 -3.03 -19.71
C ILE I 64 25.33 -1.96 -19.49
N PHE I 65 25.46 -1.15 -18.44
CA PHE I 65 24.41 -0.23 -18.07
C PHE I 65 24.06 0.71 -19.22
N ARG I 66 25.02 1.55 -19.63
CA ARG I 66 24.76 2.44 -20.77
C ARG I 66 25.90 2.41 -21.78
N GLY I 67 26.63 1.30 -21.86
CA GLY I 67 27.63 1.16 -22.89
C GLY I 67 28.93 1.91 -22.67
N ALA I 68 29.22 2.31 -21.43
CA ALA I 68 30.49 2.96 -21.15
C ALA I 68 31.65 2.02 -21.45
N VAL I 69 32.73 2.57 -22.00
CA VAL I 69 33.86 1.77 -22.46
C VAL I 69 35.15 2.40 -21.97
N LYS I 70 36.18 1.55 -21.87
CA LYS I 70 37.55 1.99 -21.62
C LYS I 70 38.47 1.07 -22.40
N TYR I 71 39.40 1.65 -23.14
CA TYR I 71 40.24 0.89 -24.06
C TYR I 71 41.70 1.03 -23.68
N SER I 72 42.46 -0.04 -23.88
CA SER I 72 43.90 0.03 -23.68
C SER I 72 44.52 0.98 -24.70
N SER I 73 45.48 1.78 -24.24
CA SER I 73 46.09 2.78 -25.12
C SER I 73 46.84 2.15 -26.28
N ARG I 74 47.23 0.87 -26.16
CA ARG I 74 47.90 0.20 -27.27
C ARG I 74 46.96 -0.10 -28.43
N PHE I 75 45.65 0.12 -28.26
CA PHE I 75 44.68 -0.18 -29.30
C PHE I 75 43.70 0.95 -29.58
N GLN I 76 43.86 2.11 -28.94
CA GLN I 76 42.92 3.20 -29.15
C GLN I 76 42.93 3.64 -30.61
N GLY I 77 41.75 3.84 -31.17
CA GLY I 77 41.61 4.30 -32.53
C GLY I 77 41.31 3.21 -33.54
N ARG I 78 41.45 1.93 -33.17
CA ARG I 78 41.17 0.85 -34.12
C ARG I 78 40.36 -0.27 -33.47
N ILE I 79 39.80 -0.05 -32.29
CA ILE I 79 39.03 -1.07 -31.58
C ILE I 79 37.74 -0.43 -31.08
N THR I 80 36.65 -1.19 -31.15
CA THR I 80 35.35 -0.73 -30.69
C THR I 80 34.61 -1.89 -30.05
N ILE I 81 34.17 -1.71 -28.81
CA ILE I 81 33.44 -2.73 -28.06
C ILE I 81 32.03 -2.21 -27.83
N THR I 82 31.05 -2.97 -28.27
CA THR I 82 29.65 -2.61 -28.09
C THR I 82 28.87 -3.82 -27.60
N ARG I 83 27.75 -3.55 -26.94
CA ARG I 83 26.90 -4.61 -26.43
C ARG I 83 25.46 -4.32 -26.82
N ASP I 84 24.69 -5.38 -27.03
CA ASP I 84 23.27 -5.27 -27.36
C ASP I 84 22.48 -5.87 -26.19
N THR I 85 21.79 -5.00 -25.44
CA THR I 85 21.06 -5.45 -24.27
C THR I 85 19.87 -6.32 -24.63
N SER I 86 19.36 -6.23 -25.86
CA SER I 86 18.23 -7.05 -26.26
C SER I 86 18.66 -8.51 -26.45
N SER I 87 19.78 -8.72 -27.13
CA SER I 87 20.28 -10.07 -27.38
C SER I 87 21.27 -10.54 -26.34
N GLU I 88 21.63 -9.69 -25.38
CA GLU I 88 22.58 -10.04 -24.32
C GLU I 88 23.90 -10.50 -24.91
N THR I 89 24.37 -9.76 -25.92
CA THR I 89 25.59 -10.10 -26.62
C THR I 89 26.55 -8.91 -26.60
N SER I 90 27.84 -9.21 -26.65
CA SER I 90 28.88 -8.20 -26.74
C SER I 90 29.69 -8.41 -28.01
N TYR I 91 30.02 -7.32 -28.69
CA TYR I 91 30.74 -7.37 -29.95
C TYR I 91 32.07 -6.64 -29.82
N LEU I 92 33.14 -7.29 -30.26
CA LEU I 92 34.45 -6.65 -30.37
C LEU I 92 34.71 -6.37 -31.85
N ASP I 93 34.94 -5.11 -32.18
CA ASP I 93 35.22 -4.71 -33.55
C ASP I 93 36.63 -4.15 -33.61
N LEU I 94 37.56 -4.94 -34.12
CA LEU I 94 38.97 -4.55 -34.22
C LEU I 94 39.25 -4.22 -35.68
N GLY I 95 39.89 -3.07 -35.90
CA GLY I 95 40.20 -2.63 -37.26
C GLY I 95 41.68 -2.53 -37.54
N ALA I 96 42.05 -2.57 -38.81
CA ALA I 96 43.45 -2.52 -39.24
C ALA I 96 44.26 -3.62 -38.57
N LEU I 97 43.85 -4.86 -38.85
CA LEU I 97 44.48 -6.02 -38.24
C LEU I 97 45.88 -6.22 -38.80
N LYS I 98 46.83 -6.51 -37.91
CA LYS I 98 48.21 -6.76 -38.26
C LYS I 98 48.56 -8.23 -38.00
N ALA I 99 49.65 -8.67 -38.63
CA ALA I 99 50.00 -10.09 -38.59
C ALA I 99 50.26 -10.58 -37.16
N ASP I 100 50.55 -9.67 -36.24
CA ASP I 100 50.80 -10.06 -34.86
C ASP I 100 49.52 -10.20 -34.04
N ASP I 101 48.36 -9.96 -34.64
CA ASP I 101 47.10 -10.03 -33.91
C ASP I 101 46.55 -11.45 -33.81
N THR I 102 47.22 -12.43 -34.39
CA THR I 102 46.80 -13.82 -34.23
C THR I 102 46.79 -14.20 -32.76
N ALA I 103 45.61 -14.45 -32.21
CA ALA I 103 45.51 -14.77 -30.79
C ALA I 103 44.13 -15.36 -30.53
N THR I 104 43.99 -16.02 -29.39
CA THR I 104 42.70 -16.50 -28.91
C THR I 104 42.06 -15.39 -28.09
N TYR I 105 40.96 -14.83 -28.60
CA TYR I 105 40.32 -13.67 -27.99
C TYR I 105 39.26 -14.14 -27.00
N TYR I 106 39.41 -13.76 -25.74
CA TYR I 106 38.53 -14.18 -24.67
C TYR I 106 37.65 -13.01 -24.23
N CYS I 107 36.38 -13.29 -23.99
CA CYS I 107 35.48 -12.34 -23.37
C CYS I 107 35.18 -12.81 -21.94
N ALA I 108 35.29 -11.88 -20.99
CA ALA I 108 35.20 -12.22 -19.58
C ALA I 108 34.10 -11.42 -18.92
N TRP I 109 33.54 -11.98 -17.85
CA TRP I 109 32.45 -11.39 -17.12
C TRP I 109 32.96 -10.76 -15.83
N ASP I 110 32.60 -9.51 -15.60
CA ASP I 110 33.01 -8.77 -14.41
C ASP I 110 31.77 -8.31 -13.66
N LYS I 111 31.64 -8.75 -12.42
CA LYS I 111 30.52 -8.32 -11.59
C LYS I 111 30.59 -6.85 -11.20
N ASN I 112 31.75 -6.21 -11.37
CA ASN I 112 31.93 -4.81 -11.03
C ASN I 112 31.54 -4.53 -9.58
N VAL I 113 32.16 -5.28 -8.67
CA VAL I 113 31.91 -5.16 -7.24
C VAL I 113 33.02 -4.31 -6.63
N ASP I 114 32.65 -3.30 -5.84
CA ASP I 114 33.63 -2.40 -5.26
C ASP I 114 34.58 -3.15 -4.32
N ASP I 115 34.08 -4.17 -3.63
CA ASP I 115 34.93 -4.92 -2.70
C ASP I 115 36.04 -5.66 -3.44
N ASN I 116 35.74 -6.24 -4.59
CA ASN I 116 36.72 -6.99 -5.38
C ASN I 116 36.88 -6.34 -6.74
N PRO I 117 37.88 -5.48 -6.94
CA PRO I 117 38.01 -4.78 -8.22
C PRO I 117 38.51 -5.70 -9.32
N TRP I 118 37.96 -5.46 -10.52
CA TRP I 118 38.35 -6.15 -11.74
C TRP I 118 38.45 -7.66 -11.57
N ARG I 119 37.39 -8.27 -11.05
CA ARG I 119 37.30 -9.73 -10.97
C ARG I 119 36.71 -10.26 -12.26
N LEU I 120 37.41 -11.19 -12.90
CA LEU I 120 36.95 -11.81 -14.13
C LEU I 120 36.43 -13.20 -13.76
N ASP I 121 35.17 -13.26 -13.33
CA ASP I 121 34.64 -14.47 -12.73
C ASP I 121 34.46 -15.60 -13.73
N SER I 122 33.91 -15.31 -14.91
CA SER I 122 33.62 -16.35 -15.89
C SER I 122 34.23 -15.96 -17.23
N TRP I 123 34.61 -16.97 -18.00
CA TRP I 123 35.35 -16.77 -19.24
C TRP I 123 34.70 -17.55 -20.37
N GLY I 124 34.75 -16.98 -21.57
CA GLY I 124 34.29 -17.69 -22.74
C GLY I 124 35.28 -18.74 -23.19
N GLN I 125 34.82 -19.60 -24.10
CA GLN I 125 35.69 -20.65 -24.60
C GLN I 125 36.80 -20.11 -25.50
N GLY I 126 36.68 -18.88 -25.98
CA GLY I 126 37.76 -18.32 -26.77
C GLY I 126 37.62 -18.62 -28.24
N THR I 127 38.03 -17.67 -29.07
CA THR I 127 37.97 -17.78 -30.52
C THR I 127 39.34 -17.53 -31.10
N LEU I 128 39.79 -18.43 -31.97
CA LEU I 128 41.03 -18.23 -32.70
C LEU I 128 40.78 -17.26 -33.85
N VAL I 129 41.55 -16.19 -33.91
CA VAL I 129 41.50 -15.23 -35.01
C VAL I 129 42.84 -15.28 -35.72
N ILE I 130 42.80 -15.63 -37.00
CA ILE I 130 44.00 -15.87 -37.79
C ILE I 130 44.09 -14.77 -38.84
N VAL I 131 45.21 -14.05 -38.85
CA VAL I 131 45.48 -13.04 -39.86
C VAL I 131 46.76 -13.42 -40.60
N SER I 132 46.68 -13.42 -41.93
CA SER I 132 47.82 -13.81 -42.75
C SER I 132 47.54 -13.35 -44.17
N SER I 133 48.57 -13.46 -45.00
CA SER I 133 48.46 -13.11 -46.41
C SER I 133 48.55 -14.36 -47.27
N ILE J 2 -23.17 -45.45 11.80
CA ILE J 2 -23.80 -45.43 13.11
C ILE J 2 -25.31 -45.51 12.98
N GLN J 3 -25.92 -46.43 13.72
CA GLN J 3 -27.36 -46.59 13.67
C GLN J 3 -28.05 -45.57 14.55
N VAL J 4 -29.15 -44.99 14.05
CA VAL J 4 -29.92 -44.00 14.77
C VAL J 4 -31.38 -44.46 14.81
N THR J 5 -32.00 -44.36 15.98
CA THR J 5 -33.35 -44.83 16.19
C THR J 5 -34.23 -43.71 16.74
N GLN J 6 -35.51 -43.79 16.43
CA GLN J 6 -36.49 -42.81 16.90
C GLN J 6 -37.68 -43.52 17.51
N SER J 7 -38.36 -42.82 18.42
CA SER J 7 -39.54 -43.36 19.10
C SER J 7 -40.29 -42.21 19.74
N PRO J 8 -41.63 -42.26 19.78
CA PRO J 8 -42.51 -43.28 19.21
C PRO J 8 -42.67 -43.12 17.71
N SER J 9 -43.13 -44.16 17.00
CA SER J 9 -43.29 -44.07 15.56
C SER J 9 -44.32 -43.01 15.18
N SER J 10 -45.41 -42.93 15.93
CA SER J 10 -46.44 -41.94 15.66
C SER J 10 -47.07 -41.53 16.98
N LEU J 11 -47.66 -40.33 16.98
CA LEU J 11 -48.29 -39.81 18.18
C LEU J 11 -49.33 -38.78 17.77
N SER J 12 -50.40 -38.69 18.56
CA SER J 12 -51.46 -37.72 18.35
C SER J 12 -51.59 -36.84 19.58
N ALA J 13 -51.58 -35.53 19.38
CA ALA J 13 -51.74 -34.58 20.47
C ALA J 13 -52.77 -33.54 20.08
N SER J 14 -53.51 -33.07 21.08
CA SER J 14 -54.50 -32.02 20.85
C SER J 14 -53.80 -30.66 20.78
N ILE J 15 -54.60 -29.62 20.56
CA ILE J 15 -54.05 -28.28 20.42
C ILE J 15 -53.42 -27.85 21.74
N GLY J 16 -52.22 -27.29 21.66
CA GLY J 16 -51.58 -26.65 22.79
C GLY J 16 -50.83 -27.55 23.75
N ASP J 17 -50.83 -28.86 23.54
CA ASP J 17 -50.11 -29.74 24.46
C ASP J 17 -48.60 -29.61 24.25
N THR J 18 -47.86 -30.12 25.23
CA THR J 18 -46.40 -30.19 25.15
C THR J 18 -46.00 -31.64 24.87
N ILE J 19 -45.26 -31.84 23.78
CA ILE J 19 -44.86 -33.17 23.35
C ILE J 19 -43.36 -33.18 23.10
N THR J 20 -42.76 -34.36 23.25
CA THR J 20 -41.34 -34.55 23.00
C THR J 20 -41.13 -35.80 22.15
N VAL J 21 -40.04 -35.80 21.40
CA VAL J 21 -39.68 -36.92 20.53
C VAL J 21 -38.23 -37.30 20.79
N ALA J 22 -37.96 -38.60 20.83
CA ALA J 22 -36.65 -39.11 21.16
C ALA J 22 -35.91 -39.57 19.90
N CYS J 23 -34.58 -39.40 19.93
CA CYS J 23 -33.70 -39.81 18.84
C CYS J 23 -32.43 -40.37 19.47
N GLU J 24 -32.34 -41.69 19.51
CA GLU J 24 -31.22 -42.37 20.17
C GLU J 24 -30.15 -42.69 19.15
N VAL J 25 -28.89 -42.42 19.53
CA VAL J 25 -27.74 -42.71 18.68
C VAL J 25 -26.95 -43.86 19.28
N SER J 26 -26.36 -44.67 18.41
CA SER J 26 -25.65 -45.86 18.88
C SER J 26 -24.30 -45.52 19.49
N GLN J 27 -23.65 -44.47 18.98
CA GLN J 27 -22.30 -44.12 19.47
C GLN J 27 -22.29 -42.65 19.94
N ASP J 28 -21.16 -42.18 20.47
CA ASP J 28 -21.07 -40.75 20.87
C ASP J 28 -21.04 -39.91 19.59
N VAL J 29 -21.98 -38.99 19.44
CA VAL J 29 -22.04 -38.14 18.21
C VAL J 29 -21.87 -36.68 18.63
N GLY J 30 -21.37 -36.44 19.85
CA GLY J 30 -21.27 -35.06 20.35
C GLY J 30 -22.66 -34.45 20.41
N TRP J 31 -22.85 -33.28 19.78
CA TRP J 31 -24.20 -32.68 19.74
C TRP J 31 -24.68 -32.62 18.28
N ALA J 32 -24.04 -33.37 17.40
CA ALA J 32 -24.40 -33.30 15.96
C ALA J 32 -25.66 -34.13 15.69
N VAL J 33 -26.81 -33.69 16.18
CA VAL J 33 -28.08 -34.41 15.89
C VAL J 33 -29.08 -33.38 15.34
N ASN J 34 -28.91 -32.98 14.08
CA ASN J 34 -29.81 -31.94 13.48
C ASN J 34 -31.23 -32.51 13.35
N TRP J 35 -32.24 -31.66 13.53
CA TRP J 35 -33.65 -32.11 13.43
C TRP J 35 -34.31 -31.48 12.20
N TYR J 36 -35.23 -32.21 11.55
CA TYR J 36 -35.91 -31.69 10.34
C TYR J 36 -37.39 -32.05 10.37
N HIS J 37 -38.25 -31.14 9.95
CA HIS J 37 -39.72 -31.40 9.92
C HIS J 37 -40.20 -31.33 8.48
N GLN J 38 -41.11 -32.24 8.10
CA GLN J 38 -41.61 -32.28 6.70
C GLN J 38 -43.14 -32.24 6.69
N ARG J 39 -43.72 -31.12 6.26
CA ARG J 39 -45.16 -31.04 6.14
C ARG J 39 -45.62 -31.93 4.97
N PRO J 40 -46.82 -32.49 5.06
CA PRO J 40 -47.28 -33.41 4.01
C PRO J 40 -47.27 -32.73 2.64
N GLY J 41 -46.61 -33.39 1.68
CA GLY J 41 -46.51 -32.85 0.35
C GLY J 41 -45.58 -31.66 0.21
N ARG J 42 -44.71 -31.42 1.19
CA ARG J 42 -43.82 -30.28 1.19
C ARG J 42 -42.38 -30.74 1.45
N PRO J 43 -41.40 -30.01 0.93
CA PRO J 43 -40.01 -30.39 1.18
C PRO J 43 -39.65 -30.16 2.63
N PRO J 44 -38.77 -30.98 3.19
CA PRO J 44 -38.35 -30.78 4.59
C PRO J 44 -37.53 -29.52 4.74
N TYR J 45 -37.54 -28.98 5.96
CA TYR J 45 -36.78 -27.78 6.28
C TYR J 45 -36.17 -27.93 7.66
N ASN J 46 -35.14 -27.12 7.93
CA ASN J 46 -34.38 -27.27 9.16
C ASN J 46 -35.17 -26.78 10.36
N LEU J 47 -35.22 -27.61 11.41
CA LEU J 47 -35.76 -27.20 12.70
C LEU J 47 -34.67 -26.84 13.69
N ILE J 48 -33.80 -27.78 14.02
CA ILE J 48 -32.79 -27.62 15.06
C ILE J 48 -31.47 -28.15 14.52
N TYR J 49 -30.42 -27.35 14.66
CA TYR J 49 -29.08 -27.76 14.29
C TYR J 49 -28.22 -27.80 15.54
N THR J 50 -27.24 -28.71 15.59
CA THR J 50 -26.35 -28.86 16.77
C THR J 50 -27.14 -29.39 17.94
N ALA J 51 -28.40 -29.78 17.72
CA ALA J 51 -29.23 -30.46 18.72
C ALA J 51 -29.79 -29.53 19.79
N HIS J 52 -29.40 -28.26 19.79
CA HIS J 52 -30.04 -27.30 20.69
C HIS J 52 -30.19 -25.91 20.09
N ASN J 53 -29.72 -25.67 18.87
CA ASN J 53 -29.78 -24.35 18.26
C ASN J 53 -30.94 -24.29 17.27
N LEU J 54 -31.75 -23.24 17.36
CA LEU J 54 -32.91 -23.10 16.51
C LEU J 54 -32.51 -22.58 15.14
N ALA J 55 -33.12 -23.15 14.10
CA ALA J 55 -32.91 -22.66 12.76
C ALA J 55 -33.60 -21.32 12.59
N PRO J 56 -33.10 -20.47 11.69
CA PRO J 56 -33.75 -19.18 11.45
C PRO J 56 -35.19 -19.36 11.02
N GLY J 57 -36.07 -18.54 11.57
CA GLY J 57 -37.49 -18.60 11.29
C GLY J 57 -38.27 -19.57 12.16
N VAL J 58 -37.59 -20.36 12.98
CA VAL J 58 -38.26 -21.33 13.84
C VAL J 58 -38.64 -20.64 15.15
N ALA J 59 -39.88 -20.85 15.60
CA ALA J 59 -40.35 -20.23 16.82
C ALA J 59 -39.60 -20.77 18.04
N SER J 60 -39.51 -19.94 19.08
CA SER J 60 -38.80 -20.30 20.30
C SER J 60 -39.46 -21.45 21.04
N ARG J 61 -40.68 -21.80 20.66
CA ARG J 61 -41.44 -22.91 21.23
C ARG J 61 -40.84 -24.28 20.95
N PHE J 62 -39.85 -24.38 20.06
CA PHE J 62 -39.13 -25.62 19.84
C PHE J 62 -37.86 -25.64 20.69
N ARG J 63 -37.57 -26.79 21.29
CA ARG J 63 -36.40 -26.93 22.15
C ARG J 63 -35.79 -28.32 21.98
N GLY J 64 -34.47 -28.37 21.92
CA GLY J 64 -33.73 -29.62 21.84
C GLY J 64 -32.73 -29.73 22.97
N SER J 65 -32.44 -30.96 23.40
CA SER J 65 -31.53 -31.20 24.51
C SER J 65 -30.81 -32.51 24.30
N ARG J 66 -29.73 -32.70 25.09
CA ARG J 66 -28.89 -33.92 24.94
C ARG J 66 -28.65 -34.61 26.29
N VAL J 67 -29.04 -35.87 26.42
CA VAL J 67 -28.74 -36.66 27.61
C VAL J 67 -27.79 -37.77 27.15
N GLY J 68 -26.49 -37.51 27.23
CA GLY J 68 -25.50 -38.46 26.78
C GLY J 68 -25.66 -38.85 25.32
N THR J 69 -26.08 -40.08 25.07
CA THR J 69 -26.44 -40.53 23.74
C THR J 69 -27.94 -40.51 23.50
N TYR J 70 -28.70 -39.89 24.41
CA TYR J 70 -30.15 -39.80 24.31
C TYR J 70 -30.51 -38.35 23.98
N PHE J 71 -31.26 -38.17 22.90
CA PHE J 71 -31.53 -36.86 22.34
C PHE J 71 -33.02 -36.64 22.23
N THR J 72 -33.46 -35.43 22.61
CA THR J 72 -34.89 -35.12 22.66
C THR J 72 -35.16 -33.80 21.97
N LEU J 73 -36.28 -33.74 21.26
CA LEU J 73 -36.83 -32.50 20.73
C LEU J 73 -38.18 -32.26 21.40
N THR J 74 -38.28 -31.18 22.16
CA THR J 74 -39.45 -30.90 22.97
C THR J 74 -40.25 -29.78 22.31
N ILE J 75 -41.56 -29.95 22.26
CA ILE J 75 -42.47 -29.03 21.59
C ILE J 75 -43.49 -28.53 22.61
N ASN J 76 -43.67 -27.22 22.70
CA ASN J 76 -44.64 -26.61 23.59
C ASN J 76 -45.81 -26.06 22.80
N ASN J 77 -46.95 -25.89 23.51
CA ASN J 77 -48.17 -25.24 23.02
C ASN J 77 -48.44 -25.56 21.53
N LEU J 78 -48.62 -26.86 21.27
CA LEU J 78 -48.73 -27.37 19.91
C LEU J 78 -49.76 -26.58 19.10
N LEU J 79 -49.43 -26.35 17.84
CA LEU J 79 -50.23 -25.58 16.89
C LEU J 79 -50.47 -26.41 15.66
N PRO J 80 -51.53 -26.10 14.89
CA PRO J 80 -51.89 -26.98 13.76
C PRO J 80 -50.79 -27.15 12.72
N GLU J 81 -50.00 -26.12 12.47
CA GLU J 81 -48.98 -26.21 11.42
C GLU J 81 -47.86 -27.19 11.74
N ASP J 82 -47.78 -27.64 12.99
CA ASP J 82 -46.72 -28.58 13.38
C ASP J 82 -47.01 -30.01 12.93
N VAL J 83 -48.19 -30.27 12.38
CA VAL J 83 -48.51 -31.61 11.90
C VAL J 83 -47.52 -32.00 10.81
N GLY J 84 -47.15 -33.29 10.79
CA GLY J 84 -46.21 -33.77 9.81
C GLY J 84 -45.32 -34.88 10.34
N THR J 85 -44.09 -34.92 9.85
CA THR J 85 -43.12 -35.93 10.27
C THR J 85 -41.85 -35.25 10.74
N TYR J 86 -41.18 -35.88 11.69
CA TYR J 86 -39.97 -35.34 12.30
C TYR J 86 -38.81 -36.31 12.09
N TYR J 87 -37.69 -35.80 11.59
CA TYR J 87 -36.51 -36.60 11.32
C TYR J 87 -35.31 -36.01 12.04
N CYS J 88 -34.47 -36.89 12.58
CA CYS J 88 -33.21 -36.51 13.20
C CYS J 88 -32.06 -37.06 12.39
N GLN J 89 -31.10 -36.20 12.08
CA GLN J 89 -29.97 -36.55 11.22
C GLN J 89 -28.68 -36.56 12.03
N VAL J 90 -27.91 -37.62 11.88
CA VAL J 90 -26.55 -37.68 12.38
C VAL J 90 -25.64 -38.08 11.21
N PHE J 91 -24.82 -37.13 10.79
CA PHE J 91 -23.91 -37.37 9.64
C PHE J 91 -24.72 -37.87 8.45
N ASP J 92 -24.41 -39.07 7.98
CA ASP J 92 -25.06 -39.65 6.80
C ASP J 92 -26.23 -40.55 7.14
N SER J 93 -26.60 -40.66 8.42
CA SER J 93 -27.61 -41.61 8.85
C SER J 93 -28.91 -40.90 9.16
N PHE J 94 -30.00 -41.39 8.58
CA PHE J 94 -31.34 -40.93 8.89
C PHE J 94 -32.12 -42.03 9.58
N ALA J 95 -32.92 -41.66 10.57
CA ALA J 95 -33.71 -42.65 11.28
C ALA J 95 -34.75 -43.26 10.34
N PRO J 96 -34.94 -44.58 10.38
CA PRO J 96 -35.92 -45.22 9.49
C PRO J 96 -37.34 -44.89 9.93
N GLY J 97 -38.14 -44.38 9.01
CA GLY J 97 -39.54 -44.12 9.23
C GLY J 97 -39.88 -42.76 9.81
N GLY J 98 -39.05 -42.26 10.71
CA GLY J 98 -39.35 -40.98 11.33
C GLY J 98 -40.49 -41.09 12.33
N THR J 99 -40.95 -39.92 12.77
CA THR J 99 -42.02 -39.82 13.76
C THR J 99 -43.11 -38.91 13.21
N ARG J 100 -44.33 -39.43 13.15
CA ARG J 100 -45.46 -38.70 12.58
C ARG J 100 -46.28 -38.08 13.71
N VAL J 101 -46.56 -36.78 13.60
CA VAL J 101 -47.30 -36.03 14.59
C VAL J 101 -48.55 -35.47 13.92
N ASP J 102 -49.72 -35.80 14.49
CA ASP J 102 -50.98 -35.35 13.94
C ASP J 102 -51.90 -34.90 15.07
N LEU J 103 -52.89 -34.08 14.70
CA LEU J 103 -53.84 -33.57 15.67
C LEU J 103 -54.79 -34.66 16.16
N ARG J 104 -55.20 -34.54 17.42
CA ARG J 104 -56.11 -35.52 18.00
C ARG J 104 -57.57 -35.11 17.81
N ILE K 2 -28.50 44.40 0.84
CA ILE K 2 -27.45 45.26 1.37
C ILE K 2 -27.16 46.41 0.41
N GLN K 3 -26.94 47.60 0.96
CA GLN K 3 -26.61 48.78 0.19
C GLN K 3 -25.24 49.30 0.62
N VAL K 4 -24.41 49.64 -0.35
CA VAL K 4 -23.05 50.12 -0.10
C VAL K 4 -22.89 51.48 -0.73
N THR K 5 -22.30 52.41 0.02
CA THR K 5 -22.08 53.78 -0.43
C THR K 5 -20.60 54.12 -0.28
N GLN K 6 -20.08 54.90 -1.22
CA GLN K 6 -18.66 55.23 -1.22
C GLN K 6 -18.46 56.65 -1.76
N SER K 7 -17.58 57.38 -1.10
CA SER K 7 -17.43 58.82 -1.28
C SER K 7 -15.98 59.20 -1.01
N PRO K 8 -15.51 60.34 -1.53
CA PRO K 8 -16.23 61.33 -2.36
C PRO K 8 -16.39 60.86 -3.81
N SER K 9 -17.28 61.48 -4.58
CA SER K 9 -17.51 61.05 -5.95
C SER K 9 -16.25 61.21 -6.79
N SER K 10 -15.53 62.30 -6.60
CA SER K 10 -14.30 62.55 -7.34
C SER K 10 -13.34 63.33 -6.47
N LEU K 11 -12.06 63.24 -6.82
CA LEU K 11 -11.03 63.96 -6.08
C LEU K 11 -9.80 64.11 -6.97
N SER K 12 -9.08 65.20 -6.78
CA SER K 12 -7.85 65.48 -7.50
C SER K 12 -6.73 65.69 -6.50
N ALA K 13 -5.61 65.00 -6.71
CA ALA K 13 -4.47 65.10 -5.81
C ALA K 13 -3.20 65.23 -6.63
N SER K 14 -2.23 65.94 -6.08
CA SER K 14 -0.95 66.12 -6.75
C SER K 14 -0.07 64.90 -6.53
N ILE K 15 1.09 64.90 -7.20
CA ILE K 15 2.01 63.78 -7.12
C ILE K 15 2.52 63.62 -5.69
N GLY K 16 2.50 62.39 -5.19
CA GLY K 16 3.07 62.07 -3.90
C GLY K 16 2.17 62.31 -2.71
N ASP K 17 0.98 62.86 -2.90
CA ASP K 17 0.10 63.16 -1.79
C ASP K 17 -0.48 61.87 -1.20
N THR K 18 -0.99 61.99 0.01
CA THR K 18 -1.67 60.90 0.70
C THR K 18 -3.17 61.15 0.68
N ILE K 19 -3.92 60.24 0.06
CA ILE K 19 -5.37 60.38 -0.07
C ILE K 19 -6.04 59.09 0.39
N THR K 20 -7.27 59.22 0.87
CA THR K 20 -8.04 58.08 1.33
C THR K 20 -9.44 58.13 0.71
N VAL K 21 -10.05 56.95 0.56
CA VAL K 21 -11.38 56.82 0.00
C VAL K 21 -12.22 55.97 0.94
N ALA K 22 -13.47 56.39 1.14
CA ALA K 22 -14.37 55.75 2.10
C ALA K 22 -15.37 54.86 1.37
N CYS K 23 -15.76 53.78 2.03
CA CYS K 23 -16.77 52.85 1.51
C CYS K 23 -17.61 52.39 2.70
N GLU K 24 -18.83 52.92 2.79
CA GLU K 24 -19.71 52.64 3.92
C GLU K 24 -20.69 51.54 3.55
N VAL K 25 -20.90 50.61 4.46
CA VAL K 25 -21.82 49.49 4.27
C VAL K 25 -23.02 49.68 5.20
N SER K 26 -24.19 49.26 4.74
CA SER K 26 -25.41 49.45 5.53
C SER K 26 -25.51 48.49 6.70
N GLN K 27 -24.84 47.34 6.63
CA GLN K 27 -24.93 46.34 7.69
C GLN K 27 -23.55 45.80 8.00
N ASP K 28 -23.41 45.20 9.18
CA ASP K 28 -22.15 44.58 9.57
C ASP K 28 -21.89 43.39 8.65
N VAL K 29 -20.73 43.41 7.98
CA VAL K 29 -20.38 42.38 7.01
C VAL K 29 -19.00 41.85 7.39
N GLY K 30 -18.50 42.29 8.54
CA GLY K 30 -17.19 41.85 8.97
C GLY K 30 -16.11 42.54 8.14
N TRP K 31 -15.19 41.75 7.60
CA TRP K 31 -14.12 42.27 6.77
C TRP K 31 -14.31 41.97 5.29
N ALA K 32 -15.49 41.52 4.88
CA ALA K 32 -15.73 41.11 3.50
C ALA K 32 -15.95 42.31 2.58
N VAL K 33 -14.86 43.05 2.36
CA VAL K 33 -14.84 44.19 1.45
C VAL K 33 -13.64 44.04 0.53
N ASN K 34 -13.87 44.22 -0.78
CA ASN K 34 -12.82 44.12 -1.77
C ASN K 34 -12.68 45.45 -2.51
N TRP K 35 -11.45 45.80 -2.87
CA TRP K 35 -11.15 47.05 -3.52
C TRP K 35 -10.59 46.81 -4.92
N TYR K 36 -11.11 47.54 -5.91
CA TYR K 36 -10.79 47.30 -7.30
C TYR K 36 -10.28 48.57 -7.97
N HIS K 37 -9.28 48.41 -8.82
CA HIS K 37 -8.71 49.48 -9.61
C HIS K 37 -9.06 49.30 -11.08
N GLN K 38 -9.55 50.36 -11.71
CA GLN K 38 -9.84 50.35 -13.14
C GLN K 38 -9.17 51.57 -13.76
N ARG K 39 -8.15 51.33 -14.56
CA ARG K 39 -7.55 52.40 -15.33
C ARG K 39 -8.44 52.71 -16.54
N PRO K 40 -8.41 53.96 -17.03
CA PRO K 40 -9.28 54.32 -18.15
C PRO K 40 -9.02 53.43 -19.36
N GLY K 41 -10.11 52.87 -19.90
CA GLY K 41 -10.00 51.98 -21.04
C GLY K 41 -9.37 50.64 -20.77
N ARG K 42 -9.25 50.25 -19.50
CA ARG K 42 -8.61 49.01 -19.12
C ARG K 42 -9.51 48.20 -18.21
N PRO K 43 -9.40 46.88 -18.23
CA PRO K 43 -10.22 46.05 -17.35
C PRO K 43 -9.81 46.26 -15.89
N PRO K 44 -10.76 46.22 -14.97
CA PRO K 44 -10.41 46.35 -13.55
C PRO K 44 -9.65 45.13 -13.06
N TYR K 45 -8.85 45.35 -12.01
CA TYR K 45 -8.10 44.29 -11.36
C TYR K 45 -8.23 44.43 -9.86
N ASN K 46 -8.11 43.29 -9.17
CA ASN K 46 -8.23 43.28 -7.72
C ASN K 46 -7.10 44.09 -7.10
N LEU K 47 -7.43 44.89 -6.10
CA LEU K 47 -6.46 45.73 -5.42
C LEU K 47 -6.29 45.34 -3.96
N ILE K 48 -7.38 45.32 -3.19
CA ILE K 48 -7.40 44.85 -1.82
C ILE K 48 -8.53 43.85 -1.68
N TYR K 49 -8.26 42.74 -1.00
CA TYR K 49 -9.28 41.74 -0.70
C TYR K 49 -9.38 41.57 0.81
N THR K 50 -10.60 41.34 1.28
CA THR K 50 -10.91 41.18 2.71
C THR K 50 -10.56 42.46 3.49
N ALA K 51 -10.54 43.59 2.77
CA ALA K 51 -10.47 44.96 3.28
C ALA K 51 -9.11 45.35 3.84
N HIS K 52 -8.20 44.42 4.09
CA HIS K 52 -6.87 44.81 4.55
C HIS K 52 -5.74 43.99 3.94
N ASN K 53 -6.01 43.10 2.98
CA ASN K 53 -4.98 42.26 2.40
C ASN K 53 -4.67 42.73 0.99
N LEU K 54 -3.40 42.90 0.68
CA LEU K 54 -2.98 43.37 -0.63
C LEU K 54 -3.02 42.25 -1.66
N ALA K 55 -3.53 42.56 -2.84
CA ALA K 55 -3.51 41.61 -3.93
C ALA K 55 -2.08 41.42 -4.44
N PRO K 56 -1.78 40.26 -5.02
CA PRO K 56 -0.43 40.06 -5.57
C PRO K 56 -0.10 41.09 -6.62
N GLY K 57 1.14 41.59 -6.59
CA GLY K 57 1.58 42.61 -7.50
C GLY K 57 1.26 44.03 -7.09
N VAL K 58 0.51 44.21 -6.01
CA VAL K 58 0.13 45.55 -5.55
C VAL K 58 1.21 46.08 -4.62
N ALA K 59 1.62 47.33 -4.85
CA ALA K 59 2.67 47.93 -4.04
C ALA K 59 2.20 48.16 -2.61
N SER K 60 3.16 48.17 -1.68
CA SER K 60 2.87 48.29 -0.26
C SER K 60 2.30 49.65 0.12
N ARG K 61 2.36 50.63 -0.78
CA ARG K 61 1.78 51.94 -0.54
C ARG K 61 0.26 51.92 -0.42
N PHE K 62 -0.38 50.82 -0.81
CA PHE K 62 -1.83 50.69 -0.67
C PHE K 62 -2.16 50.08 0.68
N ARG K 63 -3.12 50.69 1.38
CA ARG K 63 -3.52 50.22 2.70
C ARG K 63 -5.02 50.37 2.88
N GLY K 64 -5.65 49.34 3.43
CA GLY K 64 -7.08 49.36 3.72
C GLY K 64 -7.31 49.08 5.19
N SER K 65 -8.37 49.70 5.74
CA SER K 65 -8.68 49.56 7.15
C SER K 65 -10.19 49.45 7.32
N ARG K 66 -10.59 48.88 8.45
CA ARG K 66 -12.00 48.71 8.79
C ARG K 66 -12.30 49.38 10.12
N VAL K 67 -13.36 50.18 10.14
CA VAL K 67 -13.85 50.81 11.37
C VAL K 67 -15.34 50.48 11.46
N GLY K 68 -15.66 49.39 12.15
CA GLY K 68 -17.03 48.93 12.26
C GLY K 68 -17.66 48.66 10.92
N THR K 69 -18.59 49.52 10.50
CA THR K 69 -19.16 49.48 9.16
C THR K 69 -18.54 50.52 8.24
N TYR K 70 -17.46 51.17 8.66
CA TYR K 70 -16.81 52.22 7.90
C TYR K 70 -15.46 51.70 7.40
N PHE K 71 -15.33 51.57 6.08
CA PHE K 71 -14.13 51.04 5.47
C PHE K 71 -13.39 52.14 4.71
N THR K 72 -12.07 52.14 4.83
CA THR K 72 -11.24 53.16 4.19
C THR K 72 -10.10 52.48 3.45
N LEU K 73 -9.78 53.01 2.28
CA LEU K 73 -8.60 52.63 1.52
C LEU K 73 -7.70 53.85 1.41
N THR K 74 -6.47 53.73 1.92
CA THR K 74 -5.56 54.86 2.03
C THR K 74 -4.46 54.74 0.98
N ILE K 75 -4.18 55.84 0.30
CA ILE K 75 -3.16 55.90 -0.74
C ILE K 75 -2.02 56.74 -0.22
N ASN K 76 -0.80 56.19 -0.26
CA ASN K 76 0.40 56.92 0.09
C ASN K 76 1.20 57.23 -1.17
N ASN K 77 1.98 58.31 -1.11
CA ASN K 77 2.92 58.76 -2.16
C ASN K 77 2.35 58.50 -3.56
N LEU K 78 1.24 59.18 -3.82
CA LEU K 78 0.49 58.98 -5.06
C LEU K 78 1.39 59.12 -6.28
N LEU K 79 1.14 58.25 -7.26
CA LEU K 79 1.92 58.15 -8.48
C LEU K 79 0.99 58.21 -9.68
N PRO K 80 1.48 58.61 -10.85
CA PRO K 80 0.59 58.84 -11.99
C PRO K 80 -0.23 57.63 -12.40
N GLU K 81 0.31 56.41 -12.27
CA GLU K 81 -0.41 55.23 -12.71
C GLU K 81 -1.65 54.94 -11.86
N ASP K 82 -1.80 55.59 -10.72
CA ASP K 82 -2.96 55.37 -9.86
C ASP K 82 -4.20 56.11 -10.34
N VAL K 83 -4.08 56.92 -11.39
CA VAL K 83 -5.24 57.61 -11.95
C VAL K 83 -6.27 56.57 -12.40
N GLY K 84 -7.53 56.90 -12.21
CA GLY K 84 -8.61 56.01 -12.60
C GLY K 84 -9.75 56.12 -11.60
N THR K 85 -10.54 55.06 -11.52
CA THR K 85 -11.68 54.99 -10.63
C THR K 85 -11.51 53.85 -9.64
N TYR K 86 -12.09 54.03 -8.45
CA TYR K 86 -12.02 53.04 -7.39
C TYR K 86 -13.40 52.48 -7.11
N TYR K 87 -13.48 51.17 -6.93
CA TYR K 87 -14.73 50.51 -6.58
C TYR K 87 -14.52 49.61 -5.38
N CYS K 88 -15.46 49.62 -4.46
CA CYS K 88 -15.46 48.72 -3.32
C CYS K 88 -16.61 47.73 -3.48
N GLN K 89 -16.33 46.45 -3.21
CA GLN K 89 -17.27 45.37 -3.42
C GLN K 89 -17.65 44.75 -2.10
N VAL K 90 -18.95 44.54 -1.91
CA VAL K 90 -19.48 43.80 -0.76
C VAL K 90 -20.45 42.78 -1.31
N PHE K 91 -20.01 41.52 -1.37
CA PHE K 91 -20.81 40.44 -1.96
C PHE K 91 -21.25 40.81 -3.37
N ASP K 92 -22.56 40.84 -3.60
CA ASP K 92 -23.10 41.13 -4.93
C ASP K 92 -23.37 42.60 -5.17
N SER K 93 -23.03 43.47 -4.23
CA SER K 93 -23.34 44.89 -4.33
C SER K 93 -22.10 45.68 -4.71
N PHE K 94 -22.22 46.48 -5.77
CA PHE K 94 -21.19 47.44 -6.15
C PHE K 94 -21.71 48.85 -5.91
N ALA K 95 -20.86 49.67 -5.31
CA ALA K 95 -21.26 51.05 -5.04
C ALA K 95 -21.45 51.80 -6.34
N PRO K 96 -22.53 52.59 -6.46
CA PRO K 96 -22.80 53.31 -7.71
C PRO K 96 -21.81 54.44 -7.91
N GLY K 97 -21.40 54.66 -9.16
CA GLY K 97 -20.59 55.80 -9.53
C GLY K 97 -19.09 55.63 -9.38
N GLY K 98 -18.64 55.17 -8.22
CA GLY K 98 -17.22 55.07 -7.97
C GLY K 98 -16.59 56.43 -7.67
N THR K 99 -15.28 56.38 -7.43
CA THR K 99 -14.49 57.56 -7.10
C THR K 99 -13.38 57.72 -8.12
N ARG K 100 -13.49 58.74 -8.96
CA ARG K 100 -12.47 59.02 -9.97
C ARG K 100 -11.34 59.82 -9.35
N VAL K 101 -10.12 59.31 -9.49
CA VAL K 101 -8.92 59.93 -8.93
C VAL K 101 -8.04 60.36 -10.09
N ASP K 102 -7.75 61.66 -10.18
CA ASP K 102 -6.97 62.21 -11.26
C ASP K 102 -5.93 63.17 -10.71
N LEU K 103 -4.88 63.39 -11.50
CA LEU K 103 -3.79 64.27 -11.09
C LEU K 103 -4.25 65.73 -11.10
N ARG K 104 -3.65 66.53 -10.22
CA ARG K 104 -3.98 67.94 -10.13
C ARG K 104 -3.00 68.80 -10.92
N ILE L 2 50.93 1.51 -13.94
CA ILE L 2 51.35 0.50 -13.00
C ILE L 2 51.98 -0.68 -13.74
N GLN L 3 53.05 -1.24 -13.17
CA GLN L 3 53.74 -2.38 -13.73
C GLN L 3 53.74 -3.53 -12.73
N VAL L 4 53.50 -4.74 -13.23
CA VAL L 4 53.42 -5.93 -12.40
C VAL L 4 54.39 -6.97 -12.93
N THR L 5 55.09 -7.64 -12.01
CA THR L 5 56.10 -8.62 -12.36
C THR L 5 55.82 -9.93 -11.65
N GLN L 6 56.11 -11.04 -12.32
CA GLN L 6 55.94 -12.37 -11.76
C GLN L 6 57.26 -13.13 -11.85
N SER L 7 57.49 -13.98 -10.85
CA SER L 7 58.73 -14.76 -10.77
C SER L 7 58.47 -15.98 -9.91
N PRO L 8 59.10 -17.11 -10.21
CA PRO L 8 60.02 -17.37 -11.32
C PRO L 8 59.27 -17.59 -12.63
N SER L 9 59.96 -17.49 -13.77
CA SER L 9 59.28 -17.66 -15.05
C SER L 9 58.70 -19.06 -15.20
N SER L 10 59.44 -20.07 -14.78
CA SER L 10 58.98 -21.44 -14.85
C SER L 10 59.54 -22.22 -13.67
N LEU L 11 58.85 -23.31 -13.33
CA LEU L 11 59.29 -24.16 -12.23
C LEU L 11 58.71 -25.54 -12.41
N SER L 12 59.44 -26.54 -11.92
CA SER L 12 59.02 -27.93 -11.98
C SER L 12 58.98 -28.51 -10.57
N ALA L 13 57.85 -29.11 -10.22
CA ALA L 13 57.70 -29.74 -8.91
C ALA L 13 57.07 -31.11 -9.09
N SER L 14 57.46 -32.02 -8.21
CA SER L 14 56.87 -33.35 -8.19
C SER L 14 55.49 -33.30 -7.54
N ILE L 15 54.78 -34.42 -7.63
CA ILE L 15 53.46 -34.51 -7.02
C ILE L 15 53.59 -34.38 -5.51
N GLY L 16 52.73 -33.56 -4.92
CA GLY L 16 52.62 -33.45 -3.47
C GLY L 16 53.47 -32.39 -2.81
N ASP L 17 54.38 -31.73 -3.54
CA ASP L 17 55.18 -30.70 -2.91
C ASP L 17 54.37 -29.42 -2.71
N THR L 18 54.90 -28.52 -1.88
CA THR L 18 54.31 -27.20 -1.67
C THR L 18 55.14 -26.16 -2.41
N ILE L 19 54.50 -25.39 -3.28
CA ILE L 19 55.18 -24.41 -4.11
C ILE L 19 54.48 -23.07 -3.97
N THR L 20 55.24 -22.00 -4.17
CA THR L 20 54.71 -20.63 -4.10
C THR L 20 55.17 -19.86 -5.32
N VAL L 21 54.38 -18.86 -5.70
CA VAL L 21 54.67 -18.01 -6.85
C VAL L 21 54.49 -16.56 -6.43
N ALA L 22 55.40 -15.69 -6.89
CA ALA L 22 55.44 -14.30 -6.49
C ALA L 22 54.85 -13.40 -7.57
N CYS L 23 54.19 -12.34 -7.12
CA CYS L 23 53.63 -11.32 -8.00
C CYS L 23 53.89 -9.96 -7.36
N GLU L 24 54.87 -9.23 -7.87
CA GLU L 24 55.29 -7.95 -7.31
C GLU L 24 54.64 -6.81 -8.07
N VAL L 25 54.13 -5.83 -7.33
CA VAL L 25 53.49 -4.65 -7.91
C VAL L 25 54.40 -3.45 -7.68
N SER L 26 54.38 -2.53 -8.64
CA SER L 26 55.26 -1.36 -8.57
C SER L 26 54.77 -0.31 -7.58
N GLN L 27 53.48 -0.34 -7.22
CA GLN L 27 52.91 0.68 -6.35
C GLN L 27 51.92 -0.02 -5.42
N ASP L 28 51.75 0.55 -4.23
CA ASP L 28 50.86 -0.03 -3.23
C ASP L 28 49.46 -0.17 -3.80
N VAL L 29 49.02 -1.41 -4.01
CA VAL L 29 47.74 -1.70 -4.63
C VAL L 29 46.75 -2.27 -3.62
N GLY L 30 47.11 -2.30 -2.34
CA GLY L 30 46.24 -2.86 -1.33
C GLY L 30 46.07 -4.35 -1.51
N TRP L 31 44.84 -4.80 -1.79
CA TRP L 31 44.57 -6.20 -2.01
C TRP L 31 43.97 -6.48 -3.38
N ALA L 32 44.01 -5.52 -4.30
CA ALA L 32 43.40 -5.71 -5.61
C ALA L 32 44.30 -6.55 -6.52
N VAL L 33 44.52 -7.80 -6.16
CA VAL L 33 45.28 -8.74 -6.97
C VAL L 33 44.43 -9.99 -7.19
N ASN L 34 44.34 -10.43 -8.44
CA ASN L 34 43.59 -11.62 -8.80
C ASN L 34 44.51 -12.63 -9.46
N TRP L 35 44.23 -13.91 -9.22
CA TRP L 35 45.05 -15.01 -9.71
C TRP L 35 44.26 -15.88 -10.67
N TYR L 36 44.90 -16.27 -11.78
CA TYR L 36 44.23 -17.02 -12.82
C TYR L 36 45.07 -18.24 -13.22
N HIS L 37 44.39 -19.32 -13.54
CA HIS L 37 45.01 -20.55 -14.00
C HIS L 37 44.52 -20.87 -15.41
N GLN L 38 45.46 -21.16 -16.30
CA GLN L 38 45.15 -21.55 -17.68
C GLN L 38 45.78 -22.90 -17.94
N ARG L 39 44.96 -23.94 -17.95
CA ARG L 39 45.44 -25.25 -18.38
C ARG L 39 45.74 -25.20 -19.88
N PRO L 40 46.72 -25.98 -20.34
CA PRO L 40 47.11 -25.91 -21.75
C PRO L 40 45.93 -26.20 -22.67
N GLY L 41 45.74 -25.33 -23.65
CA GLY L 41 44.62 -25.45 -24.57
C GLY L 41 43.27 -25.17 -23.98
N ARG L 42 43.20 -24.55 -22.82
CA ARG L 42 41.95 -24.29 -22.13
C ARG L 42 41.84 -22.83 -21.74
N PRO L 43 40.62 -22.29 -21.66
CA PRO L 43 40.47 -20.90 -21.25
C PRO L 43 40.84 -20.72 -19.80
N PRO L 44 41.43 -19.59 -19.44
CA PRO L 44 41.77 -19.35 -18.04
C PRO L 44 40.54 -19.20 -17.17
N TYR L 45 40.69 -19.56 -15.90
CA TYR L 45 39.61 -19.44 -14.92
C TYR L 45 40.16 -18.85 -13.64
N ASN L 46 39.27 -18.26 -12.86
CA ASN L 46 39.68 -17.53 -11.66
C ASN L 46 40.14 -18.50 -10.57
N LEU L 47 41.25 -18.17 -9.92
CA LEU L 47 41.72 -18.87 -8.73
C LEU L 47 41.46 -18.08 -7.46
N ILE L 48 42.03 -16.89 -7.36
CA ILE L 48 41.97 -16.06 -6.16
C ILE L 48 41.59 -14.65 -6.57
N TYR L 49 40.64 -14.07 -5.84
CA TYR L 49 40.25 -12.68 -6.03
C TYR L 49 40.46 -11.93 -4.73
N THR L 50 40.87 -10.67 -4.85
CA THR L 50 41.22 -9.80 -3.73
C THR L 50 42.47 -10.33 -3.01
N ALA L 51 43.14 -11.32 -3.59
CA ALA L 51 44.44 -11.87 -3.22
C ALA L 51 44.39 -12.80 -2.01
N HIS L 52 43.26 -12.93 -1.31
CA HIS L 52 43.20 -13.90 -0.22
C HIS L 52 41.86 -14.63 -0.17
N ASN L 53 41.04 -14.46 -1.20
CA ASN L 53 39.73 -15.10 -1.27
C ASN L 53 39.71 -16.12 -2.38
N LEU L 54 39.26 -17.33 -2.06
CA LEU L 54 39.22 -18.41 -3.04
C LEU L 54 38.01 -18.28 -3.95
N ALA L 55 38.21 -18.54 -5.24
CA ALA L 55 37.11 -18.58 -6.18
C ALA L 55 36.25 -19.81 -5.94
N PRO L 56 34.95 -19.75 -6.26
CA PRO L 56 34.10 -20.93 -6.09
C PRO L 56 34.62 -22.10 -6.90
N GLY L 57 34.60 -23.28 -6.29
CA GLY L 57 35.09 -24.49 -6.92
C GLY L 57 36.57 -24.74 -6.74
N VAL L 58 37.31 -23.78 -6.19
CA VAL L 58 38.74 -23.95 -5.98
C VAL L 58 38.95 -24.63 -4.63
N ALA L 59 39.80 -25.65 -4.60
CA ALA L 59 40.07 -26.38 -3.38
C ALA L 59 40.82 -25.50 -2.37
N SER L 60 40.65 -25.83 -1.09
CA SER L 60 41.27 -25.07 -0.01
C SER L 60 42.78 -25.13 -0.02
N ARG L 61 43.36 -26.04 -0.80
CA ARG L 61 44.81 -26.16 -0.93
C ARG L 61 45.47 -24.91 -1.52
N PHE L 62 44.72 -24.05 -2.18
CA PHE L 62 45.26 -22.80 -2.71
C PHE L 62 45.16 -21.71 -1.65
N ARG L 63 46.24 -20.93 -1.50
CA ARG L 63 46.29 -19.86 -0.52
C ARG L 63 47.04 -18.68 -1.10
N GLY L 64 46.52 -17.48 -0.88
CA GLY L 64 47.16 -16.25 -1.30
C GLY L 64 47.40 -15.34 -0.12
N SER L 65 48.50 -14.59 -0.17
CA SER L 65 48.88 -13.71 0.93
C SER L 65 49.45 -12.42 0.36
N ARG L 66 49.41 -11.37 1.18
CA ARG L 66 49.94 -10.07 0.81
C ARG L 66 51.00 -9.64 1.80
N VAL L 67 52.14 -9.18 1.28
CA VAL L 67 53.21 -8.60 2.09
C VAL L 67 53.52 -7.25 1.48
N GLY L 68 52.86 -6.20 1.96
CA GLY L 68 53.04 -4.87 1.42
C GLY L 68 52.71 -4.81 -0.06
N THR L 69 53.73 -4.65 -0.89
CA THR L 69 53.58 -4.73 -2.34
C THR L 69 54.02 -6.07 -2.90
N TYR L 70 54.25 -7.05 -2.04
CA TYR L 70 54.74 -8.37 -2.43
C TYR L 70 53.63 -9.38 -2.20
N PHE L 71 53.14 -9.99 -3.27
CA PHE L 71 52.03 -10.94 -3.22
C PHE L 71 52.52 -12.34 -3.54
N THR L 72 51.92 -13.34 -2.91
CA THR L 72 52.30 -14.73 -3.11
C THR L 72 51.07 -15.60 -3.20
N LEU L 73 51.13 -16.57 -4.11
CA LEU L 73 50.15 -17.65 -4.20
C LEU L 73 50.84 -18.95 -3.83
N THR L 74 50.33 -19.64 -2.82
CA THR L 74 50.95 -20.85 -2.29
C THR L 74 50.10 -22.06 -2.63
N ILE L 75 50.73 -23.09 -3.20
CA ILE L 75 50.08 -24.34 -3.54
C ILE L 75 50.61 -25.41 -2.60
N ASN L 76 49.71 -26.16 -1.97
CA ASN L 76 50.08 -27.30 -1.15
C ASN L 76 49.79 -28.59 -1.91
N ASN L 77 50.48 -29.65 -1.47
CA ASN L 77 50.27 -31.04 -1.93
C ASN L 77 49.93 -31.11 -3.42
N LEU L 78 50.88 -30.69 -4.24
CA LEU L 78 50.66 -30.54 -5.67
C LEU L 78 50.14 -31.82 -6.31
N LEU L 79 49.16 -31.67 -7.19
CA LEU L 79 48.53 -32.73 -7.95
C LEU L 79 48.61 -32.41 -9.42
N PRO L 80 48.51 -33.43 -10.30
CA PRO L 80 48.81 -33.21 -11.72
C PRO L 80 47.94 -32.15 -12.39
N GLU L 81 46.68 -31.98 -12.00
CA GLU L 81 45.81 -31.05 -12.69
C GLU L 81 46.20 -29.58 -12.47
N ASP L 82 47.13 -29.30 -11.57
CA ASP L 82 47.60 -27.92 -11.41
C ASP L 82 48.59 -27.50 -12.49
N VAL L 83 48.99 -28.40 -13.38
CA VAL L 83 49.93 -28.03 -14.43
C VAL L 83 49.33 -26.94 -15.31
N GLY L 84 50.17 -26.04 -15.76
CA GLY L 84 49.75 -24.95 -16.62
C GLY L 84 50.52 -23.69 -16.29
N THR L 85 49.91 -22.55 -16.61
CA THR L 85 50.50 -21.24 -16.36
C THR L 85 49.61 -20.46 -15.40
N TYR L 86 50.24 -19.71 -14.50
CA TYR L 86 49.54 -18.90 -13.52
C TYR L 86 49.79 -17.42 -13.81
N TYR L 87 48.73 -16.63 -13.76
CA TYR L 87 48.80 -15.20 -14.02
C TYR L 87 48.19 -14.42 -12.87
N CYS L 88 48.84 -13.34 -12.48
CA CYS L 88 48.30 -12.42 -11.48
C CYS L 88 47.86 -11.14 -12.18
N GLN L 89 46.68 -10.64 -11.80
CA GLN L 89 46.11 -9.45 -12.40
C GLN L 89 46.10 -8.31 -11.41
N VAL L 90 46.47 -7.12 -11.88
CA VAL L 90 46.36 -5.89 -11.12
C VAL L 90 45.70 -4.87 -12.03
N PHE L 91 44.40 -4.65 -11.82
CA PHE L 91 43.62 -3.76 -12.68
C PHE L 91 43.77 -4.17 -14.14
N ASP L 92 44.26 -3.25 -14.97
CA ASP L 92 44.41 -3.50 -16.39
C ASP L 92 45.75 -4.08 -16.77
N SER L 93 46.61 -4.37 -15.80
CA SER L 93 47.96 -4.85 -16.06
C SER L 93 48.03 -6.34 -15.81
N PHE L 94 48.56 -7.08 -16.79
CA PHE L 94 48.85 -8.49 -16.64
C PHE L 94 50.35 -8.72 -16.71
N ALA L 95 50.84 -9.64 -15.89
CA ALA L 95 52.27 -9.90 -15.85
C ALA L 95 52.73 -10.49 -17.18
N PRO L 96 53.84 -10.01 -17.74
CA PRO L 96 54.33 -10.54 -19.02
C PRO L 96 54.90 -11.94 -18.82
N GLY L 97 54.45 -12.87 -19.66
CA GLY L 97 54.96 -14.23 -19.67
C GLY L 97 54.27 -15.19 -18.71
N GLY L 98 53.98 -14.75 -17.50
CA GLY L 98 53.36 -15.62 -16.54
C GLY L 98 54.35 -16.62 -15.96
N THR L 99 53.80 -17.58 -15.22
CA THR L 99 54.59 -18.59 -14.53
C THR L 99 54.07 -19.97 -14.91
N ARG L 100 54.90 -20.74 -15.60
CA ARG L 100 54.54 -22.09 -16.04
C ARG L 100 54.94 -23.10 -14.97
N VAL L 101 54.00 -23.96 -14.59
CA VAL L 101 54.22 -24.98 -13.58
C VAL L 101 53.95 -26.33 -14.23
N ASP L 102 54.94 -27.22 -14.16
CA ASP L 102 54.84 -28.54 -14.78
C ASP L 102 55.35 -29.61 -13.81
N LEU L 103 54.87 -30.82 -14.01
CA LEU L 103 55.28 -31.94 -13.17
C LEU L 103 56.74 -32.30 -13.43
N ARG L 104 57.43 -32.72 -12.37
CA ARG L 104 58.83 -33.12 -12.47
C ARG L 104 58.97 -34.61 -12.75
C1 NAG M . -33.37 5.36 3.81
C2 NAG M . -32.80 4.94 2.44
C3 NAG M . -33.70 3.89 1.80
C4 NAG M . -33.95 2.73 2.76
C5 NAG M . -34.48 3.25 4.07
C6 NAG M . -34.66 2.17 5.12
C7 NAG M . -31.65 6.31 0.74
C8 NAG M . -30.56 5.28 0.78
N2 NAG M . -32.69 6.09 1.57
O3 NAG M . -33.09 3.41 0.61
O4 NAG M . -34.90 1.84 2.18
O5 NAG M . -33.55 4.20 4.62
O6 NAG M . -33.41 1.63 5.52
O7 NAG M . -31.59 7.29 0.02
C1 NAG M . -34.28 0.55 1.95
C2 NAG M . -35.34 -0.52 2.12
C3 NAG M . -34.73 -1.89 1.87
C4 NAG M . -34.05 -1.93 0.51
C5 NAG M . -33.08 -0.76 0.35
C6 NAG M . -32.53 -0.65 -1.06
C7 NAG M . -37.22 -0.23 3.67
C8 NAG M . -38.07 -0.04 2.46
N2 NAG M . -35.93 -0.46 3.46
O3 NAG M . -35.76 -2.88 1.93
O4 NAG M . -33.32 -3.15 0.40
O5 NAG M . -33.75 0.48 0.62
O6 NAG M . -32.66 0.67 -1.55
O7 NAG M . -37.69 -0.18 4.81
C1 BMA M . -33.83 -3.95 -0.68
C2 BMA M . -32.74 -4.99 -1.02
C3 BMA M . -33.26 -5.96 -2.09
C4 BMA M . -34.63 -6.52 -1.70
C5 BMA M . -35.60 -5.37 -1.38
C6 BMA M . -36.96 -5.86 -0.93
O2 BMA M . -32.42 -5.78 0.11
O3 BMA M . -32.35 -7.02 -2.32
O4 BMA M . -35.15 -7.29 -2.76
O5 BMA M . -35.04 -4.59 -0.32
O6 BMA M . -36.83 -6.44 0.36
C1 NAG N . -44.68 5.50 1.54
C2 NAG N . -45.94 6.30 1.92
C3 NAG N . -46.54 5.77 3.21
C4 NAG N . -46.76 4.27 3.11
C5 NAG N . -45.47 3.57 2.71
C6 NAG N . -45.64 2.07 2.48
C7 NAG N . -46.38 8.63 1.33
C8 NAG N . -45.98 10.07 1.55
N2 NAG N . -45.67 7.72 2.01
O3 NAG N . -47.76 6.43 3.47
O4 NAG N . -47.19 3.76 4.37
O5 NAG N . -44.99 4.11 1.47
O6 NAG N . -44.55 1.35 3.01
O7 NAG N . -47.29 8.33 0.58
C1 NAG N . -48.56 3.33 4.24
C2 NAG N . -48.89 2.44 5.43
C3 NAG N . -50.36 2.01 5.38
C4 NAG N . -51.27 3.22 5.24
C5 NAG N . -50.83 4.07 4.06
C6 NAG N . -51.63 5.35 3.92
C7 NAG N . -47.02 1.15 6.35
C8 NAG N . -46.83 2.28 7.32
N2 NAG N . -48.02 1.28 5.48
O3 NAG N . -50.69 1.29 6.55
O4 NAG N . -52.61 2.81 5.04
O5 NAG N . -49.46 4.44 4.21
O6 NAG N . -51.97 5.60 2.56
O7 NAG N . -46.30 0.16 6.37
C1 NAG O . -47.31 7.69 -6.24
C2 NAG O . -47.45 6.18 -6.29
C3 NAG O . -48.24 5.76 -7.52
C4 NAG O . -49.56 6.52 -7.60
C5 NAG O . -49.33 8.02 -7.44
C6 NAG O . -50.62 8.81 -7.33
C7 NAG O . -45.64 4.88 -5.24
C8 NAG O . -46.52 4.82 -4.04
N2 NAG O . -46.14 5.54 -6.29
O3 NAG O . -48.49 4.37 -7.47
O4 NAG O . -50.15 6.30 -8.87
O5 NAG O . -48.59 8.28 -6.24
O6 NAG O . -50.48 9.91 -6.43
O7 NAG O . -44.53 4.34 -5.28
C1 NAG O . -51.28 5.41 -8.74
C2 NAG O . -52.15 5.60 -9.98
C3 NAG O . -53.34 4.63 -9.94
C4 NAG O . -52.83 3.20 -9.76
C5 NAG O . -51.93 3.11 -8.53
C6 NAG O . -51.31 1.75 -8.35
C7 NAG O . -52.26 7.81 -11.04
C8 NAG O . -51.30 7.26 -12.06
N2 NAG O . -52.63 6.97 -10.08
O3 NAG O . -54.07 4.74 -11.15
O4 NAG O . -53.94 2.32 -9.59
O5 NAG O . -50.85 4.05 -8.67
O6 NAG O . -51.01 1.50 -6.98
O7 NAG O . -52.67 8.97 -11.11
C1 NAG P . -38.49 25.77 -13.08
C2 NAG P . -37.89 24.86 -14.16
C3 NAG P . -37.94 25.55 -15.51
C4 NAG P . -39.35 25.99 -15.83
C5 NAG P . -39.91 26.84 -14.70
C6 NAG P . -41.37 27.21 -14.89
C7 NAG P . -36.16 23.20 -13.66
C8 NAG P . -34.72 22.98 -13.31
N2 NAG P . -36.54 24.48 -13.81
O3 NAG P . -37.46 24.64 -16.49
O4 NAG P . -39.38 26.75 -17.04
O5 NAG P . -39.83 26.13 -13.45
O6 NAG P . -42.19 26.62 -13.89
O7 NAG P . -36.95 22.27 -13.79
C1 NAG P . -39.81 25.91 -18.12
C2 NAG P . -40.61 26.76 -19.09
C3 NAG P . -41.04 25.93 -20.30
C4 NAG P . -39.83 25.27 -20.94
C5 NAG P . -39.06 24.47 -19.90
C6 NAG P . -37.78 23.89 -20.44
C7 NAG P . -41.86 28.63 -18.11
C8 NAG P . -40.67 29.48 -18.46
N2 NAG P . -41.77 27.34 -18.43
O3 NAG P . -41.70 26.77 -21.24
O4 NAG P . -40.24 24.39 -21.99
O5 NAG P . -38.69 25.32 -18.80
O6 NAG P . -37.59 22.55 -20.01
O7 NAG P . -42.85 29.10 -17.55
C1 NAG Q . -40.43 20.01 -13.98
C2 NAG Q . -39.97 20.00 -15.44
C3 NAG Q . -40.45 21.25 -16.16
C4 NAG Q . -41.96 21.40 -16.02
C5 NAG Q . -42.32 21.38 -14.53
C6 NAG Q . -43.82 21.43 -14.28
C7 NAG Q . -37.88 19.05 -16.32
C8 NAG Q . -38.75 18.16 -17.16
N2 NAG Q . -38.52 19.90 -15.52
O3 NAG Q . -40.11 21.16 -17.54
O4 NAG Q . -42.40 22.62 -16.61
O5 NAG Q . -41.85 20.18 -13.94
O6 NAG Q . -44.29 20.19 -13.77
O7 NAG Q . -36.66 18.99 -16.36
C1 NAG Q . -43.37 22.30 -17.63
C2 NAG Q . -44.06 23.60 -18.04
C3 NAG Q . -45.08 23.34 -19.15
C4 NAG Q . -44.41 22.61 -20.31
C5 NAG Q . -43.72 21.35 -19.81
C6 NAG Q . -42.94 20.64 -20.89
C7 NAG Q . -45.65 23.72 -16.16
C8 NAG Q . -46.15 24.58 -15.04
N2 NAG Q . -44.68 24.27 -16.90
O3 NAG Q . -45.61 24.59 -19.61
O4 NAG Q . -45.39 22.25 -21.28
O5 NAG Q . -42.77 21.69 -18.79
O6 NAG Q . -43.30 21.10 -22.19
O7 NAG Q . -46.10 22.60 -16.37
C1 NAG R . -19.36 36.85 7.15
C2 NAG R . -19.51 37.10 8.65
C3 NAG R . -18.18 37.56 9.25
C4 NAG R . -17.04 36.63 8.86
C5 NAG R . -17.02 36.41 7.35
C6 NAG R . -16.00 35.39 6.91
C7 NAG R . -21.85 37.76 8.97
C8 NAG R . -22.79 38.90 9.26
N2 NAG R . -20.56 38.07 8.91
O3 NAG R . -18.30 37.61 10.67
O4 NAG R . -15.80 37.22 9.22
O5 NAG R . -18.30 35.94 6.91
O6 NAG R . -16.51 34.06 7.02
O7 NAG R . -22.26 36.62 8.81
C1 NAG R . -15.23 36.60 10.38
C2 NAG R . -13.72 36.80 10.31
C3 NAG R . -13.04 36.29 11.59
C4 NAG R . -13.71 36.90 12.82
C5 NAG R . -15.20 36.63 12.78
C6 NAG R . -15.95 37.26 13.93
C7 NAG R . -12.85 36.73 8.00
C8 NAG R . -13.09 38.21 7.97
N2 NAG R . -13.16 36.12 9.15
O3 NAG R . -11.66 36.64 11.57
O4 NAG R . -13.15 36.34 14.00
O5 NAG R . -15.74 37.19 11.57
O6 NAG R . -15.71 36.55 15.13
O7 NAG R . -12.38 36.13 7.05
C1 NAG S . 19.08 24.68 -13.01
C2 NAG S . 18.14 24.00 -13.99
C3 NAG S . 17.43 25.04 -14.87
C4 NAG S . 16.77 26.11 -14.01
C5 NAG S . 17.79 26.70 -13.04
C6 NAG S . 17.18 27.69 -12.08
C7 NAG S . 18.43 21.81 -15.07
C8 NAG S . 17.14 21.43 -14.42
N2 NAG S . 18.86 23.05 -14.82
O3 NAG S . 16.46 24.39 -15.67
O4 NAG S . 16.26 27.15 -14.84
O5 NAG S . 18.35 25.65 -12.24
O6 NAG S . 16.80 27.06 -10.85
O7 NAG S . 19.07 21.03 -15.76
C1 NAG S . 14.83 27.19 -14.72
C2 NAG S . 14.37 28.60 -15.02
C3 NAG S . 12.85 28.68 -14.93
C4 NAG S . 12.18 27.62 -15.78
C5 NAG S . 12.78 26.25 -15.48
C6 NAG S . 12.29 25.17 -16.42
C7 NAG S . 15.78 30.56 -14.58
C8 NAG S . 15.98 30.64 -16.06
N2 NAG S . 15.00 29.57 -14.15
O3 NAG S . 12.42 29.98 -15.35
O4 NAG S . 10.80 27.58 -15.48
O5 NAG S . 14.21 26.27 -15.61
O6 NAG S . 13.32 24.24 -16.74
O7 NAG S . 16.29 31.36 -13.81
C1 BMA S . 10.01 27.89 -16.65
C2 BMA S . 8.56 27.40 -16.36
C3 BMA S . 7.65 27.81 -17.50
C4 BMA S . 7.79 29.30 -17.83
C5 BMA S . 9.26 29.63 -18.10
C6 BMA S . 9.50 31.09 -18.39
O2 BMA S . 8.06 28.02 -15.19
O3 BMA S . 6.29 27.51 -17.21
O4 BMA S . 7.03 29.61 -18.98
O5 BMA S . 10.03 29.28 -16.93
O6 BMA S . 9.32 31.81 -17.19
C1 NAG T . 23.47 33.19 -20.63
C2 NAG T . 24.72 34.00 -20.90
C3 NAG T . 24.85 35.14 -19.89
C4 NAG T . 23.57 35.97 -19.87
C5 NAG T . 22.37 35.07 -19.61
C6 NAG T . 21.05 35.80 -19.67
C7 NAG T . 26.41 32.57 -21.96
C8 NAG T . 27.63 31.75 -21.76
N2 NAG T . 25.92 33.17 -20.88
O3 NAG T . 25.96 35.95 -20.22
O4 NAG T . 23.65 36.97 -18.86
O5 NAG T . 22.32 34.04 -20.62
O6 NAG T . 20.34 35.49 -20.87
O7 NAG T . 25.87 32.69 -23.07
C1 NAG T . 23.74 38.24 -19.51
C2 NAG T . 23.44 39.34 -18.49
C3 NAG T . 23.57 40.71 -19.13
C4 NAG T . 24.94 40.86 -19.79
C5 NAG T . 25.18 39.70 -20.76
C6 NAG T . 26.55 39.71 -21.37
C7 NAG T . 21.85 38.36 -16.90
C8 NAG T . 20.41 38.31 -16.44
N2 NAG T . 22.10 39.17 -17.92
O3 NAG T . 23.41 41.72 -18.13
O4 NAG T . 25.01 42.09 -20.50
O5 NAG T . 25.05 38.45 -20.07
O6 NAG T . 26.56 39.08 -22.65
O7 NAG T . 22.72 37.69 -16.36
C1 NAG U . 24.72 30.94 -28.25
C2 NAG U . 23.36 31.64 -28.35
C3 NAG U . 23.01 31.87 -29.82
C4 NAG U . 24.14 32.59 -30.54
C5 NAG U . 25.47 31.87 -30.30
C6 NAG U . 26.65 32.63 -30.86
C7 NAG U . 21.77 31.21 -26.53
C8 NAG U . 22.28 32.49 -25.92
N2 NAG U . 22.34 30.86 -27.69
O3 NAG U . 21.82 32.65 -29.88
O4 NAG U . 23.88 32.59 -31.94
O5 NAG U . 25.71 31.74 -28.89
O6 NAG U . 27.88 32.10 -30.39
O7 NAG U . 20.91 30.53 -26.00
C1 NAG U . 23.48 33.90 -32.36
C2 NAG U . 23.59 33.97 -33.87
C3 NAG U . 23.12 35.33 -34.39
C4 NAG U . 21.71 35.63 -33.87
C5 NAG U . 21.68 35.49 -32.35
C6 NAG U . 20.30 35.67 -31.77
C7 NAG U . 25.35 32.59 -34.90
C8 NAG U . 24.28 31.56 -35.13
N2 NAG U . 24.96 33.71 -34.30
O3 NAG U . 23.11 35.32 -35.81
O4 NAG U . 21.33 36.95 -34.24
O5 NAG U . 22.13 34.18 -31.96
O6 NAG U . 20.36 36.15 -30.43
O7 NAG U . 26.51 32.40 -35.25
C1 NAG V . 35.55 12.63 -30.52
C2 NAG V . 34.18 12.28 -31.11
C3 NAG V . 34.34 11.38 -32.32
C4 NAG V . 35.27 12.02 -33.34
C5 NAG V . 36.59 12.39 -32.67
C6 NAG V . 37.53 13.14 -33.59
C7 NAG V . 32.00 11.84 -30.07
C8 NAG V . 31.27 11.12 -28.98
N2 NAG V . 33.32 11.66 -30.11
O3 NAG V . 33.05 11.15 -32.89
O4 NAG V . 35.53 11.11 -34.40
O5 NAG V . 36.36 13.23 -31.53
O6 NAG V . 37.26 14.53 -33.57
O7 NAG V . 31.42 12.57 -30.87
C1 NAG V . 34.67 11.40 -35.52
C2 NAG V . 35.45 11.15 -36.80
C3 NAG V . 34.55 11.40 -38.02
C4 NAG V . 33.29 10.56 -37.91
C5 NAG V . 32.59 10.83 -36.58
C6 NAG V . 31.39 9.95 -36.36
C7 NAG V . 37.88 11.54 -36.69
C8 NAG V . 38.00 10.07 -36.42
N2 NAG V . 36.63 12.00 -36.86
O3 NAG V . 35.26 11.05 -39.20
O4 NAG V . 32.41 10.88 -38.98
O5 NAG V . 33.50 10.58 -35.50
O6 NAG V . 30.24 10.71 -36.03
O7 NAG V . 38.86 12.27 -36.74
C1 NAG W . 30.30 15.89 -31.97
C2 NAG W . 29.86 15.00 -33.14
C3 NAG W . 31.05 14.63 -34.00
C4 NAG W . 31.80 15.87 -34.46
C5 NAG W . 32.20 16.69 -33.23
C6 NAG W . 32.88 18.00 -33.59
C7 NAG W . 27.97 13.43 -33.08
C8 NAG W . 27.34 14.31 -34.12
N2 NAG W . 29.18 13.82 -32.65
O3 NAG W . 30.59 13.89 -35.14
O4 NAG W . 32.96 15.51 -35.19
O5 NAG W . 31.03 17.02 -32.48
O6 NAG W . 31.97 19.08 -33.50
O7 NAG W . 27.42 12.43 -32.65
C1 NAG W . 32.86 16.04 -36.53
C2 NAG W . 34.17 15.76 -37.26
C3 NAG W . 34.11 16.27 -38.70
C4 NAG W . 32.89 15.69 -39.40
C5 NAG W . 31.63 15.98 -38.59
C6 NAG W . 30.40 15.35 -39.18
C7 NAG W . 35.46 17.67 -36.32
C8 NAG W . 36.70 18.06 -35.57
N2 NAG W . 35.31 16.35 -36.55
O3 NAG W . 35.30 15.89 -39.38
O4 NAG W . 32.77 16.28 -40.69
O5 NAG W . 31.77 15.46 -37.26
O6 NAG W . 30.71 14.16 -39.89
O7 NAG W . 34.64 18.49 -36.67
C1 NAG X . 41.57 1.36 -2.60
C2 NAG X . 42.89 0.89 -2.05
C3 NAG X . 42.65 -0.23 -1.04
C4 NAG X . 41.59 0.15 -0.01
C5 NAG X . 40.39 0.91 -0.62
C6 NAG X . 39.56 1.64 0.41
C7 NAG X . 44.47 1.29 -3.87
C8 NAG X . 45.31 0.67 -4.95
N2 NAG X . 43.76 0.45 -3.12
O3 NAG X . 43.87 -0.53 -0.39
O4 NAG X . 41.11 -1.08 0.52
O5 NAG X . 40.81 1.90 -1.57
O6 NAG X . 40.26 2.78 0.91
O7 NAG X . 44.43 2.51 -3.70
C1 NAG X . 40.76 -1.12 1.93
C2 NAG X . 40.81 -2.60 2.34
C3 NAG X . 40.44 -2.75 3.81
C4 NAG X . 41.32 -1.85 4.67
C5 NAG X . 41.27 -0.41 4.16
C6 NAG X . 42.21 0.51 4.90
C7 NAG X . 40.27 -3.83 0.28
C8 NAG X . 39.26 -4.65 -0.44
N2 NAG X . 39.93 -3.40 1.50
O3 NAG X . 40.59 -4.11 4.21
O4 NAG X . 40.86 -1.89 6.02
O5 NAG X . 41.64 -0.36 2.78
O6 NAG X . 41.88 1.88 4.68
O7 NAG X . 41.37 -3.57 -0.21
C1 NAG Y . 14.55 -42.63 -7.43
C2 NAG Y . 14.63 -44.14 -7.23
C3 NAG Y . 15.83 -44.49 -6.34
C4 NAG Y . 17.10 -43.88 -6.90
C5 NAG Y . 16.92 -42.38 -7.10
C6 NAG Y . 18.10 -41.71 -7.77
C7 NAG Y . 12.49 -45.30 -7.37
C8 NAG Y . 11.27 -45.77 -6.62
N2 NAG Y . 13.41 -44.66 -6.65
O3 NAG Y . 15.96 -45.91 -6.26
O4 NAG Y . 18.19 -44.11 -6.01
O5 NAG Y . 15.79 -42.15 -7.96
O6 NAG Y . 17.77 -40.42 -8.24
O7 NAG Y . 12.61 -45.48 -8.57
C1 NAG Y . 19.09 -45.00 -6.69
C2 NAG Y . 20.51 -44.68 -6.22
C3 NAG Y . 21.51 -45.65 -6.86
C4 NAG Y . 21.09 -47.09 -6.61
C5 NAG Y . 19.65 -47.30 -7.07
C6 NAG Y . 19.12 -48.68 -6.76
C7 NAG Y . 20.89 -42.33 -5.62
C8 NAG Y . 20.53 -42.72 -4.22
N2 NAG Y . 20.86 -43.30 -6.54
O3 NAG Y . 22.80 -45.42 -6.30
O4 NAG Y . 21.94 -47.98 -7.32
O5 NAG Y . 18.78 -46.37 -6.40
O6 NAG Y . 18.77 -48.80 -5.39
O7 NAG Y . 21.18 -41.17 -5.91
C1 NAG Z . 10.22 -45.10 -13.90
C2 NAG Z . 11.41 -44.53 -14.65
C3 NAG Z . 11.42 -45.02 -16.09
C4 NAG Z . 11.30 -46.54 -16.15
C5 NAG Z . 10.15 -47.05 -15.27
C6 NAG Z . 10.12 -48.54 -15.14
C7 NAG Z . 12.19 -42.34 -13.84
C8 NAG Z . 13.13 -43.11 -12.97
N2 NAG Z . 11.38 -43.07 -14.62
O3 NAG Z . 12.62 -44.61 -16.72
O4 NAG Z . 11.03 -46.93 -17.49
O5 NAG Z . 10.27 -46.51 -13.94
O6 NAG Z . 9.52 -48.93 -13.92
O7 NAG Z . 12.15 -41.12 -13.83
C1 NAG Z . 12.17 -47.58 -18.07
C2 NAG Z . 11.76 -48.10 -19.45
C3 NAG Z . 12.94 -48.77 -20.15
C4 NAG Z . 14.13 -47.82 -20.18
C5 NAG Z . 14.45 -47.31 -18.79
C6 NAG Z . 15.54 -46.27 -18.77
C7 NAG Z . 10.61 -50.15 -18.69
C8 NAG Z . 9.33 -50.92 -18.73
N2 NAG Z . 10.62 -49.00 -19.37
O3 NAG Z . 12.56 -49.14 -21.47
O4 NAG Z . 15.27 -48.49 -20.71
O5 NAG Z . 13.29 -46.69 -18.20
O6 NAG Z . 15.88 -45.89 -17.44
O7 NAG Z . 11.59 -50.55 -18.05
C1 NAG AA . -10.82 -45.83 -10.39
C2 NAG AA . -10.93 -44.81 -11.53
C3 NAG AA . -12.07 -45.19 -12.47
C4 NAG AA . -11.91 -46.63 -12.95
C5 NAG AA . -11.76 -47.56 -11.75
C6 NAG AA . -11.48 -48.98 -12.16
C7 NAG AA . -10.14 -42.56 -10.96
C8 NAG AA . -8.79 -42.99 -11.47
N2 NAG AA . -11.11 -43.47 -11.02
O3 NAG AA . -12.07 -44.29 -13.57
O4 NAG AA . -13.04 -47.01 -13.71
O5 NAG AA . -10.66 -47.13 -10.93
O6 NAG AA . -10.19 -49.41 -11.70
O7 NAG AA . -10.33 -41.42 -10.53
C1 NAG AA . -12.74 -46.94 -15.12
C2 NAG AA . -13.58 -47.99 -15.82
C3 NAG AA . -13.33 -47.93 -17.34
C4 NAG AA . -13.57 -46.52 -17.85
C5 NAG AA . -12.73 -45.52 -17.05
C6 NAG AA . -13.02 -44.09 -17.41
C7 NAG AA . -14.11 -50.01 -14.54
C8 NAG AA . -15.40 -49.32 -14.19
N2 NAG AA . -13.28 -49.32 -15.32
O3 NAG AA . -14.20 -48.84 -17.99
O4 NAG AA . -13.23 -46.43 -19.22
O5 NAG AA . -13.02 -45.65 -15.65
O6 NAG AA . -11.82 -43.31 -17.47
O7 NAG AA . -13.84 -51.13 -14.12
C1 NAG BA . -6.08 -44.35 -14.28
C2 NAG BA . -6.59 -44.21 -15.71
C3 NAG BA . -7.75 -45.17 -15.96
C4 NAG BA . -7.31 -46.59 -15.65
C5 NAG BA . -6.77 -46.67 -14.23
C6 NAG BA . -6.20 -48.02 -13.89
C7 NAG BA . -7.98 -42.18 -15.43
C8 NAG BA . -8.20 -40.77 -15.90
N2 NAG BA . -6.98 -42.84 -16.02
O3 NAG BA . -8.16 -45.07 -17.32
O4 NAG BA . -8.41 -47.49 -15.79
O5 NAG BA . -5.71 -45.72 -14.04
O6 NAG BA . -4.94 -48.22 -14.52
O7 NAG BA . -8.68 -42.69 -14.55
C1 NAG BA . -8.22 -48.26 -16.99
C2 NAG BA . -9.10 -49.51 -16.91
C3 NAG BA . -8.98 -50.33 -18.20
C4 NAG BA . -9.28 -49.46 -19.41
C5 NAG BA . -8.39 -48.23 -19.39
C6 NAG BA . -8.71 -47.26 -20.51
C7 NAG BA . -7.57 -50.87 -15.52
C8 NAG BA . -7.46 -51.66 -14.26
N2 NAG BA . -8.77 -50.31 -15.75
O3 NAG BA . -9.90 -51.42 -18.14
O4 NAG BA . -9.04 -50.20 -20.60
O5 NAG BA . -8.57 -47.50 -18.17
O6 NAG BA . -8.17 -45.97 -20.26
O7 NAG BA . -6.64 -50.74 -16.29
C1 NAG CA . 13.76 -36.96 1.57
C2 NAG CA . 14.32 -35.82 2.42
C3 NAG CA . 15.82 -35.98 2.62
C4 NAG CA . 16.16 -37.38 3.14
C5 NAG CA . 15.53 -38.42 2.22
C6 NAG CA . 15.71 -39.85 2.71
C7 NAG CA . 13.09 -33.69 2.31
C8 NAG CA . 12.35 -34.15 3.52
N2 NAG CA . 14.02 -34.53 1.83
O3 NAG CA . 16.29 -34.99 3.53
O4 NAG CA . 17.57 -37.55 3.14
O5 NAG CA . 14.11 -38.21 2.14
O6 NAG CA . 15.13 -40.78 1.81
O7 NAG CA . 12.87 -32.60 1.77
C1 NAG CA . 18.14 -37.88 4.44
C2 NAG CA . 18.25 -36.63 5.31
C3 NAG CA . 18.83 -36.98 6.67
C4 NAG CA . 18.04 -38.11 7.31
C5 NAG CA . 17.96 -39.30 6.36
C6 NAG CA . 17.09 -40.42 6.89
C7 NAG CA . 18.96 -34.31 4.94
C8 NAG CA . 19.88 -33.39 4.18
N2 NAG CA . 19.06 -35.61 4.66
O3 NAG CA . 18.79 -35.83 7.51
O4 NAG CA . 18.67 -38.52 8.52
O5 NAG CA . 17.36 -38.89 5.13
O6 NAG CA . 16.33 -40.00 8.01
O7 NAG CA . 18.17 -33.88 5.77
C1 NAG DA . 11.25 -31.89 -2.74
C2 NAG DA . 10.82 -31.17 -4.01
C3 NAG DA . 11.74 -31.54 -5.17
C4 NAG DA . 13.20 -31.33 -4.79
C5 NAG DA . 13.52 -32.05 -3.48
C6 NAG DA . 14.92 -31.78 -2.98
C7 NAG DA . 8.67 -30.67 -5.08
C8 NAG DA . 7.26 -31.15 -5.31
N2 NAG DA . 9.43 -31.47 -4.34
O3 NAG DA . 11.41 -30.75 -6.30
O4 NAG DA . 14.04 -31.83 -5.82
O5 NAG DA . 12.61 -31.59 -2.46
O6 NAG DA . 15.14 -30.39 -2.78
O7 NAG DA . 9.09 -29.62 -5.54
C1 NAG DA . 14.65 -30.73 -6.51
C2 NAG DA . 15.92 -31.21 -7.20
C3 NAG DA . 16.58 -30.07 -7.95
C4 NAG DA . 15.59 -29.39 -8.89
C5 NAG DA . 14.29 -29.04 -8.16
C6 NAG DA . 13.20 -28.56 -9.09
C7 NAG DA . 17.43 -31.22 -5.25
C8 NAG DA . 18.35 -32.05 -4.41
N2 NAG DA . 16.85 -31.84 -6.28
O3 NAG DA . 17.70 -30.57 -8.67
O4 NAG DA . 16.15 -28.18 -9.38
O5 NAG DA . 13.76 -30.18 -7.47
O6 NAG DA . 13.72 -27.74 -10.12
O7 NAG DA . 17.21 -30.03 -4.99
C1 BMA DA . 16.80 -28.37 -10.66
C2 BMA DA . 16.77 -27.02 -11.40
C3 BMA DA . 17.64 -27.06 -12.64
C4 BMA DA . 19.03 -27.63 -12.32
C5 BMA DA . 18.88 -29.00 -11.67
C6 BMA DA . 20.21 -29.62 -11.29
O2 BMA DA . 17.28 -25.99 -10.58
O3 BMA DA . 17.77 -25.78 -13.24
O4 BMA DA . 19.79 -27.76 -13.52
O5 BMA DA . 18.14 -28.83 -10.46
O6 BMA DA . 21.13 -29.40 -12.36
C1 NAG EA . -17.58 -34.72 17.02
C2 NAG EA . -16.94 -34.92 18.39
C3 NAG EA . -17.60 -33.98 19.40
C4 NAG EA . -17.56 -32.54 18.91
C5 NAG EA . -18.18 -32.43 17.52
C6 NAG EA . -18.00 -31.08 16.90
C7 NAG EA . -16.63 -37.39 18.29
C8 NAG EA . -17.25 -38.66 18.77
N2 NAG EA . -17.03 -36.27 18.90
O3 NAG EA . -16.94 -34.11 20.65
O4 NAG EA . -18.33 -31.75 19.80
O5 NAG EA . -17.55 -33.36 16.62
O6 NAG EA . -18.54 -30.04 17.71
O7 NAG EA . -15.79 -37.37 17.39
C1 NAG EA . -17.69 -30.88 20.68
C2 NAG EA . -18.71 -30.18 21.58
C3 NAG EA . -17.96 -29.23 22.51
C4 NAG EA . -16.91 -29.99 23.31
C5 NAG EA . -15.96 -30.70 22.34
C6 NAG EA . -14.95 -31.57 23.04
C7 NAG EA . -20.57 -29.97 19.95
C8 NAG EA . -21.22 -28.98 19.04
N2 NAG EA . -19.74 -29.45 20.87
O3 NAG EA . -18.88 -28.58 23.39
O4 NAG EA . -16.17 -29.08 24.11
O5 NAG EA . -16.72 -31.56 21.46
O6 NAG EA . -14.15 -30.81 23.95
O7 NAG EA . -20.77 -31.17 19.86
C1 NAG FA . -20.50 23.42 38.31
C2 NAG FA . -19.93 22.24 39.10
C3 NAG FA . -20.64 22.12 40.45
C4 NAG FA . -20.59 23.45 41.20
C5 NAG FA . -21.16 24.56 40.32
C6 NAG FA . -21.05 25.93 40.96
C7 NAG FA . -19.31 19.91 38.62
C8 NAG FA . -19.58 18.72 37.75
N2 NAG FA . -20.06 21.00 38.36
O3 NAG FA . -20.02 21.10 41.24
O4 NAG FA . -21.35 23.36 42.41
O5 NAG FA . -20.43 24.62 39.09
O6 NAG FA . -20.29 26.81 40.15
O7 NAG FA . -18.46 19.90 39.50
C1 NAG GA . -37.01 9.01 -31.10
C2 NAG GA . -38.03 9.88 -31.83
C3 NAG GA . -37.46 11.27 -32.06
C4 NAG GA . -36.98 11.88 -30.75
C5 NAG GA . -35.99 10.93 -30.07
C6 NAG GA . -35.54 11.41 -28.71
C7 NAG GA . -39.70 9.06 -33.42
C8 NAG GA . -39.93 8.42 -34.76
N2 NAG GA . -38.43 9.27 -33.09
O3 NAG GA . -38.46 12.11 -32.63
O4 NAG GA . -36.33 13.12 -31.00
O5 NAG GA . -36.60 9.65 -29.88
O6 NAG GA . -34.13 11.35 -28.57
O7 NAG GA . -40.63 9.36 -32.68
C1 NAG HA . -34.91 -3.92 -29.53
C2 NAG HA . -36.24 -4.59 -29.21
C3 NAG HA . -36.10 -6.11 -29.30
C4 NAG HA . -35.53 -6.51 -30.64
C5 NAG HA . -34.23 -5.76 -30.91
C6 NAG HA . -33.66 -6.03 -32.29
C7 NAG HA . -37.55 -3.16 -27.72
C8 NAG HA . -37.96 -2.89 -26.30
N2 NAG HA . -36.73 -4.19 -27.90
O3 NAG HA . -37.37 -6.72 -29.10
O4 NAG HA . -35.29 -7.92 -30.68
O5 NAG HA . -34.45 -4.35 -30.81
O6 NAG HA . -32.37 -5.46 -32.43
O7 NAG HA . -37.96 -2.47 -28.65
C1 NAG IA . -21.79 -4.30 -37.17
C2 NAG IA . -22.74 -3.14 -37.43
C3 NAG IA . -23.40 -3.30 -38.80
C4 NAG IA . -22.34 -3.47 -39.88
C5 NAG IA . -21.39 -4.61 -39.51
C6 NAG IA . -20.24 -4.76 -40.48
C7 NAG IA . -23.88 -1.99 -35.58
C8 NAG IA . -22.90 -0.88 -35.81
N2 NAG IA . -23.75 -3.05 -36.40
O3 NAG IA . -24.19 -2.14 -39.08
O4 NAG IA . -22.95 -3.75 -41.13
O5 NAG IA . -20.83 -4.38 -38.22
O6 NAG IA . -20.41 -3.93 -41.61
O7 NAG IA . -24.73 -1.95 -34.71
C1 NAG JA . -17.65 15.30 -26.83
C2 NAG JA . -17.33 16.74 -26.42
C3 NAG JA . -18.57 17.41 -25.83
C4 NAG JA . -19.74 17.31 -26.79
C5 NAG JA . -19.97 15.84 -27.18
C6 NAG JA . -21.05 15.67 -28.21
C7 NAG JA . -15.02 17.26 -25.78
C8 NAG JA . -14.85 17.76 -27.17
N2 NAG JA . -16.23 16.78 -25.47
O3 NAG JA . -18.28 18.78 -25.57
O4 NAG JA . -20.92 17.83 -26.20
O5 NAG JA . -18.77 15.29 -27.73
O6 NAG JA . -22.14 16.56 -27.99
O7 NAG JA . -14.11 17.28 -24.96
C1 NAG KA . -41.07 -8.88 -13.04
C2 NAG KA . -42.19 -9.31 -12.11
C3 NAG KA . -41.93 -10.72 -11.59
C4 NAG KA . -41.74 -11.68 -12.76
C5 NAG KA . -40.63 -11.16 -13.67
C6 NAG KA . -40.47 -12.00 -14.93
C7 NAG KA . -43.39 -7.57 -10.87
C8 NAG KA . -43.38 -6.68 -9.66
N2 NAG KA . -42.33 -8.39 -11.00
O3 NAG KA . -43.05 -11.15 -10.81
O4 NAG KA . -41.38 -12.98 -12.27
O5 NAG KA . -40.93 -9.83 -14.11
O6 NAG KA . -39.11 -12.07 -15.32
O7 NAG KA . -44.30 -7.56 -11.68
C1 NAG LA . -50.39 25.27 2.17
C2 NAG LA . -51.60 25.16 1.25
C3 NAG LA . -51.93 26.53 0.64
C4 NAG LA . -52.08 27.57 1.74
C5 NAG LA . -50.86 27.57 2.66
C6 NAG LA . -51.00 28.50 3.84
C7 NAG LA . -51.96 22.98 0.19
C8 NAG LA . -52.90 22.68 1.32
N2 NAG LA . -51.37 24.18 0.20
O3 NAG LA . -53.14 26.43 -0.10
O4 NAG LA . -52.21 28.86 1.16
O5 NAG LA . -50.65 26.26 3.18
O6 NAG LA . -51.33 29.81 3.42
O7 NAG LA . -51.75 22.17 -0.71
C1 NAG MA . -46.84 26.06 -9.33
C2 NAG MA . -47.44 24.92 -10.14
C3 NAG MA . -48.37 25.48 -11.21
C4 NAG MA . -49.42 26.39 -10.58
C5 NAG MA . -48.74 27.47 -9.76
C6 NAG MA . -49.73 28.33 -9.00
C7 NAG MA . -46.38 22.77 -10.63
C8 NAG MA . -47.49 22.15 -9.83
N2 NAG MA . -46.40 24.10 -10.73
O3 NAG MA . -49.01 24.40 -11.90
O4 NAG MA . -50.21 27.00 -11.61
O5 NAG MA . -47.89 26.87 -8.77
O6 NAG MA . -49.16 28.84 -7.80
O7 NAG MA . -45.49 22.09 -11.13
C1 NAG NA . -37.69 7.62 8.78
C2 NAG NA . -36.61 6.95 9.63
C3 NAG NA . -37.25 5.89 10.53
C4 NAG NA . -38.37 6.50 11.35
C5 NAG NA . -39.38 7.15 10.43
C6 NAG NA . -40.49 7.87 11.17
C7 NAG NA . -34.31 6.78 8.81
C8 NAG NA . -33.99 7.91 9.74
N2 NAG NA . -35.58 6.36 8.80
O3 NAG NA . -36.25 5.34 11.39
O4 NAG NA . -39.02 5.48 12.12
O5 NAG NA . -38.72 8.14 9.61
O6 NAG NA . -41.30 8.63 10.29
O7 NAG NA . -33.45 6.26 8.10
C1 NAG OA . -25.11 31.51 15.96
C2 NAG OA . -25.76 32.84 15.61
C3 NAG OA . -24.95 33.99 16.19
C4 NAG OA . -24.76 33.79 17.70
C5 NAG OA . -24.19 32.40 17.98
C6 NAG OA . -24.11 32.07 19.45
C7 NAG OA . -24.90 33.02 13.29
C8 NAG OA . -25.29 33.20 11.85
N2 NAG OA . -25.91 33.01 14.16
O3 NAG OA . -25.62 35.22 15.95
O4 NAG OA . -23.88 34.77 18.21
O5 NAG OA . -25.01 31.38 17.38
O6 NAG OA . -25.41 31.93 20.01
O7 NAG OA . -23.73 32.91 13.64
C1 NAG PA . 38.21 20.76 23.19
C2 NAG PA . 37.28 21.02 24.39
C3 NAG PA . 37.77 22.21 25.19
C4 NAG PA . 39.23 22.03 25.58
C5 NAG PA . 40.07 21.78 24.34
C6 NAG PA . 41.53 21.48 24.65
C7 NAG PA . 34.86 20.99 24.75
C8 NAG PA . 33.51 21.27 24.16
N2 NAG PA . 35.90 21.23 23.96
O3 NAG PA . 36.98 22.37 26.36
O4 NAG PA . 39.72 23.20 26.24
O5 NAG PA . 39.56 20.63 23.64
O6 NAG PA . 41.74 20.08 24.80
O7 NAG PA . 34.98 20.57 25.90
C1 NAG QA . 14.94 11.54 -45.55
C2 NAG QA . 16.02 11.78 -46.60
C3 NAG QA . 17.14 10.76 -46.43
C4 NAG QA . 17.68 10.78 -45.01
C5 NAG QA . 16.53 10.59 -44.02
C6 NAG QA . 16.98 10.73 -42.58
C7 NAG QA . 15.13 12.82 -48.62
C8 NAG QA . 14.56 12.58 -50.00
N2 NAG QA . 15.47 11.73 -47.94
O3 NAG QA . 18.19 11.06 -47.34
O4 NAG QA . 18.63 9.73 -44.83
O5 NAG QA . 15.52 11.59 -44.24
O6 NAG QA . 16.83 9.50 -41.87
O7 NAG QA . 15.26 13.95 -48.16
C1 NAG RA . 3.46 16.96 -42.55
C2 NAG RA . 3.53 18.47 -42.81
C3 NAG RA . 2.14 19.08 -42.75
C4 NAG RA . 1.19 18.34 -43.69
C5 NAG RA . 1.21 16.85 -43.39
C6 NAG RA . 0.37 16.05 -44.35
C7 NAG RA . 5.64 19.55 -42.20
C8 NAG RA . 6.06 19.33 -43.63
N2 NAG RA . 4.42 19.12 -41.88
O3 NAG RA . 2.21 20.45 -43.11
O4 NAG RA . -0.13 18.85 -43.54
O5 NAG RA . 2.55 16.35 -43.47
O6 NAG RA . 0.37 14.66 -44.00
O7 NAG RA . 6.38 20.10 -41.40
C1 NAG SA . -4.20 3.51 -43.06
C2 NAG SA . -2.87 3.72 -43.77
C3 NAG SA . -3.09 3.83 -45.27
C4 NAG SA . -3.87 2.64 -45.80
C5 NAG SA . -5.17 2.46 -44.99
C6 NAG SA . -5.94 1.22 -45.38
C7 NAG SA . -0.97 4.85 -42.74
C8 NAG SA . -0.30 3.50 -42.70
N2 NAG SA . -2.19 4.88 -43.25
O3 NAG SA . -1.83 3.90 -45.92
O4 NAG SA . -4.19 2.82 -47.17
O5 NAG SA . -4.87 2.36 -43.60
O6 NAG SA . -5.41 0.63 -46.56
O7 NAG SA . -0.40 5.85 -42.31
C1 NAG TA . 14.09 -4.43 -31.85
C2 NAG TA . 14.99 -5.66 -31.72
C3 NAG TA . 16.45 -5.26 -31.81
C4 NAG TA . 16.70 -4.47 -33.08
C5 NAG TA . 15.74 -3.27 -33.14
C6 NAG TA . 15.86 -2.50 -34.44
C7 NAG TA . 14.10 -7.55 -30.42
C8 NAG TA . 13.67 -8.13 -31.73
N2 NAG TA . 14.72 -6.36 -30.47
O3 NAG TA . 17.26 -6.43 -31.80
O4 NAG TA . 18.05 -3.99 -33.09
O5 NAG TA . 14.39 -3.74 -33.07
O6 NAG TA . 17.23 -2.25 -34.77
O7 NAG TA . 13.90 -8.12 -29.36
C1 NAG UA . 5.48 30.92 -31.03
C2 NAG UA . 5.95 32.34 -30.75
C3 NAG UA . 4.87 33.11 -30.00
C4 NAG UA . 3.55 33.06 -30.78
C5 NAG UA . 3.17 31.62 -31.07
C6 NAG UA . 1.95 31.51 -31.94
C7 NAG UA . 8.32 32.90 -30.45
C8 NAG UA . 9.51 32.80 -29.55
N2 NAG UA . 7.20 32.34 -29.99
O3 NAG UA . 5.29 34.47 -29.83
O4 NAG UA . 2.52 33.69 -30.02
O5 NAG UA . 4.24 30.97 -31.76
O6 NAG UA . 1.50 30.16 -32.02
O7 NAG UA . 8.37 33.44 -31.55
C1 NAG VA . 43.47 29.03 -21.89
C2 NAG VA . 43.91 29.05 -23.36
C3 NAG VA . 45.41 28.78 -23.46
C4 NAG VA . 46.19 29.74 -22.58
C5 NAG VA . 45.64 29.72 -21.15
C6 NAG VA . 46.28 30.75 -20.25
C7 NAG VA . 41.97 28.35 -24.69
C8 NAG VA . 41.34 27.23 -25.46
N2 NAG VA . 43.16 28.07 -24.14
O3 NAG VA . 45.82 28.91 -24.82
O4 NAG VA . 47.56 29.38 -22.57
O5 NAG VA . 44.23 29.98 -21.15
O6 NAG VA . 45.48 31.91 -20.15
O7 NAG VA . 41.44 29.44 -24.58
C1 NAG WA . 39.78 19.65 -30.93
C2 NAG WA . 38.83 20.39 -31.88
C3 NAG WA . 39.47 20.57 -33.25
C4 NAG WA . 40.81 21.28 -33.10
C5 NAG WA . 41.70 20.53 -32.11
C6 NAG WA . 42.99 21.25 -31.82
C7 NAG WA . 36.37 20.30 -31.92
C8 NAG WA . 36.40 21.78 -31.70
N2 NAG WA . 37.56 19.69 -32.00
O3 NAG WA . 38.61 21.33 -34.07
O4 NAG WA . 41.46 21.35 -34.36
O5 NAG WA . 41.03 20.37 -30.86
O6 NAG WA . 42.75 22.54 -31.29
O7 NAG WA . 35.32 19.68 -32.03
C1 NAG XA . 24.74 29.66 -10.22
C2 NAG XA . 23.72 29.57 -9.10
C3 NAG XA . 23.31 30.96 -8.63
C4 NAG XA . 24.55 31.77 -8.26
C5 NAG XA . 25.53 31.79 -9.43
C6 NAG XA . 26.83 32.48 -9.09
C7 NAG XA . 22.20 27.63 -8.99
C8 NAG XA . 23.11 27.10 -7.93
N2 NAG XA . 22.54 28.82 -9.52
O3 NAG XA . 22.45 30.85 -7.51
O4 NAG XA . 24.17 33.10 -7.94
O5 NAG XA . 25.86 30.45 -9.79
O6 NAG XA . 27.55 32.83 -10.27
O7 NAG XA . 21.21 27.02 -9.37
C1 NAG YA . 42.68 11.50 2.08
C2 NAG YA . 43.57 10.54 1.29
C3 NAG YA . 43.99 9.37 2.15
C4 NAG YA . 44.63 9.87 3.45
C5 NAG YA . 43.69 10.84 4.15
C6 NAG YA . 44.30 11.47 5.38
C7 NAG YA . 43.21 10.46 -1.14
C8 NAG YA . 44.34 11.45 -1.25
N2 NAG YA . 42.89 10.07 0.09
O3 NAG YA . 44.93 8.56 1.44
O4 NAG YA . 44.92 8.78 4.31
O5 NAG YA . 43.36 11.92 3.26
O6 NAG YA . 44.92 10.48 6.20
O7 NAG YA . 42.62 10.05 -2.14
C1 NAG ZA . 8.24 -30.30 38.05
C2 NAG ZA . 9.32 -29.29 38.51
C3 NAG ZA . 10.34 -29.96 39.41
C4 NAG ZA . 9.66 -30.68 40.55
C5 NAG ZA . 8.61 -31.65 40.01
C6 NAG ZA . 7.82 -32.33 41.11
C7 NAG ZA . 10.66 -27.53 37.43
C8 NAG ZA . 11.27 -27.05 36.14
N2 NAG ZA . 9.96 -28.68 37.35
O3 NAG ZA . 11.25 -29.00 39.91
O4 NAG ZA . 10.62 -31.41 41.32
O5 NAG ZA . 7.67 -30.93 39.20
O6 NAG ZA . 6.77 -31.49 41.57
O7 NAG ZA . 10.78 -26.91 38.48
C1 NAG AB . -7.26 -36.29 -32.81
C2 NAG AB . -7.92 -37.49 -33.47
C3 NAG AB . -9.39 -37.58 -33.05
C4 NAG AB . -9.51 -37.58 -31.53
C5 NAG AB . -8.77 -36.38 -30.95
C6 NAG AB . -8.75 -36.38 -29.44
C7 NAG AB . -6.95 -38.17 -35.63
C8 NAG AB . -6.09 -39.12 -34.83
N2 NAG AB . -7.81 -37.42 -34.92
O3 NAG AB . -9.96 -38.78 -33.58
O4 NAG AB . -10.88 -37.53 -31.16
O5 NAG AB . -7.41 -36.38 -31.39
O6 NAG AB . -8.60 -35.06 -28.92
O7 NAG AB . -6.87 -38.09 -36.85
C1 NAG BB . 3.12 -28.14 -36.11
C2 NAG BB . 4.32 -29.04 -36.37
C3 NAG BB . 5.45 -28.24 -37.01
C4 NAG BB . 4.95 -27.53 -38.26
C5 NAG BB . 3.73 -26.69 -37.92
C6 NAG BB . 3.10 -26.04 -39.13
C7 NAG BB . 4.59 -30.98 -34.88
C8 NAG BB . 3.88 -31.77 -35.94
N2 NAG BB . 4.77 -29.68 -35.14
O3 NAG BB . 6.52 -29.11 -37.34
O4 NAG BB . 5.97 -26.68 -38.78
O5 NAG BB . 2.71 -27.52 -37.33
O6 NAG BB . 1.95 -25.28 -38.78
O7 NAG BB . 4.99 -31.48 -33.84
C1 NAG CB . -5.66 -16.13 -39.86
C2 NAG CB . -6.25 -17.52 -39.84
C3 NAG CB . -6.48 -18.02 -41.27
C4 NAG CB . -7.30 -17.02 -42.06
C5 NAG CB . -6.67 -15.63 -41.98
C6 NAG CB . -7.51 -14.56 -42.63
C7 NAG CB . -5.81 -19.09 -38.01
C8 NAG CB . -7.21 -18.81 -37.55
N2 NAG CB . -5.41 -18.44 -39.10
O3 NAG CB . -7.15 -19.27 -41.23
O4 NAG CB . -7.40 -17.42 -43.42
O5 NAG CB . -6.51 -15.25 -40.60
O6 NAG CB . -8.59 -15.12 -43.36
O7 NAG CB . -5.07 -19.86 -37.40
C1 NAG DB . -17.35 -22.73 -21.40
C2 NAG DB . -18.68 -22.83 -20.66
C3 NAG DB . -18.90 -24.25 -20.15
C4 NAG DB . -18.79 -25.23 -21.31
C5 NAG DB . -17.45 -25.06 -22.02
C6 NAG DB . -17.31 -25.92 -23.25
C7 NAG DB . -19.46 -20.76 -19.59
C8 NAG DB . -20.24 -20.51 -20.83
N2 NAG DB . -18.74 -21.88 -19.56
O3 NAG DB . -20.19 -24.34 -19.56
O4 NAG DB . -18.88 -26.57 -20.82
O5 NAG DB . -17.32 -23.69 -22.46
O6 NAG DB . -16.28 -25.47 -24.10
O7 NAG DB . -19.48 -19.98 -18.64
C1 NAG EB . -6.32 -38.00 21.27
C2 NAG EB . -7.71 -38.56 20.98
C3 NAG EB . -8.70 -38.04 22.03
C4 NAG EB . -8.20 -38.36 23.42
C5 NAG EB . -6.79 -37.80 23.61
C6 NAG EB . -6.19 -38.18 24.94
C7 NAG EB . -8.23 -39.10 18.66
C8 NAG EB . -8.50 -38.54 17.30
N2 NAG EB . -8.15 -38.21 19.65
O3 NAG EB . -9.98 -38.61 21.78
O4 NAG EB . -9.08 -37.78 24.38
O5 NAG EB . -5.91 -38.30 22.59
O6 NAG EB . -6.99 -37.71 26.03
O7 NAG EB . -8.09 -40.30 18.85
C1 NAG FB . 17.35 -31.75 -25.12
C2 NAG FB . 18.54 -32.62 -24.74
C3 NAG FB . 19.82 -31.80 -24.72
C4 NAG FB . 20.01 -31.10 -26.06
C5 NAG FB . 18.77 -30.28 -26.40
C6 NAG FB . 18.83 -29.66 -27.77
C7 NAG FB . 18.17 -34.59 -23.30
C8 NAG FB . 17.96 -35.08 -21.90
N2 NAG FB . 18.33 -33.27 -23.44
O3 NAG FB . 20.93 -32.66 -24.46
O4 NAG FB . 21.14 -30.24 -26.00
O5 NAG FB . 17.60 -31.12 -26.38
O6 NAG FB . 17.95 -28.55 -27.87
O7 NAG FB . 18.19 -35.35 -24.27
C1 NAG GB . 1.74 -56.41 -0.21
C2 NAG GB . 1.84 -57.37 -1.38
C3 NAG GB . 0.62 -58.30 -1.42
C4 NAG GB . 0.44 -58.99 -0.07
C5 NAG GB . 0.41 -57.96 1.05
C6 NAG GB . 0.37 -58.58 2.42
C7 NAG GB . 3.10 -56.57 -3.33
C8 NAG GB . 4.28 -57.28 -2.75
N2 NAG GB . 1.96 -56.66 -2.64
O3 NAG GB . 0.80 -59.28 -2.44
O4 NAG GB . -0.79 -59.71 -0.06
O5 NAG GB . 1.61 -57.16 1.00
O6 NAG GB . -0.78 -59.41 2.58
O7 NAG GB . 3.17 -55.95 -4.39
C1 NAG HB . -5.84 -53.36 -9.05
C2 NAG HB . -5.06 -53.32 -10.37
C3 NAG HB . -5.65 -54.33 -11.35
C4 NAG HB . -5.70 -55.72 -10.73
C5 NAG HB . -6.46 -55.66 -9.40
C6 NAG HB . -6.45 -56.98 -8.67
C7 NAG HB . -3.95 -51.37 -11.35
C8 NAG HB . -2.67 -52.12 -11.18
N2 NAG HB . -5.06 -51.98 -10.94
O3 NAG HB . -4.85 -54.36 -12.53
O4 NAG HB . -6.35 -56.62 -11.61
O5 NAG HB . -5.84 -54.70 -8.54
O6 NAG HB . -6.28 -56.78 -7.27
O7 NAG HB . -3.98 -50.24 -11.83
#